data_9UI5
#
_entry.id   9UI5
#
_cell.length_a   1.00
_cell.length_b   1.00
_cell.length_c   1.00
_cell.angle_alpha   90.00
_cell.angle_beta   90.00
_cell.angle_gamma   90.00
#
_symmetry.space_group_name_H-M   'P 1'
#
loop_
_entity.id
_entity.type
_entity.pdbx_description
1 polymer 'DNA repair protein RAD51 homolog 1'
2 polymer 'DNA (27-MER)'
3 polymer 'DNA (27-MER)'
4 non-polymer 'PHOSPHOAMINOPHOSPHONIC ACID-ADENYLATE ESTER'
5 non-polymer 'MAGNESIUM ION'
#
loop_
_entity_poly.entity_id
_entity_poly.type
_entity_poly.pdbx_seq_one_letter_code
_entity_poly.pdbx_strand_id
1 'polypeptide(L)'
;MASWSHPQFEKGADDDDKVPDPMAMQMQLEASADTSVEEESFGPQPISRLEQCGINANDVKKLEEAGYHTVEAVAYAPKK
ELINIKGISEAKADKILTEAAKLVPMGFTTATEFHQRRSEIIQITTGSKELDKLLQGGIETGSITEMFGEFRTGKTQICH
TLAVTCQLPIDRGGGEGKAMYIDTEGTFRPERLLAVAERYGLSGSDVLDNVAYARGFNTDHQTQLLYQAEDMMVESRYAL
LIVDSATALYRTDYSGRGELSARQMHLARFLRMLLRLADEFGVAVVITNQVVAQVDGAAMFAADPKKPIGGNIIAHASTT
RLYLRKGRGETRICKIYDSPCLPEAEAMFAINADGVGDAKD
;
E,F,G,H,I,A,B,C,D
2 'polydeoxyribonucleotide'
;(DG)(DT)(DG)(DA)(DC)(DC)(DT)(DG)(DA)(DG)(DT)(DC)(DA)(DG)(DT)(DG)(DA)(DG)(DT)(DA)
(DC)(DG)(DC)(DC)(DA)(DG)(DG)
;
L
3 'polydeoxyribonucleotide'
;(DC)(DC)(DT)(DG)(DG)(DC)(DG)(DT)(DA)(DC)(DT)(DC)(DA)(DC)(DT)(DG)(DA)(DC)(DT)(DC)
(DA)(DG)(DG)(DT)(DC)(DA)(DC)
;
M
#
loop_
_chem_comp.id
_chem_comp.type
_chem_comp.name
_chem_comp.formula
ANP non-polymer 'PHOSPHOAMINOPHOSPHONIC ACID-ADENYLATE ESTER' 'C10 H17 N6 O12 P3'
DA DNA linking 2'-DEOXYADENOSINE-5'-MONOPHOSPHATE 'C10 H14 N5 O6 P'
DC DNA linking 2'-DEOXYCYTIDINE-5'-MONOPHOSPHATE 'C9 H14 N3 O7 P'
DG DNA linking 2'-DEOXYGUANOSINE-5'-MONOPHOSPHATE 'C10 H14 N5 O7 P'
DT DNA linking THYMIDINE-5'-MONOPHOSPHATE 'C10 H15 N2 O8 P'
MG non-polymer 'MAGNESIUM ION' 'Mg 2'
#
# COMPACT_ATOMS: atom_id res chain seq x y z
N PRO A 44 7.10 12.79 -45.67
CA PRO A 44 6.67 12.74 -47.07
C PRO A 44 5.60 11.68 -47.31
N GLN A 45 4.80 11.38 -46.29
CA GLN A 45 3.72 10.40 -46.39
C GLN A 45 2.44 11.04 -45.86
N PRO A 46 1.82 11.93 -46.63
CA PRO A 46 0.63 12.64 -46.14
C PRO A 46 -0.58 11.73 -46.00
N ILE A 47 -1.50 12.17 -45.13
CA ILE A 47 -2.81 11.53 -45.02
C ILE A 47 -3.63 11.77 -46.29
N SER A 48 -3.22 12.73 -47.13
CA SER A 48 -3.97 13.01 -48.35
C SER A 48 -4.07 11.78 -49.25
N ARG A 49 -3.12 10.85 -49.08
CA ARG A 49 -3.15 9.58 -49.85
C ARG A 49 -4.33 8.75 -49.33
N LEU A 50 -4.51 8.68 -48.01
CA LEU A 50 -5.71 7.98 -47.47
C LEU A 50 -6.94 8.68 -48.06
N GLU A 51 -6.93 10.01 -48.06
CA GLU A 51 -8.06 10.78 -48.62
C GLU A 51 -8.19 10.43 -50.11
N GLN A 52 -7.08 10.39 -50.84
CA GLN A 52 -7.13 10.00 -52.27
C GLN A 52 -8.07 8.81 -52.43
N CYS A 53 -7.87 7.75 -51.63
CA CYS A 53 -8.81 6.59 -51.68
C CYS A 53 -10.17 7.05 -51.12
N GLY A 54 -11.23 6.94 -51.92
CA GLY A 54 -12.54 7.46 -51.48
C GLY A 54 -12.49 8.96 -51.34
N ILE A 55 -11.71 9.63 -52.20
CA ILE A 55 -11.54 11.12 -52.17
C ILE A 55 -12.18 11.70 -50.89
N ASN A 56 -13.47 12.04 -50.94
CA ASN A 56 -14.06 12.97 -49.95
C ASN A 56 -14.87 12.19 -48.91
N ALA A 57 -14.64 12.47 -47.62
CA ALA A 57 -15.40 11.80 -46.55
C ALA A 57 -15.38 12.68 -45.30
N ASN A 58 -16.56 12.97 -44.73
CA ASN A 58 -16.60 13.71 -43.44
C ASN A 58 -15.94 12.80 -42.41
N ASP A 59 -15.93 11.49 -42.66
CA ASP A 59 -15.26 10.51 -41.76
C ASP A 59 -13.78 10.96 -41.63
N VAL A 60 -13.14 11.32 -42.74
CA VAL A 60 -11.73 11.80 -42.69
C VAL A 60 -11.67 13.01 -41.75
N LYS A 61 -12.60 13.96 -41.91
CA LYS A 61 -12.63 15.17 -41.05
C LYS A 61 -12.87 14.75 -39.60
N LYS A 62 -13.73 13.76 -39.39
CA LYS A 62 -13.99 13.24 -38.02
C LYS A 62 -12.72 12.56 -37.51
N LEU A 63 -11.92 11.98 -38.40
CA LEU A 63 -10.62 11.38 -37.98
C LEU A 63 -9.66 12.53 -37.68
N GLU A 64 -9.71 13.60 -38.47
CA GLU A 64 -8.86 14.75 -38.15
C GLU A 64 -9.17 15.33 -36.78
N GLU A 65 -10.32 14.97 -36.20
CA GLU A 65 -10.75 15.58 -34.94
C GLU A 65 -9.76 15.32 -33.80
N ALA A 66 -9.22 14.11 -33.73
CA ALA A 66 -8.24 13.76 -32.69
C ALA A 66 -7.00 13.17 -33.33
N GLY A 67 -6.10 14.03 -33.80
CA GLY A 67 -4.93 13.56 -34.50
C GLY A 67 -5.25 12.92 -35.83
N TYR A 68 -4.50 11.88 -36.19
CA TYR A 68 -4.63 11.22 -37.48
C TYR A 68 -4.47 12.22 -38.63
N HIS A 69 -3.26 12.76 -38.73
CA HIS A 69 -2.88 13.65 -39.83
C HIS A 69 -1.94 12.99 -40.83
N THR A 70 -1.70 11.68 -40.72
CA THR A 70 -0.77 10.98 -41.59
C THR A 70 -1.37 9.66 -42.03
N VAL A 71 -0.83 9.12 -43.13
CA VAL A 71 -1.29 7.83 -43.63
C VAL A 71 -0.93 6.74 -42.63
N GLU A 72 0.23 6.85 -41.98
CA GLU A 72 0.57 5.91 -40.93
C GLU A 72 -0.37 6.03 -39.74
N ALA A 73 -1.10 7.16 -39.64
CA ALA A 73 -2.04 7.33 -38.55
C ALA A 73 -3.40 6.72 -38.89
N VAL A 74 -3.67 6.48 -40.17
CA VAL A 74 -4.88 5.76 -40.53
C VAL A 74 -4.61 4.31 -40.90
N ALA A 75 -3.34 3.90 -40.95
CA ALA A 75 -3.02 2.50 -41.16
C ALA A 75 -2.77 1.78 -39.84
N TYR A 76 -1.80 2.26 -39.06
CA TYR A 76 -1.39 1.60 -37.82
C TYR A 76 -2.24 2.08 -36.64
N ALA A 77 -3.55 2.04 -36.80
CA ALA A 77 -4.42 2.62 -35.79
C ALA A 77 -5.24 1.56 -35.10
N PRO A 78 -5.18 1.49 -33.77
CA PRO A 78 -6.09 0.60 -33.04
C PRO A 78 -7.54 0.92 -33.37
N LYS A 79 -8.30 -0.11 -33.75
CA LYS A 79 -9.61 0.15 -34.34
C LYS A 79 -10.74 0.13 -33.32
N LYS A 80 -10.44 -0.04 -32.04
CA LYS A 80 -11.48 0.27 -31.08
C LYS A 80 -11.49 1.75 -30.76
N GLU A 81 -10.73 2.54 -31.52
CA GLU A 81 -10.68 4.00 -31.38
C GLU A 81 -11.31 4.71 -32.56
N LEU A 82 -11.15 4.19 -33.77
CA LEU A 82 -11.80 4.80 -34.93
C LEU A 82 -13.32 4.74 -34.82
N ILE A 83 -13.86 3.58 -34.43
CA ILE A 83 -15.30 3.51 -34.19
C ILE A 83 -15.69 4.30 -32.94
N ASN A 84 -14.74 4.58 -32.06
CA ASN A 84 -14.97 5.47 -30.93
C ASN A 84 -15.01 6.94 -31.32
N ILE A 85 -14.99 7.23 -32.62
CA ILE A 85 -15.08 8.59 -33.15
C ILE A 85 -16.45 8.75 -33.80
N LYS A 86 -17.04 9.93 -33.63
CA LYS A 86 -18.38 10.18 -34.15
C LYS A 86 -18.40 10.14 -35.67
N GLY A 87 -19.53 9.70 -36.22
CA GLY A 87 -19.71 9.66 -37.66
C GLY A 87 -18.81 8.68 -38.37
N ILE A 88 -18.58 7.50 -37.78
CA ILE A 88 -17.62 6.56 -38.32
C ILE A 88 -18.25 5.23 -38.74
N SER A 89 -19.16 4.67 -37.95
CA SER A 89 -19.76 3.34 -38.18
C SER A 89 -18.64 2.30 -38.14
N GLU A 90 -18.79 1.15 -38.79
CA GLU A 90 -17.78 0.10 -38.70
C GLU A 90 -17.21 -0.27 -40.06
N ALA A 91 -18.08 -0.48 -41.05
CA ALA A 91 -17.61 -0.92 -42.37
C ALA A 91 -16.72 0.12 -43.02
N LYS A 92 -16.92 1.40 -42.71
CA LYS A 92 -16.02 2.42 -43.22
C LYS A 92 -14.63 2.25 -42.64
N ALA A 93 -14.54 1.95 -41.34
CA ALA A 93 -13.24 1.61 -40.75
C ALA A 93 -12.64 0.39 -41.42
N ASP A 94 -13.48 -0.60 -41.74
CA ASP A 94 -13.01 -1.78 -42.46
C ASP A 94 -12.36 -1.38 -43.79
N LYS A 95 -13.02 -0.50 -44.53
CA LYS A 95 -12.51 -0.14 -45.86
C LYS A 95 -11.25 0.72 -45.76
N ILE A 96 -11.16 1.56 -44.73
CA ILE A 96 -9.90 2.26 -44.47
C ILE A 96 -8.78 1.27 -44.21
N LEU A 97 -9.05 0.24 -43.38
CA LEU A 97 -8.02 -0.79 -43.16
C LEU A 97 -7.62 -1.46 -44.46
N THR A 98 -8.60 -1.84 -45.28
CA THR A 98 -8.30 -2.61 -46.48
C THR A 98 -7.52 -1.78 -47.48
N GLU A 99 -7.78 -0.47 -47.55
CA GLU A 99 -7.01 0.35 -48.48
C GLU A 99 -5.62 0.64 -47.92
N ALA A 100 -5.51 0.87 -46.60
CA ALA A 100 -4.21 1.18 -46.02
C ALA A 100 -3.32 -0.05 -45.99
N ALA A 101 -3.90 -1.25 -46.06
CA ALA A 101 -3.10 -2.46 -46.09
C ALA A 101 -2.19 -2.50 -47.31
N LYS A 102 -2.75 -2.26 -48.49
CA LYS A 102 -1.93 -2.27 -49.70
C LYS A 102 -1.33 -0.90 -50.01
N LEU A 103 -1.79 0.16 -49.34
CA LEU A 103 -1.17 1.46 -49.54
C LEU A 103 0.14 1.57 -48.75
N VAL A 104 0.07 1.43 -47.44
CA VAL A 104 1.27 1.58 -46.60
C VAL A 104 2.21 0.42 -46.90
N PRO A 105 3.50 0.69 -47.16
CA PRO A 105 4.45 -0.40 -47.33
C PRO A 105 4.83 -1.04 -46.00
N MET A 106 4.27 -2.22 -45.74
CA MET A 106 4.63 -3.00 -44.56
C MET A 106 4.19 -4.44 -44.82
N GLY A 107 5.15 -5.35 -44.87
CA GLY A 107 4.87 -6.75 -45.00
C GLY A 107 5.73 -7.57 -44.06
N PHE A 108 6.43 -8.55 -44.61
CA PHE A 108 7.42 -9.31 -43.84
C PHE A 108 8.79 -9.17 -44.48
N THR A 109 9.12 -7.95 -44.89
CA THR A 109 10.37 -7.73 -45.61
C THR A 109 11.57 -8.13 -44.77
N THR A 110 12.53 -8.79 -45.40
CA THR A 110 13.70 -9.31 -44.70
C THR A 110 14.64 -8.17 -44.32
N ALA A 111 15.58 -8.48 -43.41
CA ALA A 111 16.50 -7.48 -42.91
C ALA A 111 17.43 -6.96 -44.00
N THR A 112 17.58 -7.69 -45.11
CA THR A 112 18.44 -7.24 -46.19
C THR A 112 17.96 -5.90 -46.76
N GLU A 113 16.65 -5.80 -47.01
CA GLU A 113 16.09 -4.55 -47.52
C GLU A 113 15.96 -3.50 -46.42
N PHE A 114 15.63 -3.93 -45.20
CA PHE A 114 15.45 -2.96 -44.13
C PHE A 114 16.74 -2.25 -43.78
N HIS A 115 17.88 -2.96 -43.79
CA HIS A 115 19.15 -2.31 -43.51
C HIS A 115 19.45 -1.22 -44.54
N GLN A 116 18.92 -1.34 -45.75
CA GLN A 116 19.10 -0.30 -46.75
C GLN A 116 18.42 0.99 -46.31
N ARG A 117 17.16 0.89 -45.86
CA ARG A 117 16.46 2.08 -45.38
C ARG A 117 17.10 2.63 -44.11
N ARG A 118 17.50 1.74 -43.19
CA ARG A 118 18.06 2.18 -41.92
C ARG A 118 19.44 2.82 -42.08
N SER A 119 20.24 2.39 -43.04
CA SER A 119 21.57 2.95 -43.23
C SER A 119 21.54 4.42 -43.62
N GLU A 120 20.40 4.93 -44.07
CA GLU A 120 20.26 6.31 -44.51
C GLU A 120 19.69 7.22 -43.42
N ILE A 121 19.59 6.75 -42.18
CA ILE A 121 19.06 7.60 -41.11
C ILE A 121 20.01 8.76 -40.86
N ILE A 122 19.44 9.87 -40.41
CA ILE A 122 20.20 11.09 -40.18
C ILE A 122 20.60 11.14 -38.71
N GLN A 123 21.90 11.26 -38.46
CA GLN A 123 22.43 11.36 -37.11
C GLN A 123 22.73 12.83 -36.85
N ILE A 124 21.91 13.47 -36.02
CA ILE A 124 22.09 14.89 -35.71
C ILE A 124 23.34 15.04 -34.85
N THR A 125 24.33 15.76 -35.37
CA THR A 125 25.56 15.99 -34.63
C THR A 125 25.29 16.97 -33.51
N THR A 126 25.35 16.50 -32.27
CA THR A 126 25.00 17.35 -31.13
C THR A 126 25.95 18.51 -30.93
N GLY A 127 26.99 18.64 -31.75
CA GLY A 127 27.96 19.70 -31.58
C GLY A 127 29.15 19.26 -30.75
N SER A 128 28.87 18.75 -29.56
CA SER A 128 29.92 18.11 -28.77
C SER A 128 30.31 16.80 -29.44
N LYS A 129 31.61 16.60 -29.62
CA LYS A 129 32.13 15.47 -30.37
C LYS A 129 32.67 14.35 -29.49
N GLU A 130 32.74 14.56 -28.17
CA GLU A 130 33.24 13.52 -27.28
C GLU A 130 32.22 12.39 -27.12
N LEU A 131 31.00 12.74 -26.67
CA LEU A 131 29.93 11.75 -26.56
C LEU A 131 29.34 11.37 -27.91
N ASP A 132 29.58 12.16 -28.95
CA ASP A 132 29.17 11.76 -30.29
C ASP A 132 29.85 10.46 -30.72
N LYS A 133 30.97 10.12 -30.08
CA LYS A 133 31.57 8.81 -30.28
C LYS A 133 30.67 7.70 -29.78
N LEU A 134 30.06 7.88 -28.60
CA LEU A 134 29.05 6.93 -28.15
C LEU A 134 27.84 6.95 -29.07
N LEU A 135 27.45 8.14 -29.51
CA LEU A 135 26.26 8.31 -30.33
C LEU A 135 26.42 7.80 -31.76
N GLN A 136 27.65 7.44 -32.16
CA GLN A 136 27.94 6.89 -33.48
C GLN A 136 27.44 7.81 -34.59
N GLY A 137 27.72 9.09 -34.44
CA GLY A 137 27.28 10.08 -35.41
C GLY A 137 26.27 11.05 -34.83
N GLY A 138 25.35 10.53 -34.04
CA GLY A 138 24.34 11.38 -33.42
C GLY A 138 23.13 10.55 -33.01
N ILE A 139 22.01 11.25 -32.88
CA ILE A 139 20.72 10.64 -32.56
C ILE A 139 19.98 10.33 -33.85
N GLU A 140 19.37 9.16 -33.92
CA GLU A 140 18.61 8.77 -35.09
C GLU A 140 17.33 9.60 -35.19
N THR A 141 16.50 9.28 -36.17
CA THR A 141 15.24 9.98 -36.38
C THR A 141 14.02 9.10 -36.13
N GLY A 142 14.16 8.00 -35.40
CA GLY A 142 13.06 7.06 -35.26
C GLY A 142 12.92 6.37 -33.92
N SER A 143 13.49 6.94 -32.86
CA SER A 143 13.47 6.29 -31.56
C SER A 143 13.36 7.31 -30.42
N ILE A 144 12.63 6.94 -29.38
CA ILE A 144 12.65 7.70 -28.14
C ILE A 144 14.08 7.74 -27.63
N THR A 145 14.41 8.77 -26.87
CA THR A 145 15.70 8.82 -26.19
C THR A 145 15.56 9.70 -24.95
N GLU A 146 15.37 9.07 -23.80
CA GLU A 146 15.24 9.80 -22.54
C GLU A 146 16.58 10.41 -22.17
N MET A 147 16.53 11.47 -21.37
CA MET A 147 17.72 12.22 -21.00
C MET A 147 17.41 12.92 -19.68
N PHE A 148 17.95 12.39 -18.59
CA PHE A 148 17.51 12.81 -17.26
C PHE A 148 18.73 13.30 -16.48
N GLY A 149 18.54 13.50 -15.17
CA GLY A 149 19.59 13.97 -14.29
C GLY A 149 19.10 15.13 -13.43
N GLU A 150 19.66 15.27 -12.23
CA GLU A 150 19.34 16.42 -11.39
C GLU A 150 19.90 17.67 -12.05
N PHE A 151 19.76 18.82 -11.40
CA PHE A 151 20.07 20.08 -12.06
C PHE A 151 21.57 20.19 -12.34
N ARG A 152 21.93 21.31 -12.98
CA ARG A 152 23.30 21.61 -13.38
C ARG A 152 23.79 20.67 -14.49
N THR A 153 22.92 20.36 -15.45
CA THR A 153 23.30 19.47 -16.56
C THR A 153 22.84 19.93 -17.93
N GLY A 154 22.48 21.20 -18.11
CA GLY A 154 22.40 21.80 -19.43
C GLY A 154 21.47 21.13 -20.42
N LYS A 155 20.37 20.55 -19.93
CA LYS A 155 19.42 19.89 -20.82
C LYS A 155 18.81 20.88 -21.80
N THR A 156 18.45 22.07 -21.32
CA THR A 156 17.98 23.13 -22.20
C THR A 156 19.06 23.54 -23.20
N GLN A 157 20.32 23.58 -22.76
CA GLN A 157 21.41 23.96 -23.64
C GLN A 157 21.56 22.98 -24.80
N ILE A 158 21.65 21.68 -24.48
CA ILE A 158 21.82 20.71 -25.57
C ILE A 158 20.57 20.64 -26.45
N CYS A 159 19.38 20.73 -25.87
CA CYS A 159 18.19 20.85 -26.70
C CYS A 159 18.29 22.04 -27.66
N HIS A 160 18.84 23.16 -27.20
CA HIS A 160 19.11 24.29 -28.10
C HIS A 160 20.09 23.89 -29.20
N THR A 161 21.14 23.14 -28.84
CA THR A 161 22.14 22.79 -29.84
C THR A 161 21.56 21.91 -30.94
N LEU A 162 20.73 20.92 -30.58
CA LEU A 162 20.09 20.16 -31.64
C LEU A 162 19.09 21.01 -32.41
N ALA A 163 18.39 21.90 -31.71
CA ALA A 163 17.45 22.78 -32.39
C ALA A 163 18.12 23.68 -33.41
N VAL A 164 19.41 23.96 -33.25
CA VAL A 164 20.14 24.71 -34.26
C VAL A 164 20.75 23.78 -35.32
N THR A 165 21.35 22.68 -34.90
CA THR A 165 22.08 21.82 -35.82
C THR A 165 21.15 21.06 -36.77
N CYS A 166 19.88 20.90 -36.40
CA CYS A 166 18.94 20.28 -37.32
C CYS A 166 18.77 21.12 -38.59
N GLN A 167 18.90 22.44 -38.46
CA GLN A 167 18.79 23.34 -39.60
C GLN A 167 20.15 23.55 -40.26
N LEU A 168 20.79 22.46 -40.60
CA LEU A 168 22.08 22.43 -41.28
C LEU A 168 22.06 21.34 -42.33
N PRO A 169 22.90 21.44 -43.36
CA PRO A 169 23.00 20.36 -44.34
C PRO A 169 23.56 19.09 -43.72
N ILE A 170 23.38 17.98 -44.45
CA ILE A 170 23.74 16.67 -43.93
C ILE A 170 25.26 16.54 -43.81
N ASP A 171 26.02 17.37 -44.52
CA ASP A 171 27.47 17.29 -44.48
C ASP A 171 28.03 17.47 -43.08
N ARG A 172 27.29 18.14 -42.19
CA ARG A 172 27.66 18.27 -40.79
C ARG A 172 26.64 17.60 -39.88
N GLY A 173 25.37 17.98 -39.97
CA GLY A 173 24.31 17.37 -39.20
C GLY A 173 22.96 17.95 -39.53
N GLY A 174 21.92 17.11 -39.51
CA GLY A 174 20.56 17.56 -39.77
C GLY A 174 20.23 17.60 -41.25
N GLY A 175 18.95 17.74 -41.52
CA GLY A 175 18.45 17.80 -42.88
C GLY A 175 17.65 19.06 -43.13
N GLU A 176 18.07 20.17 -42.53
CA GLU A 176 17.41 21.47 -42.66
C GLU A 176 15.98 21.33 -42.15
N GLY A 177 15.08 22.20 -42.61
CA GLY A 177 13.70 22.16 -42.17
C GLY A 177 13.37 23.23 -41.15
N LYS A 178 12.15 23.78 -41.23
CA LYS A 178 11.72 24.82 -40.31
C LYS A 178 11.03 24.19 -39.10
N ALA A 179 11.75 23.26 -38.47
CA ALA A 179 11.17 22.45 -37.41
C ALA A 179 11.04 23.25 -36.13
N MET A 180 10.34 22.68 -35.14
CA MET A 180 9.90 23.43 -33.98
C MET A 180 10.33 22.76 -32.67
N TYR A 181 9.93 23.37 -31.56
CA TYR A 181 10.39 23.03 -30.22
C TYR A 181 9.20 22.81 -29.31
N ILE A 182 9.31 21.84 -28.40
CA ILE A 182 8.25 21.55 -27.44
C ILE A 182 8.88 21.49 -26.06
N ASP A 183 8.07 21.72 -25.03
CA ASP A 183 8.55 22.01 -23.70
C ASP A 183 7.33 22.02 -22.80
N THR A 184 7.54 21.89 -21.49
CA THR A 184 6.48 22.23 -20.55
C THR A 184 7.01 22.98 -19.32
N GLU A 185 8.16 23.64 -19.44
CA GLU A 185 8.82 24.26 -18.31
C GLU A 185 8.94 25.78 -18.40
N GLY A 186 8.94 26.34 -19.60
CA GLY A 186 9.16 27.75 -19.78
C GLY A 186 10.61 28.17 -19.76
N THR A 187 11.51 27.28 -19.39
CA THR A 187 12.93 27.56 -19.24
C THR A 187 13.61 27.88 -20.57
N PHE A 188 12.88 27.81 -21.69
CA PHE A 188 13.47 28.15 -22.98
C PHE A 188 13.92 29.60 -23.01
N ARG A 189 15.24 29.82 -22.93
CA ARG A 189 15.80 31.16 -23.01
C ARG A 189 16.43 31.32 -24.38
N PRO A 190 15.90 32.17 -25.25
CA PRO A 190 16.47 32.29 -26.59
C PRO A 190 17.87 32.90 -26.58
N GLU A 191 18.40 33.14 -27.77
CA GLU A 191 19.74 33.64 -28.02
C GLU A 191 20.76 32.52 -27.78
N ARG A 192 20.34 31.40 -27.18
CA ARG A 192 21.15 30.20 -27.26
C ARG A 192 21.22 29.72 -28.71
N LEU A 193 20.10 29.78 -29.42
CA LEU A 193 20.09 29.47 -30.85
C LEU A 193 21.03 30.38 -31.61
N LEU A 194 20.99 31.68 -31.32
CA LEU A 194 21.85 32.62 -32.03
C LEU A 194 23.33 32.39 -31.71
N ALA A 195 23.65 32.06 -30.46
CA ALA A 195 25.03 31.76 -30.12
C ALA A 195 25.52 30.51 -30.84
N VAL A 196 24.70 29.46 -30.88
CA VAL A 196 25.09 28.25 -31.60
C VAL A 196 25.28 28.56 -33.08
N ALA A 197 24.39 29.37 -33.65
CA ALA A 197 24.52 29.75 -35.05
C ALA A 197 25.82 30.52 -35.29
N GLU A 198 26.19 31.39 -34.33
CA GLU A 198 27.47 32.09 -34.42
C GLU A 198 28.64 31.11 -34.37
N ARG A 199 28.52 30.05 -33.56
CA ARG A 199 29.60 29.07 -33.47
C ARG A 199 29.83 28.38 -34.81
N TYR A 200 28.75 28.12 -35.57
CA TYR A 200 28.84 27.39 -36.82
C TYR A 200 28.76 28.29 -38.04
N GLY A 201 28.76 29.60 -37.86
CA GLY A 201 28.74 30.53 -38.97
C GLY A 201 27.38 30.73 -39.61
N LEU A 202 26.37 29.97 -39.21
CA LEU A 202 25.04 30.16 -39.77
C LEU A 202 24.45 31.45 -39.23
N SER A 203 23.66 32.12 -40.06
CA SER A 203 23.10 33.42 -39.70
C SER A 203 22.11 33.27 -38.54
N GLY A 204 22.21 34.19 -37.58
CA GLY A 204 21.31 34.15 -36.43
C GLY A 204 19.87 34.38 -36.80
N SER A 205 19.61 35.25 -37.78
CA SER A 205 18.24 35.50 -38.21
C SER A 205 17.58 34.22 -38.72
N ASP A 206 18.29 33.46 -39.54
CA ASP A 206 17.72 32.23 -40.10
C ASP A 206 17.40 31.21 -39.01
N VAL A 207 18.36 30.98 -38.11
CA VAL A 207 18.16 29.96 -37.08
C VAL A 207 16.99 30.33 -36.18
N LEU A 208 16.92 31.59 -35.76
CA LEU A 208 15.78 32.02 -34.95
C LEU A 208 14.47 31.90 -35.71
N ASP A 209 14.46 32.25 -36.99
CA ASP A 209 13.24 32.15 -37.78
C ASP A 209 12.77 30.71 -37.93
N ASN A 210 13.70 29.76 -38.04
CA ASN A 210 13.31 28.38 -38.31
C ASN A 210 12.53 27.78 -37.15
N VAL A 211 13.06 27.89 -35.93
CA VAL A 211 12.48 27.18 -34.80
C VAL A 211 11.15 27.83 -34.42
N ALA A 212 10.30 27.05 -33.74
CA ALA A 212 9.07 27.54 -33.12
C ALA A 212 8.92 26.84 -31.78
N TYR A 213 9.37 27.49 -30.71
CA TYR A 213 9.27 26.89 -29.39
C TYR A 213 7.80 26.79 -28.98
N ALA A 214 7.54 25.94 -27.99
CA ALA A 214 6.20 25.78 -27.46
C ALA A 214 6.29 25.91 -25.94
N ARG A 215 5.18 26.29 -25.33
CA ARG A 215 5.10 26.44 -23.90
C ARG A 215 4.08 25.47 -23.34
N GLY A 216 4.27 25.07 -22.09
CA GLY A 216 3.41 24.06 -21.55
C GLY A 216 2.48 24.55 -20.47
N PHE A 217 1.19 24.40 -20.71
CA PHE A 217 0.22 24.79 -19.70
C PHE A 217 -0.50 23.59 -19.11
N ASN A 218 -0.97 22.67 -19.95
CA ASN A 218 -1.70 21.51 -19.47
C ASN A 218 -1.08 20.25 -20.05
N THR A 219 -1.25 19.15 -19.31
CA THR A 219 -0.93 17.84 -19.89
C THR A 219 -1.79 17.58 -21.11
N ASP A 220 -3.06 17.98 -21.06
CA ASP A 220 -3.89 17.95 -22.25
C ASP A 220 -3.36 18.93 -23.30
N HIS A 221 -2.75 20.02 -22.85
CA HIS A 221 -2.32 21.04 -23.79
C HIS A 221 -1.21 20.56 -24.70
N GLN A 222 -0.18 19.92 -24.14
CA GLN A 222 0.93 19.53 -25.00
C GLN A 222 0.54 18.37 -25.91
N THR A 223 -0.35 17.49 -25.45
CA THR A 223 -0.84 16.46 -26.34
C THR A 223 -1.58 17.08 -27.51
N GLN A 224 -2.46 18.05 -27.24
CA GLN A 224 -3.12 18.77 -28.32
C GLN A 224 -2.11 19.48 -29.21
N LEU A 225 -1.01 19.96 -28.61
CA LEU A 225 0.03 20.62 -29.37
C LEU A 225 0.66 19.66 -30.38
N LEU A 226 0.97 18.45 -29.93
CA LEU A 226 1.50 17.43 -30.84
C LEU A 226 0.48 17.08 -31.93
N TYR A 227 -0.78 16.93 -31.54
CA TYR A 227 -1.82 16.59 -32.51
C TYR A 227 -1.96 17.68 -33.57
N GLN A 228 -1.80 18.94 -33.17
CA GLN A 228 -1.73 20.01 -34.16
C GLN A 228 -0.42 19.92 -34.96
N ALA A 229 0.64 19.47 -34.32
CA ALA A 229 1.95 19.45 -34.94
C ALA A 229 2.02 18.51 -36.13
N GLU A 230 1.26 17.40 -36.13
CA GLU A 230 1.34 16.53 -37.31
C GLU A 230 0.97 17.30 -38.58
N ASP A 231 -0.03 18.19 -38.49
CA ASP A 231 -0.48 18.88 -39.70
C ASP A 231 0.61 19.78 -40.25
N MET A 232 1.17 20.66 -39.41
CA MET A 232 2.16 21.56 -39.97
C MET A 232 3.51 20.88 -40.14
N MET A 233 3.63 19.61 -39.75
CA MET A 233 4.78 18.82 -40.18
C MET A 233 4.57 18.11 -41.51
N VAL A 234 3.35 17.62 -41.78
CA VAL A 234 3.11 17.07 -43.11
C VAL A 234 3.01 18.16 -44.15
N GLU A 235 2.96 19.42 -43.74
CA GLU A 235 3.02 20.51 -44.71
C GLU A 235 4.35 20.50 -45.47
N SER A 236 5.48 20.37 -44.76
CA SER A 236 6.79 20.49 -45.38
C SER A 236 7.79 19.63 -44.61
N ARG A 237 9.08 19.92 -44.80
CA ARG A 237 10.12 19.14 -44.15
C ARG A 237 10.50 19.73 -42.80
N TYR A 238 10.38 18.92 -41.75
CA TYR A 238 10.78 19.27 -40.39
C TYR A 238 11.18 18.01 -39.63
N ALA A 239 12.18 18.15 -38.75
CA ALA A 239 12.73 17.00 -38.05
C ALA A 239 13.04 17.27 -36.58
N LEU A 240 12.14 17.91 -35.83
CA LEU A 240 12.40 18.19 -34.41
C LEU A 240 11.16 17.87 -33.58
N LEU A 241 11.30 16.86 -32.71
CA LEU A 241 10.40 16.62 -31.60
C LEU A 241 11.13 16.44 -30.27
N ILE A 242 12.40 16.84 -30.19
CA ILE A 242 13.08 16.89 -28.91
C ILE A 242 12.22 17.66 -27.93
N VAL A 243 11.96 17.07 -26.77
CA VAL A 243 11.11 17.67 -25.75
C VAL A 243 11.97 18.14 -24.60
N ASP A 244 11.90 19.43 -24.29
CA ASP A 244 12.69 20.00 -23.20
C ASP A 244 12.38 19.31 -21.89
N SER A 245 11.09 19.17 -21.55
CA SER A 245 10.70 18.40 -20.38
C SER A 245 9.24 17.98 -20.57
N ALA A 246 9.02 16.74 -20.98
CA ALA A 246 7.65 16.28 -21.15
C ALA A 246 7.08 15.76 -19.85
N THR A 247 7.79 14.86 -19.20
CA THR A 247 7.33 14.20 -17.98
C THR A 247 7.54 15.10 -16.77
N ALA A 248 7.09 16.34 -16.87
CA ALA A 248 7.12 17.29 -15.75
C ALA A 248 5.73 17.78 -15.39
N LEU A 249 4.86 17.96 -16.38
CA LEU A 249 3.49 18.38 -16.13
C LEU A 249 2.60 17.27 -15.61
N TYR A 250 2.90 16.02 -15.95
CA TYR A 250 2.22 14.93 -15.25
C TYR A 250 2.59 14.89 -13.78
N ARG A 251 3.72 15.49 -13.43
CA ARG A 251 4.12 15.59 -12.03
C ARG A 251 3.32 16.62 -11.26
N THR A 252 2.63 17.53 -11.95
CA THR A 252 1.81 18.55 -11.29
C THR A 252 0.33 18.40 -11.56
N ASP A 253 -0.06 18.01 -12.78
CA ASP A 253 -1.48 17.89 -13.09
C ASP A 253 -2.12 16.73 -12.34
N TYR A 254 -1.46 15.58 -12.32
CA TYR A 254 -1.93 14.39 -11.63
C TYR A 254 -1.18 14.26 -10.33
N SER A 255 -1.91 14.33 -9.21
CA SER A 255 -1.31 14.50 -7.89
C SER A 255 -0.39 13.35 -7.53
N GLY A 256 -0.96 12.16 -7.35
CA GLY A 256 -0.18 11.01 -6.94
C GLY A 256 -0.94 9.72 -7.12
N ARG A 257 -0.79 8.79 -6.19
CA ARG A 257 -1.57 7.56 -6.23
C ARG A 257 -3.04 7.89 -6.02
N GLY A 258 -3.90 7.33 -6.85
CA GLY A 258 -5.28 7.76 -6.89
C GLY A 258 -5.52 8.51 -8.17
N GLU A 259 -4.43 9.05 -8.72
CA GLU A 259 -4.42 9.66 -10.03
C GLU A 259 -3.30 9.10 -10.89
N LEU A 260 -2.54 8.14 -10.34
CA LEU A 260 -1.38 7.60 -11.04
C LEU A 260 -1.80 6.76 -12.24
N SER A 261 -2.89 6.01 -12.12
CA SER A 261 -3.35 5.19 -13.23
C SER A 261 -3.63 6.05 -14.45
N ALA A 262 -4.45 7.09 -14.29
CA ALA A 262 -4.77 7.98 -15.40
C ALA A 262 -3.55 8.74 -15.87
N ARG A 263 -2.66 9.12 -14.94
CA ARG A 263 -1.42 9.79 -15.32
C ARG A 263 -0.60 8.91 -16.24
N GLN A 264 -0.50 7.63 -15.91
CA GLN A 264 0.35 6.72 -16.68
C GLN A 264 -0.31 6.34 -17.99
N MET A 265 -1.63 6.18 -18.04
CA MET A 265 -2.26 5.98 -19.34
C MET A 265 -2.07 7.19 -20.23
N HIS A 266 -2.19 8.39 -19.68
CA HIS A 266 -1.96 9.59 -20.48
C HIS A 266 -0.50 9.67 -20.94
N LEU A 267 0.43 9.36 -20.06
CA LEU A 267 1.84 9.33 -20.44
C LEU A 267 2.11 8.30 -21.51
N ALA A 268 1.55 7.10 -21.36
CA ALA A 268 1.76 6.04 -22.33
C ALA A 268 1.19 6.41 -23.69
N ARG A 269 0.01 7.02 -23.70
CA ARG A 269 -0.52 7.53 -24.96
C ARG A 269 0.35 8.62 -25.52
N PHE A 270 0.94 9.46 -24.65
CA PHE A 270 1.80 10.54 -25.11
C PHE A 270 3.07 10.01 -25.76
N LEU A 271 3.76 9.10 -25.08
CA LEU A 271 4.95 8.50 -25.67
C LEU A 271 4.63 7.80 -26.98
N ARG A 272 3.55 7.00 -27.00
CA ARG A 272 3.12 6.39 -28.26
C ARG A 272 2.66 7.42 -29.27
N MET A 273 2.36 8.64 -28.81
CA MET A 273 2.13 9.73 -29.74
C MET A 273 3.43 10.11 -30.46
N LEU A 274 4.54 10.15 -29.72
CA LEU A 274 5.80 10.51 -30.35
C LEU A 274 6.21 9.49 -31.41
N LEU A 275 5.91 8.21 -31.19
CA LEU A 275 6.20 7.20 -32.22
C LEU A 275 5.41 7.49 -33.49
N ARG A 276 4.27 8.15 -33.37
CA ARG A 276 3.40 8.38 -34.51
C ARG A 276 3.96 9.45 -35.42
N LEU A 277 5.04 10.12 -35.01
CA LEU A 277 5.72 11.12 -35.83
C LEU A 277 6.92 10.52 -36.54
N ALA A 278 7.84 9.91 -35.78
CA ALA A 278 9.07 9.39 -36.36
C ALA A 278 8.80 8.30 -37.38
N ASP A 279 7.74 7.50 -37.18
CA ASP A 279 7.46 6.41 -38.10
C ASP A 279 6.86 6.92 -39.40
N GLU A 280 6.16 8.05 -39.38
CA GLU A 280 5.54 8.58 -40.59
C GLU A 280 6.46 9.53 -41.36
N PHE A 281 7.32 10.28 -40.65
CA PHE A 281 8.20 11.24 -41.29
C PHE A 281 9.66 10.91 -41.05
N GLY A 282 10.05 10.69 -39.81
CA GLY A 282 11.44 10.58 -39.44
C GLY A 282 11.87 11.88 -38.82
N VAL A 283 11.88 11.95 -37.49
CA VAL A 283 12.02 13.20 -36.77
C VAL A 283 12.90 12.99 -35.55
N ALA A 284 13.79 13.93 -35.30
CA ALA A 284 14.67 13.88 -34.14
C ALA A 284 13.87 14.01 -32.84
N VAL A 285 13.75 12.92 -32.09
CA VAL A 285 13.02 12.90 -30.82
C VAL A 285 13.94 12.40 -29.72
N VAL A 286 14.23 13.26 -28.76
CA VAL A 286 14.85 12.85 -27.50
C VAL A 286 14.06 13.46 -26.34
N ILE A 287 13.18 12.66 -25.75
CA ILE A 287 12.42 13.13 -24.61
C ILE A 287 13.40 13.44 -23.48
N THR A 288 13.04 14.39 -22.64
CA THR A 288 13.79 14.68 -21.43
C THR A 288 12.87 14.49 -20.23
N ASN A 289 13.35 13.76 -19.25
CA ASN A 289 12.66 13.48 -18.02
C ASN A 289 13.10 14.48 -16.96
N GLN A 290 12.75 14.19 -15.71
CA GLN A 290 13.41 14.78 -14.56
C GLN A 290 13.79 13.60 -13.66
N VAL A 291 14.24 13.84 -12.44
CA VAL A 291 14.59 12.73 -11.56
C VAL A 291 13.81 12.85 -10.27
N VAL A 292 13.98 11.86 -9.42
CA VAL A 292 13.32 11.80 -8.12
C VAL A 292 14.14 10.91 -7.21
N ALA A 293 14.27 11.32 -5.96
CA ALA A 293 15.18 10.66 -5.03
C ALA A 293 14.54 9.38 -4.51
N GLN A 294 15.22 8.25 -4.70
CA GLN A 294 14.87 7.04 -3.97
C GLN A 294 15.06 7.31 -2.49
N VAL A 295 13.98 7.30 -1.73
CA VAL A 295 14.09 7.59 -0.31
C VAL A 295 13.95 6.28 0.47
N ASP A 296 14.13 5.16 -0.23
CA ASP A 296 14.09 3.86 0.43
C ASP A 296 15.21 3.74 1.47
N GLY A 297 16.39 4.21 1.13
CA GLY A 297 17.53 4.15 2.02
C GLY A 297 18.43 2.95 1.86
N ALA A 298 18.38 2.28 0.71
CA ALA A 298 19.17 1.07 0.50
C ALA A 298 20.66 1.37 0.57
N ALA A 299 21.11 2.35 -0.21
CA ALA A 299 22.53 2.72 -0.28
C ALA A 299 22.62 4.04 -1.03
N MET A 300 23.85 4.46 -1.32
CA MET A 300 24.11 5.63 -2.14
C MET A 300 24.76 5.21 -3.45
N PHE A 301 24.28 5.76 -4.55
CA PHE A 301 24.74 5.40 -5.89
C PHE A 301 25.38 6.61 -6.54
N ALA A 302 25.74 6.47 -7.81
CA ALA A 302 26.49 7.52 -8.51
C ALA A 302 25.72 8.83 -8.51
N ALA A 303 26.26 9.81 -7.79
CA ALA A 303 25.65 11.14 -7.67
C ALA A 303 24.22 11.05 -7.14
N ASP A 304 24.10 10.53 -5.91
CA ASP A 304 22.83 10.36 -5.19
C ASP A 304 21.95 9.30 -5.85
N PRO A 305 21.03 8.69 -5.10
CA PRO A 305 20.05 7.78 -5.71
C PRO A 305 19.02 8.53 -6.54
N LYS A 306 19.40 8.87 -7.77
CA LYS A 306 18.59 9.71 -8.64
C LYS A 306 17.85 8.83 -9.65
N LYS A 307 16.81 8.16 -9.17
CA LYS A 307 16.02 7.44 -10.16
C LYS A 307 15.17 8.43 -10.94
N PRO A 308 15.00 8.20 -12.24
CA PRO A 308 14.17 9.09 -13.05
C PRO A 308 12.70 8.70 -12.99
N ILE A 309 11.85 9.71 -13.17
CA ILE A 309 10.41 9.54 -13.06
C ILE A 309 9.89 8.91 -14.35
N GLY A 310 8.61 8.56 -14.36
CA GLY A 310 7.96 7.99 -15.52
C GLY A 310 7.74 6.49 -15.42
N GLY A 311 8.40 5.83 -14.48
CA GLY A 311 8.17 4.44 -14.13
C GLY A 311 8.48 3.49 -15.28
N ASN A 312 7.83 2.33 -15.23
CA ASN A 312 8.03 1.32 -16.26
C ASN A 312 7.39 1.69 -17.58
N ILE A 313 6.54 2.73 -17.60
CA ILE A 313 5.92 3.15 -18.85
C ILE A 313 6.97 3.75 -19.78
N ILE A 314 7.85 4.58 -19.23
CA ILE A 314 8.91 5.19 -20.02
C ILE A 314 10.22 4.43 -19.93
N ALA A 315 10.42 3.64 -18.88
CA ALA A 315 11.58 2.76 -18.83
C ALA A 315 11.52 1.73 -19.95
N HIS A 316 10.34 1.15 -20.18
CA HIS A 316 10.12 0.17 -21.24
C HIS A 316 9.67 0.80 -22.54
N ALA A 317 9.89 2.10 -22.71
CA ALA A 317 9.64 2.77 -23.98
C ALA A 317 10.81 3.61 -24.45
N SER A 318 11.69 4.05 -23.57
CA SER A 318 12.86 4.81 -23.98
C SER A 318 13.88 3.87 -24.59
N THR A 319 14.30 4.16 -25.82
CA THR A 319 15.24 3.27 -26.48
C THR A 319 16.66 3.49 -25.98
N THR A 320 16.96 4.67 -25.42
CA THR A 320 18.32 4.97 -24.97
C THR A 320 18.25 6.01 -23.85
N ARG A 321 18.41 5.55 -22.61
CA ARG A 321 18.46 6.49 -21.50
C ARG A 321 19.85 7.13 -21.43
N LEU A 322 19.94 8.22 -20.67
CA LEU A 322 21.17 9.02 -20.57
C LEU A 322 21.20 9.68 -19.20
N TYR A 323 22.20 9.34 -18.39
CA TYR A 323 22.37 9.95 -17.07
C TYR A 323 23.26 11.17 -17.21
N LEU A 324 22.65 12.32 -17.45
CA LEU A 324 23.39 13.58 -17.38
C LEU A 324 23.71 13.88 -15.92
N ARG A 325 24.97 14.20 -15.64
CA ARG A 325 25.41 14.53 -14.29
C ARG A 325 26.43 15.66 -14.38
N LYS A 326 26.94 16.07 -13.22
CA LYS A 326 27.84 17.21 -13.10
C LYS A 326 29.16 16.77 -12.51
N GLY A 327 30.24 17.40 -12.96
CA GLY A 327 31.57 17.13 -12.45
C GLY A 327 32.07 18.15 -11.46
N ARG A 328 33.16 18.84 -11.80
CA ARG A 328 33.80 19.78 -10.87
C ARG A 328 33.44 21.23 -11.18
N GLY A 329 33.72 21.69 -12.39
CA GLY A 329 33.39 23.04 -12.78
C GLY A 329 32.29 23.09 -13.83
N GLU A 330 32.68 23.25 -15.09
CA GLU A 330 31.78 23.11 -16.22
C GLU A 330 31.75 21.68 -16.75
N THR A 331 32.53 20.78 -16.16
CA THR A 331 32.59 19.41 -16.65
C THR A 331 31.30 18.67 -16.35
N ARG A 332 30.83 17.91 -17.34
CA ARG A 332 29.63 17.09 -17.20
C ARG A 332 29.93 15.71 -17.75
N ILE A 333 29.32 14.69 -17.14
CA ILE A 333 29.60 13.29 -17.46
C ILE A 333 28.30 12.62 -17.90
N CYS A 334 28.31 12.01 -19.09
CA CYS A 334 27.11 11.44 -19.68
C CYS A 334 27.22 9.91 -19.69
N LYS A 335 26.73 9.29 -18.62
CA LYS A 335 26.58 7.85 -18.57
C LYS A 335 25.57 7.39 -19.63
N ILE A 336 25.44 6.08 -19.81
CA ILE A 336 24.37 5.50 -20.61
C ILE A 336 23.85 4.29 -19.83
N TYR A 337 22.70 4.46 -19.18
CA TYR A 337 22.12 3.38 -18.38
C TYR A 337 21.65 2.23 -19.25
N ASP A 338 20.88 2.54 -20.29
CA ASP A 338 20.28 1.49 -21.11
C ASP A 338 20.26 1.93 -22.57
N SER A 339 20.65 1.00 -23.45
CA SER A 339 20.54 1.12 -24.89
C SER A 339 20.84 -0.24 -25.51
N PRO A 340 20.10 -0.65 -26.54
CA PRO A 340 20.32 -1.99 -27.12
C PRO A 340 21.69 -2.20 -27.73
N CYS A 341 22.34 -1.16 -28.25
CA CYS A 341 23.61 -1.36 -28.93
C CYS A 341 24.71 -0.48 -28.34
N LEU A 342 24.35 0.75 -27.96
CA LEU A 342 25.34 1.66 -27.39
C LEU A 342 25.80 1.13 -26.03
N PRO A 343 27.10 1.10 -25.77
CA PRO A 343 27.59 0.50 -24.51
C PRO A 343 27.23 1.34 -23.30
N GLU A 344 27.52 0.77 -22.12
CA GLU A 344 27.33 1.44 -20.85
C GLU A 344 28.56 2.29 -20.50
N ALA A 345 28.88 3.23 -21.38
CA ALA A 345 30.10 4.02 -21.26
C ALA A 345 29.78 5.51 -21.10
N GLU A 346 30.64 6.19 -20.36
CA GLU A 346 30.49 7.60 -20.04
C GLU A 346 31.06 8.47 -21.16
N ALA A 347 31.11 9.77 -20.92
CA ALA A 347 31.65 10.74 -21.88
C ALA A 347 31.80 12.07 -21.17
N MET A 348 32.39 13.04 -21.89
CA MET A 348 32.63 14.37 -21.37
C MET A 348 32.00 15.40 -22.31
N PHE A 349 31.72 16.57 -21.76
CA PHE A 349 31.18 17.71 -22.51
C PHE A 349 31.07 18.89 -21.55
N ALA A 350 30.73 20.06 -22.10
CA ALA A 350 30.55 21.27 -21.30
C ALA A 350 29.74 22.27 -22.11
N ILE A 351 29.00 23.13 -21.41
CA ILE A 351 28.16 24.14 -22.04
C ILE A 351 28.97 25.44 -22.15
N ASN A 352 29.37 25.79 -23.36
CA ASN A 352 30.13 27.00 -23.57
C ASN A 352 29.17 28.18 -23.75
N ALA A 353 29.73 29.35 -24.10
CA ALA A 353 28.94 30.53 -24.34
C ALA A 353 28.07 30.42 -25.58
N ASP A 354 28.37 29.48 -26.47
CA ASP A 354 27.58 29.25 -27.69
C ASP A 354 27.21 27.77 -27.73
N GLY A 355 26.12 27.42 -27.07
CA GLY A 355 25.68 26.05 -27.03
C GLY A 355 26.59 25.16 -26.19
N VAL A 356 26.48 23.86 -26.45
CA VAL A 356 27.22 22.85 -25.72
C VAL A 356 28.32 22.32 -26.64
N GLY A 357 29.36 21.74 -26.02
CA GLY A 357 30.50 21.24 -26.76
C GLY A 357 31.50 20.55 -25.87
N ASP A 358 32.78 20.83 -26.06
CA ASP A 358 33.84 20.22 -25.27
C ASP A 358 34.60 21.24 -24.45
N PRO B 44 2.88 -30.25 -40.28
CA PRO B 44 3.77 -29.44 -41.11
C PRO B 44 3.55 -29.65 -42.61
N GLN B 45 2.40 -30.22 -42.96
CA GLN B 45 2.06 -30.49 -44.35
C GLN B 45 1.09 -29.43 -44.86
N PRO B 46 1.48 -28.63 -45.86
CA PRO B 46 0.59 -27.56 -46.34
C PRO B 46 -0.66 -28.08 -47.01
N ILE B 47 -1.50 -27.17 -47.51
CA ILE B 47 -2.71 -27.56 -48.22
C ILE B 47 -2.28 -28.10 -49.58
N SER B 48 -2.25 -29.42 -49.72
CA SER B 48 -1.86 -30.06 -50.97
C SER B 48 -2.80 -31.22 -51.28
N ARG B 49 -3.74 -31.48 -50.37
CA ARG B 49 -4.63 -32.62 -50.56
C ARG B 49 -6.06 -32.24 -50.21
N LEU B 50 -6.26 -31.06 -49.62
CA LEU B 50 -7.60 -30.55 -49.36
C LEU B 50 -8.29 -30.10 -50.65
N GLU B 51 -7.52 -29.60 -51.61
CA GLU B 51 -8.10 -29.11 -52.85
C GLU B 51 -8.71 -30.24 -53.67
N GLN B 52 -8.26 -31.47 -53.44
CA GLN B 52 -8.74 -32.62 -54.19
C GLN B 52 -9.16 -33.77 -53.28
N CYS B 53 -9.63 -33.48 -52.08
CA CYS B 53 -10.07 -34.53 -51.17
C CYS B 53 -11.55 -34.83 -51.35
N GLY B 54 -11.99 -34.99 -52.60
CA GLY B 54 -13.41 -35.09 -52.89
C GLY B 54 -14.07 -33.72 -52.81
N ILE B 55 -13.82 -33.02 -51.70
CA ILE B 55 -14.22 -31.64 -51.56
C ILE B 55 -13.49 -30.81 -52.61
N ASN B 56 -14.24 -29.94 -53.29
CA ASN B 56 -13.64 -29.12 -54.33
C ASN B 56 -12.64 -28.13 -53.72
N ALA B 57 -11.92 -27.43 -54.59
CA ALA B 57 -10.90 -26.49 -54.13
C ALA B 57 -11.46 -25.10 -53.86
N ASN B 58 -12.75 -24.88 -54.08
CA ASN B 58 -13.32 -23.54 -53.91
C ASN B 58 -13.45 -23.16 -52.45
N ASP B 59 -14.11 -24.02 -51.65
CA ASP B 59 -14.19 -23.75 -50.22
C ASP B 59 -12.82 -23.83 -49.57
N VAL B 60 -11.90 -24.61 -50.14
CA VAL B 60 -10.50 -24.55 -49.71
C VAL B 60 -9.87 -23.21 -50.00
N LYS B 61 -10.20 -22.58 -51.14
CA LYS B 61 -9.74 -21.22 -51.39
C LYS B 61 -10.31 -20.25 -50.37
N LYS B 62 -11.58 -20.42 -50.02
CA LYS B 62 -12.18 -19.59 -48.96
C LYS B 62 -11.46 -19.78 -47.64
N LEU B 63 -11.12 -21.02 -47.29
CA LEU B 63 -10.34 -21.28 -46.09
C LEU B 63 -8.97 -20.63 -46.15
N GLU B 64 -8.30 -20.72 -47.31
CA GLU B 64 -6.97 -20.15 -47.47
C GLU B 64 -6.99 -18.64 -47.28
N GLU B 65 -7.99 -17.97 -47.84
CA GLU B 65 -8.08 -16.52 -47.66
C GLU B 65 -8.64 -16.13 -46.30
N ALA B 66 -9.36 -17.04 -45.62
CA ALA B 66 -9.97 -16.69 -44.35
C ALA B 66 -9.00 -16.82 -43.19
N GLY B 67 -7.86 -17.49 -43.39
CA GLY B 67 -6.85 -17.54 -42.35
C GLY B 67 -6.09 -18.85 -42.20
N TYR B 68 -6.63 -19.94 -42.72
CA TYR B 68 -6.00 -21.25 -42.60
C TYR B 68 -5.27 -21.60 -43.89
N HIS B 69 -3.97 -21.88 -43.81
CA HIS B 69 -3.16 -22.20 -44.98
C HIS B 69 -2.54 -23.59 -44.89
N THR B 70 -3.14 -24.49 -44.15
CA THR B 70 -2.57 -25.83 -43.97
C THR B 70 -3.69 -26.79 -43.58
N VAL B 71 -3.38 -28.09 -43.69
CA VAL B 71 -4.34 -29.10 -43.27
C VAL B 71 -4.44 -29.14 -41.74
N GLU B 72 -3.31 -28.98 -41.04
CA GLU B 72 -3.27 -29.17 -39.60
C GLU B 72 -4.11 -28.13 -38.87
N ALA B 73 -4.01 -26.86 -39.29
CA ALA B 73 -4.78 -25.81 -38.63
C ALA B 73 -6.27 -26.05 -38.73
N VAL B 74 -6.75 -26.48 -39.90
CA VAL B 74 -8.15 -26.85 -40.04
C VAL B 74 -8.50 -28.08 -39.21
N ALA B 75 -7.63 -29.08 -39.18
CA ALA B 75 -7.88 -30.27 -38.36
C ALA B 75 -7.91 -29.92 -36.89
N TYR B 76 -7.06 -28.99 -36.46
CA TYR B 76 -7.07 -28.53 -35.08
C TYR B 76 -8.17 -27.51 -34.81
N ALA B 77 -8.87 -27.05 -35.84
CA ALA B 77 -9.93 -26.05 -35.72
C ALA B 77 -11.24 -26.71 -35.31
N PRO B 78 -12.08 -25.98 -34.58
CA PRO B 78 -13.43 -26.44 -34.30
C PRO B 78 -14.37 -26.07 -35.46
N LYS B 79 -15.61 -26.51 -35.34
CA LYS B 79 -16.59 -26.26 -36.38
C LYS B 79 -17.04 -24.80 -36.40
N LYS B 80 -17.06 -24.15 -35.24
CA LYS B 80 -17.64 -22.81 -35.13
C LYS B 80 -16.88 -21.81 -36.00
N GLU B 81 -15.55 -21.83 -35.93
CA GLU B 81 -14.75 -20.87 -36.67
C GLU B 81 -14.96 -20.98 -38.18
N LEU B 82 -15.36 -22.16 -38.66
CA LEU B 82 -15.56 -22.37 -40.08
C LEU B 82 -17.00 -22.18 -40.53
N ILE B 83 -17.98 -22.48 -39.67
CA ILE B 83 -19.36 -22.13 -40.02
C ILE B 83 -19.55 -20.62 -40.00
N ASN B 84 -18.80 -19.91 -39.14
CA ASN B 84 -18.87 -18.46 -39.14
C ASN B 84 -18.37 -17.87 -40.45
N ILE B 85 -17.57 -18.61 -41.20
CA ILE B 85 -17.06 -18.13 -42.49
C ILE B 85 -18.22 -18.04 -43.47
N LYS B 86 -18.29 -16.93 -44.19
CA LYS B 86 -19.34 -16.74 -45.19
C LYS B 86 -19.20 -17.78 -46.30
N GLY B 87 -20.34 -18.27 -46.77
CA GLY B 87 -20.34 -19.25 -47.84
C GLY B 87 -20.08 -20.67 -47.41
N ILE B 88 -19.97 -20.93 -46.11
CA ILE B 88 -19.69 -22.27 -45.59
C ILE B 88 -20.95 -22.76 -44.88
N SER B 89 -21.50 -23.87 -45.38
CA SER B 89 -22.67 -24.46 -44.75
C SER B 89 -22.26 -25.35 -43.57
N GLU B 90 -23.22 -25.63 -42.70
CA GLU B 90 -22.94 -26.47 -41.53
C GLU B 90 -22.57 -27.89 -41.95
N ALA B 91 -23.31 -28.45 -42.91
CA ALA B 91 -23.02 -29.81 -43.35
C ALA B 91 -21.67 -29.90 -44.06
N LYS B 92 -21.38 -28.94 -44.93
CA LYS B 92 -20.08 -28.91 -45.58
C LYS B 92 -18.96 -28.70 -44.56
N ALA B 93 -19.22 -27.90 -43.53
CA ALA B 93 -18.23 -27.74 -42.46
C ALA B 93 -18.00 -29.04 -41.72
N ASP B 94 -19.06 -29.79 -41.44
CA ASP B 94 -18.88 -31.09 -40.80
C ASP B 94 -18.08 -32.02 -41.70
N LYS B 95 -18.34 -31.96 -43.02
CA LYS B 95 -17.63 -32.84 -43.94
C LYS B 95 -16.13 -32.50 -43.98
N ILE B 96 -15.79 -31.22 -44.10
CA ILE B 96 -14.37 -30.91 -44.21
C ILE B 96 -13.69 -31.08 -42.85
N LEU B 97 -14.45 -30.95 -41.76
CA LEU B 97 -13.88 -31.22 -40.43
C LEU B 97 -13.54 -32.68 -40.27
N THR B 98 -14.47 -33.57 -40.64
CA THR B 98 -14.18 -35.00 -40.56
C THR B 98 -13.04 -35.39 -41.49
N GLU B 99 -13.01 -34.79 -42.69
CA GLU B 99 -11.91 -35.07 -43.62
C GLU B 99 -10.57 -34.65 -43.04
N ALA B 100 -10.47 -33.42 -42.53
CA ALA B 100 -9.21 -32.93 -41.97
C ALA B 100 -8.83 -33.74 -40.75
N ALA B 101 -9.80 -34.15 -39.94
CA ALA B 101 -9.51 -34.96 -38.77
C ALA B 101 -8.96 -36.33 -39.17
N LYS B 102 -9.61 -37.03 -40.10
CA LYS B 102 -9.10 -38.32 -40.51
C LYS B 102 -7.81 -38.22 -41.31
N LEU B 103 -7.48 -37.01 -41.79
CA LEU B 103 -6.18 -36.81 -42.43
C LEU B 103 -5.04 -37.02 -41.43
N VAL B 104 -5.17 -36.49 -40.22
CA VAL B 104 -4.13 -36.57 -39.20
C VAL B 104 -4.53 -37.64 -38.19
N PRO B 105 -3.63 -38.06 -37.28
CA PRO B 105 -4.05 -39.01 -36.24
C PRO B 105 -5.11 -38.43 -35.31
N MET B 106 -4.83 -37.26 -34.74
CA MET B 106 -5.68 -36.53 -33.79
C MET B 106 -6.33 -37.44 -32.76
N GLY B 107 -5.67 -38.52 -32.40
CA GLY B 107 -6.32 -39.55 -31.60
C GLY B 107 -5.61 -39.88 -30.32
N PHE B 108 -5.55 -41.17 -30.00
CA PHE B 108 -4.91 -41.64 -28.78
C PHE B 108 -3.66 -42.41 -29.13
N THR B 109 -2.52 -41.95 -28.60
CA THR B 109 -1.24 -42.64 -28.76
C THR B 109 -0.66 -42.91 -27.39
N THR B 110 0.08 -44.00 -27.27
CA THR B 110 0.73 -44.33 -26.02
C THR B 110 1.86 -43.34 -25.74
N ALA B 111 2.11 -43.09 -24.46
CA ALA B 111 3.13 -42.13 -24.08
C ALA B 111 4.53 -42.56 -24.52
N THR B 112 4.73 -43.86 -24.76
CA THR B 112 5.99 -44.30 -25.33
C THR B 112 6.19 -43.71 -26.72
N GLU B 113 5.13 -43.67 -27.53
CA GLU B 113 5.22 -43.01 -28.83
C GLU B 113 5.52 -41.53 -28.67
N PHE B 114 4.98 -40.91 -27.61
CA PHE B 114 5.29 -39.51 -27.34
C PHE B 114 6.75 -39.32 -27.02
N HIS B 115 7.34 -40.23 -26.24
CA HIS B 115 8.78 -40.17 -26.00
C HIS B 115 9.56 -40.38 -27.29
N GLN B 116 9.13 -41.31 -28.13
CA GLN B 116 9.77 -41.49 -29.43
C GLN B 116 9.71 -40.20 -30.25
N ARG B 117 8.65 -39.41 -30.09
CA ARG B 117 8.59 -38.08 -30.66
C ARG B 117 9.45 -37.06 -29.90
N ARG B 118 9.58 -37.23 -28.58
CA ARG B 118 10.34 -36.33 -27.73
C ARG B 118 11.85 -36.44 -27.92
N SER B 119 12.36 -37.61 -28.32
CA SER B 119 13.80 -37.80 -28.40
C SER B 119 14.45 -36.86 -29.42
N GLU B 120 13.68 -36.34 -30.38
CA GLU B 120 14.21 -35.45 -31.41
C GLU B 120 13.70 -34.03 -31.25
N ILE B 121 13.61 -33.53 -30.01
CA ILE B 121 13.18 -32.17 -29.78
C ILE B 121 14.28 -31.21 -30.22
N ILE B 122 13.98 -30.38 -31.22
CA ILE B 122 14.97 -29.50 -31.83
C ILE B 122 15.01 -28.24 -31.00
N GLN B 123 15.78 -28.29 -29.91
CA GLN B 123 15.96 -27.15 -29.02
C GLN B 123 17.08 -26.28 -29.56
N ILE B 124 16.92 -24.96 -29.45
CA ILE B 124 17.96 -24.06 -29.92
C ILE B 124 19.20 -24.20 -29.04
N THR B 125 20.33 -23.75 -29.57
CA THR B 125 21.61 -23.84 -28.88
C THR B 125 21.87 -22.52 -28.17
N THR B 126 21.59 -22.49 -26.87
CA THR B 126 21.77 -21.27 -26.09
C THR B 126 23.27 -20.93 -25.96
N GLY B 127 23.55 -19.63 -25.92
CA GLY B 127 24.92 -19.16 -26.01
C GLY B 127 25.76 -19.37 -24.77
N SER B 128 25.13 -19.49 -23.61
CA SER B 128 25.87 -19.61 -22.35
C SER B 128 25.84 -21.04 -21.83
N LYS B 129 26.98 -21.51 -21.34
CA LYS B 129 27.10 -22.90 -20.89
C LYS B 129 26.26 -23.15 -19.65
N GLU B 130 26.38 -22.28 -18.64
CA GLU B 130 25.50 -22.39 -17.48
C GLU B 130 24.03 -22.26 -17.88
N LEU B 131 23.75 -21.45 -18.90
CA LEU B 131 22.40 -21.38 -19.43
C LEU B 131 21.98 -22.70 -20.06
N ASP B 132 22.88 -23.39 -20.75
CA ASP B 132 22.58 -24.74 -21.19
C ASP B 132 22.36 -25.67 -20.00
N LYS B 133 22.93 -25.33 -18.85
CA LYS B 133 22.74 -26.17 -17.67
C LYS B 133 21.51 -25.76 -16.87
N LEU B 134 20.85 -24.67 -17.26
CA LEU B 134 19.59 -24.33 -16.61
C LEU B 134 18.40 -24.41 -17.56
N LEU B 135 18.51 -23.78 -18.73
CA LEU B 135 17.51 -24.00 -19.77
C LEU B 135 17.52 -25.44 -20.26
N GLN B 136 18.58 -26.19 -19.97
CA GLN B 136 18.68 -27.62 -20.22
C GLN B 136 18.46 -27.94 -21.70
N GLY B 137 19.42 -27.46 -22.50
CA GLY B 137 19.42 -27.70 -23.93
C GLY B 137 18.94 -26.55 -24.76
N GLY B 138 18.66 -25.40 -24.16
CA GLY B 138 18.17 -24.26 -24.90
C GLY B 138 16.69 -24.05 -24.70
N ILE B 139 15.96 -23.97 -25.80
CA ILE B 139 14.54 -23.60 -25.80
C ILE B 139 13.75 -24.70 -26.49
N GLU B 140 12.68 -25.17 -25.84
CA GLU B 140 11.90 -26.31 -26.30
C GLU B 140 11.33 -26.06 -27.69
N THR B 141 10.82 -27.13 -28.29
CA THR B 141 10.23 -27.06 -29.63
C THR B 141 8.73 -26.78 -29.58
N GLY B 142 8.00 -27.54 -28.77
CA GLY B 142 6.61 -27.19 -28.54
C GLY B 142 6.45 -26.40 -27.27
N SER B 143 6.41 -25.08 -27.38
CA SER B 143 6.45 -24.22 -26.20
C SER B 143 6.24 -22.77 -26.64
N ILE B 144 6.14 -21.89 -25.64
CA ILE B 144 6.15 -20.44 -25.82
C ILE B 144 6.95 -19.86 -24.67
N THR B 145 8.11 -19.29 -24.98
CA THR B 145 9.00 -18.76 -23.95
C THR B 145 8.66 -17.31 -23.65
N GLU B 146 8.58 -16.97 -22.37
CA GLU B 146 8.27 -15.61 -21.92
C GLU B 146 9.38 -15.16 -20.99
N MET B 147 10.42 -14.56 -21.55
CA MET B 147 11.57 -14.07 -20.81
C MET B 147 11.35 -12.58 -20.58
N PHE B 148 11.23 -12.15 -19.33
CA PHE B 148 10.80 -10.79 -19.07
C PHE B 148 11.66 -10.08 -18.03
N GLY B 149 11.38 -8.80 -17.85
CA GLY B 149 12.06 -8.03 -16.83
C GLY B 149 11.96 -6.55 -17.13
N GLU B 150 12.49 -5.76 -16.19
CA GLU B 150 12.42 -4.31 -16.23
C GLU B 150 13.31 -3.77 -17.34
N PHE B 151 13.41 -2.45 -17.44
CA PHE B 151 14.35 -1.82 -18.37
C PHE B 151 15.79 -2.19 -18.02
N ARG B 152 16.63 -2.26 -19.04
CA ARG B 152 18.06 -2.55 -18.87
C ARG B 152 18.23 -3.88 -18.14
N THR B 153 17.59 -4.91 -18.71
CA THR B 153 17.66 -6.25 -18.12
C THR B 153 17.96 -7.31 -19.18
N GLY B 154 18.46 -6.93 -20.34
CA GLY B 154 18.87 -7.90 -21.32
C GLY B 154 17.74 -8.78 -21.81
N LYS B 155 16.79 -8.20 -22.54
CA LYS B 155 15.72 -8.95 -23.17
C LYS B 155 15.68 -8.79 -24.67
N THR B 156 16.49 -7.88 -25.24
CA THR B 156 16.62 -7.77 -26.68
C THR B 156 17.83 -8.52 -27.22
N GLN B 157 18.93 -8.62 -26.45
CA GLN B 157 20.05 -9.45 -26.90
C GLN B 157 19.63 -10.90 -27.04
N ILE B 158 18.80 -11.39 -26.12
CA ILE B 158 18.36 -12.77 -26.27
C ILE B 158 17.55 -12.91 -27.54
N CYS B 159 16.77 -11.88 -27.89
CA CYS B 159 16.00 -11.95 -29.13
C CYS B 159 16.91 -12.06 -30.34
N HIS B 160 17.94 -11.21 -30.44
CA HIS B 160 18.78 -11.23 -31.63
C HIS B 160 19.71 -12.44 -31.68
N THR B 161 20.24 -12.87 -30.53
CA THR B 161 21.06 -14.07 -30.53
C THR B 161 20.25 -15.31 -30.83
N LEU B 162 19.00 -15.39 -30.32
CA LEU B 162 18.15 -16.51 -30.64
C LEU B 162 17.69 -16.44 -32.09
N ALA B 163 17.65 -15.25 -32.67
CA ALA B 163 17.37 -15.12 -34.10
C ALA B 163 18.53 -15.66 -34.92
N VAL B 164 19.75 -15.30 -34.56
CA VAL B 164 20.91 -15.75 -35.34
C VAL B 164 21.10 -17.25 -35.21
N THR B 165 21.00 -17.79 -33.99
CA THR B 165 21.32 -19.19 -33.78
C THR B 165 20.26 -20.09 -34.43
N CYS B 166 20.65 -21.36 -34.59
CA CYS B 166 19.92 -22.44 -35.25
C CYS B 166 19.76 -22.23 -36.75
N GLN B 167 20.24 -21.11 -37.30
CA GLN B 167 20.44 -21.02 -38.73
C GLN B 167 21.67 -21.79 -39.19
N LEU B 168 22.44 -22.33 -38.25
CA LEU B 168 23.69 -23.01 -38.52
C LEU B 168 23.73 -24.36 -37.82
N PRO B 169 24.39 -25.35 -38.42
CA PRO B 169 24.50 -26.69 -37.80
C PRO B 169 25.71 -26.83 -36.88
N ILE B 170 25.88 -25.88 -35.95
CA ILE B 170 26.96 -25.92 -35.00
C ILE B 170 26.40 -26.28 -33.62
N ASP B 171 27.30 -26.59 -32.69
CA ASP B 171 26.94 -27.06 -31.35
C ASP B 171 26.12 -28.35 -31.43
N ARG B 172 26.42 -29.18 -32.44
CA ARG B 172 25.66 -30.39 -32.74
C ARG B 172 24.19 -30.12 -32.98
N GLY B 173 23.83 -28.87 -33.27
CA GLY B 173 22.46 -28.51 -33.50
C GLY B 173 22.08 -28.56 -34.96
N GLY B 174 21.43 -29.65 -35.37
CA GLY B 174 20.95 -29.78 -36.73
C GLY B 174 19.68 -28.97 -36.95
N GLY B 175 19.07 -29.19 -38.10
CA GLY B 175 17.87 -28.45 -38.44
C GLY B 175 18.18 -27.02 -38.82
N GLU B 176 18.84 -26.83 -39.96
CA GLU B 176 19.19 -25.50 -40.42
C GLU B 176 17.93 -24.70 -40.70
N GLY B 177 17.62 -23.75 -39.83
CA GLY B 177 16.39 -23.00 -39.93
C GLY B 177 16.60 -21.51 -40.10
N LYS B 178 15.60 -20.72 -39.73
CA LYS B 178 15.62 -19.28 -39.93
C LYS B 178 15.12 -18.62 -38.64
N ALA B 179 14.86 -17.32 -38.74
CA ALA B 179 14.33 -16.54 -37.64
C ALA B 179 13.27 -15.59 -38.17
N MET B 180 12.40 -15.13 -37.28
CA MET B 180 11.30 -14.25 -37.65
C MET B 180 11.20 -13.16 -36.58
N TYR B 181 11.87 -12.04 -36.82
CA TYR B 181 11.90 -10.94 -35.86
C TYR B 181 10.70 -10.04 -36.11
N ILE B 182 9.68 -10.18 -35.27
CA ILE B 182 8.40 -9.47 -35.43
C ILE B 182 8.35 -8.47 -34.28
N ASP B 183 8.79 -7.26 -34.55
CA ASP B 183 9.06 -6.27 -33.50
C ASP B 183 8.05 -5.14 -33.55
N THR B 184 7.74 -4.59 -32.38
CA THR B 184 6.77 -3.51 -32.30
C THR B 184 7.33 -2.32 -31.52
N GLU B 185 8.24 -2.59 -30.59
CA GLU B 185 8.80 -1.56 -29.74
C GLU B 185 9.84 -0.70 -30.45
N GLY B 186 10.66 -1.31 -31.31
CA GLY B 186 11.70 -0.58 -32.00
C GLY B 186 13.09 -1.08 -31.67
N THR B 187 13.18 -2.37 -31.31
CA THR B 187 14.43 -3.00 -30.94
C THR B 187 14.95 -3.95 -32.01
N PHE B 188 14.63 -3.68 -33.28
CA PHE B 188 15.08 -4.57 -34.35
C PHE B 188 16.57 -4.40 -34.60
N ARG B 189 16.98 -3.21 -35.05
CA ARG B 189 18.38 -2.86 -35.26
C ARG B 189 19.09 -3.88 -36.15
N PRO B 190 18.83 -3.91 -37.47
CA PRO B 190 19.50 -4.84 -38.38
C PRO B 190 20.91 -4.43 -38.77
N GLU B 191 21.67 -4.00 -37.79
CA GLU B 191 23.11 -3.83 -37.91
C GLU B 191 23.85 -4.52 -36.77
N ARG B 192 23.27 -4.51 -35.56
CA ARG B 192 23.74 -5.40 -34.52
C ARG B 192 23.36 -6.83 -34.84
N LEU B 193 22.38 -7.01 -35.72
CA LEU B 193 22.02 -8.35 -36.17
C LEU B 193 23.09 -8.95 -37.07
N LEU B 194 23.54 -8.19 -38.07
CA LEU B 194 24.52 -8.73 -39.02
C LEU B 194 25.92 -8.73 -38.43
N ALA B 195 26.25 -7.73 -37.62
CA ALA B 195 27.59 -7.60 -37.05
C ALA B 195 27.77 -8.44 -35.80
N VAL B 196 26.93 -9.45 -35.60
CA VAL B 196 27.06 -10.28 -34.41
C VAL B 196 27.38 -11.73 -34.73
N ALA B 197 27.35 -12.11 -36.01
CA ALA B 197 27.68 -13.47 -36.42
C ALA B 197 29.20 -13.65 -36.49
N GLU B 198 29.85 -13.41 -35.35
CA GLU B 198 31.29 -13.50 -35.21
C GLU B 198 31.72 -14.69 -34.35
N ARG B 199 31.18 -14.80 -33.13
CA ARG B 199 31.37 -16.03 -32.38
C ARG B 199 30.81 -17.21 -33.14
N TYR B 200 29.69 -16.99 -33.85
CA TYR B 200 29.16 -18.00 -34.75
C TYR B 200 29.95 -18.05 -36.05
N GLY B 201 30.48 -16.90 -36.49
CA GLY B 201 31.34 -16.85 -37.66
C GLY B 201 30.66 -17.32 -38.93
N LEU B 202 29.46 -16.82 -39.21
CA LEU B 202 28.67 -17.32 -40.33
C LEU B 202 28.47 -16.24 -41.40
N SER B 203 29.56 -15.55 -41.74
CA SER B 203 29.65 -14.60 -42.86
C SER B 203 28.59 -13.51 -42.67
N GLY B 204 27.98 -12.99 -43.74
CA GLY B 204 27.06 -11.88 -43.59
C GLY B 204 26.09 -11.80 -44.74
N SER B 205 24.96 -11.15 -44.46
CA SER B 205 23.87 -10.85 -45.38
C SER B 205 23.06 -12.09 -45.72
N ASP B 206 23.56 -13.28 -45.38
CA ASP B 206 22.75 -14.48 -45.53
C ASP B 206 21.83 -14.65 -44.33
N VAL B 207 22.32 -14.26 -43.14
CA VAL B 207 21.43 -14.08 -42.00
C VAL B 207 20.46 -12.93 -42.27
N LEU B 208 20.94 -11.89 -42.93
CA LEU B 208 20.09 -10.74 -43.22
C LEU B 208 18.91 -11.11 -44.10
N ASP B 209 19.15 -11.92 -45.13
CA ASP B 209 18.05 -12.40 -45.95
C ASP B 209 17.42 -13.68 -45.39
N ASN B 210 17.95 -14.21 -44.29
CA ASN B 210 17.42 -15.41 -43.66
C ASN B 210 16.51 -15.10 -42.46
N VAL B 211 16.15 -13.84 -42.24
CA VAL B 211 15.26 -13.45 -41.17
C VAL B 211 14.13 -12.60 -41.74
N ALA B 212 12.91 -12.96 -41.42
CA ALA B 212 11.74 -12.20 -41.85
C ALA B 212 11.31 -11.25 -40.74
N TYR B 213 11.03 -10.00 -41.11
CA TYR B 213 10.78 -8.94 -40.16
C TYR B 213 9.49 -8.22 -40.51
N ALA B 214 8.64 -8.01 -39.50
CA ALA B 214 7.44 -7.20 -39.62
C ALA B 214 7.32 -6.34 -38.37
N ARG B 215 6.97 -5.08 -38.55
CA ARG B 215 6.89 -4.12 -37.45
C ARG B 215 5.45 -3.66 -37.29
N GLY B 216 4.69 -4.38 -36.46
CA GLY B 216 3.37 -3.93 -36.10
C GLY B 216 3.42 -2.74 -35.16
N PHE B 217 2.28 -2.09 -34.99
CA PHE B 217 2.22 -0.95 -34.07
C PHE B 217 1.04 -1.06 -33.13
N ASN B 218 0.00 -1.77 -33.55
CA ASN B 218 -1.19 -2.01 -32.74
C ASN B 218 -1.41 -3.50 -32.55
N THR B 219 -2.18 -3.83 -31.51
CA THR B 219 -2.41 -5.25 -31.21
C THR B 219 -3.09 -5.95 -32.37
N ASP B 220 -3.86 -5.23 -33.17
CA ASP B 220 -4.48 -5.84 -34.34
C ASP B 220 -3.41 -6.33 -35.30
N HIS B 221 -2.34 -5.54 -35.51
CA HIS B 221 -1.32 -5.93 -36.46
C HIS B 221 -0.58 -7.18 -36.00
N GLN B 222 -0.23 -7.26 -34.72
CA GLN B 222 0.57 -8.39 -34.26
C GLN B 222 -0.16 -9.71 -34.45
N THR B 223 -1.47 -9.73 -34.21
CA THR B 223 -2.25 -10.94 -34.43
C THR B 223 -2.48 -11.17 -35.92
N GLN B 224 -2.77 -10.11 -36.68
CA GLN B 224 -3.11 -10.28 -38.09
C GLN B 224 -1.90 -10.70 -38.92
N LEU B 225 -0.68 -10.42 -38.46
CA LEU B 225 0.49 -10.81 -39.23
C LEU B 225 0.88 -12.26 -38.98
N LEU B 226 0.33 -12.90 -37.95
CA LEU B 226 0.63 -14.32 -37.74
C LEU B 226 0.12 -15.17 -38.89
N TYR B 227 -1.01 -14.80 -39.48
CA TYR B 227 -1.51 -15.50 -40.65
C TYR B 227 -0.52 -15.41 -41.81
N GLN B 228 0.00 -14.21 -42.06
CA GLN B 228 0.98 -14.07 -43.12
C GLN B 228 2.28 -14.80 -42.79
N ALA B 229 2.66 -14.81 -41.51
CA ALA B 229 3.85 -15.55 -41.10
C ALA B 229 3.71 -17.02 -41.43
N GLU B 230 2.60 -17.64 -41.00
CA GLU B 230 2.40 -19.07 -41.27
C GLU B 230 2.28 -19.33 -42.77
N ASP B 231 1.57 -18.48 -43.51
CA ASP B 231 1.46 -18.66 -44.95
C ASP B 231 2.83 -18.52 -45.61
N MET B 232 3.74 -17.77 -45.00
CA MET B 232 5.07 -17.59 -45.57
C MET B 232 5.98 -18.78 -45.30
N MET B 233 6.07 -19.27 -44.07
CA MET B 233 7.03 -20.33 -43.82
C MET B 233 6.39 -21.72 -43.77
N VAL B 234 5.15 -21.84 -44.27
CA VAL B 234 4.56 -23.17 -44.44
C VAL B 234 5.41 -24.03 -45.37
N GLU B 235 6.20 -23.41 -46.25
CA GLU B 235 7.05 -24.15 -47.17
C GLU B 235 8.53 -24.08 -46.80
N SER B 236 8.93 -23.18 -45.91
CA SER B 236 10.32 -23.02 -45.51
C SER B 236 10.49 -23.37 -44.05
N ARG B 237 11.52 -24.15 -43.74
CA ARG B 237 11.75 -24.65 -42.39
C ARG B 237 12.18 -23.51 -41.49
N TYR B 238 11.38 -23.21 -40.47
CA TYR B 238 11.72 -22.24 -39.44
C TYR B 238 11.90 -22.94 -38.10
N ALA B 239 12.87 -22.46 -37.33
CA ALA B 239 13.17 -23.02 -36.02
C ALA B 239 12.80 -22.09 -34.88
N LEU B 240 12.27 -20.91 -35.16
CA LEU B 240 12.03 -19.91 -34.13
C LEU B 240 11.22 -18.75 -34.72
N LEU B 241 10.36 -18.18 -33.89
CA LEU B 241 9.61 -16.98 -34.25
C LEU B 241 9.60 -16.04 -33.05
N ILE B 242 10.21 -14.87 -33.22
CA ILE B 242 10.35 -13.88 -32.16
C ILE B 242 9.32 -12.78 -32.38
N VAL B 243 8.43 -12.59 -31.41
CA VAL B 243 7.59 -11.39 -31.35
C VAL B 243 7.96 -10.68 -30.06
N ASP B 244 8.61 -9.53 -30.23
CA ASP B 244 9.28 -8.88 -29.12
C ASP B 244 8.42 -7.75 -28.58
N SER B 245 8.19 -7.77 -27.27
CA SER B 245 7.24 -6.88 -26.62
C SER B 245 5.88 -6.97 -27.30
N ALA B 246 5.40 -8.20 -27.45
CA ALA B 246 4.05 -8.42 -27.97
C ALA B 246 3.00 -7.88 -27.01
N THR B 247 3.31 -7.88 -25.72
CA THR B 247 2.42 -7.33 -24.71
C THR B 247 2.69 -5.87 -24.43
N ALA B 248 3.66 -5.26 -25.13
CA ALA B 248 3.82 -3.81 -25.06
C ALA B 248 2.69 -3.09 -25.78
N LEU B 249 2.15 -3.71 -26.82
CA LEU B 249 1.03 -3.13 -27.54
C LEU B 249 -0.24 -3.11 -26.69
N TYR B 250 -0.43 -4.09 -25.83
CA TYR B 250 -1.61 -4.09 -24.96
C TYR B 250 -1.40 -3.19 -23.75
N ARG B 251 -0.94 -1.97 -23.99
CA ARG B 251 -0.76 -1.01 -22.91
C ARG B 251 -1.28 0.37 -23.23
N THR B 252 -1.31 0.77 -24.50
CA THR B 252 -1.88 2.06 -24.89
C THR B 252 -2.99 1.82 -25.90
N ASP B 253 -2.90 0.71 -26.63
CA ASP B 253 -3.85 0.44 -27.70
C ASP B 253 -5.25 0.26 -27.14
N TYR B 254 -5.39 -0.53 -26.08
CA TYR B 254 -6.65 -0.71 -25.37
C TYR B 254 -6.44 -0.20 -23.94
N SER B 255 -6.62 1.09 -23.76
CA SER B 255 -6.15 1.80 -22.58
C SER B 255 -7.28 2.03 -21.59
N GLY B 256 -7.06 1.61 -20.35
CA GLY B 256 -7.98 1.90 -19.26
C GLY B 256 -8.79 0.70 -18.86
N ARG B 257 -9.43 0.81 -17.70
CA ARG B 257 -10.47 -0.11 -17.31
C ARG B 257 -11.76 0.23 -18.05
N GLY B 258 -12.57 -0.78 -18.33
CA GLY B 258 -13.71 -0.62 -19.18
C GLY B 258 -13.40 -0.84 -20.64
N GLU B 259 -12.12 -0.81 -21.02
CA GLU B 259 -11.65 -1.31 -22.30
C GLU B 259 -10.74 -2.52 -22.11
N LEU B 260 -10.73 -3.08 -20.90
CA LEU B 260 -9.81 -4.16 -20.55
C LEU B 260 -10.25 -5.51 -21.11
N SER B 261 -11.56 -5.78 -21.09
CA SER B 261 -12.05 -7.09 -21.48
C SER B 261 -11.75 -7.38 -22.95
N ALA B 262 -11.95 -6.40 -23.81
CA ALA B 262 -11.61 -6.59 -25.22
C ALA B 262 -10.12 -6.86 -25.38
N ARG B 263 -9.29 -6.14 -24.62
CA ARG B 263 -7.84 -6.32 -24.74
C ARG B 263 -7.43 -7.72 -24.30
N GLN B 264 -7.99 -8.23 -23.22
CA GLN B 264 -7.60 -9.54 -22.75
C GLN B 264 -8.15 -10.64 -23.66
N MET B 265 -9.33 -10.43 -24.25
CA MET B 265 -9.81 -11.38 -25.24
C MET B 265 -8.89 -11.42 -26.44
N HIS B 266 -8.47 -10.25 -26.92
CA HIS B 266 -7.58 -10.20 -28.08
C HIS B 266 -6.27 -10.92 -27.78
N LEU B 267 -5.71 -10.70 -26.60
CA LEU B 267 -4.47 -11.36 -26.23
C LEU B 267 -4.67 -12.87 -26.07
N ALA B 268 -5.82 -13.30 -25.56
CA ALA B 268 -6.08 -14.73 -25.46
C ALA B 268 -6.10 -15.37 -26.83
N ARG B 269 -6.76 -14.74 -27.80
CA ARG B 269 -6.75 -15.29 -29.16
C ARG B 269 -5.35 -15.30 -29.74
N PHE B 270 -4.58 -14.25 -29.49
CA PHE B 270 -3.21 -14.18 -30.00
C PHE B 270 -2.36 -15.31 -29.44
N LEU B 271 -2.46 -15.59 -28.14
CA LEU B 271 -1.68 -16.66 -27.55
C LEU B 271 -2.16 -18.04 -27.98
N ARG B 272 -3.47 -18.24 -28.10
CA ARG B 272 -3.95 -19.52 -28.60
C ARG B 272 -3.50 -19.76 -30.03
N MET B 273 -3.41 -18.70 -30.82
CA MET B 273 -2.90 -18.84 -32.18
C MET B 273 -1.42 -19.21 -32.17
N LEU B 274 -0.67 -18.64 -31.22
CA LEU B 274 0.72 -19.07 -31.01
C LEU B 274 0.78 -20.56 -30.67
N LEU B 275 -0.09 -21.01 -29.78
CA LEU B 275 -0.14 -22.42 -29.40
C LEU B 275 -0.35 -23.30 -30.63
N ARG B 276 -1.32 -22.92 -31.48
CA ARG B 276 -1.59 -23.70 -32.67
C ARG B 276 -0.39 -23.73 -33.61
N LEU B 277 0.28 -22.57 -33.78
CA LEU B 277 1.44 -22.54 -34.65
C LEU B 277 2.55 -23.46 -34.13
N ALA B 278 2.80 -23.41 -32.82
CA ALA B 278 3.86 -24.24 -32.25
C ALA B 278 3.52 -25.71 -32.36
N ASP B 279 2.29 -26.09 -32.06
CA ASP B 279 1.89 -27.49 -32.17
C ASP B 279 1.79 -27.97 -33.60
N GLU B 280 1.74 -27.05 -34.57
CA GLU B 280 1.67 -27.43 -35.98
C GLU B 280 3.06 -27.55 -36.60
N PHE B 281 3.82 -26.45 -36.61
CA PHE B 281 5.13 -26.42 -37.26
C PHE B 281 6.26 -26.87 -36.36
N GLY B 282 6.02 -27.01 -35.06
CA GLY B 282 7.07 -27.39 -34.13
C GLY B 282 8.23 -26.41 -34.13
N VAL B 283 7.97 -25.18 -33.71
CA VAL B 283 9.00 -24.14 -33.66
C VAL B 283 9.01 -23.52 -32.28
N ALA B 284 10.15 -22.95 -31.91
CA ALA B 284 10.32 -22.31 -30.60
C ALA B 284 9.94 -20.84 -30.73
N VAL B 285 8.70 -20.53 -30.38
CA VAL B 285 8.19 -19.17 -30.48
C VAL B 285 8.45 -18.44 -29.17
N VAL B 286 8.94 -17.21 -29.28
CA VAL B 286 9.49 -16.47 -28.15
C VAL B 286 8.76 -15.15 -28.00
N ILE B 287 8.34 -14.85 -26.77
CA ILE B 287 7.79 -13.55 -26.41
C ILE B 287 8.56 -13.02 -25.22
N THR B 288 8.78 -11.70 -25.20
CA THR B 288 9.35 -11.02 -24.06
C THR B 288 8.30 -10.06 -23.49
N ASN B 289 8.24 -9.99 -22.18
CA ASN B 289 7.14 -9.32 -21.50
C ASN B 289 7.64 -8.08 -20.80
N GLN B 290 6.89 -6.99 -20.92
CA GLN B 290 7.18 -5.78 -20.17
C GLN B 290 6.85 -6.00 -18.69
N VAL B 291 7.03 -4.95 -17.90
CA VAL B 291 6.71 -5.00 -16.49
C VAL B 291 5.75 -3.87 -16.16
N VAL B 292 4.98 -4.05 -15.12
CA VAL B 292 4.18 -2.98 -14.54
C VAL B 292 4.43 -2.97 -13.05
N ALA B 293 4.55 -1.77 -12.48
CA ALA B 293 4.77 -1.66 -11.05
C ALA B 293 3.56 -2.16 -10.28
N GLN B 294 3.74 -2.33 -8.98
CA GLN B 294 2.65 -2.65 -8.07
C GLN B 294 2.66 -1.55 -7.02
N VAL B 295 1.79 -0.56 -7.19
CA VAL B 295 1.82 0.66 -6.41
C VAL B 295 0.96 0.48 -5.17
N ASP B 296 0.58 -0.77 -4.90
CA ASP B 296 -0.24 -1.05 -3.73
C ASP B 296 0.55 -1.02 -2.43
N GLY B 297 1.86 -1.30 -2.49
CA GLY B 297 2.69 -1.27 -1.30
C GLY B 297 2.58 -2.47 -0.40
N ALA B 298 2.00 -3.57 -0.88
CA ALA B 298 1.80 -4.75 -0.05
C ALA B 298 2.17 -6.00 -0.85
N ALA B 299 2.51 -7.06 -0.11
CA ALA B 299 2.83 -8.37 -0.68
C ALA B 299 4.05 -8.30 -1.59
N MET B 300 5.00 -7.44 -1.25
CA MET B 300 6.31 -7.47 -1.88
C MET B 300 7.48 -7.57 -0.90
N PHE B 301 7.33 -7.08 0.33
CA PHE B 301 8.37 -7.11 1.35
C PHE B 301 9.74 -6.78 0.77
N ALA B 302 9.80 -5.64 0.07
CA ALA B 302 11.03 -5.15 -0.56
C ALA B 302 11.62 -6.19 -1.51
N ALA B 303 10.76 -6.84 -2.28
CA ALA B 303 11.17 -7.85 -3.23
C ALA B 303 10.19 -7.90 -4.39
N ASP B 304 10.70 -7.88 -5.61
CA ASP B 304 9.90 -7.96 -6.83
C ASP B 304 8.80 -6.90 -6.83
N PRO B 305 9.14 -5.62 -6.94
CA PRO B 305 8.09 -4.60 -7.05
C PRO B 305 7.64 -4.41 -8.48
N LYS B 306 7.40 -5.52 -9.19
CA LYS B 306 6.98 -5.46 -10.58
C LYS B 306 6.44 -6.79 -11.07
N LYS B 307 5.27 -6.76 -11.68
CA LYS B 307 4.52 -7.85 -12.28
C LYS B 307 4.62 -7.77 -13.80
N PRO B 308 4.51 -8.89 -14.50
CA PRO B 308 4.52 -8.84 -15.95
C PRO B 308 3.19 -8.36 -16.51
N ILE B 309 3.26 -7.52 -17.54
CA ILE B 309 2.06 -6.98 -18.16
C ILE B 309 1.28 -8.11 -18.81
N GLY B 310 -0.03 -7.96 -18.88
CA GLY B 310 -0.85 -9.12 -19.13
C GLY B 310 -1.21 -9.81 -17.83
N GLY B 311 -2.38 -10.42 -17.82
CA GLY B 311 -2.90 -11.02 -16.61
C GLY B 311 -2.79 -12.52 -16.63
N ASN B 312 -3.86 -13.19 -16.16
CA ASN B 312 -3.94 -14.64 -16.23
C ASN B 312 -4.10 -15.12 -17.66
N ILE B 313 -4.38 -14.24 -18.61
CA ILE B 313 -4.46 -14.65 -20.01
C ILE B 313 -3.09 -15.09 -20.51
N ILE B 314 -2.04 -14.43 -20.04
CA ILE B 314 -0.69 -14.75 -20.49
C ILE B 314 0.04 -15.65 -19.51
N ALA B 315 -0.21 -15.51 -18.21
CA ALA B 315 0.50 -16.32 -17.22
C ALA B 315 0.28 -17.81 -17.45
N HIS B 316 -0.85 -18.18 -18.04
CA HIS B 316 -1.18 -19.57 -18.27
C HIS B 316 -0.70 -20.08 -19.62
N ALA B 317 -0.97 -19.34 -20.69
CA ALA B 317 -0.58 -19.80 -22.02
C ALA B 317 0.88 -19.46 -22.30
N SER B 318 1.77 -19.84 -21.39
CA SER B 318 3.20 -19.68 -21.58
C SER B 318 3.87 -20.84 -20.87
N THR B 319 4.62 -21.64 -21.62
CA THR B 319 5.19 -22.86 -21.07
C THR B 319 6.23 -22.54 -20.00
N THR B 320 7.18 -21.67 -20.31
CA THR B 320 8.19 -21.24 -19.36
C THR B 320 8.27 -19.72 -19.35
N ARG B 321 8.57 -19.17 -18.17
CA ARG B 321 8.77 -17.74 -18.01
C ARG B 321 10.03 -17.51 -17.18
N LEU B 322 10.89 -16.62 -17.66
CA LEU B 322 12.19 -16.37 -17.04
C LEU B 322 12.24 -14.93 -16.54
N TYR B 323 12.16 -14.79 -15.22
CA TYR B 323 12.41 -13.51 -14.56
C TYR B 323 13.86 -13.10 -14.81
N LEU B 324 14.06 -11.82 -15.15
CA LEU B 324 15.39 -11.24 -15.27
C LEU B 324 15.50 -10.00 -14.39
N ARG B 325 16.61 -9.88 -13.66
CA ARG B 325 16.92 -8.67 -12.92
C ARG B 325 18.39 -8.31 -13.16
N LYS B 326 18.65 -7.02 -13.32
CA LYS B 326 20.00 -6.58 -13.67
C LYS B 326 20.87 -6.53 -12.43
N GLY B 327 22.05 -7.15 -12.52
CA GLY B 327 22.96 -7.22 -11.41
C GLY B 327 23.91 -6.03 -11.37
N ARG B 328 25.20 -6.28 -11.52
CA ARG B 328 26.19 -5.23 -11.41
C ARG B 328 26.99 -5.15 -12.71
N GLY B 329 27.27 -3.92 -13.15
CA GLY B 329 28.02 -3.71 -14.36
C GLY B 329 27.27 -4.20 -15.59
N GLU B 330 27.73 -5.29 -16.18
CA GLU B 330 27.08 -5.87 -17.36
C GLU B 330 26.63 -7.30 -17.13
N THR B 331 26.63 -7.77 -15.89
CA THR B 331 26.17 -9.12 -15.59
C THR B 331 24.70 -9.06 -15.17
N ARG B 332 23.83 -9.07 -16.18
CA ARG B 332 22.41 -9.24 -15.91
C ARG B 332 22.19 -10.63 -15.31
N ILE B 333 21.21 -10.75 -14.41
CA ILE B 333 20.95 -11.98 -13.70
C ILE B 333 19.69 -12.62 -14.28
N CYS B 334 19.37 -13.83 -13.81
CA CYS B 334 18.24 -14.57 -14.35
C CYS B 334 17.62 -15.40 -13.22
N LYS B 335 16.49 -16.03 -13.53
CA LYS B 335 15.77 -16.89 -12.60
C LYS B 335 14.69 -17.63 -13.37
N ILE B 336 14.32 -18.81 -12.89
CA ILE B 336 13.25 -19.61 -13.48
C ILE B 336 11.95 -19.24 -12.75
N TYR B 337 11.12 -18.40 -13.37
CA TYR B 337 9.82 -18.09 -12.79
C TYR B 337 8.92 -19.32 -12.80
N ASP B 338 8.78 -19.97 -13.97
CA ASP B 338 8.04 -21.22 -14.07
C ASP B 338 8.46 -21.95 -15.34
N SER B 339 8.21 -23.27 -15.34
CA SER B 339 8.42 -24.15 -16.48
C SER B 339 7.82 -25.50 -16.14
N PRO B 340 7.21 -26.23 -17.09
CA PRO B 340 6.55 -27.48 -16.71
C PRO B 340 7.50 -28.49 -16.10
N CYS B 341 8.75 -28.54 -16.56
CA CYS B 341 9.73 -29.51 -16.08
C CYS B 341 10.96 -28.88 -15.44
N LEU B 342 11.43 -27.75 -15.96
CA LEU B 342 12.69 -27.17 -15.47
C LEU B 342 12.57 -26.79 -14.00
N PRO B 343 13.56 -27.13 -13.17
CA PRO B 343 13.45 -26.84 -11.74
C PRO B 343 13.65 -25.37 -11.45
N GLU B 344 13.19 -24.96 -10.26
CA GLU B 344 13.41 -23.59 -9.82
C GLU B 344 14.88 -23.39 -9.54
N ALA B 345 15.49 -22.44 -10.25
CA ALA B 345 16.92 -22.22 -10.10
C ALA B 345 17.32 -20.83 -10.56
N GLU B 346 17.88 -20.04 -9.65
CA GLU B 346 18.49 -18.77 -9.99
C GLU B 346 19.83 -19.03 -10.67
N ALA B 347 20.21 -18.19 -11.62
CA ALA B 347 21.48 -18.35 -12.32
C ALA B 347 21.84 -17.03 -12.99
N MET B 348 22.99 -16.48 -12.62
CA MET B 348 23.46 -15.28 -13.27
C MET B 348 23.81 -15.56 -14.73
N PHE B 349 23.95 -14.48 -15.49
CA PHE B 349 24.58 -14.54 -16.81
C PHE B 349 25.23 -13.18 -17.05
N ALA B 350 25.57 -12.90 -18.30
CA ALA B 350 26.28 -11.67 -18.59
C ALA B 350 25.94 -11.20 -20.00
N ILE B 351 26.27 -9.95 -20.29
CA ILE B 351 26.08 -9.38 -21.60
C ILE B 351 27.34 -8.60 -21.97
N ASN B 352 27.58 -8.47 -23.27
CA ASN B 352 28.70 -7.74 -23.83
C ASN B 352 28.51 -7.67 -25.33
N ALA B 353 29.41 -6.99 -26.02
CA ALA B 353 29.36 -6.99 -27.47
C ALA B 353 29.55 -8.41 -28.00
N ASP B 354 28.80 -8.74 -29.05
CA ASP B 354 28.48 -10.05 -29.68
C ASP B 354 27.30 -10.74 -29.01
N GLY B 355 26.71 -10.16 -27.97
CA GLY B 355 25.51 -10.75 -27.40
C GLY B 355 25.74 -11.60 -26.17
N VAL B 356 24.97 -12.68 -26.05
CA VAL B 356 24.96 -13.48 -24.83
C VAL B 356 26.32 -14.11 -24.58
N GLY B 357 26.56 -14.50 -23.34
CA GLY B 357 27.82 -15.12 -22.96
C GLY B 357 27.85 -15.39 -21.47
N ASP B 358 29.01 -15.83 -21.02
CA ASP B 358 29.19 -16.21 -19.62
C ASP B 358 29.40 -14.97 -18.73
N PRO C 44 -19.46 -51.31 -17.52
CA PRO C 44 -18.60 -51.39 -18.71
C PRO C 44 -19.18 -52.32 -19.77
N GLN C 45 -20.43 -52.73 -19.59
CA GLN C 45 -21.07 -53.63 -20.53
C GLN C 45 -21.24 -52.93 -21.88
N PRO C 46 -20.82 -53.55 -22.98
CA PRO C 46 -20.85 -52.88 -24.28
C PRO C 46 -22.25 -52.85 -24.88
N ILE C 47 -22.36 -52.11 -25.99
CA ILE C 47 -23.60 -52.08 -26.76
C ILE C 47 -23.94 -53.46 -27.32
N SER C 48 -22.93 -54.23 -27.73
CA SER C 48 -23.19 -55.55 -28.32
C SER C 48 -23.88 -56.48 -27.33
N ARG C 49 -23.69 -56.28 -26.02
CA ARG C 49 -24.42 -57.08 -25.04
C ARG C 49 -25.91 -56.81 -25.11
N LEU C 50 -26.30 -55.61 -25.54
CA LEU C 50 -27.71 -55.31 -25.78
C LEU C 50 -28.24 -56.04 -27.01
N GLU C 51 -27.38 -56.22 -28.01
CA GLU C 51 -27.82 -56.78 -29.29
C GLU C 51 -28.36 -58.19 -29.13
N GLN C 52 -27.68 -59.02 -28.34
CA GLN C 52 -28.09 -60.41 -28.19
C GLN C 52 -29.36 -60.56 -27.37
N CYS C 53 -29.78 -59.51 -26.66
CA CYS C 53 -31.00 -59.54 -25.87
C CYS C 53 -32.16 -58.97 -26.68
N GLY C 54 -32.42 -59.61 -27.82
CA GLY C 54 -33.57 -59.24 -28.63
C GLY C 54 -33.51 -57.84 -29.21
N ILE C 55 -32.37 -57.46 -29.77
CA ILE C 55 -32.19 -56.14 -30.38
C ILE C 55 -31.68 -56.35 -31.80
N ASN C 56 -32.31 -55.69 -32.77
CA ASN C 56 -31.88 -55.77 -34.16
C ASN C 56 -30.53 -55.09 -34.35
N ALA C 57 -29.80 -55.54 -35.36
CA ALA C 57 -28.43 -55.09 -35.57
C ALA C 57 -28.37 -53.65 -36.06
N ASN C 58 -29.43 -53.17 -36.71
CA ASN C 58 -29.45 -51.82 -37.25
C ASN C 58 -29.35 -50.78 -36.13
N ASP C 59 -30.13 -50.97 -35.07
CA ASP C 59 -30.08 -50.03 -33.95
C ASP C 59 -28.71 -50.05 -33.30
N VAL C 60 -28.13 -51.24 -33.12
CA VAL C 60 -26.83 -51.35 -32.47
C VAL C 60 -25.74 -50.69 -33.30
N LYS C 61 -25.77 -50.91 -34.62
CA LYS C 61 -24.74 -50.31 -35.48
C LYS C 61 -24.91 -48.79 -35.54
N LYS C 62 -26.15 -48.31 -35.56
CA LYS C 62 -26.37 -46.87 -35.53
C LYS C 62 -25.89 -46.26 -34.22
N LEU C 63 -26.13 -46.95 -33.11
CA LEU C 63 -25.69 -46.49 -31.80
C LEU C 63 -24.16 -46.45 -31.72
N GLU C 64 -23.52 -47.50 -32.26
CA GLU C 64 -22.06 -47.56 -32.29
C GLU C 64 -21.47 -46.44 -33.13
N GLU C 65 -22.05 -46.19 -34.30
CA GLU C 65 -21.55 -45.13 -35.16
C GLU C 65 -21.77 -43.76 -34.53
N ALA C 66 -22.90 -43.57 -33.85
CA ALA C 66 -23.22 -42.29 -33.25
C ALA C 66 -22.36 -41.95 -32.04
N GLY C 67 -21.58 -42.91 -31.52
CA GLY C 67 -20.69 -42.66 -30.42
C GLY C 67 -21.12 -43.25 -29.09
N TYR C 68 -22.12 -44.13 -29.08
CA TYR C 68 -22.54 -44.80 -27.85
C TYR C 68 -21.94 -46.20 -27.84
N HIS C 69 -21.23 -46.50 -26.76
CA HIS C 69 -20.46 -47.74 -26.65
C HIS C 69 -20.84 -48.57 -25.43
N THR C 70 -21.57 -48.00 -24.48
CA THR C 70 -21.94 -48.70 -23.26
C THR C 70 -23.45 -48.67 -23.10
N VAL C 71 -24.04 -49.84 -22.83
CA VAL C 71 -25.48 -49.92 -22.62
C VAL C 71 -25.88 -49.10 -21.40
N GLU C 72 -25.01 -49.01 -20.40
CA GLU C 72 -25.26 -48.13 -19.27
C GLU C 72 -25.36 -46.67 -19.72
N ALA C 73 -24.55 -46.27 -20.69
CA ALA C 73 -24.63 -44.91 -21.20
C ALA C 73 -25.95 -44.65 -21.90
N VAL C 74 -26.46 -45.64 -22.64
CA VAL C 74 -27.79 -45.51 -23.25
C VAL C 74 -28.85 -45.40 -22.18
N ALA C 75 -28.77 -46.24 -21.15
CA ALA C 75 -29.69 -46.11 -20.01
C ALA C 75 -29.52 -44.79 -19.28
N TYR C 76 -28.38 -44.13 -19.46
CA TYR C 76 -28.10 -42.82 -18.89
C TYR C 76 -28.36 -41.69 -19.88
N ALA C 77 -29.01 -41.97 -21.01
CA ALA C 77 -29.14 -41.00 -22.08
C ALA C 77 -30.57 -40.49 -22.16
N PRO C 78 -30.78 -39.21 -22.49
CA PRO C 78 -32.15 -38.70 -22.65
C PRO C 78 -32.87 -39.39 -23.81
N LYS C 79 -34.19 -39.53 -23.66
CA LYS C 79 -34.98 -40.19 -24.69
C LYS C 79 -34.89 -39.44 -26.01
N LYS C 80 -35.01 -38.11 -25.96
CA LYS C 80 -35.00 -37.33 -27.19
C LYS C 80 -33.63 -37.34 -27.85
N GLU C 81 -32.56 -37.44 -27.06
CA GLU C 81 -31.22 -37.50 -27.62
C GLU C 81 -31.05 -38.75 -28.46
N LEU C 82 -31.45 -39.91 -27.91
CA LEU C 82 -31.43 -41.16 -28.65
C LEU C 82 -32.38 -41.15 -29.83
N ILE C 83 -33.54 -40.49 -29.68
CA ILE C 83 -34.49 -40.41 -30.78
C ILE C 83 -33.91 -39.62 -31.95
N ASN C 84 -33.20 -38.53 -31.66
CA ASN C 84 -32.71 -37.62 -32.69
C ASN C 84 -31.35 -38.08 -33.22
N ILE C 85 -31.36 -39.23 -33.88
CA ILE C 85 -30.14 -39.72 -34.51
C ILE C 85 -30.36 -39.95 -36.00
N LYS C 86 -31.20 -40.93 -36.35
CA LYS C 86 -31.44 -41.28 -37.74
C LYS C 86 -32.91 -41.17 -38.11
N GLY C 87 -33.78 -41.75 -37.29
CA GLY C 87 -35.19 -41.82 -37.60
C GLY C 87 -35.81 -43.15 -37.24
N ILE C 88 -35.03 -44.22 -37.32
CA ILE C 88 -35.50 -45.52 -36.89
C ILE C 88 -35.61 -45.57 -35.37
N SER C 89 -34.65 -44.97 -34.67
CA SER C 89 -34.66 -44.99 -33.21
C SER C 89 -35.78 -44.12 -32.65
N GLU C 90 -36.40 -43.29 -33.49
CA GLU C 90 -37.51 -42.46 -33.03
C GLU C 90 -38.68 -43.31 -32.56
N ALA C 91 -39.06 -44.31 -33.34
CA ALA C 91 -40.11 -45.24 -32.96
C ALA C 91 -39.57 -46.44 -32.19
N LYS C 92 -38.25 -46.61 -32.14
CA LYS C 92 -37.63 -47.73 -31.45
C LYS C 92 -37.20 -47.39 -30.02
N ALA C 93 -37.33 -46.14 -29.61
CA ALA C 93 -36.85 -45.73 -28.29
C ALA C 93 -37.65 -46.40 -27.19
N ASP C 94 -38.98 -46.46 -27.35
CA ASP C 94 -39.83 -47.00 -26.30
C ASP C 94 -39.54 -48.47 -26.02
N LYS C 95 -38.89 -49.15 -26.96
CA LYS C 95 -38.46 -50.53 -26.76
C LYS C 95 -37.02 -50.64 -26.32
N ILE C 96 -36.10 -49.91 -26.95
CA ILE C 96 -34.69 -50.02 -26.56
C ILE C 96 -34.42 -49.48 -25.17
N LEU C 97 -35.12 -48.43 -24.73
CA LEU C 97 -34.92 -47.93 -23.37
C LEU C 97 -35.34 -48.96 -22.33
N THR C 98 -36.47 -49.63 -22.54
CA THR C 98 -36.89 -50.68 -21.61
C THR C 98 -35.93 -51.87 -21.68
N GLU C 99 -35.45 -52.20 -22.88
CA GLU C 99 -34.51 -53.30 -23.02
C GLU C 99 -33.22 -53.01 -22.27
N ALA C 100 -32.79 -51.74 -22.27
CA ALA C 100 -31.58 -51.37 -21.53
C ALA C 100 -31.83 -51.31 -20.04
N ALA C 101 -33.02 -50.84 -19.63
CA ALA C 101 -33.30 -50.65 -18.21
C ALA C 101 -33.71 -51.93 -17.51
N LYS C 102 -34.06 -52.98 -18.26
CA LYS C 102 -34.44 -54.24 -17.63
C LYS C 102 -33.26 -54.87 -16.89
N LEU C 103 -32.03 -54.49 -17.24
CA LEU C 103 -30.83 -55.02 -16.59
C LEU C 103 -30.23 -54.02 -15.61
N VAL C 104 -30.03 -52.77 -16.05
CA VAL C 104 -29.39 -51.74 -15.23
C VAL C 104 -30.32 -51.34 -14.10
N PRO C 105 -29.84 -51.38 -12.85
CA PRO C 105 -30.71 -50.96 -11.73
C PRO C 105 -30.76 -49.45 -11.60
N MET C 106 -31.92 -48.85 -11.91
CA MET C 106 -32.09 -47.40 -11.92
C MET C 106 -33.40 -47.06 -11.23
N GLY C 107 -33.66 -47.72 -10.11
CA GLY C 107 -34.84 -47.45 -9.32
C GLY C 107 -34.52 -46.62 -8.09
N PHE C 108 -34.44 -47.27 -6.93
CA PHE C 108 -34.05 -46.62 -5.69
C PHE C 108 -32.80 -47.31 -5.16
N THR C 109 -31.63 -46.83 -5.58
CA THR C 109 -30.37 -47.27 -5.01
C THR C 109 -30.22 -46.60 -3.65
N THR C 110 -30.85 -47.22 -2.65
CA THR C 110 -30.96 -46.65 -1.31
C THR C 110 -29.59 -46.31 -0.76
N ALA C 111 -29.56 -45.38 0.21
CA ALA C 111 -28.29 -44.92 0.77
C ALA C 111 -27.50 -46.06 1.40
N THR C 112 -28.19 -47.13 1.82
CA THR C 112 -27.50 -48.32 2.30
C THR C 112 -26.63 -48.92 1.20
N GLU C 113 -27.19 -49.05 -0.01
CA GLU C 113 -26.42 -49.57 -1.13
C GLU C 113 -25.39 -48.56 -1.63
N PHE C 114 -25.74 -47.28 -1.61
CA PHE C 114 -24.83 -46.26 -2.10
C PHE C 114 -23.60 -46.14 -1.22
N HIS C 115 -23.79 -46.20 0.10
CA HIS C 115 -22.66 -46.21 1.02
C HIS C 115 -21.82 -47.47 0.81
N GLN C 116 -22.49 -48.61 0.61
CA GLN C 116 -21.75 -49.87 0.45
C GLN C 116 -20.91 -49.84 -0.81
N ARG C 117 -21.43 -49.26 -1.89
CA ARG C 117 -20.67 -49.16 -3.13
C ARG C 117 -19.68 -48.01 -3.07
N ARG C 118 -19.82 -47.14 -2.07
CA ARG C 118 -18.81 -46.11 -1.85
C ARG C 118 -17.52 -46.68 -1.29
N SER C 119 -17.56 -47.90 -0.75
CA SER C 119 -16.36 -48.51 -0.18
C SER C 119 -15.30 -48.77 -1.25
N GLU C 120 -15.70 -49.22 -2.43
CA GLU C 120 -14.74 -49.57 -3.47
C GLU C 120 -14.09 -48.36 -4.11
N ILE C 121 -14.52 -47.15 -3.75
CA ILE C 121 -13.90 -45.94 -4.29
C ILE C 121 -12.42 -45.93 -3.94
N ILE C 122 -11.58 -45.78 -4.95
CA ILE C 122 -10.14 -45.97 -4.77
C ILE C 122 -9.54 -44.83 -3.94
N GLN C 123 -9.93 -43.59 -4.24
CA GLN C 123 -9.32 -42.40 -3.64
C GLN C 123 -7.83 -42.35 -3.93
N ILE C 124 -7.52 -42.21 -5.23
CA ILE C 124 -6.15 -42.26 -5.71
C ILE C 124 -5.29 -41.25 -4.95
N THR C 125 -4.06 -41.66 -4.64
CA THR C 125 -3.15 -40.83 -3.87
C THR C 125 -2.72 -39.60 -4.67
N THR C 126 -2.21 -38.61 -3.95
CA THR C 126 -1.86 -37.32 -4.52
C THR C 126 -0.38 -37.19 -4.83
N GLY C 127 0.47 -37.74 -3.96
CA GLY C 127 1.90 -37.60 -4.08
C GLY C 127 2.53 -37.06 -2.81
N SER C 128 1.85 -36.10 -2.19
CA SER C 128 2.27 -35.57 -0.89
C SER C 128 1.39 -36.15 0.19
N LYS C 129 2.00 -36.47 1.33
CA LYS C 129 1.22 -36.94 2.47
C LYS C 129 0.25 -35.86 2.94
N GLU C 130 0.68 -34.60 2.91
CA GLU C 130 -0.16 -33.51 3.36
C GLU C 130 -1.39 -33.35 2.48
N LEU C 131 -1.21 -33.30 1.16
CA LEU C 131 -2.34 -33.19 0.25
C LEU C 131 -3.26 -34.40 0.35
N ASP C 132 -2.68 -35.60 0.37
CA ASP C 132 -3.48 -36.81 0.45
C ASP C 132 -4.33 -36.82 1.72
N LYS C 133 -3.72 -36.44 2.85
CA LYS C 133 -4.45 -36.45 4.11
C LYS C 133 -5.51 -35.35 4.14
N LEU C 134 -5.20 -34.17 3.59
CA LEU C 134 -6.18 -33.09 3.56
C LEU C 134 -7.32 -33.41 2.61
N LEU C 135 -7.10 -34.31 1.66
CA LEU C 135 -8.14 -34.73 0.73
C LEU C 135 -8.85 -35.99 1.20
N GLN C 136 -8.67 -36.39 2.47
CA GLN C 136 -9.29 -37.57 3.04
C GLN C 136 -8.88 -38.83 2.29
N GLY C 137 -7.58 -39.10 2.31
CA GLY C 137 -7.01 -40.27 1.67
C GLY C 137 -6.57 -40.06 0.23
N GLY C 138 -6.87 -38.90 -0.35
CA GLY C 138 -6.46 -38.60 -1.71
C GLY C 138 -7.63 -38.12 -2.53
N ILE C 139 -7.42 -38.03 -3.84
CA ILE C 139 -8.44 -37.54 -4.75
C ILE C 139 -9.47 -38.63 -5.02
N GLU C 140 -10.73 -38.34 -4.72
CA GLU C 140 -11.78 -39.34 -4.88
C GLU C 140 -11.98 -39.69 -6.34
N THR C 141 -12.43 -40.91 -6.59
CA THR C 141 -12.70 -41.40 -7.93
C THR C 141 -14.21 -41.40 -8.21
N GLY C 142 -14.55 -41.59 -9.48
CA GLY C 142 -15.94 -41.62 -9.87
C GLY C 142 -16.63 -40.28 -9.85
N SER C 143 -15.87 -39.19 -9.95
CA SER C 143 -16.43 -37.85 -9.85
C SER C 143 -15.48 -36.88 -10.55
N ILE C 144 -15.97 -35.67 -10.76
CA ILE C 144 -15.12 -34.61 -11.30
C ILE C 144 -14.47 -33.85 -10.15
N THR C 145 -13.15 -33.79 -10.17
CA THR C 145 -12.38 -33.23 -9.06
C THR C 145 -11.50 -32.10 -9.54
N GLU C 146 -12.09 -31.16 -10.29
CA GLU C 146 -11.33 -30.08 -10.91
C GLU C 146 -10.51 -29.29 -9.90
N MET C 147 -9.28 -28.96 -10.29
CA MET C 147 -8.44 -28.04 -9.55
C MET C 147 -8.06 -26.88 -10.46
N PHE C 148 -7.80 -25.72 -9.85
CA PHE C 148 -7.50 -24.52 -10.59
C PHE C 148 -6.60 -23.62 -9.76
N GLY C 149 -6.04 -22.63 -10.41
CA GLY C 149 -5.20 -21.67 -9.73
C GLY C 149 -4.52 -20.77 -10.74
N GLU C 150 -3.67 -19.90 -10.22
CA GLU C 150 -2.90 -19.00 -11.05
C GLU C 150 -1.79 -19.82 -11.72
N PHE C 151 -0.93 -19.14 -12.48
CA PHE C 151 0.18 -19.84 -13.11
C PHE C 151 1.09 -20.44 -12.04
N ARG C 152 1.89 -21.42 -12.46
CA ARG C 152 2.91 -22.07 -11.62
C ARG C 152 2.35 -22.46 -10.25
N THR C 153 1.14 -23.01 -10.24
CA THR C 153 0.57 -23.60 -9.04
C THR C 153 0.70 -25.11 -9.00
N GLY C 154 1.39 -25.71 -9.98
CA GLY C 154 1.60 -27.14 -9.98
C GLY C 154 0.48 -27.96 -10.57
N LYS C 155 -0.35 -27.38 -11.44
CA LYS C 155 -1.47 -28.13 -12.00
C LYS C 155 -0.97 -29.34 -12.79
N THR C 156 -0.06 -29.11 -13.73
CA THR C 156 0.47 -30.24 -14.50
C THR C 156 1.35 -31.14 -13.65
N GLN C 157 1.97 -30.62 -12.59
CA GLN C 157 2.76 -31.49 -11.72
C GLN C 157 1.86 -32.50 -11.02
N ILE C 158 0.76 -32.03 -10.43
CA ILE C 158 -0.17 -32.95 -9.80
C ILE C 158 -0.82 -33.87 -10.85
N CYS C 159 -1.02 -33.35 -12.07
CA CYS C 159 -1.53 -34.20 -13.13
C CYS C 159 -0.57 -35.34 -13.44
N HIS C 160 0.72 -35.04 -13.53
CA HIS C 160 1.72 -36.09 -13.79
C HIS C 160 1.78 -37.07 -12.62
N THR C 161 1.77 -36.56 -11.40
CA THR C 161 1.84 -37.45 -10.25
C THR C 161 0.61 -38.36 -10.20
N LEU C 162 -0.56 -37.84 -10.56
CA LEU C 162 -1.75 -38.68 -10.62
C LEU C 162 -1.63 -39.72 -11.72
N ALA C 163 -1.21 -39.29 -12.92
CA ALA C 163 -1.07 -40.21 -14.04
C ALA C 163 -0.06 -41.31 -13.74
N VAL C 164 0.86 -41.06 -12.80
CA VAL C 164 1.81 -42.10 -12.41
C VAL C 164 1.24 -42.98 -11.30
N THR C 165 0.78 -42.37 -10.21
CA THR C 165 0.41 -43.13 -9.02
C THR C 165 -0.95 -43.78 -9.12
N CYS C 166 -1.75 -43.50 -10.15
CA CYS C 166 -2.96 -44.29 -10.33
C CYS C 166 -2.66 -45.72 -10.76
N GLN C 167 -1.46 -45.96 -11.30
CA GLN C 167 -1.04 -47.30 -11.71
C GLN C 167 -0.51 -48.13 -10.55
N LEU C 168 -0.31 -47.53 -9.37
CA LEU C 168 0.15 -48.29 -8.23
C LEU C 168 -0.93 -49.26 -7.77
N PRO C 169 -0.54 -50.35 -7.10
CA PRO C 169 -1.56 -51.25 -6.52
C PRO C 169 -2.43 -50.51 -5.51
N ILE C 170 -3.54 -51.16 -5.16
CA ILE C 170 -4.54 -50.53 -4.31
C ILE C 170 -3.94 -50.16 -2.97
N ASP C 171 -3.17 -51.07 -2.37
CA ASP C 171 -2.51 -50.80 -1.10
C ASP C 171 -1.39 -49.78 -1.25
N ARG C 172 -0.95 -49.49 -2.46
CA ARG C 172 0.12 -48.54 -2.72
C ARG C 172 -0.38 -47.13 -3.00
N GLY C 173 -1.70 -46.92 -2.98
CA GLY C 173 -2.26 -45.60 -3.27
C GLY C 173 -2.55 -45.38 -4.74
N GLY C 174 -3.33 -46.29 -5.33
CA GLY C 174 -3.68 -46.17 -6.73
C GLY C 174 -4.77 -47.16 -7.07
N GLY C 175 -5.23 -47.08 -8.32
CA GLY C 175 -6.30 -47.94 -8.78
C GLY C 175 -5.83 -49.14 -9.58
N GLU C 176 -4.51 -49.30 -9.72
CA GLU C 176 -3.91 -50.38 -10.50
C GLU C 176 -4.39 -50.29 -11.95
N GLY C 177 -4.88 -49.11 -12.34
CA GLY C 177 -5.42 -48.92 -13.67
C GLY C 177 -4.42 -48.26 -14.61
N LYS C 178 -4.85 -48.16 -15.87
CA LYS C 178 -4.06 -47.51 -16.91
C LYS C 178 -4.53 -46.06 -17.04
N ALA C 179 -3.58 -45.13 -16.99
CA ALA C 179 -3.90 -43.72 -16.96
C ALA C 179 -4.28 -43.20 -18.34
N MET C 180 -4.91 -42.03 -18.36
CA MET C 180 -5.21 -41.31 -19.59
C MET C 180 -4.73 -39.88 -19.42
N TYR C 181 -4.55 -39.18 -20.55
CA TYR C 181 -4.06 -37.81 -20.51
C TYR C 181 -4.54 -37.08 -21.75
N ILE C 182 -5.37 -36.08 -21.57
CA ILE C 182 -5.85 -35.23 -22.64
C ILE C 182 -5.36 -33.82 -22.36
N ASP C 183 -4.32 -33.40 -23.05
CA ASP C 183 -3.68 -32.11 -22.82
C ASP C 183 -4.09 -31.16 -23.93
N THR C 184 -4.58 -29.98 -23.55
CA THR C 184 -5.06 -29.00 -24.52
C THR C 184 -3.98 -28.00 -24.92
N GLU C 185 -2.75 -28.16 -24.41
CA GLU C 185 -1.67 -27.24 -24.75
C GLU C 185 -0.38 -27.95 -25.14
N GLY C 186 -0.19 -29.20 -24.76
CA GLY C 186 1.01 -29.93 -25.11
C GLY C 186 2.05 -30.05 -24.01
N THR C 187 1.76 -29.58 -22.81
CA THR C 187 2.74 -29.63 -21.73
C THR C 187 2.72 -30.98 -21.02
N PHE C 188 2.85 -32.07 -21.78
CA PHE C 188 2.82 -33.41 -21.19
C PHE C 188 4.10 -33.71 -20.43
N ARG C 189 5.25 -33.41 -21.03
CA ARG C 189 6.57 -33.66 -20.45
C ARG C 189 6.67 -35.07 -19.85
N PRO C 190 6.73 -36.10 -20.69
CA PRO C 190 6.81 -37.47 -20.15
C PRO C 190 8.10 -37.76 -19.40
N GLU C 191 9.17 -37.01 -19.65
CA GLU C 191 10.37 -37.15 -18.84
C GLU C 191 10.07 -36.88 -17.37
N ARG C 192 9.15 -35.95 -17.10
CA ARG C 192 8.68 -35.75 -15.74
C ARG C 192 8.00 -37.02 -15.21
N LEU C 193 7.25 -37.71 -16.05
CA LEU C 193 6.65 -38.98 -15.63
C LEU C 193 7.71 -40.01 -15.27
N LEU C 194 8.76 -40.10 -16.09
CA LEU C 194 9.85 -41.02 -15.77
C LEU C 194 10.51 -40.66 -14.44
N ALA C 195 10.78 -39.37 -14.23
CA ALA C 195 11.40 -38.93 -12.98
C ALA C 195 10.50 -39.23 -11.79
N VAL C 196 9.19 -39.04 -11.94
CA VAL C 196 8.25 -39.35 -10.88
C VAL C 196 8.24 -40.84 -10.60
N ALA C 197 8.40 -41.67 -11.64
CA ALA C 197 8.30 -43.12 -11.47
C ALA C 197 9.39 -43.69 -10.57
N GLU C 198 10.48 -42.95 -10.37
CA GLU C 198 11.59 -43.49 -9.57
C GLU C 198 11.28 -43.51 -8.08
N ARG C 199 10.49 -42.55 -7.59
CA ARG C 199 10.29 -42.43 -6.15
C ARG C 199 9.59 -43.65 -5.56
N TYR C 200 8.59 -44.17 -6.25
CA TYR C 200 7.82 -45.30 -5.76
C TYR C 200 8.42 -46.65 -6.13
N GLY C 201 9.57 -46.67 -6.80
CA GLY C 201 10.20 -47.90 -7.19
C GLY C 201 9.58 -48.58 -8.39
N LEU C 202 8.48 -48.04 -8.93
CA LEU C 202 7.89 -48.61 -10.12
C LEU C 202 8.81 -48.41 -11.32
N SER C 203 8.86 -49.42 -12.18
CA SER C 203 9.76 -49.37 -13.32
C SER C 203 9.32 -48.30 -14.31
N GLY C 204 10.29 -47.55 -14.82
CA GLY C 204 10.00 -46.57 -15.85
C GLY C 204 9.74 -47.17 -17.21
N SER C 205 9.93 -48.48 -17.36
CA SER C 205 9.68 -49.12 -18.64
C SER C 205 8.19 -49.20 -18.94
N ASP C 206 7.37 -49.52 -17.94
CA ASP C 206 5.95 -49.76 -18.17
C ASP C 206 5.05 -48.63 -17.71
N VAL C 207 5.54 -47.71 -16.88
CA VAL C 207 4.70 -46.57 -16.48
C VAL C 207 4.48 -45.65 -17.67
N LEU C 208 5.34 -45.71 -18.69
CA LEU C 208 5.17 -44.88 -19.86
C LEU C 208 4.25 -45.53 -20.90
N ASP C 209 4.32 -46.85 -21.04
CA ASP C 209 3.39 -47.53 -21.93
C ASP C 209 2.03 -47.79 -21.27
N ASN C 210 1.91 -47.51 -19.97
CA ASN C 210 0.64 -47.62 -19.28
C ASN C 210 -0.10 -46.28 -19.21
N VAL C 211 0.22 -45.34 -20.09
CA VAL C 211 -0.40 -44.01 -20.11
C VAL C 211 -0.86 -43.72 -21.52
N ALA C 212 -2.14 -43.37 -21.66
CA ALA C 212 -2.67 -42.94 -22.95
C ALA C 212 -2.63 -41.42 -23.05
N TYR C 213 -2.45 -40.93 -24.26
CA TYR C 213 -2.29 -39.50 -24.49
C TYR C 213 -3.17 -39.06 -25.65
N ALA C 214 -3.56 -37.79 -25.64
CA ALA C 214 -4.39 -37.23 -26.68
C ALA C 214 -4.33 -35.72 -26.61
N ARG C 215 -4.13 -35.09 -27.77
CA ARG C 215 -3.98 -33.64 -27.86
C ARG C 215 -5.35 -33.03 -28.14
N GLY C 216 -5.82 -32.18 -27.23
CA GLY C 216 -7.05 -31.44 -27.45
C GLY C 216 -6.74 -30.15 -28.16
N PHE C 217 -7.36 -29.97 -29.34
CA PHE C 217 -7.10 -28.81 -30.17
C PHE C 217 -8.26 -27.84 -30.25
N ASN C 218 -9.43 -28.19 -29.77
CA ASN C 218 -10.57 -27.30 -29.69
C ASN C 218 -11.64 -27.98 -28.84
N THR C 219 -12.82 -27.37 -28.79
CA THR C 219 -13.90 -27.91 -27.99
C THR C 219 -14.49 -29.16 -28.61
N ASP C 220 -14.71 -29.14 -29.93
CA ASP C 220 -15.20 -30.33 -30.63
C ASP C 220 -14.18 -31.46 -30.56
N HIS C 221 -12.89 -31.13 -30.60
CA HIS C 221 -11.87 -32.15 -30.44
C HIS C 221 -11.94 -32.75 -29.03
N GLN C 222 -12.21 -31.90 -28.02
CA GLN C 222 -12.39 -32.42 -26.67
C GLN C 222 -13.53 -33.42 -26.61
N THR C 223 -14.69 -33.05 -27.18
CA THR C 223 -15.84 -33.95 -27.12
C THR C 223 -15.59 -35.24 -27.88
N GLN C 224 -14.97 -35.15 -29.06
CA GLN C 224 -14.73 -36.35 -29.86
C GLN C 224 -13.69 -37.25 -29.20
N LEU C 225 -12.66 -36.66 -28.59
CA LEU C 225 -11.68 -37.46 -27.87
C LEU C 225 -12.32 -38.16 -26.68
N LEU C 226 -13.26 -37.49 -26.02
CA LEU C 226 -14.00 -38.13 -24.94
C LEU C 226 -14.85 -39.29 -25.46
N TYR C 227 -15.49 -39.10 -26.61
CA TYR C 227 -16.26 -40.18 -27.22
C TYR C 227 -15.37 -41.38 -27.51
N GLN C 228 -14.17 -41.12 -28.06
CA GLN C 228 -13.24 -42.22 -28.31
C GLN C 228 -12.80 -42.88 -27.01
N ALA C 229 -12.54 -42.09 -25.97
CA ALA C 229 -12.13 -42.66 -24.69
C ALA C 229 -13.22 -43.54 -24.10
N GLU C 230 -14.49 -43.25 -24.43
CA GLU C 230 -15.59 -44.07 -23.94
C GLU C 230 -15.40 -45.54 -24.32
N ASP C 231 -15.15 -45.82 -25.60
CA ASP C 231 -14.88 -47.18 -26.04
C ASP C 231 -13.42 -47.57 -25.91
N MET C 232 -12.56 -46.64 -25.52
CA MET C 232 -11.14 -46.93 -25.38
C MET C 232 -10.81 -47.43 -23.99
N MET C 233 -11.62 -47.08 -22.98
CA MET C 233 -11.49 -47.66 -21.66
C MET C 233 -12.50 -48.76 -21.39
N VAL C 234 -13.37 -49.10 -22.34
CA VAL C 234 -14.46 -50.02 -22.04
C VAL C 234 -13.92 -51.41 -21.71
N GLU C 235 -12.87 -51.84 -22.40
CA GLU C 235 -12.36 -53.20 -22.26
C GLU C 235 -11.36 -53.35 -21.12
N SER C 236 -10.82 -52.27 -20.59
CA SER C 236 -9.74 -52.32 -19.61
C SER C 236 -10.13 -51.55 -18.35
N ARG C 237 -9.32 -51.72 -17.31
CA ARG C 237 -9.51 -51.02 -16.05
C ARG C 237 -8.74 -49.72 -16.09
N TYR C 238 -9.42 -48.61 -16.35
CA TYR C 238 -8.83 -47.29 -16.33
C TYR C 238 -9.31 -46.56 -15.09
N ALA C 239 -8.37 -46.16 -14.24
CA ALA C 239 -8.69 -45.56 -12.96
C ALA C 239 -8.56 -44.04 -12.95
N LEU C 240 -8.14 -43.44 -14.05
CA LEU C 240 -7.87 -42.01 -14.01
C LEU C 240 -7.99 -41.41 -15.40
N LEU C 241 -8.71 -40.30 -15.50
CA LEU C 241 -8.86 -39.55 -16.74
C LEU C 241 -8.39 -38.13 -16.53
N ILE C 242 -7.47 -37.67 -17.37
CA ILE C 242 -6.84 -36.37 -17.27
C ILE C 242 -7.34 -35.49 -18.41
N VAL C 243 -7.79 -34.29 -18.08
CA VAL C 243 -7.99 -33.24 -19.06
C VAL C 243 -7.33 -31.98 -18.52
N ASP C 244 -6.11 -31.67 -18.97
CA ASP C 244 -5.46 -30.47 -18.49
C ASP C 244 -6.02 -29.25 -19.19
N SER C 245 -6.49 -28.29 -18.38
CA SER C 245 -7.13 -27.08 -18.88
C SER C 245 -8.31 -27.43 -19.79
N ALA C 246 -9.34 -28.00 -19.16
CA ALA C 246 -10.57 -28.31 -19.89
C ALA C 246 -11.26 -27.06 -20.43
N THR C 247 -10.87 -25.88 -19.96
CA THR C 247 -11.53 -24.63 -20.31
C THR C 247 -10.68 -23.70 -21.16
N ALA C 248 -9.40 -24.01 -21.37
CA ALA C 248 -8.55 -23.10 -22.13
C ALA C 248 -9.11 -22.88 -23.52
N LEU C 249 -9.56 -23.95 -24.17
CA LEU C 249 -10.10 -23.83 -25.52
C LEU C 249 -11.44 -23.13 -25.53
N TYR C 250 -12.26 -23.35 -24.50
CA TYR C 250 -13.52 -22.62 -24.40
C TYR C 250 -13.27 -21.13 -24.28
N ARG C 251 -12.35 -20.75 -23.41
CA ARG C 251 -12.03 -19.34 -23.19
C ARG C 251 -11.43 -18.70 -24.44
N THR C 252 -10.54 -19.42 -25.14
CA THR C 252 -9.88 -18.84 -26.30
C THR C 252 -10.77 -18.79 -27.53
N ASP C 253 -11.68 -19.76 -27.68
CA ASP C 253 -12.50 -19.86 -28.88
C ASP C 253 -13.81 -19.09 -28.74
N TYR C 254 -14.61 -19.44 -27.73
CA TYR C 254 -15.86 -18.75 -27.45
C TYR C 254 -15.54 -17.51 -26.61
N SER C 255 -15.06 -16.47 -27.29
CA SER C 255 -14.65 -15.22 -26.65
C SER C 255 -15.69 -14.14 -26.93
N GLY C 256 -16.15 -13.48 -25.89
CA GLY C 256 -17.10 -12.40 -25.98
C GLY C 256 -18.22 -12.53 -24.96
N ARG C 257 -19.14 -11.58 -25.03
CA ARG C 257 -20.39 -11.62 -24.27
C ARG C 257 -21.53 -11.68 -25.27
N GLY C 258 -22.38 -12.68 -25.15
CA GLY C 258 -23.50 -12.83 -26.07
C GLY C 258 -23.13 -13.33 -27.45
N GLU C 259 -22.13 -12.71 -28.07
CA GLU C 259 -21.68 -13.16 -29.38
C GLU C 259 -21.20 -14.61 -29.32
N LEU C 260 -20.53 -14.99 -28.25
CA LEU C 260 -20.04 -16.34 -28.06
C LEU C 260 -20.27 -16.78 -26.62
N SER C 261 -21.47 -16.57 -26.10
CA SER C 261 -21.81 -17.13 -24.80
C SER C 261 -22.78 -18.31 -24.88
N ALA C 262 -22.80 -19.02 -26.01
CA ALA C 262 -23.28 -20.39 -26.03
C ALA C 262 -22.24 -21.35 -25.46
N ARG C 263 -21.05 -20.83 -25.16
CA ARG C 263 -20.01 -21.61 -24.52
C ARG C 263 -20.50 -22.21 -23.21
N GLN C 264 -21.42 -21.55 -22.52
CA GLN C 264 -21.83 -22.07 -21.22
C GLN C 264 -22.69 -23.32 -21.38
N MET C 265 -23.58 -23.34 -22.38
CA MET C 265 -24.30 -24.57 -22.69
C MET C 265 -23.34 -25.65 -23.19
N HIS C 266 -22.36 -25.27 -24.03
CA HIS C 266 -21.41 -26.27 -24.51
C HIS C 266 -20.62 -26.89 -23.36
N LEU C 267 -20.12 -26.05 -22.45
CA LEU C 267 -19.34 -26.55 -21.32
C LEU C 267 -20.20 -27.35 -20.37
N ALA C 268 -21.47 -26.98 -20.21
CA ALA C 268 -22.37 -27.80 -19.42
C ALA C 268 -22.51 -29.19 -20.02
N ARG C 269 -22.66 -29.27 -21.35
CA ARG C 269 -22.73 -30.57 -22.00
C ARG C 269 -21.45 -31.37 -21.79
N PHE C 270 -20.30 -30.73 -21.95
CA PHE C 270 -19.03 -31.43 -21.78
C PHE C 270 -18.88 -31.98 -20.37
N LEU C 271 -19.08 -31.14 -19.36
CA LEU C 271 -18.97 -31.59 -17.98
C LEU C 271 -20.01 -32.65 -17.66
N ARG C 272 -21.18 -32.58 -18.29
CA ARG C 272 -22.16 -33.65 -18.11
C ARG C 272 -21.63 -34.96 -18.64
N MET C 273 -20.96 -34.95 -19.79
CA MET C 273 -20.43 -36.19 -20.32
C MET C 273 -19.29 -36.72 -19.46
N LEU C 274 -18.45 -35.83 -18.92
CA LEU C 274 -17.47 -36.30 -17.93
C LEU C 274 -18.14 -36.96 -16.73
N LEU C 275 -19.23 -36.38 -16.22
CA LEU C 275 -19.87 -37.03 -15.08
C LEU C 275 -20.49 -38.36 -15.49
N ARG C 276 -21.01 -38.45 -16.71
CA ARG C 276 -21.54 -39.72 -17.20
C ARG C 276 -20.44 -40.78 -17.23
N LEU C 277 -19.25 -40.42 -17.73
CA LEU C 277 -18.13 -41.35 -17.73
C LEU C 277 -17.74 -41.73 -16.30
N ALA C 278 -17.59 -40.74 -15.43
CA ALA C 278 -17.17 -41.01 -14.06
C ALA C 278 -18.19 -41.82 -13.29
N ASP C 279 -19.45 -41.82 -13.72
CA ASP C 279 -20.45 -42.66 -13.09
C ASP C 279 -20.49 -44.07 -13.65
N GLU C 280 -20.52 -44.21 -14.97
CA GLU C 280 -20.60 -45.51 -15.60
C GLU C 280 -19.31 -46.32 -15.47
N PHE C 281 -18.15 -45.68 -15.50
CA PHE C 281 -16.86 -46.38 -15.41
C PHE C 281 -16.21 -46.34 -14.04
N GLY C 282 -16.60 -45.42 -13.17
CA GLY C 282 -15.90 -45.27 -11.91
C GLY C 282 -14.52 -44.65 -12.03
N VAL C 283 -14.25 -43.97 -13.14
CA VAL C 283 -12.97 -43.32 -13.39
C VAL C 283 -12.93 -41.98 -12.69
N ALA C 284 -11.75 -41.59 -12.22
CA ALA C 284 -11.56 -40.29 -11.57
C ALA C 284 -11.22 -39.25 -12.63
N VAL C 285 -12.12 -38.30 -12.85
CA VAL C 285 -11.91 -37.24 -13.84
C VAL C 285 -11.29 -36.06 -13.12
N VAL C 286 -10.13 -35.63 -13.59
CA VAL C 286 -9.31 -34.65 -12.88
C VAL C 286 -9.03 -33.44 -13.74
N ILE C 287 -10.00 -33.00 -14.53
CA ILE C 287 -9.88 -31.80 -15.34
C ILE C 287 -9.36 -30.64 -14.50
N THR C 288 -8.60 -29.74 -15.11
CA THR C 288 -8.08 -28.56 -14.43
C THR C 288 -8.57 -27.29 -15.13
N ASN C 289 -8.53 -26.18 -14.39
CA ASN C 289 -9.16 -24.94 -14.80
C ASN C 289 -8.21 -23.77 -14.58
N GLN C 290 -8.40 -22.71 -15.35
CA GLN C 290 -7.63 -21.48 -15.21
C GLN C 290 -8.37 -20.53 -14.27
N VAL C 291 -7.94 -19.27 -14.22
CA VAL C 291 -8.56 -18.25 -13.38
C VAL C 291 -8.72 -16.95 -14.15
N VAL C 292 -9.55 -16.06 -13.59
CA VAL C 292 -9.86 -14.75 -14.14
C VAL C 292 -9.81 -13.75 -12.99
N ALA C 293 -9.67 -12.47 -13.33
CA ALA C 293 -9.45 -11.43 -12.33
C ALA C 293 -10.70 -10.57 -12.13
N GLN C 294 -10.87 -10.10 -10.89
CA GLN C 294 -11.94 -9.17 -10.56
C GLN C 294 -11.44 -7.74 -10.80
N VAL C 295 -12.15 -7.00 -11.65
CA VAL C 295 -11.73 -5.67 -12.08
C VAL C 295 -12.69 -4.59 -11.60
N ASP C 296 -13.70 -4.93 -10.82
CA ASP C 296 -14.61 -3.92 -10.33
C ASP C 296 -13.89 -2.96 -9.38
N GLY C 297 -14.64 -1.95 -8.91
CA GLY C 297 -14.01 -0.85 -8.19
C GLY C 297 -13.19 -1.29 -6.99
N ALA C 298 -13.62 -2.37 -6.34
CA ALA C 298 -12.93 -2.86 -5.15
C ALA C 298 -11.59 -3.48 -5.57
N ALA C 299 -10.65 -3.53 -4.64
CA ALA C 299 -9.40 -4.27 -4.85
C ALA C 299 -9.35 -5.52 -3.98
N MET C 300 -9.91 -5.46 -2.78
CA MET C 300 -9.96 -6.60 -1.87
C MET C 300 -11.16 -7.47 -2.21
N PHE C 301 -10.97 -8.79 -2.18
CA PHE C 301 -12.03 -9.72 -2.55
C PHE C 301 -11.87 -11.01 -1.77
N ALA C 302 -12.92 -11.83 -1.82
CA ALA C 302 -12.83 -13.18 -1.28
C ALA C 302 -11.96 -14.05 -2.19
N ALA C 303 -11.03 -14.78 -1.59
CA ALA C 303 -10.06 -15.60 -2.30
C ALA C 303 -9.29 -14.80 -3.35
N ASP C 304 -8.95 -13.54 -3.02
CA ASP C 304 -8.19 -12.63 -3.87
C ASP C 304 -9.01 -12.28 -5.11
N PRO C 305 -8.59 -11.30 -5.91
CA PRO C 305 -9.29 -11.05 -7.18
C PRO C 305 -9.30 -12.24 -8.13
N LYS C 306 -8.40 -13.21 -7.93
CA LYS C 306 -8.34 -14.37 -8.80
C LYS C 306 -9.47 -15.36 -8.48
N LYS C 307 -10.45 -15.46 -9.37
CA LYS C 307 -11.58 -16.35 -9.23
C LYS C 307 -11.70 -17.24 -10.46
N PRO C 308 -12.25 -18.45 -10.32
CA PRO C 308 -12.26 -19.39 -11.44
C PRO C 308 -13.16 -18.93 -12.58
N ILE C 309 -12.75 -19.28 -13.79
CA ILE C 309 -13.53 -18.96 -14.99
C ILE C 309 -14.58 -20.04 -15.19
N GLY C 310 -15.51 -19.79 -16.12
CA GLY C 310 -16.57 -20.72 -16.43
C GLY C 310 -17.93 -20.32 -15.90
N GLY C 311 -17.98 -19.53 -14.83
CA GLY C 311 -19.27 -19.13 -14.30
C GLY C 311 -19.83 -20.20 -13.37
N ASN C 312 -21.13 -20.43 -13.49
CA ASN C 312 -21.82 -21.40 -12.64
C ASN C 312 -22.07 -22.72 -13.35
N ILE C 313 -22.01 -22.75 -14.68
CA ILE C 313 -22.08 -24.01 -15.42
C ILE C 313 -20.99 -24.95 -14.95
N ILE C 314 -19.79 -24.42 -14.78
CA ILE C 314 -18.66 -25.23 -14.32
C ILE C 314 -18.59 -25.32 -12.82
N ALA C 315 -19.19 -24.38 -12.09
CA ALA C 315 -19.13 -24.42 -10.64
C ALA C 315 -20.08 -25.46 -10.08
N HIS C 316 -21.26 -25.60 -10.68
CA HIS C 316 -22.20 -26.61 -10.21
C HIS C 316 -21.82 -28.00 -10.67
N ALA C 317 -21.32 -28.13 -11.90
CA ALA C 317 -20.89 -29.42 -12.44
C ALA C 317 -19.42 -29.68 -12.12
N SER C 318 -19.07 -29.57 -10.85
CA SER C 318 -17.70 -29.86 -10.40
C SER C 318 -17.80 -30.19 -8.92
N THR C 319 -17.73 -31.49 -8.58
CA THR C 319 -17.96 -31.90 -7.21
C THR C 319 -16.82 -31.47 -6.29
N THR C 320 -15.59 -31.73 -6.68
CA THR C 320 -14.42 -31.37 -5.90
C THR C 320 -13.68 -30.26 -6.64
N ARG C 321 -13.29 -29.23 -5.90
CA ARG C 321 -12.71 -28.03 -6.50
C ARG C 321 -11.60 -27.53 -5.59
N LEU C 322 -10.38 -27.53 -6.11
CA LEU C 322 -9.19 -27.17 -5.33
C LEU C 322 -8.55 -25.94 -5.94
N TYR C 323 -8.23 -24.97 -5.08
CA TYR C 323 -7.62 -23.72 -5.48
C TYR C 323 -6.20 -23.67 -4.96
N LEU C 324 -5.24 -23.51 -5.87
CA LEU C 324 -3.82 -23.54 -5.56
C LEU C 324 -3.20 -22.16 -5.76
N ARG C 325 -2.27 -21.81 -4.89
CA ARG C 325 -1.56 -20.54 -4.95
C ARG C 325 -0.07 -20.78 -4.83
N LYS C 326 0.72 -19.73 -5.00
CA LYS C 326 2.18 -19.81 -5.00
C LYS C 326 2.73 -19.37 -3.65
N GLY C 327 3.66 -20.16 -3.13
CA GLY C 327 4.31 -19.84 -1.87
C GLY C 327 5.72 -19.33 -2.06
N ARG C 328 6.71 -20.09 -1.60
CA ARG C 328 8.12 -19.72 -1.71
C ARG C 328 8.93 -20.90 -2.21
N GLY C 329 9.76 -20.66 -3.21
CA GLY C 329 10.62 -21.70 -3.75
C GLY C 329 9.83 -22.84 -4.36
N GLU C 330 9.86 -24.00 -3.70
CA GLU C 330 9.06 -25.14 -4.12
C GLU C 330 7.69 -25.15 -3.49
N THR C 331 7.53 -24.55 -2.31
CA THR C 331 6.30 -24.66 -1.55
C THR C 331 5.15 -23.94 -2.24
N ARG C 332 3.97 -24.56 -2.18
CA ARG C 332 2.72 -23.97 -2.63
C ARG C 332 1.62 -24.45 -1.69
N ILE C 333 0.53 -23.68 -1.63
CA ILE C 333 -0.53 -23.91 -0.67
C ILE C 333 -1.80 -24.30 -1.42
N CYS C 334 -2.52 -25.27 -0.88
CA CYS C 334 -3.75 -25.78 -1.48
C CYS C 334 -4.94 -25.50 -0.57
N LYS C 335 -6.02 -25.00 -1.16
CA LYS C 335 -7.24 -24.66 -0.42
C LYS C 335 -8.44 -25.26 -1.13
N ILE C 336 -9.33 -25.87 -0.36
CA ILE C 336 -10.51 -26.52 -0.91
C ILE C 336 -11.57 -25.45 -1.16
N TYR C 337 -11.83 -25.16 -2.44
CA TYR C 337 -12.80 -24.17 -2.85
C TYR C 337 -14.24 -24.67 -2.80
N ASP C 338 -14.51 -25.84 -3.38
CA ASP C 338 -15.87 -26.36 -3.47
C ASP C 338 -15.83 -27.87 -3.39
N SER C 339 -16.37 -28.43 -2.31
CA SER C 339 -16.50 -29.87 -2.21
C SER C 339 -17.58 -30.21 -1.18
N PRO C 340 -18.53 -31.09 -1.51
CA PRO C 340 -19.59 -31.45 -0.57
C PRO C 340 -19.19 -32.45 0.49
N CYS C 341 -17.89 -32.70 0.66
CA CYS C 341 -17.44 -33.67 1.65
C CYS C 341 -16.19 -33.25 2.42
N LEU C 342 -15.60 -32.10 2.12
CA LEU C 342 -14.35 -31.70 2.74
C LEU C 342 -14.44 -30.31 3.33
N PRO C 343 -13.74 -30.04 4.44
CA PRO C 343 -13.62 -28.68 4.95
C PRO C 343 -12.41 -27.97 4.37
N GLU C 344 -12.62 -26.70 4.01
CA GLU C 344 -11.55 -25.90 3.41
C GLU C 344 -10.42 -25.69 4.41
N ALA C 345 -9.18 -25.86 3.93
CA ALA C 345 -8.00 -25.73 4.76
C ALA C 345 -6.79 -25.54 3.86
N GLU C 346 -5.61 -25.56 4.47
CA GLU C 346 -4.36 -25.33 3.75
C GLU C 346 -3.43 -26.51 3.93
N ALA C 347 -2.85 -26.96 2.81
CA ALA C 347 -1.88 -28.05 2.80
C ALA C 347 -0.72 -27.64 1.92
N MET C 348 0.49 -27.69 2.46
CA MET C 348 1.66 -27.18 1.76
C MET C 348 2.34 -28.30 1.00
N PHE C 349 2.30 -28.22 -0.33
CA PHE C 349 2.93 -29.21 -1.20
C PHE C 349 4.02 -28.53 -2.01
N ALA C 350 5.19 -29.15 -2.08
CA ALA C 350 6.34 -28.58 -2.75
C ALA C 350 6.63 -29.34 -4.03
N ILE C 351 6.82 -28.62 -5.13
CA ILE C 351 7.19 -29.24 -6.40
C ILE C 351 8.67 -29.56 -6.36
N ASN C 352 9.00 -30.81 -6.04
CA ASN C 352 10.38 -31.25 -5.91
C ASN C 352 10.92 -31.63 -7.28
N ALA C 353 12.07 -32.32 -7.29
CA ALA C 353 12.65 -32.81 -8.53
C ALA C 353 11.91 -34.01 -9.10
N ASP C 354 10.96 -34.58 -8.36
CA ASP C 354 10.24 -35.76 -8.80
C ASP C 354 8.74 -35.59 -8.64
N GLY C 355 8.22 -34.40 -8.94
CA GLY C 355 6.79 -34.17 -8.92
C GLY C 355 6.32 -33.38 -7.71
N VAL C 356 5.42 -33.96 -6.93
CA VAL C 356 4.84 -33.31 -5.77
C VAL C 356 5.23 -34.07 -4.51
N GLY C 357 5.60 -33.34 -3.47
CA GLY C 357 6.02 -33.97 -2.23
C GLY C 357 6.62 -32.96 -1.28
N ASP C 358 7.18 -33.45 -0.19
CA ASP C 358 7.85 -32.60 0.78
C ASP C 358 8.99 -33.35 1.45
N PRO D 44 -54.57 -38.81 2.04
CA PRO D 44 -53.24 -39.40 2.21
C PRO D 44 -53.04 -40.67 1.39
N GLN D 45 -53.99 -41.60 1.46
CA GLN D 45 -53.87 -42.87 0.79
C GLN D 45 -55.16 -43.20 0.05
N PRO D 46 -55.10 -44.02 -1.01
CA PRO D 46 -56.34 -44.47 -1.65
C PRO D 46 -57.20 -45.25 -0.67
N ILE D 47 -58.51 -45.06 -0.77
CA ILE D 47 -59.45 -45.62 0.20
C ILE D 47 -59.84 -47.03 -0.21
N SER D 48 -59.36 -47.47 -1.37
CA SER D 48 -59.61 -48.82 -1.88
C SER D 48 -61.10 -49.14 -1.93
N ARG D 49 -61.82 -48.37 -2.74
CA ARG D 49 -63.25 -48.60 -2.97
C ARG D 49 -63.64 -48.65 -4.44
N LEU D 50 -62.83 -48.13 -5.34
CA LEU D 50 -63.17 -48.07 -6.75
C LEU D 50 -62.63 -49.23 -7.56
N GLU D 51 -61.98 -50.20 -6.92
CA GLU D 51 -61.48 -51.37 -7.63
C GLU D 51 -62.64 -52.27 -8.05
N GLN D 52 -62.67 -52.65 -9.32
CA GLN D 52 -63.76 -53.46 -9.87
C GLN D 52 -65.11 -52.83 -9.59
N CYS D 53 -65.15 -51.49 -9.64
CA CYS D 53 -66.37 -50.71 -9.40
C CYS D 53 -66.34 -49.54 -10.38
N GLY D 54 -66.98 -49.73 -11.53
CA GLY D 54 -66.92 -48.75 -12.59
C GLY D 54 -65.68 -48.91 -13.43
N ILE D 55 -64.52 -48.93 -12.77
CA ILE D 55 -63.24 -49.21 -13.41
C ILE D 55 -62.75 -50.54 -12.85
N ASN D 56 -62.70 -51.56 -13.71
CA ASN D 56 -62.24 -52.88 -13.30
C ASN D 56 -60.73 -52.88 -13.07
N ALA D 57 -60.19 -54.00 -12.60
CA ALA D 57 -58.76 -54.08 -12.34
C ALA D 57 -57.95 -53.91 -13.62
N ASN D 58 -58.48 -54.40 -14.74
CA ASN D 58 -57.77 -54.26 -16.02
C ASN D 58 -57.63 -52.78 -16.40
N ASP D 59 -58.74 -52.04 -16.36
CA ASP D 59 -58.67 -50.61 -16.64
C ASP D 59 -57.88 -49.89 -15.56
N VAL D 60 -57.86 -50.43 -14.35
CA VAL D 60 -57.01 -49.88 -13.29
C VAL D 60 -55.55 -49.96 -13.72
N LYS D 61 -55.12 -51.11 -14.25
CA LYS D 61 -53.76 -51.22 -14.76
C LYS D 61 -53.54 -50.31 -15.96
N LYS D 62 -54.56 -50.17 -16.81
CA LYS D 62 -54.44 -49.30 -17.97
C LYS D 62 -54.13 -47.87 -17.55
N LEU D 63 -54.82 -47.36 -16.53
CA LEU D 63 -54.52 -46.04 -16.01
C LEU D 63 -53.26 -46.01 -15.15
N GLU D 64 -52.89 -47.12 -14.52
CA GLU D 64 -51.63 -47.19 -13.76
C GLU D 64 -50.42 -47.15 -14.68
N GLU D 65 -50.61 -47.44 -15.97
CA GLU D 65 -49.51 -47.25 -16.92
C GLU D 65 -48.93 -45.85 -16.81
N ALA D 66 -49.78 -44.83 -16.83
CA ALA D 66 -49.36 -43.44 -16.61
C ALA D 66 -49.60 -42.98 -15.17
N GLY D 67 -49.04 -43.67 -14.18
CA GLY D 67 -49.19 -43.25 -12.80
C GLY D 67 -50.62 -43.28 -12.29
N TYR D 68 -50.95 -42.34 -11.41
CA TYR D 68 -52.30 -42.21 -10.83
C TYR D 68 -52.73 -43.49 -10.12
N HIS D 69 -52.02 -43.85 -9.05
CA HIS D 69 -52.35 -45.09 -8.35
C HIS D 69 -53.35 -44.85 -7.23
N THR D 70 -53.21 -43.76 -6.49
CA THR D 70 -54.25 -43.39 -5.54
C THR D 70 -55.48 -42.90 -6.31
N VAL D 71 -56.66 -43.20 -5.75
CA VAL D 71 -57.90 -42.80 -6.41
C VAL D 71 -57.97 -41.28 -6.55
N GLU D 72 -57.49 -40.55 -5.55
CA GLU D 72 -57.43 -39.10 -5.64
C GLU D 72 -56.53 -38.66 -6.77
N ALA D 73 -55.42 -39.37 -6.98
CA ALA D 73 -54.51 -39.05 -8.07
C ALA D 73 -55.19 -39.19 -9.42
N VAL D 74 -55.97 -40.26 -9.60
CA VAL D 74 -56.71 -40.43 -10.84
C VAL D 74 -57.73 -39.30 -10.99
N ALA D 75 -58.42 -38.97 -9.88
CA ALA D 75 -59.43 -37.91 -9.92
C ALA D 75 -58.82 -36.56 -10.28
N TYR D 76 -57.57 -36.33 -9.92
CA TYR D 76 -56.89 -35.07 -10.22
C TYR D 76 -56.32 -35.01 -11.63
N ALA D 77 -56.77 -35.89 -12.52
CA ALA D 77 -56.19 -35.94 -13.85
C ALA D 77 -57.19 -35.44 -14.89
N PRO D 78 -56.71 -34.73 -15.91
CA PRO D 78 -57.62 -34.30 -16.98
C PRO D 78 -58.19 -35.49 -17.73
N LYS D 79 -59.46 -35.36 -18.14
CA LYS D 79 -60.12 -36.47 -18.82
C LYS D 79 -59.52 -36.74 -20.18
N LYS D 80 -58.93 -35.74 -20.82
CA LYS D 80 -58.29 -35.94 -22.11
C LYS D 80 -57.12 -36.92 -21.98
N GLU D 81 -56.29 -36.75 -20.94
CA GLU D 81 -55.19 -37.66 -20.72
C GLU D 81 -55.70 -39.07 -20.42
N LEU D 82 -56.76 -39.18 -19.62
CA LEU D 82 -57.28 -40.49 -19.27
C LEU D 82 -57.91 -41.20 -20.46
N ILE D 83 -58.47 -40.45 -21.42
CA ILE D 83 -58.99 -41.08 -22.64
C ILE D 83 -57.92 -41.25 -23.70
N ASN D 84 -56.73 -40.66 -23.52
CA ASN D 84 -55.61 -40.83 -24.44
C ASN D 84 -54.43 -41.44 -23.67
N ILE D 85 -54.41 -42.77 -23.59
CA ILE D 85 -53.31 -43.52 -23.00
C ILE D 85 -52.70 -44.49 -24.01
N LYS D 86 -53.50 -45.45 -24.49
CA LYS D 86 -53.04 -46.46 -25.41
C LYS D 86 -54.24 -46.95 -26.22
N GLY D 87 -53.96 -47.62 -27.33
CA GLY D 87 -55.02 -48.20 -28.12
C GLY D 87 -55.84 -49.22 -27.33
N ILE D 88 -55.15 -50.07 -26.57
CA ILE D 88 -55.85 -51.01 -25.70
C ILE D 88 -56.53 -50.26 -24.55
N SER D 89 -55.89 -49.21 -24.03
CA SER D 89 -56.42 -48.45 -22.91
C SER D 89 -57.21 -47.22 -23.33
N GLU D 90 -58.29 -47.40 -24.10
CA GLU D 90 -59.10 -46.25 -24.52
C GLU D 90 -59.80 -45.61 -23.33
N ALA D 91 -60.50 -46.42 -22.54
CA ALA D 91 -61.19 -45.96 -21.33
C ALA D 91 -62.05 -44.73 -21.60
N LYS D 92 -62.80 -44.78 -22.68
CA LYS D 92 -63.60 -43.63 -23.10
C LYS D 92 -64.68 -43.30 -22.06
N ALA D 93 -65.35 -44.32 -21.54
CA ALA D 93 -66.40 -44.14 -20.55
C ALA D 93 -65.75 -44.12 -19.17
N ASP D 94 -65.23 -42.96 -18.78
CA ASP D 94 -64.47 -42.83 -17.54
C ASP D 94 -64.92 -41.59 -16.78
N LYS D 95 -66.23 -41.45 -16.58
CA LYS D 95 -66.75 -40.36 -15.76
C LYS D 95 -66.86 -40.74 -14.29
N ILE D 96 -66.43 -41.95 -13.92
CA ILE D 96 -66.55 -42.44 -12.55
C ILE D 96 -65.73 -41.57 -11.62
N LEU D 97 -64.61 -41.04 -12.13
CA LEU D 97 -63.75 -40.17 -11.33
C LEU D 97 -64.47 -38.92 -10.85
N THR D 98 -65.49 -38.46 -11.57
CA THR D 98 -66.20 -37.27 -11.14
C THR D 98 -67.25 -37.59 -10.08
N GLU D 99 -67.99 -38.69 -10.25
CA GLU D 99 -69.00 -39.06 -9.25
C GLU D 99 -68.34 -39.62 -8.00
N ALA D 100 -67.04 -39.91 -8.06
CA ALA D 100 -66.29 -40.31 -6.88
C ALA D 100 -65.71 -39.06 -6.20
N ALA D 101 -66.61 -38.12 -5.95
CA ALA D 101 -66.27 -36.87 -5.29
C ALA D 101 -66.29 -36.98 -3.77
N LYS D 102 -66.71 -38.12 -3.23
CA LYS D 102 -66.63 -38.33 -1.79
C LYS D 102 -65.18 -38.36 -1.33
N LEU D 103 -64.27 -38.81 -2.20
CA LEU D 103 -62.87 -38.94 -1.82
C LEU D 103 -62.19 -37.58 -1.72
N VAL D 104 -62.43 -36.70 -2.70
CA VAL D 104 -61.80 -35.37 -2.68
C VAL D 104 -62.39 -34.56 -1.53
N PRO D 105 -61.61 -33.69 -0.88
CA PRO D 105 -62.15 -32.86 0.20
C PRO D 105 -62.95 -31.66 -0.29
N MET D 106 -63.36 -31.65 -1.56
CA MET D 106 -64.13 -30.53 -2.09
C MET D 106 -65.40 -30.31 -1.29
N GLY D 107 -65.71 -29.05 -1.00
CA GLY D 107 -66.82 -28.70 -0.15
C GLY D 107 -66.45 -27.62 0.84
N PHE D 108 -67.44 -27.08 1.54
CA PHE D 108 -67.18 -26.00 2.49
C PHE D 108 -66.70 -26.55 3.82
N THR D 109 -65.39 -26.47 4.04
CA THR D 109 -64.77 -26.95 5.27
C THR D 109 -64.34 -25.75 6.10
N THR D 110 -64.69 -25.75 7.39
CA THR D 110 -64.42 -24.62 8.26
C THR D 110 -62.94 -24.29 8.30
N ALA D 111 -62.63 -22.99 8.30
CA ALA D 111 -61.23 -22.57 8.37
C ALA D 111 -60.62 -22.91 9.72
N THR D 112 -61.46 -23.17 10.72
CA THR D 112 -60.96 -23.61 12.02
C THR D 112 -60.24 -24.95 11.90
N GLU D 113 -60.79 -25.86 11.08
CA GLU D 113 -60.16 -27.15 10.86
C GLU D 113 -58.78 -26.99 10.22
N PHE D 114 -58.68 -26.13 9.21
CA PHE D 114 -57.40 -25.85 8.58
C PHE D 114 -56.43 -25.24 9.58
N HIS D 115 -56.90 -24.29 10.39
CA HIS D 115 -56.03 -23.63 11.35
C HIS D 115 -55.52 -24.60 12.41
N GLN D 116 -56.38 -25.49 12.89
CA GLN D 116 -55.96 -26.44 13.92
C GLN D 116 -55.08 -27.55 13.37
N ARG D 117 -55.26 -27.92 12.09
CA ARG D 117 -54.40 -28.91 11.48
C ARG D 117 -52.99 -28.39 11.24
N ARG D 118 -52.83 -27.13 10.83
CA ARG D 118 -51.52 -26.55 10.61
C ARG D 118 -50.97 -25.78 11.81
N SER D 119 -51.72 -25.65 12.90
CA SER D 119 -51.17 -25.06 14.10
C SER D 119 -50.12 -25.98 14.73
N GLU D 120 -50.47 -27.25 14.90
CA GLU D 120 -49.50 -28.28 15.26
C GLU D 120 -48.97 -28.99 14.02
N ILE D 121 -48.49 -28.21 13.07
CA ILE D 121 -47.97 -28.76 11.82
C ILE D 121 -46.57 -29.29 12.05
N ILE D 122 -46.13 -30.22 11.20
CA ILE D 122 -44.80 -30.77 11.29
C ILE D 122 -43.83 -29.78 10.67
N GLN D 123 -42.87 -29.30 11.45
CA GLN D 123 -41.79 -28.47 10.95
C GLN D 123 -40.47 -29.21 11.10
N ILE D 124 -39.67 -29.17 10.05
CA ILE D 124 -38.38 -29.85 10.01
C ILE D 124 -37.30 -28.79 10.17
N THR D 125 -36.64 -28.80 11.33
CA THR D 125 -35.63 -27.80 11.63
C THR D 125 -34.36 -28.05 10.82
N THR D 126 -33.58 -26.99 10.64
CA THR D 126 -32.33 -27.07 9.88
C THR D 126 -31.11 -27.32 10.75
N GLY D 127 -31.27 -27.40 12.08
CA GLY D 127 -30.17 -27.66 12.98
C GLY D 127 -29.54 -26.42 13.57
N SER D 128 -29.81 -25.25 13.01
CA SER D 128 -29.27 -23.99 13.52
C SER D 128 -30.41 -23.15 14.09
N LYS D 129 -30.21 -22.64 15.31
CA LYS D 129 -31.26 -21.87 15.97
C LYS D 129 -31.58 -20.59 15.19
N GLU D 130 -30.55 -19.90 14.69
CA GLU D 130 -30.77 -18.67 13.96
C GLU D 130 -31.54 -18.92 12.66
N LEU D 131 -31.20 -20.01 11.96
CA LEU D 131 -31.98 -20.39 10.78
C LEU D 131 -33.43 -20.67 11.15
N ASP D 132 -33.65 -21.32 12.29
CA ASP D 132 -35.01 -21.58 12.76
C ASP D 132 -35.65 -20.33 13.34
N LYS D 133 -34.91 -19.24 13.48
CA LYS D 133 -35.47 -17.99 14.00
C LYS D 133 -35.81 -17.01 12.90
N LEU D 134 -35.09 -17.06 11.77
CA LEU D 134 -35.48 -16.25 10.62
C LEU D 134 -36.84 -16.68 10.08
N LEU D 135 -37.20 -17.93 10.31
CA LEU D 135 -38.37 -18.56 9.71
C LEU D 135 -39.18 -19.24 10.80
N GLN D 136 -40.50 -19.08 10.75
CA GLN D 136 -41.39 -19.72 11.74
C GLN D 136 -41.69 -21.17 11.33
N GLY D 137 -40.61 -21.91 11.11
CA GLY D 137 -40.67 -23.24 10.55
C GLY D 137 -40.56 -23.20 9.04
N GLY D 138 -41.64 -22.78 8.36
CA GLY D 138 -41.64 -22.56 6.92
C GLY D 138 -41.17 -23.74 6.07
N ILE D 139 -41.05 -24.90 6.70
CA ILE D 139 -40.55 -26.11 6.06
C ILE D 139 -41.69 -27.10 6.16
N GLU D 140 -42.82 -26.62 6.70
CA GLU D 140 -43.93 -27.48 7.06
C GLU D 140 -44.34 -28.39 5.91
N THR D 141 -44.80 -29.59 6.27
CA THR D 141 -45.01 -30.66 5.31
C THR D 141 -46.29 -30.39 4.52
N GLY D 142 -46.16 -30.28 3.20
CA GLY D 142 -47.32 -30.05 2.36
C GLY D 142 -47.21 -28.87 1.40
N SER D 143 -46.00 -28.43 1.11
CA SER D 143 -45.80 -27.34 0.17
C SER D 143 -44.47 -27.56 -0.56
N ILE D 144 -44.06 -26.59 -1.36
CA ILE D 144 -42.83 -26.65 -2.13
C ILE D 144 -41.81 -25.70 -1.50
N THR D 145 -40.63 -26.22 -1.23
CA THR D 145 -39.53 -25.47 -0.62
C THR D 145 -38.37 -25.43 -1.61
N GLU D 146 -38.15 -24.25 -2.20
CA GLU D 146 -37.10 -24.09 -3.18
C GLU D 146 -35.96 -23.24 -2.62
N MET D 147 -34.72 -23.67 -2.85
CA MET D 147 -33.55 -22.87 -2.53
C MET D 147 -32.70 -22.68 -3.77
N PHE D 148 -31.93 -21.60 -3.76
CA PHE D 148 -30.91 -21.36 -4.78
C PHE D 148 -29.85 -20.44 -4.21
N GLY D 149 -28.68 -20.45 -4.84
CA GLY D 149 -27.57 -19.63 -4.41
C GLY D 149 -26.32 -19.98 -5.19
N GLU D 150 -25.22 -19.32 -4.83
CA GLU D 150 -23.95 -19.64 -5.45
C GLU D 150 -23.48 -21.02 -5.00
N PHE D 151 -22.37 -21.48 -5.58
CA PHE D 151 -21.98 -22.88 -5.36
C PHE D 151 -21.44 -23.09 -3.95
N ARG D 152 -20.59 -22.20 -3.45
CA ARG D 152 -19.90 -22.40 -2.18
C ARG D 152 -20.83 -22.34 -0.97
N THR D 153 -22.07 -21.85 -1.11
CA THR D 153 -22.89 -21.52 0.04
C THR D 153 -23.57 -22.72 0.68
N GLY D 154 -23.58 -23.88 0.02
CA GLY D 154 -24.24 -25.04 0.57
C GLY D 154 -25.69 -25.16 0.18
N LYS D 155 -25.97 -25.19 -1.12
CA LYS D 155 -27.32 -25.43 -1.60
C LYS D 155 -27.83 -26.80 -1.18
N THR D 156 -27.05 -27.84 -1.49
CA THR D 156 -27.42 -29.21 -1.16
C THR D 156 -26.94 -29.65 0.21
N GLN D 157 -26.16 -28.83 0.90
CA GLN D 157 -25.72 -29.18 2.24
C GLN D 157 -26.89 -29.25 3.21
N ILE D 158 -27.83 -28.31 3.10
CA ILE D 158 -28.97 -28.33 4.01
C ILE D 158 -30.02 -29.34 3.56
N CYS D 159 -30.04 -29.70 2.27
CA CYS D 159 -30.97 -30.73 1.82
C CYS D 159 -30.72 -32.05 2.53
N HIS D 160 -29.44 -32.44 2.62
CA HIS D 160 -29.09 -33.66 3.34
C HIS D 160 -29.43 -33.54 4.82
N THR D 161 -29.19 -32.37 5.41
CA THR D 161 -29.52 -32.18 6.82
C THR D 161 -31.00 -32.35 7.08
N LEU D 162 -31.84 -31.75 6.23
CA LEU D 162 -33.29 -31.90 6.39
C LEU D 162 -33.72 -33.33 6.16
N ALA D 163 -33.11 -34.00 5.17
CA ALA D 163 -33.44 -35.41 4.94
C ALA D 163 -33.11 -36.27 6.15
N VAL D 164 -31.97 -36.00 6.78
CA VAL D 164 -31.55 -36.79 7.94
C VAL D 164 -32.48 -36.53 9.13
N THR D 165 -32.74 -35.25 9.42
CA THR D 165 -33.55 -34.90 10.58
C THR D 165 -35.05 -35.04 10.30
N CYS D 166 -35.42 -35.46 9.09
CA CYS D 166 -36.83 -35.66 8.77
C CYS D 166 -37.43 -36.83 9.55
N GLN D 167 -36.58 -37.68 10.12
CA GLN D 167 -37.04 -38.82 10.90
C GLN D 167 -37.36 -38.45 12.35
N LEU D 168 -37.00 -37.24 12.77
CA LEU D 168 -37.23 -36.83 14.15
C LEU D 168 -38.74 -36.84 14.45
N PRO D 169 -39.12 -37.11 15.69
CA PRO D 169 -40.55 -37.28 16.02
C PRO D 169 -41.37 -36.04 15.69
N ILE D 170 -42.70 -36.21 15.75
CA ILE D 170 -43.63 -35.16 15.34
C ILE D 170 -43.42 -33.90 16.18
N ASP D 171 -43.36 -34.05 17.50
CA ASP D 171 -43.20 -32.89 18.38
C ASP D 171 -41.82 -32.26 18.20
N ARG D 172 -40.88 -33.00 17.62
CA ARG D 172 -39.56 -32.45 17.36
C ARG D 172 -39.50 -31.88 15.94
N GLY D 173 -38.29 -31.55 15.50
CA GLY D 173 -38.10 -30.94 14.19
C GLY D 173 -38.00 -31.93 13.05
N GLY D 174 -38.98 -32.83 12.94
CA GLY D 174 -38.97 -33.81 11.87
C GLY D 174 -40.33 -34.46 11.70
N GLY D 175 -40.51 -35.08 10.53
CA GLY D 175 -41.74 -35.75 10.19
C GLY D 175 -41.86 -37.19 10.65
N GLU D 176 -40.80 -37.75 11.23
CA GLU D 176 -40.76 -39.14 11.69
C GLU D 176 -41.05 -40.11 10.53
N GLY D 177 -40.14 -40.10 9.56
CA GLY D 177 -40.27 -40.96 8.40
C GLY D 177 -38.97 -41.28 7.68
N LYS D 178 -39.09 -41.79 6.46
CA LYS D 178 -37.92 -42.14 5.63
C LYS D 178 -37.95 -41.26 4.38
N ALA D 179 -37.42 -40.05 4.50
CA ALA D 179 -37.53 -39.04 3.45
C ALA D 179 -36.87 -39.54 2.16
N MET D 180 -37.50 -39.27 1.02
CA MET D 180 -36.91 -39.63 -0.24
C MET D 180 -35.77 -38.68 -0.58
N TYR D 181 -35.16 -38.91 -1.75
CA TYR D 181 -34.10 -38.06 -2.25
C TYR D 181 -33.78 -38.51 -3.67
N ILE D 182 -33.54 -37.55 -4.56
CA ILE D 182 -33.06 -37.84 -5.89
C ILE D 182 -31.96 -36.82 -6.20
N ASP D 183 -30.88 -37.27 -6.80
CA ASP D 183 -29.71 -36.42 -7.02
C ASP D 183 -29.07 -36.77 -8.35
N THR D 184 -29.45 -36.02 -9.39
CA THR D 184 -28.82 -36.22 -10.69
C THR D 184 -27.42 -35.60 -10.70
N GLU D 185 -27.18 -34.61 -9.82
CA GLU D 185 -25.84 -34.04 -9.71
C GLU D 185 -24.84 -35.09 -9.28
N GLY D 186 -25.23 -35.99 -8.38
CA GLY D 186 -24.32 -37.00 -7.87
C GLY D 186 -23.71 -36.68 -6.52
N THR D 187 -23.98 -35.49 -5.97
CA THR D 187 -23.42 -35.09 -4.69
C THR D 187 -24.33 -35.60 -3.58
N PHE D 188 -24.24 -36.90 -3.33
CA PHE D 188 -24.98 -37.56 -2.26
C PHE D 188 -23.96 -38.16 -1.31
N ARG D 189 -22.99 -37.36 -0.92
CA ARG D 189 -21.90 -37.85 -0.10
C ARG D 189 -22.44 -38.37 1.23
N PRO D 190 -21.96 -39.52 1.71
CA PRO D 190 -22.61 -40.19 2.86
C PRO D 190 -22.24 -39.58 4.19
N GLU D 191 -21.07 -38.91 4.25
CA GLU D 191 -20.67 -38.29 5.50
C GLU D 191 -21.64 -37.19 5.90
N ARG D 192 -22.31 -36.56 4.92
CA ARG D 192 -23.40 -35.65 5.26
C ARG D 192 -24.49 -36.35 6.04
N LEU D 193 -24.94 -37.51 5.56
CA LEU D 193 -25.96 -38.30 6.25
C LEU D 193 -25.51 -38.73 7.64
N LEU D 194 -24.27 -39.18 7.78
CA LEU D 194 -23.82 -39.71 9.06
C LEU D 194 -23.58 -38.59 10.08
N ALA D 195 -22.94 -37.50 9.66
CA ALA D 195 -22.58 -36.44 10.59
C ALA D 195 -23.82 -35.72 11.12
N VAL D 196 -24.80 -35.46 10.25
CA VAL D 196 -26.02 -34.79 10.70
C VAL D 196 -26.77 -35.68 11.68
N ALA D 197 -26.81 -36.99 11.42
CA ALA D 197 -27.43 -37.92 12.37
C ALA D 197 -26.69 -37.90 13.70
N GLU D 198 -25.36 -37.89 13.67
CA GLU D 198 -24.59 -37.80 14.91
C GLU D 198 -24.84 -36.49 15.63
N ARG D 199 -25.17 -35.43 14.89
CA ARG D 199 -25.40 -34.13 15.49
C ARG D 199 -26.58 -34.15 16.45
N TYR D 200 -27.65 -34.85 16.07
CA TYR D 200 -28.85 -34.92 16.89
C TYR D 200 -28.94 -36.20 17.72
N GLY D 201 -27.82 -36.90 17.89
CA GLY D 201 -27.79 -38.11 18.69
C GLY D 201 -28.62 -39.23 18.10
N LEU D 202 -28.19 -39.73 16.95
CA LEU D 202 -28.95 -40.73 16.21
C LEU D 202 -28.00 -41.74 15.59
N SER D 203 -28.51 -42.94 15.33
CA SER D 203 -27.72 -43.97 14.67
C SER D 203 -27.66 -43.72 13.18
N GLY D 204 -26.47 -43.88 12.60
CA GLY D 204 -26.30 -43.67 11.18
C GLY D 204 -26.91 -44.75 10.31
N SER D 205 -27.14 -45.94 10.87
CA SER D 205 -27.80 -47.00 10.11
C SER D 205 -29.24 -46.63 9.80
N ASP D 206 -29.90 -45.91 10.70
CA ASP D 206 -31.29 -45.51 10.46
C ASP D 206 -31.39 -44.57 9.27
N VAL D 207 -30.54 -43.54 9.22
CA VAL D 207 -30.60 -42.60 8.10
C VAL D 207 -30.13 -43.26 6.81
N LEU D 208 -29.42 -44.39 6.92
CA LEU D 208 -28.97 -45.10 5.73
C LEU D 208 -30.15 -45.67 4.96
N ASP D 209 -31.04 -46.40 5.63
CA ASP D 209 -32.22 -46.96 5.00
C ASP D 209 -33.44 -46.05 5.14
N ASN D 210 -33.26 -44.84 5.65
CA ASN D 210 -34.34 -43.86 5.75
C ASN D 210 -34.29 -42.85 4.62
N VAL D 211 -33.51 -43.12 3.57
CA VAL D 211 -33.45 -42.24 2.41
C VAL D 211 -33.41 -43.08 1.13
N ALA D 212 -34.41 -42.90 0.28
CA ALA D 212 -34.52 -43.69 -0.96
C ALA D 212 -33.88 -42.95 -2.13
N TYR D 213 -32.55 -42.92 -2.13
CA TYR D 213 -31.81 -42.21 -3.16
C TYR D 213 -32.10 -42.81 -4.54
N ALA D 214 -31.91 -41.99 -5.57
CA ALA D 214 -32.02 -42.44 -6.95
C ALA D 214 -31.04 -41.63 -7.78
N ARG D 215 -30.90 -41.99 -9.04
CA ARG D 215 -29.93 -41.32 -9.90
C ARG D 215 -30.26 -41.58 -11.36
N GLY D 216 -30.13 -40.55 -12.18
CA GLY D 216 -30.32 -40.68 -13.61
C GLY D 216 -30.28 -39.34 -14.31
N PHE D 217 -29.65 -39.35 -15.48
CA PHE D 217 -29.50 -38.17 -16.33
C PHE D 217 -30.78 -37.83 -17.10
N ASN D 218 -31.38 -38.79 -17.79
CA ASN D 218 -32.52 -38.52 -18.64
C ASN D 218 -33.71 -37.95 -17.85
N THR D 219 -34.46 -37.06 -18.47
CA THR D 219 -35.57 -36.41 -17.77
C THR D 219 -36.71 -37.39 -17.53
N ASP D 220 -36.98 -38.28 -18.49
CA ASP D 220 -37.98 -39.32 -18.28
C ASP D 220 -37.61 -40.19 -17.10
N HIS D 221 -36.31 -40.25 -16.76
CA HIS D 221 -35.88 -40.94 -15.55
C HIS D 221 -36.47 -40.27 -14.31
N GLN D 222 -36.35 -38.95 -14.22
CA GLN D 222 -36.93 -38.24 -13.08
C GLN D 222 -38.44 -38.40 -13.05
N THR D 223 -39.08 -38.28 -14.22
CA THR D 223 -40.54 -38.40 -14.26
C THR D 223 -40.98 -39.79 -13.83
N GLN D 224 -40.29 -40.83 -14.29
CA GLN D 224 -40.63 -42.19 -13.90
C GLN D 224 -40.36 -42.43 -12.43
N LEU D 225 -39.29 -41.82 -11.90
CA LEU D 225 -39.01 -41.92 -10.48
C LEU D 225 -40.16 -41.31 -9.68
N LEU D 226 -40.66 -40.16 -10.10
CA LEU D 226 -41.82 -39.59 -9.45
C LEU D 226 -43.08 -40.42 -9.71
N TYR D 227 -43.07 -41.21 -10.78
CA TYR D 227 -44.21 -42.09 -11.06
C TYR D 227 -44.29 -43.23 -10.05
N GLN D 228 -43.16 -43.89 -9.76
CA GLN D 228 -43.20 -44.88 -8.69
C GLN D 228 -43.02 -44.25 -7.31
N ALA D 229 -42.86 -42.93 -7.26
CA ALA D 229 -42.86 -42.24 -5.98
C ALA D 229 -44.15 -42.52 -5.21
N GLU D 230 -45.28 -42.55 -5.91
CA GLU D 230 -46.52 -42.94 -5.24
C GLU D 230 -46.45 -44.39 -4.76
N ASP D 231 -45.88 -45.26 -5.59
CA ASP D 231 -45.88 -46.68 -5.30
C ASP D 231 -45.01 -46.99 -4.08
N MET D 232 -44.08 -46.10 -3.74
CA MET D 232 -43.46 -46.29 -2.43
C MET D 232 -43.94 -45.27 -1.40
N MET D 233 -44.80 -44.32 -1.77
CA MET D 233 -45.59 -43.55 -0.80
C MET D 233 -46.54 -44.43 -0.03
N VAL D 234 -47.16 -45.41 -0.70
CA VAL D 234 -48.31 -46.10 -0.12
C VAL D 234 -47.95 -46.77 1.20
N GLU D 235 -46.83 -47.49 1.24
CA GLU D 235 -46.62 -48.44 2.34
C GLU D 235 -46.25 -47.80 3.67
N SER D 236 -45.60 -46.63 3.66
CA SER D 236 -45.19 -46.05 4.93
C SER D 236 -45.16 -44.53 4.87
N ARG D 237 -44.74 -43.93 5.98
CA ARG D 237 -44.76 -42.48 6.18
C ARG D 237 -43.34 -41.92 6.19
N TYR D 238 -43.09 -40.93 5.34
CA TYR D 238 -41.81 -40.25 5.16
C TYR D 238 -41.89 -38.73 5.22
N ALA D 239 -42.93 -38.13 4.65
CA ALA D 239 -43.20 -36.70 4.75
C ALA D 239 -42.11 -35.81 4.15
N LEU D 240 -41.39 -36.30 3.15
CA LEU D 240 -40.41 -35.48 2.45
C LEU D 240 -39.98 -36.15 1.14
N LEU D 241 -39.94 -35.37 0.06
CA LEU D 241 -39.68 -35.87 -1.29
C LEU D 241 -38.67 -34.98 -2.01
N ILE D 242 -37.54 -34.69 -1.36
CA ILE D 242 -36.51 -33.86 -1.97
C ILE D 242 -36.13 -34.42 -3.33
N VAL D 243 -35.99 -33.56 -4.33
CA VAL D 243 -35.51 -33.95 -5.64
C VAL D 243 -34.17 -33.28 -5.96
N ASP D 244 -33.64 -32.49 -5.04
CA ASP D 244 -32.34 -31.83 -5.17
C ASP D 244 -32.09 -31.31 -6.57
N SER D 245 -31.12 -31.91 -7.27
CA SER D 245 -30.69 -31.39 -8.55
C SER D 245 -31.77 -31.58 -9.62
N ALA D 246 -31.73 -30.69 -10.59
CA ALA D 246 -32.55 -30.80 -11.80
C ALA D 246 -31.68 -31.34 -12.93
N THR D 247 -32.25 -32.24 -13.72
CA THR D 247 -31.50 -32.81 -14.84
C THR D 247 -31.19 -31.75 -15.88
N ALA D 248 -30.10 -31.94 -16.59
CA ALA D 248 -29.70 -31.04 -17.67
C ALA D 248 -30.29 -31.55 -18.99
N LEU D 249 -29.82 -31.01 -20.11
CA LEU D 249 -30.22 -31.48 -21.42
C LEU D 249 -29.12 -31.10 -22.41
N TYR D 250 -29.09 -31.81 -23.52
CA TYR D 250 -28.15 -31.53 -24.61
C TYR D 250 -28.86 -30.77 -25.70
N ARG D 251 -28.17 -29.77 -26.25
CA ARG D 251 -28.73 -28.92 -27.30
C ARG D 251 -27.83 -28.96 -28.53
N THR D 252 -28.08 -28.08 -29.48
CA THR D 252 -27.35 -28.09 -30.75
C THR D 252 -25.85 -28.05 -30.51
N ASP D 253 -25.17 -29.14 -30.87
CA ASP D 253 -23.73 -29.26 -30.75
C ASP D 253 -23.01 -28.81 -32.01
N TYR D 254 -23.46 -29.26 -33.18
CA TYR D 254 -22.89 -28.85 -34.45
C TYR D 254 -23.75 -27.84 -35.20
N SER D 255 -25.07 -27.84 -34.97
CA SER D 255 -25.99 -27.03 -35.76
C SER D 255 -26.15 -25.65 -35.14
N GLY D 256 -25.13 -24.81 -35.35
CA GLY D 256 -25.23 -23.40 -35.02
C GLY D 256 -25.42 -23.14 -33.53
N ARG D 257 -26.18 -22.08 -33.24
CA ARG D 257 -26.44 -21.67 -31.87
C ARG D 257 -27.92 -21.34 -31.74
N GLY D 258 -28.44 -21.43 -30.52
CA GLY D 258 -29.82 -21.05 -30.24
C GLY D 258 -30.82 -22.12 -30.60
N GLU D 259 -31.81 -22.34 -29.73
CA GLU D 259 -32.71 -23.46 -29.89
C GLU D 259 -33.86 -23.36 -28.89
N LEU D 260 -34.85 -24.22 -29.08
CA LEU D 260 -35.87 -24.42 -28.07
C LEU D 260 -35.45 -25.54 -27.13
N SER D 261 -36.22 -25.72 -26.06
CA SER D 261 -35.96 -26.81 -25.14
C SER D 261 -37.20 -27.57 -24.69
N ALA D 262 -38.39 -26.96 -24.69
CA ALA D 262 -39.58 -27.48 -24.02
C ALA D 262 -39.34 -27.72 -22.54
N ARG D 263 -38.18 -27.30 -22.03
CA ARG D 263 -37.88 -27.48 -20.62
C ARG D 263 -38.88 -26.76 -19.75
N GLN D 264 -39.47 -25.69 -20.28
CA GLN D 264 -40.41 -24.90 -19.48
C GLN D 264 -41.67 -25.70 -19.18
N MET D 265 -42.24 -26.34 -20.20
CA MET D 265 -43.43 -27.14 -19.95
C MET D 265 -43.07 -28.44 -19.24
N HIS D 266 -41.85 -28.94 -19.47
CA HIS D 266 -41.40 -30.10 -18.72
C HIS D 266 -41.31 -29.79 -17.24
N LEU D 267 -40.77 -28.62 -16.90
CA LEU D 267 -40.61 -28.22 -15.51
C LEU D 267 -41.96 -27.87 -14.89
N ALA D 268 -42.86 -27.29 -15.68
CA ALA D 268 -44.23 -27.07 -15.18
C ALA D 268 -44.89 -28.39 -14.85
N ARG D 269 -44.79 -29.38 -15.74
CA ARG D 269 -45.36 -30.69 -15.46
C ARG D 269 -44.69 -31.34 -14.26
N PHE D 270 -43.36 -31.22 -14.17
CA PHE D 270 -42.61 -31.84 -13.08
C PHE D 270 -43.05 -31.27 -11.74
N LEU D 271 -43.12 -29.94 -11.63
CA LEU D 271 -43.63 -29.32 -10.42
C LEU D 271 -45.11 -29.65 -10.22
N ARG D 272 -45.81 -29.98 -11.31
CA ARG D 272 -47.20 -30.40 -11.18
C ARG D 272 -47.30 -31.73 -10.43
N MET D 273 -46.52 -32.74 -10.85
CA MET D 273 -46.50 -33.95 -10.02
C MET D 273 -46.02 -33.63 -8.62
N LEU D 274 -45.06 -32.72 -8.48
CA LEU D 274 -44.53 -32.40 -7.16
C LEU D 274 -45.64 -31.94 -6.21
N LEU D 275 -46.40 -30.92 -6.62
CA LEU D 275 -47.39 -30.40 -5.70
C LEU D 275 -48.63 -31.29 -5.61
N ARG D 276 -48.95 -32.05 -6.65
CA ARG D 276 -50.05 -33.00 -6.52
C ARG D 276 -49.71 -34.10 -5.52
N LEU D 277 -48.46 -34.58 -5.54
CA LEU D 277 -48.03 -35.52 -4.51
C LEU D 277 -48.05 -34.88 -3.14
N ALA D 278 -47.57 -33.64 -3.04
CA ALA D 278 -47.55 -32.96 -1.74
C ALA D 278 -48.95 -32.80 -1.17
N ASP D 279 -49.91 -32.43 -2.01
CA ASP D 279 -51.28 -32.22 -1.53
C ASP D 279 -51.96 -33.55 -1.21
N GLU D 280 -51.80 -34.55 -2.08
CA GLU D 280 -52.49 -35.83 -1.88
C GLU D 280 -51.95 -36.55 -0.64
N PHE D 281 -50.63 -36.69 -0.54
CA PHE D 281 -50.04 -37.46 0.54
C PHE D 281 -49.75 -36.64 1.79
N GLY D 282 -49.94 -35.32 1.73
CA GLY D 282 -49.53 -34.48 2.84
C GLY D 282 -48.03 -34.54 3.07
N VAL D 283 -47.25 -34.54 2.00
CA VAL D 283 -45.80 -34.65 2.07
C VAL D 283 -45.18 -33.33 1.61
N ALA D 284 -43.93 -33.13 1.97
CA ALA D 284 -43.20 -31.91 1.65
C ALA D 284 -42.30 -32.14 0.45
N VAL D 285 -42.30 -31.18 -0.48
CA VAL D 285 -41.50 -31.27 -1.68
C VAL D 285 -40.43 -30.19 -1.63
N VAL D 286 -39.19 -30.58 -1.94
CA VAL D 286 -38.03 -29.71 -1.88
C VAL D 286 -37.24 -29.83 -3.17
N ILE D 287 -36.86 -28.68 -3.73
CA ILE D 287 -36.04 -28.64 -4.95
C ILE D 287 -34.89 -27.67 -4.70
N THR D 288 -33.87 -27.78 -5.55
CA THR D 288 -32.74 -26.85 -5.56
C THR D 288 -32.56 -26.28 -6.96
N ASN D 289 -32.09 -25.03 -7.03
CA ASN D 289 -32.10 -24.26 -8.27
C ASN D 289 -30.73 -23.67 -8.53
N GLN D 290 -30.27 -23.78 -9.78
CA GLN D 290 -29.03 -23.16 -10.21
C GLN D 290 -29.20 -21.64 -10.28
N VAL D 291 -28.09 -20.92 -10.23
CA VAL D 291 -28.08 -19.47 -10.34
C VAL D 291 -27.43 -19.06 -11.65
N VAL D 292 -28.03 -18.10 -12.32
CA VAL D 292 -27.49 -17.55 -13.56
C VAL D 292 -27.32 -16.04 -13.42
N ALA D 293 -26.11 -15.58 -13.70
CA ALA D 293 -25.77 -14.17 -13.60
C ALA D 293 -25.83 -13.57 -15.00
N GLN D 294 -25.39 -12.31 -15.11
CA GLN D 294 -25.32 -11.51 -16.34
C GLN D 294 -26.69 -10.99 -16.74
N VAL D 295 -27.75 -11.40 -16.05
CA VAL D 295 -29.08 -10.88 -16.37
C VAL D 295 -29.15 -9.38 -16.12
N ASP D 296 -28.35 -8.87 -15.19
CA ASP D 296 -28.30 -7.44 -14.90
C ASP D 296 -27.21 -6.72 -15.70
N GLY D 297 -26.83 -7.24 -16.87
CA GLY D 297 -25.81 -6.62 -17.68
C GLY D 297 -26.29 -5.52 -18.59
N ALA D 298 -27.60 -5.26 -18.60
CA ALA D 298 -28.17 -4.24 -19.48
C ALA D 298 -28.40 -2.92 -18.72
N ALA D 299 -27.28 -2.26 -18.40
CA ALA D 299 -27.28 -0.97 -17.72
C ALA D 299 -28.07 -1.04 -16.42
N MET D 300 -27.87 -2.13 -15.68
CA MET D 300 -28.56 -2.36 -14.42
C MET D 300 -27.54 -2.28 -13.29
N PHE D 301 -27.97 -1.76 -12.13
CA PHE D 301 -27.03 -1.49 -11.05
C PHE D 301 -26.35 -2.76 -10.54
N ALA D 302 -26.90 -3.93 -10.88
CA ALA D 302 -26.26 -5.22 -10.62
C ALA D 302 -26.04 -5.47 -9.13
N ALA D 303 -26.96 -4.99 -8.29
CA ALA D 303 -26.88 -5.30 -6.87
C ALA D 303 -27.10 -6.79 -6.63
N ASP D 304 -28.04 -7.40 -7.37
CA ASP D 304 -28.38 -8.81 -7.25
C ASP D 304 -28.40 -9.44 -8.63
N PRO D 305 -27.22 -9.67 -9.23
CA PRO D 305 -27.19 -10.19 -10.61
C PRO D 305 -27.52 -11.68 -10.71
N LYS D 306 -27.47 -12.42 -9.60
CA LYS D 306 -27.67 -13.86 -9.64
C LYS D 306 -29.15 -14.23 -9.56
N LYS D 307 -29.79 -14.40 -10.73
CA LYS D 307 -31.18 -14.67 -11.05
C LYS D 307 -31.42 -16.18 -11.16
N PRO D 308 -32.59 -16.67 -10.73
CA PRO D 308 -32.88 -18.10 -10.86
C PRO D 308 -33.10 -18.51 -12.31
N ILE D 309 -32.89 -19.81 -12.56
CA ILE D 309 -33.21 -20.42 -13.85
C ILE D 309 -34.61 -20.99 -13.79
N GLY D 310 -35.33 -20.89 -14.90
CA GLY D 310 -36.66 -21.49 -14.99
C GLY D 310 -37.74 -20.54 -15.44
N GLY D 311 -37.40 -19.25 -15.59
CA GLY D 311 -38.33 -18.25 -16.07
C GLY D 311 -39.53 -18.08 -15.15
N ASN D 312 -40.70 -17.94 -15.78
CA ASN D 312 -41.94 -17.80 -15.03
C ASN D 312 -42.47 -19.14 -14.54
N ILE D 313 -41.95 -20.25 -15.05
CA ILE D 313 -42.43 -21.57 -14.65
C ILE D 313 -42.04 -21.86 -13.20
N ILE D 314 -40.79 -21.57 -12.85
CA ILE D 314 -40.35 -21.75 -11.47
C ILE D 314 -41.05 -20.78 -10.53
N ALA D 315 -41.53 -19.65 -11.05
CA ALA D 315 -42.01 -18.57 -10.19
C ALA D 315 -43.35 -18.91 -9.55
N HIS D 316 -44.39 -19.09 -10.36
CA HIS D 316 -45.73 -19.29 -9.84
C HIS D 316 -46.12 -20.75 -9.68
N ALA D 317 -45.23 -21.68 -10.00
CA ALA D 317 -45.42 -23.07 -9.59
C ALA D 317 -44.79 -23.34 -8.23
N SER D 318 -44.20 -22.33 -7.62
CA SER D 318 -43.57 -22.44 -6.32
C SER D 318 -44.23 -21.48 -5.34
N THR D 319 -44.29 -21.90 -4.08
CA THR D 319 -44.88 -21.10 -3.02
C THR D 319 -43.86 -20.49 -2.08
N THR D 320 -42.88 -21.27 -1.64
CA THR D 320 -41.84 -20.78 -0.74
C THR D 320 -40.50 -20.82 -1.48
N ARG D 321 -39.83 -19.68 -1.58
CA ARG D 321 -38.54 -19.58 -2.23
C ARG D 321 -37.53 -18.94 -1.28
N LEU D 322 -36.31 -19.47 -1.27
CA LEU D 322 -35.26 -19.00 -0.39
C LEU D 322 -34.01 -18.68 -1.20
N TYR D 323 -33.28 -17.66 -0.76
CA TYR D 323 -32.02 -17.25 -1.38
C TYR D 323 -30.88 -17.52 -0.42
N LEU D 324 -29.79 -18.07 -0.95
CA LEU D 324 -28.60 -18.36 -0.19
C LEU D 324 -27.48 -17.42 -0.60
N ARG D 325 -26.87 -16.76 0.38
CA ARG D 325 -25.82 -15.78 0.14
C ARG D 325 -24.52 -16.24 0.81
N LYS D 326 -23.43 -16.17 0.06
CA LYS D 326 -22.13 -16.57 0.58
C LYS D 326 -21.61 -15.51 1.55
N GLY D 327 -21.14 -15.95 2.71
CA GLY D 327 -20.58 -15.07 3.71
C GLY D 327 -19.10 -15.28 3.90
N ARG D 328 -18.57 -14.66 4.96
CA ARG D 328 -17.15 -14.76 5.25
C ARG D 328 -16.81 -16.16 5.74
N GLY D 329 -16.25 -16.97 4.85
CA GLY D 329 -15.94 -18.35 5.18
C GLY D 329 -17.17 -19.20 5.34
N GLU D 330 -17.34 -19.80 6.52
CA GLU D 330 -18.48 -20.66 6.80
C GLU D 330 -19.68 -19.88 7.30
N THR D 331 -19.59 -18.56 7.42
CA THR D 331 -20.65 -17.74 8.00
C THR D 331 -21.58 -17.25 6.88
N ARG D 332 -22.38 -18.18 6.36
CA ARG D 332 -23.33 -17.87 5.31
C ARG D 332 -24.58 -17.23 5.89
N ILE D 333 -25.35 -16.57 5.02
CA ILE D 333 -26.54 -15.83 5.42
C ILE D 333 -27.72 -16.30 4.57
N CYS D 334 -28.86 -16.54 5.21
CA CYS D 334 -30.04 -17.05 4.55
C CYS D 334 -31.05 -15.93 4.30
N LYS D 335 -31.65 -15.94 3.11
CA LYS D 335 -32.52 -14.88 2.63
C LYS D 335 -33.78 -15.50 2.05
N ILE D 336 -34.81 -14.66 1.87
CA ILE D 336 -36.07 -15.07 1.28
C ILE D 336 -36.33 -14.21 0.05
N TYR D 337 -36.62 -14.84 -1.08
CA TYR D 337 -37.12 -14.10 -2.23
C TYR D 337 -38.57 -13.67 -2.02
N ASP D 338 -39.47 -14.64 -1.90
CA ASP D 338 -40.88 -14.33 -1.77
C ASP D 338 -41.62 -15.51 -1.15
N SER D 339 -42.29 -15.24 -0.04
CA SER D 339 -43.15 -16.22 0.62
C SER D 339 -44.44 -15.52 1.05
N PRO D 340 -45.59 -16.16 0.86
CA PRO D 340 -46.87 -15.49 1.17
C PRO D 340 -47.02 -15.09 2.63
N CYS D 341 -46.46 -15.84 3.57
CA CYS D 341 -46.63 -15.51 4.98
C CYS D 341 -45.29 -15.20 5.66
N LEU D 342 -44.32 -14.68 4.92
CA LEU D 342 -43.02 -14.41 5.49
C LEU D 342 -42.56 -12.99 5.14
N PRO D 343 -41.89 -12.32 6.06
CA PRO D 343 -41.16 -11.10 5.73
C PRO D 343 -39.77 -11.46 5.22
N GLU D 344 -38.97 -10.42 4.94
CA GLU D 344 -37.60 -10.61 4.52
C GLU D 344 -36.70 -10.60 5.75
N ALA D 345 -36.06 -11.74 6.03
CA ALA D 345 -35.22 -11.89 7.20
C ALA D 345 -33.90 -12.56 6.82
N GLU D 346 -32.87 -12.26 7.59
CA GLU D 346 -31.54 -12.82 7.40
C GLU D 346 -31.08 -13.46 8.71
N ALA D 347 -30.37 -14.57 8.59
CA ALA D 347 -29.84 -15.26 9.76
C ALA D 347 -28.39 -15.67 9.50
N MET D 348 -27.65 -15.86 10.57
CA MET D 348 -26.25 -16.25 10.51
C MET D 348 -26.14 -17.73 10.86
N PHE D 349 -25.67 -18.53 9.91
CA PHE D 349 -25.51 -19.97 10.09
C PHE D 349 -24.18 -20.42 9.51
N ALA D 350 -23.66 -21.51 10.05
CA ALA D 350 -22.35 -22.02 9.67
C ALA D 350 -22.44 -23.51 9.37
N ILE D 351 -21.41 -24.02 8.70
CA ILE D 351 -21.28 -25.43 8.37
C ILE D 351 -20.00 -25.95 8.99
N ASN D 352 -20.11 -27.07 9.72
CA ASN D 352 -18.96 -27.68 10.37
C ASN D 352 -18.85 -29.15 10.00
N ALA D 353 -17.98 -29.88 10.71
CA ALA D 353 -17.76 -31.29 10.40
C ALA D 353 -19.01 -32.14 10.66
N ASP D 354 -19.75 -31.86 11.73
CA ASP D 354 -20.87 -32.68 12.14
C ASP D 354 -22.21 -32.15 11.62
N GLY D 355 -22.18 -31.54 10.44
CA GLY D 355 -23.41 -31.06 9.83
C GLY D 355 -23.46 -29.56 9.70
N VAL D 356 -24.63 -28.97 9.97
CA VAL D 356 -24.83 -27.53 9.88
C VAL D 356 -25.19 -27.01 11.26
N GLY D 357 -24.41 -26.04 11.74
CA GLY D 357 -24.66 -25.46 13.04
C GLY D 357 -23.51 -24.55 13.44
N ASP D 358 -23.73 -23.82 14.52
CA ASP D 358 -22.72 -22.88 15.02
C ASP D 358 -21.93 -23.50 16.18
N PRO E 44 -80.70 -7.84 -8.28
CA PRO E 44 -81.59 -7.98 -7.12
C PRO E 44 -82.91 -8.65 -7.47
N GLN E 45 -82.86 -9.70 -8.29
CA GLN E 45 -84.04 -10.43 -8.75
C GLN E 45 -83.84 -11.91 -8.46
N PRO E 46 -84.11 -12.34 -7.23
CA PRO E 46 -83.90 -13.75 -6.88
C PRO E 46 -84.86 -14.67 -7.62
N ILE E 47 -84.56 -15.97 -7.55
CA ILE E 47 -85.37 -16.97 -8.23
C ILE E 47 -86.72 -17.19 -7.57
N SER E 48 -86.95 -16.61 -6.39
CA SER E 48 -88.24 -16.75 -5.72
C SER E 48 -89.36 -16.14 -6.55
N ARG E 49 -89.04 -15.14 -7.38
CA ARG E 49 -90.05 -14.59 -8.27
C ARG E 49 -90.53 -15.62 -9.29
N LEU E 50 -89.61 -16.43 -9.80
CA LEU E 50 -89.92 -17.44 -10.80
C LEU E 50 -90.52 -18.67 -10.12
N GLU E 51 -90.60 -19.77 -10.87
CA GLU E 51 -91.05 -21.08 -10.38
C GLU E 51 -92.54 -21.11 -10.07
N GLN E 52 -93.23 -19.99 -10.23
CA GLN E 52 -94.66 -19.93 -9.98
C GLN E 52 -95.45 -19.22 -11.07
N CYS E 53 -94.81 -18.66 -12.09
CA CYS E 53 -95.51 -17.93 -13.15
C CYS E 53 -95.83 -18.85 -14.32
N GLY E 54 -96.54 -19.94 -14.00
CA GLY E 54 -96.97 -20.87 -15.03
C GLY E 54 -95.85 -21.56 -15.77
N ILE E 55 -94.85 -22.06 -15.04
CA ILE E 55 -93.70 -22.75 -15.63
C ILE E 55 -93.64 -24.14 -15.01
N ASN E 56 -93.36 -25.14 -15.86
CA ASN E 56 -93.29 -26.52 -15.39
C ASN E 56 -92.21 -26.69 -14.33
N ALA E 57 -92.54 -27.41 -13.26
CA ALA E 57 -91.60 -27.57 -12.15
C ALA E 57 -90.36 -28.34 -12.57
N ASN E 58 -90.53 -29.41 -13.36
CA ASN E 58 -89.38 -30.21 -13.78
C ASN E 58 -88.41 -29.40 -14.62
N ASP E 59 -88.92 -28.58 -15.54
CA ASP E 59 -88.06 -27.73 -16.34
C ASP E 59 -87.34 -26.71 -15.47
N VAL E 60 -88.05 -26.16 -14.47
CA VAL E 60 -87.42 -25.22 -13.54
C VAL E 60 -86.27 -25.89 -12.79
N LYS E 61 -86.50 -27.11 -12.31
CA LYS E 61 -85.45 -27.83 -11.59
C LYS E 61 -84.26 -28.11 -12.50
N LYS E 62 -84.51 -28.54 -13.73
CA LYS E 62 -83.42 -28.82 -14.66
C LYS E 62 -82.66 -27.55 -15.02
N LEU E 63 -83.34 -26.41 -15.05
CA LEU E 63 -82.64 -25.15 -15.34
C LEU E 63 -81.83 -24.68 -14.13
N GLU E 64 -82.37 -24.84 -12.92
CA GLU E 64 -81.69 -24.34 -11.73
C GLU E 64 -80.49 -25.21 -11.37
N GLU E 65 -80.58 -26.51 -11.64
CA GLU E 65 -79.45 -27.39 -11.33
C GLU E 65 -78.21 -27.08 -12.17
N ALA E 66 -78.36 -26.30 -13.24
CA ALA E 66 -77.20 -25.91 -14.05
C ALA E 66 -76.26 -25.02 -13.24
N GLY E 67 -76.80 -24.08 -12.49
CA GLY E 67 -75.98 -23.21 -11.67
C GLY E 67 -76.43 -21.77 -11.61
N TYR E 68 -77.29 -21.36 -12.56
CA TYR E 68 -77.80 -20.00 -12.60
C TYR E 68 -79.08 -19.94 -11.76
N HIS E 69 -78.90 -19.68 -10.46
CA HIS E 69 -80.03 -19.60 -9.53
C HIS E 69 -80.56 -18.19 -9.41
N THR E 70 -80.90 -17.58 -10.54
CA THR E 70 -81.44 -16.22 -10.57
C THR E 70 -82.11 -16.00 -11.91
N VAL E 71 -82.74 -14.84 -12.05
CA VAL E 71 -83.50 -14.50 -13.25
C VAL E 71 -82.61 -13.71 -14.21
N GLU E 72 -81.77 -12.84 -13.66
CA GLU E 72 -80.94 -11.98 -14.50
C GLU E 72 -79.94 -12.79 -15.32
N ALA E 73 -79.34 -13.82 -14.72
CA ALA E 73 -78.40 -14.65 -15.46
C ALA E 73 -79.08 -15.39 -16.60
N VAL E 74 -80.30 -15.87 -16.35
CA VAL E 74 -81.07 -16.53 -17.41
C VAL E 74 -81.37 -15.54 -18.53
N ALA E 75 -81.76 -14.32 -18.17
CA ALA E 75 -82.03 -13.29 -19.17
C ALA E 75 -80.79 -12.92 -19.97
N TYR E 76 -79.63 -12.81 -19.31
CA TYR E 76 -78.41 -12.35 -19.95
C TYR E 76 -77.84 -13.36 -20.95
N ALA E 77 -78.36 -14.59 -20.97
CA ALA E 77 -77.84 -15.62 -21.85
C ALA E 77 -78.26 -15.35 -23.28
N PRO E 78 -77.32 -15.17 -24.22
CA PRO E 78 -77.69 -14.94 -25.62
C PRO E 78 -77.99 -16.22 -26.37
N LYS E 79 -79.01 -16.95 -25.90
CA LYS E 79 -79.43 -18.23 -26.49
C LYS E 79 -78.27 -19.22 -26.53
N LYS E 80 -77.56 -19.34 -25.40
CA LYS E 80 -76.47 -20.28 -25.27
C LYS E 80 -76.77 -21.40 -24.29
N GLU E 81 -77.08 -21.07 -23.04
CA GLU E 81 -77.45 -22.07 -22.04
C GLU E 81 -78.97 -22.23 -21.97
N LEU E 82 -79.60 -22.45 -23.10
CA LEU E 82 -81.05 -22.58 -23.15
C LEU E 82 -81.53 -23.84 -23.84
N ILE E 83 -80.82 -24.28 -24.89
CA ILE E 83 -81.22 -25.48 -25.62
C ILE E 83 -80.27 -26.65 -25.38
N ASN E 84 -79.01 -26.39 -25.00
CA ASN E 84 -78.07 -27.48 -24.76
C ASN E 84 -78.45 -28.30 -23.55
N ILE E 85 -79.20 -27.74 -22.61
CA ILE E 85 -79.63 -28.48 -21.42
C ILE E 85 -80.86 -29.30 -21.80
N LYS E 86 -80.69 -30.63 -21.82
CA LYS E 86 -81.79 -31.51 -22.20
C LYS E 86 -82.87 -31.50 -21.13
N GLY E 87 -84.13 -31.62 -21.57
CA GLY E 87 -85.28 -31.67 -20.70
C GLY E 87 -86.16 -30.44 -20.77
N ILE E 88 -85.59 -29.28 -21.12
CA ILE E 88 -86.34 -28.04 -21.21
C ILE E 88 -86.96 -27.95 -22.60
N SER E 89 -88.28 -27.75 -22.65
CA SER E 89 -88.98 -27.61 -23.92
C SER E 89 -88.67 -26.26 -24.54
N GLU E 90 -88.83 -26.18 -25.86
CA GLU E 90 -88.58 -24.94 -26.57
C GLU E 90 -89.55 -23.84 -26.15
N ALA E 91 -90.84 -24.18 -26.05
CA ALA E 91 -91.83 -23.20 -25.63
C ALA E 91 -91.60 -22.77 -24.19
N LYS E 92 -91.26 -23.71 -23.31
CA LYS E 92 -90.97 -23.37 -21.93
C LYS E 92 -89.73 -22.48 -21.83
N ALA E 93 -88.70 -22.77 -22.63
CA ALA E 93 -87.51 -21.93 -22.64
C ALA E 93 -87.83 -20.52 -23.13
N ASP E 94 -88.66 -20.41 -24.17
CA ASP E 94 -89.05 -19.09 -24.67
C ASP E 94 -89.83 -18.33 -23.60
N LYS E 95 -90.74 -19.01 -22.90
CA LYS E 95 -91.50 -18.37 -21.84
C LYS E 95 -90.59 -17.89 -20.71
N ILE E 96 -89.61 -18.72 -20.33
CA ILE E 96 -88.68 -18.35 -19.28
C ILE E 96 -87.86 -17.13 -19.71
N LEU E 97 -87.39 -17.13 -20.96
CA LEU E 97 -86.60 -16.01 -21.46
C LEU E 97 -87.42 -14.73 -21.49
N THR E 98 -88.67 -14.80 -21.96
CA THR E 98 -89.51 -13.61 -22.02
C THR E 98 -89.82 -13.09 -20.62
N GLU E 99 -90.11 -13.99 -19.68
CA GLU E 99 -90.37 -13.56 -18.30
C GLU E 99 -89.13 -12.92 -17.69
N ALA E 100 -87.96 -13.51 -17.92
CA ALA E 100 -86.73 -12.93 -17.40
C ALA E 100 -86.48 -11.55 -18.00
N ALA E 101 -86.74 -11.38 -19.29
CA ALA E 101 -86.58 -10.08 -19.93
C ALA E 101 -87.55 -9.06 -19.36
N LYS E 102 -88.79 -9.47 -19.11
CA LYS E 102 -89.79 -8.52 -18.62
C LYS E 102 -89.56 -8.17 -17.16
N LEU E 103 -88.91 -9.05 -16.40
CA LEU E 103 -88.61 -8.75 -15.00
C LEU E 103 -87.62 -7.60 -14.89
N VAL E 104 -86.54 -7.64 -15.67
CA VAL E 104 -85.51 -6.60 -15.61
C VAL E 104 -86.00 -5.36 -16.34
N PRO E 105 -86.02 -4.20 -15.69
CA PRO E 105 -86.46 -2.98 -16.38
C PRO E 105 -85.60 -2.64 -17.59
N MET E 106 -84.29 -2.90 -17.52
CA MET E 106 -83.35 -2.61 -18.60
C MET E 106 -83.41 -1.13 -19.01
N GLY E 107 -83.06 -0.27 -18.06
CA GLY E 107 -82.98 1.15 -18.32
C GLY E 107 -81.85 1.49 -19.28
N PHE E 108 -82.19 1.95 -20.48
CA PHE E 108 -81.22 2.18 -21.53
C PHE E 108 -81.23 3.62 -22.04
N THR E 109 -81.48 4.57 -21.14
CA THR E 109 -81.43 5.98 -21.53
C THR E 109 -80.00 6.39 -21.84
N THR E 110 -79.84 7.22 -22.87
CA THR E 110 -78.50 7.59 -23.31
C THR E 110 -77.77 8.40 -22.24
N ALA E 111 -78.39 9.47 -21.75
CA ALA E 111 -77.73 10.34 -20.77
C ALA E 111 -78.67 10.80 -19.67
N THR E 112 -79.53 9.91 -19.18
CA THR E 112 -80.46 10.26 -18.12
C THR E 112 -80.17 9.53 -16.82
N GLU E 113 -80.11 8.20 -16.84
CA GLU E 113 -79.76 7.42 -15.66
C GLU E 113 -78.59 6.47 -15.89
N PHE E 114 -77.92 6.57 -17.04
CA PHE E 114 -76.79 5.69 -17.32
C PHE E 114 -75.65 5.92 -16.33
N HIS E 115 -75.34 7.18 -16.03
CA HIS E 115 -74.29 7.48 -15.06
C HIS E 115 -74.68 7.03 -13.66
N GLN E 116 -75.96 7.16 -13.31
CA GLN E 116 -76.40 6.73 -11.98
C GLN E 116 -76.38 5.20 -11.87
N ARG E 117 -76.62 4.49 -12.97
CA ARG E 117 -76.50 3.04 -12.94
C ARG E 117 -75.04 2.61 -12.89
N ARG E 118 -74.16 3.37 -13.56
CA ARG E 118 -72.73 3.12 -13.44
C ARG E 118 -72.22 3.43 -12.03
N SER E 119 -72.91 4.34 -11.34
CA SER E 119 -72.43 4.80 -10.04
C SER E 119 -72.95 3.95 -8.88
N GLU E 120 -73.73 2.91 -9.15
CA GLU E 120 -74.17 2.02 -8.08
C GLU E 120 -72.97 1.19 -7.62
N ILE E 121 -72.34 1.61 -6.52
CA ILE E 121 -71.09 1.01 -6.08
C ILE E 121 -70.92 1.30 -4.60
N ILE E 122 -70.31 0.38 -3.88
CA ILE E 122 -70.00 0.56 -2.47
C ILE E 122 -68.51 0.67 -2.19
N GLN E 123 -67.66 0.36 -3.17
CA GLN E 123 -66.24 0.73 -3.15
C GLN E 123 -65.49 0.13 -1.96
N ILE E 124 -65.34 -1.19 -1.95
CA ILE E 124 -64.43 -1.84 -1.00
C ILE E 124 -63.05 -1.22 -1.15
N THR E 125 -62.48 -0.76 -0.02
CA THR E 125 -61.14 -0.19 -0.01
C THR E 125 -60.13 -1.29 0.30
N THR E 126 -59.29 -1.61 -0.69
CA THR E 126 -58.28 -2.64 -0.51
C THR E 126 -57.11 -2.15 0.34
N GLY E 127 -56.39 -1.13 -0.12
CA GLY E 127 -55.38 -0.49 0.68
C GLY E 127 -55.97 0.60 1.56
N SER E 128 -55.11 1.19 2.40
CA SER E 128 -55.54 2.26 3.27
C SER E 128 -55.99 3.48 2.47
N LYS E 129 -55.04 4.12 1.77
CA LYS E 129 -55.37 5.32 1.03
C LYS E 129 -54.72 5.42 -0.35
N GLU E 130 -53.72 4.61 -0.67
CA GLU E 130 -52.93 4.85 -1.88
C GLU E 130 -53.75 4.66 -3.15
N LEU E 131 -54.44 3.53 -3.26
CA LEU E 131 -55.24 3.24 -4.44
C LEU E 131 -56.68 3.75 -4.33
N ASP E 132 -57.00 4.47 -3.25
CA ASP E 132 -58.32 5.04 -3.07
C ASP E 132 -58.37 6.54 -3.31
N LYS E 133 -57.23 7.24 -3.24
CA LYS E 133 -57.23 8.68 -3.54
C LYS E 133 -57.45 8.92 -5.02
N LEU E 134 -56.76 8.18 -5.89
CA LEU E 134 -56.86 8.38 -7.33
C LEU E 134 -58.01 7.58 -7.93
N LEU E 135 -58.00 6.26 -7.71
CA LEU E 135 -59.06 5.42 -8.23
C LEU E 135 -60.37 5.69 -7.49
N GLN E 136 -61.48 5.59 -8.21
CA GLN E 136 -62.79 5.72 -7.60
C GLN E 136 -63.01 4.55 -6.64
N GLY E 137 -62.97 4.85 -5.34
CA GLY E 137 -63.02 3.78 -4.37
C GLY E 137 -61.77 2.91 -4.49
N GLY E 138 -61.92 1.66 -4.09
CA GLY E 138 -60.84 0.71 -4.23
C GLY E 138 -61.02 -0.24 -5.39
N ILE E 139 -62.23 -0.78 -5.55
CA ILE E 139 -62.56 -1.76 -6.57
C ILE E 139 -63.99 -1.50 -7.04
N GLU E 140 -64.43 -2.31 -8.01
CA GLU E 140 -65.79 -2.23 -8.53
C GLU E 140 -66.75 -3.00 -7.64
N THR E 141 -68.05 -2.79 -7.89
CA THR E 141 -69.07 -3.56 -7.18
C THR E 141 -68.96 -5.05 -7.52
N GLY E 142 -69.13 -5.38 -8.80
CA GLY E 142 -68.88 -6.74 -9.26
C GLY E 142 -67.45 -6.87 -9.74
N SER E 143 -66.51 -6.50 -8.87
CA SER E 143 -65.11 -6.42 -9.26
C SER E 143 -64.55 -7.80 -9.58
N ILE E 144 -63.88 -7.90 -10.73
CA ILE E 144 -63.13 -9.09 -11.11
C ILE E 144 -61.66 -8.74 -10.94
N THR E 145 -61.10 -9.06 -9.77
CA THR E 145 -59.73 -8.67 -9.44
C THR E 145 -58.76 -9.69 -10.02
N GLU E 146 -58.75 -9.75 -11.35
CA GLU E 146 -57.82 -10.62 -12.06
C GLU E 146 -56.40 -10.11 -11.85
N MET E 147 -55.48 -11.04 -11.60
CA MET E 147 -54.16 -10.73 -11.08
C MET E 147 -53.10 -11.16 -12.07
N PHE E 148 -52.00 -10.41 -12.12
CA PHE E 148 -50.88 -10.74 -12.98
C PHE E 148 -49.60 -10.18 -12.37
N GLY E 149 -48.50 -10.89 -12.55
CA GLY E 149 -47.24 -10.45 -11.97
C GLY E 149 -46.09 -11.42 -12.14
N GLU E 150 -45.12 -11.34 -11.24
CA GLU E 150 -43.89 -12.11 -11.31
C GLU E 150 -43.46 -12.42 -9.87
N PHE E 151 -42.20 -12.77 -9.69
CA PHE E 151 -41.71 -13.03 -8.34
C PHE E 151 -41.93 -11.81 -7.45
N ARG E 152 -42.19 -12.09 -6.17
CA ARG E 152 -42.20 -11.08 -5.10
C ARG E 152 -43.37 -10.11 -5.24
N THR E 153 -44.31 -10.45 -6.14
CA THR E 153 -45.41 -9.55 -6.40
C THR E 153 -46.41 -9.53 -5.25
N GLY E 154 -46.72 -10.71 -4.70
CA GLY E 154 -47.67 -10.81 -3.61
C GLY E 154 -49.09 -10.45 -3.94
N LYS E 155 -49.61 -10.91 -5.08
CA LYS E 155 -51.02 -10.69 -5.40
C LYS E 155 -51.94 -11.37 -4.38
N THR E 156 -51.56 -12.57 -3.94
CA THR E 156 -52.33 -13.26 -2.91
C THR E 156 -52.38 -12.44 -1.63
N GLN E 157 -51.40 -11.58 -1.40
CA GLN E 157 -51.46 -10.68 -0.25
C GLN E 157 -52.53 -9.63 -0.42
N ILE E 158 -52.72 -9.13 -1.64
CA ILE E 158 -53.85 -8.24 -1.91
C ILE E 158 -55.17 -8.99 -1.70
N CYS E 159 -55.21 -10.27 -2.08
CA CYS E 159 -56.41 -11.06 -1.80
C CYS E 159 -56.66 -11.16 -0.29
N HIS E 160 -55.60 -11.44 0.48
CA HIS E 160 -55.75 -11.52 1.92
C HIS E 160 -56.20 -10.20 2.52
N THR E 161 -55.70 -9.09 1.98
CA THR E 161 -55.98 -7.78 2.55
C THR E 161 -57.31 -7.19 2.09
N LEU E 162 -57.93 -7.72 1.03
CA LEU E 162 -59.29 -7.27 0.73
C LEU E 162 -60.35 -8.24 1.23
N ALA E 163 -59.98 -9.51 1.49
CA ALA E 163 -60.95 -10.44 2.07
C ALA E 163 -61.41 -9.98 3.45
N VAL E 164 -60.49 -9.45 4.25
CA VAL E 164 -60.86 -8.97 5.58
C VAL E 164 -61.66 -7.68 5.48
N THR E 165 -61.34 -6.82 4.51
CA THR E 165 -62.06 -5.55 4.41
C THR E 165 -63.48 -5.74 3.87
N CYS E 166 -63.69 -6.76 3.03
CA CYS E 166 -65.04 -7.00 2.54
C CYS E 166 -65.95 -7.55 3.63
N GLN E 167 -65.37 -8.06 4.72
CA GLN E 167 -66.13 -8.51 5.88
C GLN E 167 -66.30 -7.42 6.93
N LEU E 168 -66.33 -6.16 6.52
CA LEU E 168 -66.38 -5.02 7.42
C LEU E 168 -67.56 -4.13 7.05
N PRO E 169 -68.14 -3.43 8.03
CA PRO E 169 -69.31 -2.58 7.74
C PRO E 169 -69.00 -1.49 6.73
N ILE E 170 -70.07 -0.93 6.17
CA ILE E 170 -69.96 0.09 5.12
C ILE E 170 -69.32 1.38 5.63
N ASP E 171 -69.35 1.61 6.95
CA ASP E 171 -68.86 2.87 7.48
C ASP E 171 -67.39 3.12 7.19
N ARG E 172 -66.63 2.08 6.85
CA ARG E 172 -65.23 2.23 6.47
C ARG E 172 -64.94 1.54 5.14
N GLY E 173 -65.92 1.52 4.24
CA GLY E 173 -65.73 0.93 2.93
C GLY E 173 -65.72 -0.58 2.91
N GLY E 174 -66.84 -1.19 3.29
CA GLY E 174 -66.95 -2.64 3.30
C GLY E 174 -68.24 -3.14 2.65
N GLY E 175 -68.55 -4.41 2.85
CA GLY E 175 -69.78 -4.97 2.30
C GLY E 175 -70.49 -5.97 3.20
N GLU E 176 -69.92 -6.23 4.38
CA GLU E 176 -70.47 -7.21 5.33
C GLU E 176 -70.64 -8.57 4.67
N GLY E 177 -69.65 -8.97 3.87
CA GLY E 177 -69.71 -10.21 3.13
C GLY E 177 -69.10 -11.38 3.90
N LYS E 178 -68.97 -12.49 3.19
CA LYS E 178 -68.34 -13.71 3.69
C LYS E 178 -67.27 -14.16 2.70
N ALA E 179 -66.30 -14.94 3.21
CA ALA E 179 -65.16 -15.37 2.44
C ALA E 179 -65.31 -16.83 2.03
N MET E 180 -65.30 -17.09 0.73
CA MET E 180 -65.35 -18.43 0.17
C MET E 180 -64.02 -18.69 -0.54
N TYR E 181 -63.22 -19.61 0.01
CA TYR E 181 -61.85 -19.80 -0.44
C TYR E 181 -61.78 -20.96 -1.43
N ILE E 182 -61.17 -20.73 -2.57
CA ILE E 182 -60.84 -21.77 -3.54
C ILE E 182 -59.33 -21.71 -3.76
N ASP E 183 -58.64 -22.78 -3.38
CA ASP E 183 -57.17 -22.84 -3.44
C ASP E 183 -56.74 -23.86 -4.48
N THR E 184 -55.95 -23.43 -5.44
CA THR E 184 -55.29 -24.34 -6.36
C THR E 184 -53.78 -24.16 -6.39
N GLU E 185 -53.30 -22.91 -6.29
CA GLU E 185 -51.86 -22.67 -6.22
C GLU E 185 -51.32 -23.00 -4.84
N GLY E 186 -52.12 -22.85 -3.80
CA GLY E 186 -51.70 -23.20 -2.45
C GLY E 186 -51.29 -22.02 -1.61
N THR E 187 -52.06 -20.92 -1.67
CA THR E 187 -51.71 -19.68 -0.98
C THR E 187 -52.67 -19.37 0.16
N PHE E 188 -53.27 -20.38 0.79
CA PHE E 188 -54.19 -20.14 1.90
C PHE E 188 -53.38 -19.94 3.17
N ARG E 189 -53.36 -18.70 3.66
CA ARG E 189 -52.65 -18.35 4.89
C ARG E 189 -53.63 -17.58 5.78
N PRO E 190 -54.45 -18.30 6.56
CA PRO E 190 -55.39 -17.60 7.46
C PRO E 190 -54.71 -16.73 8.49
N GLU E 191 -53.46 -17.03 8.84
CA GLU E 191 -52.72 -16.16 9.76
C GLU E 191 -52.55 -14.77 9.16
N ARG E 192 -52.27 -14.70 7.86
CA ARG E 192 -52.18 -13.40 7.20
C ARG E 192 -53.52 -12.67 7.23
N LEU E 193 -54.62 -13.41 7.04
CA LEU E 193 -55.94 -12.80 7.13
C LEU E 193 -56.17 -12.20 8.51
N LEU E 194 -55.83 -12.95 9.57
CA LEU E 194 -56.00 -12.44 10.92
C LEU E 194 -55.12 -11.22 11.16
N ALA E 195 -53.89 -11.25 10.67
CA ALA E 195 -52.96 -10.13 10.86
C ALA E 195 -53.47 -8.87 10.18
N VAL E 196 -53.98 -8.99 8.95
CA VAL E 196 -54.47 -7.80 8.26
C VAL E 196 -55.84 -7.37 8.77
N ALA E 197 -56.62 -8.27 9.37
CA ALA E 197 -57.90 -7.90 9.96
C ALA E 197 -57.70 -7.19 11.29
N GLU E 198 -56.64 -7.52 12.02
CA GLU E 198 -56.36 -6.83 13.28
C GLU E 198 -56.13 -5.35 13.06
N ARG E 199 -55.48 -4.98 11.95
CA ARG E 199 -55.29 -3.56 11.65
C ARG E 199 -56.63 -2.87 11.41
N TYR E 200 -57.56 -3.54 10.72
CA TYR E 200 -58.85 -2.95 10.38
C TYR E 200 -59.87 -3.09 11.49
N GLY E 201 -59.43 -3.32 12.73
CA GLY E 201 -60.35 -3.39 13.85
C GLY E 201 -61.34 -4.52 13.77
N LEU E 202 -60.91 -5.69 13.31
CA LEU E 202 -61.78 -6.86 13.17
C LEU E 202 -61.17 -8.03 13.91
N SER E 203 -61.98 -8.70 14.73
CA SER E 203 -61.49 -9.84 15.49
C SER E 203 -61.12 -10.99 14.56
N GLY E 204 -60.14 -11.78 14.99
CA GLY E 204 -59.70 -12.92 14.19
C GLY E 204 -60.79 -13.96 14.02
N SER E 205 -61.54 -14.23 15.09
CA SER E 205 -62.60 -15.23 15.02
C SER E 205 -63.76 -14.78 14.14
N ASP E 206 -63.87 -13.48 13.84
CA ASP E 206 -64.94 -13.00 12.98
C ASP E 206 -64.88 -13.63 11.60
N VAL E 207 -63.68 -13.73 11.03
CA VAL E 207 -63.52 -14.33 9.71
C VAL E 207 -63.11 -15.80 9.80
N LEU E 208 -62.56 -16.23 10.94
CA LEU E 208 -62.05 -17.59 11.06
C LEU E 208 -63.16 -18.61 10.92
N ASP E 209 -64.40 -18.25 11.28
CA ASP E 209 -65.53 -19.16 11.16
C ASP E 209 -66.30 -18.96 9.86
N ASN E 210 -65.83 -18.10 8.95
CA ASN E 210 -66.51 -17.83 7.70
C ASN E 210 -65.79 -18.39 6.48
N VAL E 211 -64.46 -18.46 6.52
CA VAL E 211 -63.71 -18.98 5.36
C VAL E 211 -63.91 -20.47 5.25
N ALA E 212 -64.24 -20.93 4.04
CA ALA E 212 -64.43 -22.34 3.76
C ALA E 212 -63.34 -22.82 2.81
N TYR E 213 -62.78 -23.97 3.13
CA TYR E 213 -61.64 -24.52 2.40
C TYR E 213 -62.12 -25.58 1.41
N ALA E 214 -61.94 -25.30 0.12
CA ALA E 214 -62.32 -26.24 -0.94
C ALA E 214 -61.17 -26.26 -1.96
N ARG E 215 -60.28 -27.23 -1.81
CA ARG E 215 -59.06 -27.28 -2.60
C ARG E 215 -59.38 -27.73 -4.02
N GLY E 216 -59.16 -26.84 -4.99
CA GLY E 216 -59.25 -27.17 -6.40
C GLY E 216 -57.96 -27.78 -6.91
N PHE E 217 -57.74 -29.07 -6.62
CA PHE E 217 -56.45 -29.69 -6.89
C PHE E 217 -56.07 -29.61 -8.35
N ASN E 218 -57.03 -29.79 -9.25
CA ASN E 218 -56.73 -29.89 -10.68
C ASN E 218 -57.77 -29.14 -11.50
N THR E 219 -57.78 -29.39 -12.80
CA THR E 219 -58.59 -28.61 -13.73
C THR E 219 -60.08 -28.81 -13.52
N ASP E 220 -60.56 -30.05 -13.39
CA ASP E 220 -62.00 -30.27 -13.30
C ASP E 220 -62.59 -29.66 -12.03
N HIS E 221 -61.79 -29.58 -10.96
CA HIS E 221 -62.22 -28.93 -9.74
C HIS E 221 -62.52 -27.45 -9.97
N GLN E 222 -62.00 -26.88 -11.04
CA GLN E 222 -62.41 -25.56 -11.51
C GLN E 222 -63.49 -25.62 -12.57
N THR E 223 -63.47 -26.64 -13.43
CA THR E 223 -64.44 -26.70 -14.53
C THR E 223 -65.87 -26.82 -14.01
N GLN E 224 -66.10 -27.66 -12.99
CA GLN E 224 -67.46 -27.82 -12.48
C GLN E 224 -67.73 -26.98 -11.24
N LEU E 225 -66.85 -26.03 -10.93
CA LEU E 225 -66.98 -25.18 -9.75
C LEU E 225 -67.84 -23.96 -10.07
N LEU E 226 -67.90 -23.04 -9.11
CA LEU E 226 -68.64 -21.77 -9.19
C LEU E 226 -70.12 -21.97 -9.52
N TYR E 227 -70.62 -23.20 -9.41
CA TYR E 227 -72.05 -23.46 -9.45
C TYR E 227 -72.54 -23.99 -8.11
N GLN E 228 -72.00 -25.12 -7.65
CA GLN E 228 -72.29 -25.54 -6.28
C GLN E 228 -71.58 -24.64 -5.27
N ALA E 229 -70.36 -24.21 -5.58
CA ALA E 229 -69.67 -23.25 -4.71
C ALA E 229 -70.38 -21.90 -4.72
N GLU E 230 -70.84 -21.45 -5.88
CA GLU E 230 -71.59 -20.20 -6.01
C GLU E 230 -72.89 -20.48 -6.75
N ASP E 231 -73.90 -20.93 -6.01
CA ASP E 231 -75.26 -21.04 -6.53
C ASP E 231 -76.02 -19.73 -6.36
N MET E 232 -75.40 -18.63 -6.83
CA MET E 232 -75.94 -17.28 -6.70
C MET E 232 -76.13 -16.91 -5.24
N MET E 233 -75.51 -17.70 -4.35
CA MET E 233 -75.63 -17.61 -2.88
C MET E 233 -77.03 -17.19 -2.44
N VAL E 234 -78.06 -17.78 -3.08
CA VAL E 234 -79.48 -17.48 -2.89
C VAL E 234 -79.71 -16.03 -2.48
N GLU E 235 -79.10 -15.09 -3.22
CA GLU E 235 -79.23 -13.66 -2.97
C GLU E 235 -78.80 -13.29 -1.55
N SER E 236 -77.52 -13.51 -1.28
CA SER E 236 -76.91 -13.16 -0.01
C SER E 236 -75.68 -12.30 -0.25
N ARG E 237 -74.92 -12.04 0.81
CA ARG E 237 -73.72 -11.22 0.74
C ARG E 237 -72.51 -12.14 0.77
N TYR E 238 -72.15 -12.66 -0.40
CA TYR E 238 -71.00 -13.54 -0.57
C TYR E 238 -70.12 -13.04 -1.71
N ALA E 239 -69.78 -11.75 -1.66
CA ALA E 239 -69.00 -11.14 -2.74
C ALA E 239 -67.63 -11.79 -2.91
N LEU E 240 -66.98 -12.13 -1.79
CA LEU E 240 -65.64 -12.70 -1.83
C LEU E 240 -65.70 -14.11 -2.42
N LEU E 241 -65.30 -14.23 -3.68
CA LEU E 241 -65.15 -15.53 -4.35
C LEU E 241 -63.71 -15.56 -4.86
N ILE E 242 -62.81 -16.01 -4.00
CA ILE E 242 -61.37 -15.96 -4.28
C ILE E 242 -60.96 -17.31 -4.86
N VAL E 243 -60.42 -17.30 -6.08
CA VAL E 243 -59.98 -18.51 -6.77
C VAL E 243 -58.53 -18.32 -7.21
N ASP E 244 -57.72 -19.34 -6.99
CA ASP E 244 -56.28 -19.29 -7.23
C ASP E 244 -55.94 -19.97 -8.54
N SER E 245 -54.92 -19.43 -9.22
CA SER E 245 -54.37 -19.98 -10.46
C SER E 245 -55.47 -20.33 -11.47
N ALA E 246 -56.22 -19.30 -11.87
CA ALA E 246 -57.28 -19.52 -12.86
C ALA E 246 -56.70 -19.86 -14.22
N THR E 247 -55.66 -19.14 -14.65
CA THR E 247 -55.02 -19.43 -15.93
C THR E 247 -53.66 -20.09 -15.79
N ALA E 248 -53.02 -20.02 -14.62
CA ALA E 248 -51.81 -20.81 -14.39
C ALA E 248 -52.10 -22.29 -14.50
N LEU E 249 -53.26 -22.71 -13.98
CA LEU E 249 -53.69 -24.10 -14.12
C LEU E 249 -53.84 -24.48 -15.59
N TYR E 250 -54.44 -23.59 -16.39
CA TYR E 250 -54.58 -23.86 -17.82
C TYR E 250 -53.23 -23.93 -18.50
N ARG E 251 -52.30 -23.04 -18.13
CA ARG E 251 -50.96 -23.05 -18.70
C ARG E 251 -50.25 -24.35 -18.40
N THR E 252 -50.38 -24.84 -17.16
CA THR E 252 -49.75 -26.11 -16.78
C THR E 252 -50.41 -27.30 -17.46
N ASP E 253 -51.74 -27.26 -17.61
CA ASP E 253 -52.48 -28.45 -18.06
C ASP E 253 -52.36 -28.65 -19.56
N TYR E 254 -52.84 -27.68 -20.34
CA TYR E 254 -52.95 -27.82 -21.79
C TYR E 254 -51.61 -27.44 -22.42
N SER E 255 -50.56 -28.20 -22.08
CA SER E 255 -49.20 -27.88 -22.48
C SER E 255 -49.02 -27.94 -23.99
N GLY E 256 -49.60 -28.93 -24.65
CA GLY E 256 -49.39 -29.09 -26.07
C GLY E 256 -49.97 -27.94 -26.87
N ARG E 257 -49.27 -27.58 -27.95
CA ARG E 257 -49.73 -26.51 -28.82
C ARG E 257 -50.95 -26.92 -29.63
N GLY E 258 -51.20 -28.22 -29.76
CA GLY E 258 -52.39 -28.66 -30.47
C GLY E 258 -53.68 -28.43 -29.69
N GLU E 259 -53.58 -28.43 -28.36
CA GLU E 259 -54.74 -28.18 -27.51
C GLU E 259 -54.78 -26.74 -26.98
N LEU E 260 -53.93 -25.86 -27.52
CA LEU E 260 -54.02 -24.45 -27.16
C LEU E 260 -55.35 -23.85 -27.58
N SER E 261 -55.89 -24.27 -28.72
CA SER E 261 -57.18 -23.76 -29.17
C SER E 261 -58.30 -24.15 -28.22
N ALA E 262 -58.33 -25.42 -27.82
CA ALA E 262 -59.35 -25.87 -26.87
C ALA E 262 -59.18 -25.18 -25.52
N ARG E 263 -57.93 -25.01 -25.09
CA ARG E 263 -57.68 -24.32 -23.82
C ARG E 263 -58.18 -22.89 -23.86
N GLN E 264 -57.88 -22.18 -24.96
CA GLN E 264 -58.29 -20.78 -25.04
C GLN E 264 -59.81 -20.66 -25.18
N MET E 265 -60.45 -21.62 -25.85
CA MET E 265 -61.91 -21.60 -25.92
C MET E 265 -62.53 -21.85 -24.55
N HIS E 266 -61.98 -22.81 -23.79
CA HIS E 266 -62.46 -23.04 -22.43
C HIS E 266 -62.25 -21.81 -21.55
N LEU E 267 -61.09 -21.16 -21.71
CA LEU E 267 -60.80 -19.94 -20.96
C LEU E 267 -61.80 -18.84 -21.30
N ALA E 268 -62.11 -18.68 -22.60
CA ALA E 268 -63.08 -17.68 -23.01
C ALA E 268 -64.45 -17.98 -22.43
N ARG E 269 -64.85 -19.26 -22.44
CA ARG E 269 -66.12 -19.65 -21.85
C ARG E 269 -66.16 -19.29 -20.37
N PHE E 270 -65.10 -19.63 -19.64
CA PHE E 270 -65.11 -19.38 -18.20
C PHE E 270 -65.08 -17.89 -17.89
N LEU E 271 -64.34 -17.11 -18.67
CA LEU E 271 -64.38 -15.66 -18.53
C LEU E 271 -65.77 -15.12 -18.82
N ARG E 272 -66.47 -15.73 -19.78
CA ARG E 272 -67.82 -15.30 -20.11
C ARG E 272 -68.78 -15.55 -18.94
N MET E 273 -68.74 -16.74 -18.34
CA MET E 273 -69.56 -16.98 -17.15
C MET E 273 -69.16 -16.06 -15.99
N LEU E 274 -67.86 -15.79 -15.84
CA LEU E 274 -67.45 -14.86 -14.78
C LEU E 274 -68.04 -13.47 -15.01
N LEU E 275 -67.97 -12.97 -16.25
CA LEU E 275 -68.52 -11.65 -16.52
C LEU E 275 -70.04 -11.64 -16.39
N ARG E 276 -70.69 -12.76 -16.71
CA ARG E 276 -72.13 -12.85 -16.52
C ARG E 276 -72.49 -12.77 -15.04
N LEU E 277 -71.77 -13.49 -14.19
CA LEU E 277 -72.01 -13.38 -12.75
C LEU E 277 -71.69 -11.98 -12.25
N ALA E 278 -70.71 -11.32 -12.86
CA ALA E 278 -70.35 -9.97 -12.45
C ALA E 278 -71.45 -8.98 -12.79
N ASP E 279 -71.98 -9.03 -14.01
CA ASP E 279 -73.07 -8.13 -14.40
C ASP E 279 -74.40 -8.53 -13.79
N GLU E 280 -74.51 -9.73 -13.21
CA GLU E 280 -75.71 -10.11 -12.50
C GLU E 280 -75.76 -9.50 -11.10
N PHE E 281 -74.70 -9.65 -10.32
CA PHE E 281 -74.67 -9.19 -8.94
C PHE E 281 -73.30 -8.60 -8.65
N GLY E 282 -73.24 -7.70 -7.68
CA GLY E 282 -71.98 -7.10 -7.29
C GLY E 282 -71.18 -7.99 -6.37
N VAL E 283 -70.16 -8.65 -6.91
CA VAL E 283 -69.35 -9.61 -6.18
C VAL E 283 -67.87 -9.29 -6.39
N ALA E 284 -67.13 -9.31 -5.29
CA ALA E 284 -65.69 -9.05 -5.32
C ALA E 284 -64.97 -10.37 -5.59
N VAL E 285 -65.13 -10.86 -6.82
CA VAL E 285 -64.45 -12.09 -7.22
C VAL E 285 -62.98 -11.80 -7.50
N VAL E 286 -62.11 -12.74 -7.12
CA VAL E 286 -60.67 -12.56 -7.24
C VAL E 286 -60.09 -13.71 -8.06
N ILE E 287 -59.20 -13.37 -8.97
CA ILE E 287 -58.56 -14.33 -9.88
C ILE E 287 -57.07 -14.04 -9.88
N THR E 288 -56.25 -15.10 -9.86
CA THR E 288 -54.80 -14.97 -9.86
C THR E 288 -54.22 -15.67 -11.08
N ASN E 289 -53.25 -15.03 -11.72
CA ASN E 289 -52.60 -15.56 -12.92
C ASN E 289 -51.12 -15.19 -12.87
N GLN E 290 -50.43 -15.38 -14.00
CA GLN E 290 -49.01 -15.02 -14.09
C GLN E 290 -48.68 -14.54 -15.50
N VAL E 291 -47.62 -13.73 -15.58
CA VAL E 291 -47.07 -13.23 -16.83
C VAL E 291 -46.09 -14.26 -17.40
N VAL E 292 -45.70 -14.07 -18.66
CA VAL E 292 -44.74 -14.94 -19.32
C VAL E 292 -43.71 -14.06 -20.01
N ALA E 293 -42.56 -14.67 -20.32
CA ALA E 293 -41.45 -13.97 -20.95
C ALA E 293 -41.62 -13.94 -22.47
N GLN E 294 -40.88 -13.03 -23.11
CA GLN E 294 -40.83 -12.91 -24.56
C GLN E 294 -39.39 -13.18 -25.00
N VAL E 295 -39.06 -14.46 -25.18
CA VAL E 295 -37.72 -14.86 -25.57
C VAL E 295 -37.31 -14.31 -26.94
N ASP E 296 -38.28 -14.10 -27.84
CA ASP E 296 -37.96 -13.66 -29.20
C ASP E 296 -37.20 -12.33 -29.22
N GLY E 297 -37.62 -11.37 -28.38
CA GLY E 297 -36.92 -10.11 -28.27
C GLY E 297 -35.77 -10.19 -27.30
N ALA E 298 -35.05 -9.07 -27.17
CA ALA E 298 -33.87 -9.05 -26.32
C ALA E 298 -33.86 -7.92 -25.31
N ALA E 299 -34.39 -6.75 -25.66
CA ALA E 299 -34.29 -5.58 -24.80
C ALA E 299 -35.67 -4.93 -24.72
N MET E 300 -35.74 -3.76 -24.08
CA MET E 300 -37.01 -3.07 -23.91
C MET E 300 -37.52 -2.56 -25.25
N PHE E 301 -38.84 -2.38 -25.33
CA PHE E 301 -39.58 -1.96 -26.52
C PHE E 301 -39.52 -3.00 -27.63
N ALA E 302 -38.90 -4.16 -27.40
CA ALA E 302 -38.91 -5.25 -28.34
C ALA E 302 -39.25 -6.55 -27.61
N ALA E 303 -39.13 -6.52 -26.28
CA ALA E 303 -39.46 -7.69 -25.45
C ALA E 303 -39.81 -7.18 -24.05
N ASP E 304 -41.09 -7.14 -23.74
CA ASP E 304 -41.52 -6.87 -22.38
C ASP E 304 -41.45 -8.18 -21.59
N PRO E 305 -40.67 -8.24 -20.51
CA PRO E 305 -40.53 -9.52 -19.78
C PRO E 305 -41.83 -10.04 -19.20
N LYS E 306 -42.81 -9.18 -18.99
CA LYS E 306 -44.08 -9.56 -18.35
C LYS E 306 -45.21 -9.38 -19.35
N LYS E 307 -45.45 -10.40 -20.16
CA LYS E 307 -46.60 -10.45 -21.04
C LYS E 307 -47.64 -11.37 -20.42
N PRO E 308 -48.78 -10.85 -19.97
CA PRO E 308 -49.73 -11.69 -19.22
C PRO E 308 -50.19 -12.90 -20.03
N ILE E 309 -50.36 -14.02 -19.33
CA ILE E 309 -50.70 -15.27 -19.99
C ILE E 309 -52.21 -15.35 -20.21
N GLY E 310 -52.61 -16.25 -21.10
CA GLY E 310 -53.97 -16.37 -21.55
C GLY E 310 -54.21 -15.89 -22.96
N GLY E 311 -53.22 -15.24 -23.58
CA GLY E 311 -53.36 -14.80 -24.95
C GLY E 311 -54.22 -13.55 -25.08
N ASN E 312 -54.76 -13.37 -26.29
CA ASN E 312 -55.65 -12.25 -26.53
C ASN E 312 -57.03 -12.47 -25.94
N ILE E 313 -57.36 -13.71 -25.56
CA ILE E 313 -58.66 -13.98 -24.94
C ILE E 313 -58.75 -13.32 -23.57
N ILE E 314 -57.69 -13.45 -22.77
CA ILE E 314 -57.67 -12.76 -21.48
C ILE E 314 -57.55 -11.25 -21.68
N ALA E 315 -57.02 -10.81 -22.82
CA ALA E 315 -56.89 -9.38 -23.09
C ALA E 315 -58.25 -8.73 -23.26
N HIS E 316 -59.18 -9.41 -23.94
CA HIS E 316 -60.52 -8.86 -24.16
C HIS E 316 -61.48 -9.25 -23.04
N ALA E 317 -61.03 -9.06 -21.79
CA ALA E 317 -61.89 -9.19 -20.63
C ALA E 317 -61.49 -8.20 -19.53
N SER E 318 -60.71 -7.17 -19.89
CA SER E 318 -60.07 -6.32 -18.90
C SER E 318 -61.11 -5.61 -18.04
N THR E 319 -61.20 -6.02 -16.77
CA THR E 319 -62.10 -5.40 -15.81
C THR E 319 -61.35 -4.70 -14.69
N THR E 320 -60.51 -5.43 -13.95
CA THR E 320 -59.67 -4.83 -12.90
C THR E 320 -58.30 -5.50 -12.89
N ARG E 321 -57.73 -5.72 -14.08
CA ARG E 321 -56.45 -6.38 -14.18
C ARG E 321 -55.36 -5.52 -13.57
N LEU E 322 -54.34 -6.17 -12.99
CA LEU E 322 -53.27 -5.46 -12.31
C LEU E 322 -51.93 -5.96 -12.82
N TYR E 323 -50.99 -5.03 -12.97
CA TYR E 323 -49.65 -5.31 -13.47
C TYR E 323 -48.64 -4.99 -12.37
N LEU E 324 -48.93 -5.47 -11.17
CA LEU E 324 -48.10 -5.17 -10.00
C LEU E 324 -46.69 -5.68 -10.20
N ARG E 325 -45.71 -4.83 -9.91
CA ARG E 325 -44.31 -5.17 -10.07
C ARG E 325 -43.53 -4.61 -8.91
N LYS E 326 -42.23 -4.83 -8.91
CA LYS E 326 -41.31 -4.24 -7.95
C LYS E 326 -40.36 -3.31 -8.68
N GLY E 327 -40.28 -2.06 -8.23
CA GLY E 327 -39.30 -1.15 -8.77
C GLY E 327 -38.03 -1.17 -7.94
N ARG E 328 -38.15 -0.90 -6.65
CA ARG E 328 -37.01 -0.90 -5.74
C ARG E 328 -37.49 -1.35 -4.37
N GLY E 329 -37.02 -2.50 -3.92
CA GLY E 329 -37.32 -2.95 -2.58
C GLY E 329 -38.79 -3.30 -2.37
N GLU E 330 -39.23 -3.09 -1.13
CA GLU E 330 -40.60 -3.42 -0.72
C GLU E 330 -41.64 -2.67 -1.54
N THR E 331 -41.37 -1.42 -1.91
CA THR E 331 -42.34 -0.61 -2.63
C THR E 331 -42.67 -1.22 -3.99
N ARG E 332 -43.91 -1.03 -4.42
CA ARG E 332 -44.42 -1.64 -5.64
C ARG E 332 -45.01 -0.57 -6.56
N ILE E 333 -45.48 -1.01 -7.72
CA ILE E 333 -46.08 -0.14 -8.72
C ILE E 333 -47.38 -0.77 -9.20
N CYS E 334 -48.50 -0.07 -9.00
CA CYS E 334 -49.81 -0.53 -9.42
C CYS E 334 -50.18 0.16 -10.73
N LYS E 335 -49.87 -0.50 -11.84
CA LYS E 335 -50.21 0.04 -13.15
C LYS E 335 -51.60 -0.44 -13.56
N ILE E 336 -52.51 0.49 -13.80
CA ILE E 336 -53.89 0.19 -14.18
C ILE E 336 -54.22 0.91 -15.47
N TYR E 337 -54.85 0.21 -16.40
CA TYR E 337 -55.23 0.79 -17.68
C TYR E 337 -56.65 0.45 -18.14
N ASP E 338 -57.39 -0.38 -17.40
CA ASP E 338 -58.70 -0.83 -17.88
C ASP E 338 -59.67 0.34 -18.02
N SER E 339 -59.65 1.25 -17.07
CA SER E 339 -60.53 2.42 -17.14
C SER E 339 -59.93 3.44 -18.10
N PRO E 340 -60.65 3.84 -19.16
CA PRO E 340 -60.11 4.87 -20.06
C PRO E 340 -59.85 6.20 -19.38
N CYS E 341 -60.57 6.49 -18.29
CA CYS E 341 -60.32 7.72 -17.55
C CYS E 341 -58.94 7.70 -16.92
N LEU E 342 -58.48 6.52 -16.51
CA LEU E 342 -57.18 6.36 -15.84
C LEU E 342 -56.39 5.29 -16.59
N PRO E 343 -55.85 5.63 -17.76
CA PRO E 343 -55.10 4.64 -18.55
C PRO E 343 -53.65 4.45 -18.13
N GLU E 344 -53.00 5.47 -17.57
CA GLU E 344 -51.61 5.36 -17.17
C GLU E 344 -51.44 5.69 -15.69
N ALA E 345 -52.45 5.41 -14.86
CA ALA E 345 -52.38 5.74 -13.44
C ALA E 345 -51.31 4.90 -12.75
N GLU E 346 -50.62 5.53 -11.80
CA GLU E 346 -49.57 4.87 -11.03
C GLU E 346 -49.87 5.00 -9.54
N ALA E 347 -49.75 3.90 -8.81
CA ALA E 347 -49.98 3.87 -7.37
C ALA E 347 -48.71 3.40 -6.68
N MET E 348 -48.20 4.22 -5.76
CA MET E 348 -46.97 3.89 -5.04
C MET E 348 -47.34 3.48 -3.63
N PHE E 349 -46.98 2.25 -3.25
CA PHE E 349 -47.38 1.72 -1.97
C PHE E 349 -46.34 0.73 -1.49
N ALA E 350 -46.52 0.27 -0.25
CA ALA E 350 -45.68 -0.74 0.38
C ALA E 350 -46.54 -1.68 1.19
N ILE E 351 -45.91 -2.66 1.82
CA ILE E 351 -46.58 -3.62 2.69
C ILE E 351 -45.85 -3.64 4.03
N ASN E 352 -46.60 -3.46 5.11
CA ASN E 352 -46.05 -3.42 6.45
C ASN E 352 -46.37 -4.73 7.18
N ALA E 353 -45.93 -4.80 8.44
CA ALA E 353 -46.03 -6.06 9.19
C ALA E 353 -47.48 -6.43 9.46
N ASP E 354 -48.27 -5.50 10.01
CA ASP E 354 -49.65 -5.81 10.33
C ASP E 354 -50.50 -5.91 9.06
N GLY E 355 -50.26 -5.03 8.09
CA GLY E 355 -51.02 -5.03 6.86
C GLY E 355 -50.35 -4.14 5.85
N VAL E 356 -50.91 -4.14 4.64
CA VAL E 356 -50.37 -3.31 3.56
C VAL E 356 -50.53 -1.85 3.93
N GLY E 357 -49.57 -1.02 3.50
CA GLY E 357 -49.59 0.38 3.87
C GLY E 357 -49.39 1.34 2.70
N ASP E 358 -48.43 2.24 2.85
CA ASP E 358 -48.17 3.24 1.83
C ASP E 358 -46.72 3.15 1.32
N PRO H 44 45.45 -12.17 39.07
CA PRO H 44 46.34 -13.30 38.75
C PRO H 44 45.69 -14.30 37.81
N GLN H 45 44.35 -14.25 37.71
CA GLN H 45 43.64 -15.16 36.85
C GLN H 45 43.97 -14.86 35.39
N PRO H 46 44.11 -15.88 34.54
CA PRO H 46 44.46 -15.64 33.14
C PRO H 46 43.22 -15.48 32.26
N ILE H 47 43.49 -15.19 30.99
CA ILE H 47 42.42 -15.13 30.00
C ILE H 47 41.74 -16.48 29.82
N SER H 48 42.46 -17.57 30.07
CA SER H 48 41.88 -18.90 29.96
C SER H 48 40.80 -19.17 31.01
N ARG H 49 40.68 -18.31 32.02
CA ARG H 49 39.55 -18.43 32.94
C ARG H 49 38.22 -18.26 32.22
N LEU H 50 38.14 -17.25 31.34
CA LEU H 50 36.91 -17.04 30.60
C LEU H 50 36.76 -18.03 29.46
N GLU H 51 37.85 -18.65 29.03
CA GLU H 51 37.75 -19.71 28.03
C GLU H 51 36.89 -20.86 28.54
N GLN H 52 37.00 -21.15 29.84
CA GLN H 52 36.14 -22.15 30.46
C GLN H 52 34.68 -21.73 30.44
N CYS H 53 34.41 -20.42 30.47
CA CYS H 53 33.04 -19.94 30.55
C CYS H 53 32.40 -19.72 29.18
N GLY H 54 33.10 -20.03 28.09
CA GLY H 54 32.50 -19.94 26.78
C GLY H 54 33.40 -19.49 25.66
N ILE H 55 34.54 -18.88 25.99
CA ILE H 55 35.47 -18.47 24.95
C ILE H 55 36.13 -19.71 24.34
N ASN H 56 36.41 -19.65 23.05
CA ASN H 56 37.16 -20.68 22.36
C ASN H 56 38.62 -20.30 22.29
N ALA H 57 39.46 -21.28 21.92
CA ALA H 57 40.90 -21.07 21.92
C ALA H 57 41.32 -20.00 20.92
N ASN H 58 40.66 -19.96 19.76
CA ASN H 58 41.04 -19.00 18.73
C ASN H 58 40.84 -17.57 19.21
N ASP H 59 39.72 -17.30 19.87
CA ASP H 59 39.48 -15.95 20.39
C ASP H 59 40.42 -15.62 21.54
N VAL H 60 40.78 -16.58 22.38
CA VAL H 60 41.75 -16.30 23.43
C VAL H 60 43.11 -15.94 22.83
N LYS H 61 43.56 -16.67 21.81
CA LYS H 61 44.85 -16.34 21.23
C LYS H 61 44.76 -15.05 20.41
N LYS H 62 43.56 -14.69 19.93
CA LYS H 62 43.38 -13.39 19.30
C LYS H 62 43.47 -12.25 20.30
N LEU H 63 42.89 -12.42 21.49
CA LEU H 63 43.11 -11.47 22.57
C LEU H 63 44.59 -11.37 22.91
N GLU H 64 45.28 -12.51 22.97
CA GLU H 64 46.70 -12.52 23.30
C GLU H 64 47.49 -11.75 22.24
N GLU H 65 47.12 -11.91 20.96
CA GLU H 65 47.74 -11.12 19.92
C GLU H 65 47.48 -9.63 20.12
N ALA H 66 46.29 -9.29 20.63
CA ALA H 66 46.00 -7.90 20.95
C ALA H 66 46.81 -7.44 22.17
N GLY H 67 47.32 -8.38 22.96
CA GLY H 67 48.10 -8.03 24.12
C GLY H 67 47.34 -8.28 25.41
N TYR H 68 46.28 -9.06 25.34
CA TYR H 68 45.35 -9.20 26.46
C TYR H 68 45.54 -10.59 27.06
N HIS H 69 46.28 -10.65 28.17
CA HIS H 69 46.78 -11.92 28.70
C HIS H 69 46.16 -12.32 30.03
N THR H 70 45.84 -11.37 30.89
CA THR H 70 45.14 -11.65 32.14
C THR H 70 43.71 -11.15 32.04
N VAL H 71 42.79 -11.88 32.68
CA VAL H 71 41.37 -11.58 32.52
C VAL H 71 41.02 -10.25 33.17
N GLU H 72 41.71 -9.87 34.24
CA GLU H 72 41.47 -8.57 34.85
C GLU H 72 41.79 -7.45 33.88
N ALA H 73 42.77 -7.66 32.99
CA ALA H 73 43.07 -6.66 31.98
C ALA H 73 41.91 -6.47 31.01
N VAL H 74 41.25 -7.57 30.60
CA VAL H 74 40.08 -7.44 29.74
C VAL H 74 38.88 -6.94 30.52
N ALA H 75 38.90 -7.06 31.84
CA ALA H 75 37.90 -6.38 32.66
C ALA H 75 38.15 -4.87 32.66
N TYR H 76 39.42 -4.48 32.58
CA TYR H 76 39.81 -3.07 32.42
C TYR H 76 39.98 -2.72 30.95
N ALA H 77 38.97 -3.03 30.15
CA ALA H 77 39.10 -2.89 28.71
C ALA H 77 37.91 -2.14 28.15
N PRO H 78 38.14 -1.14 27.30
CA PRO H 78 37.03 -0.42 26.69
C PRO H 78 36.26 -1.30 25.71
N LYS H 79 34.97 -1.02 25.58
CA LYS H 79 34.14 -1.77 24.64
C LYS H 79 34.61 -1.59 23.20
N LYS H 80 34.96 -0.37 22.82
CA LYS H 80 35.39 -0.10 21.45
C LYS H 80 36.70 -0.79 21.10
N GLU H 81 37.60 -1.01 22.07
CA GLU H 81 38.84 -1.70 21.76
C GLU H 81 38.59 -3.18 21.48
N LEU H 82 37.72 -3.82 22.27
CA LEU H 82 37.47 -5.24 22.07
C LEU H 82 36.51 -5.47 20.90
N ILE H 83 35.80 -4.42 20.49
CA ILE H 83 35.17 -4.45 19.18
C ILE H 83 36.22 -4.32 18.08
N ASN H 84 37.24 -3.49 18.30
CA ASN H 84 38.26 -3.19 17.31
C ASN H 84 39.28 -4.30 17.13
N ILE H 85 39.03 -5.48 17.67
CA ILE H 85 39.89 -6.65 17.48
C ILE H 85 39.43 -7.38 16.23
N LYS H 86 40.36 -7.62 15.30
CA LYS H 86 40.03 -8.36 14.10
C LYS H 86 39.58 -9.78 14.46
N GLY H 87 38.47 -10.20 13.85
CA GLY H 87 37.92 -11.52 14.08
C GLY H 87 36.93 -11.60 15.23
N ILE H 88 36.75 -10.50 15.97
CA ILE H 88 35.82 -10.53 17.10
C ILE H 88 34.39 -10.30 16.60
N SER H 89 33.42 -10.58 17.46
CA SER H 89 32.01 -10.35 17.18
C SER H 89 31.39 -9.57 18.33
N GLU H 90 30.37 -8.78 18.01
CA GLU H 90 29.70 -7.97 19.02
C GLU H 90 28.99 -8.85 20.06
N ALA H 91 28.34 -9.93 19.63
CA ALA H 91 27.68 -10.82 20.56
C ALA H 91 28.68 -11.44 21.53
N LYS H 92 29.77 -11.98 21.00
CA LYS H 92 30.82 -12.48 21.89
C LYS H 92 31.43 -11.36 22.71
N ALA H 93 31.42 -10.13 22.19
CA ALA H 93 31.94 -9.00 22.96
C ALA H 93 31.12 -8.79 24.23
N ASP H 94 29.79 -8.68 24.07
CA ASP H 94 28.97 -8.49 25.27
C ASP H 94 29.00 -9.71 26.16
N LYS H 95 29.16 -10.91 25.57
CA LYS H 95 29.21 -12.12 26.39
C LYS H 95 30.48 -12.15 27.24
N ILE H 96 31.64 -11.87 26.64
CA ILE H 96 32.87 -11.87 27.39
C ILE H 96 32.87 -10.74 28.40
N LEU H 97 32.19 -9.63 28.10
CA LEU H 97 32.07 -8.57 29.08
C LEU H 97 31.22 -8.99 30.27
N THR H 98 30.10 -9.67 30.05
CA THR H 98 29.30 -10.15 31.18
C THR H 98 30.05 -11.23 31.94
N GLU H 99 30.98 -11.93 31.26
CA GLU H 99 31.84 -12.87 31.97
C GLU H 99 32.83 -12.14 32.87
N ALA H 100 33.51 -11.13 32.31
CA ALA H 100 34.53 -10.41 33.06
C ALA H 100 33.90 -9.56 34.16
N ALA H 101 32.58 -9.36 34.09
CA ALA H 101 31.87 -8.64 35.15
C ALA H 101 31.92 -9.42 36.46
N LYS H 102 32.32 -10.69 36.39
CA LYS H 102 32.50 -11.49 37.60
C LYS H 102 33.62 -10.93 38.48
N LEU H 103 34.74 -10.55 37.86
CA LEU H 103 35.93 -10.18 38.60
C LEU H 103 36.23 -8.69 38.60
N VAL H 104 35.69 -7.94 37.65
CA VAL H 104 35.97 -6.51 37.50
C VAL H 104 35.49 -5.79 38.76
N PRO H 105 36.26 -4.86 39.31
CA PRO H 105 35.72 -3.96 40.34
C PRO H 105 35.03 -2.75 39.72
N MET H 106 34.20 -3.01 38.72
CA MET H 106 33.49 -1.92 38.05
C MET H 106 32.45 -1.26 38.96
N GLY H 107 31.93 -1.98 39.94
CA GLY H 107 30.91 -1.43 40.80
C GLY H 107 31.48 -0.51 41.86
N PHE H 108 30.57 0.00 42.69
CA PHE H 108 30.94 0.88 43.78
C PHE H 108 31.83 0.14 44.79
N THR H 109 32.52 0.92 45.62
CA THR H 109 33.37 0.36 46.65
C THR H 109 33.19 1.16 47.94
N THR H 110 32.27 0.70 48.79
CA THR H 110 32.08 1.29 50.11
C THR H 110 33.16 0.86 51.08
N ALA H 111 33.40 -0.44 51.19
CA ALA H 111 34.40 -0.97 52.11
C ALA H 111 35.80 -0.64 51.61
N THR H 112 36.64 -0.14 52.51
CA THR H 112 38.00 0.27 52.19
C THR H 112 39.03 -0.74 52.68
N GLU H 113 38.73 -2.04 52.55
CA GLU H 113 39.71 -3.05 52.93
C GLU H 113 40.94 -3.02 52.05
N PHE H 114 40.78 -2.67 50.77
CA PHE H 114 41.94 -2.42 49.91
C PHE H 114 42.81 -1.32 50.49
N HIS H 115 42.20 -0.21 50.92
CA HIS H 115 42.98 0.87 51.51
C HIS H 115 43.64 0.44 52.81
N GLN H 116 42.94 -0.35 53.63
CA GLN H 116 43.53 -0.86 54.86
C GLN H 116 44.72 -1.75 54.59
N ARG H 117 44.61 -2.62 53.58
CA ARG H 117 45.71 -3.49 53.19
C ARG H 117 46.87 -2.68 52.60
N ARG H 118 46.57 -1.55 51.95
CA ARG H 118 47.63 -0.69 51.45
C ARG H 118 48.53 -0.18 52.56
N SER H 119 47.97 0.02 53.76
CA SER H 119 48.78 0.41 54.91
C SER H 119 49.85 -0.62 55.24
N GLU H 120 49.65 -1.88 54.83
CA GLU H 120 50.69 -2.89 54.95
C GLU H 120 51.04 -3.48 53.58
N ILE H 121 50.82 -2.74 52.50
CA ILE H 121 51.13 -3.24 51.18
C ILE H 121 52.64 -3.38 51.03
N ILE H 122 53.06 -4.17 50.05
CA ILE H 122 54.48 -4.35 49.79
C ILE H 122 55.07 -3.03 49.34
N GLN H 123 55.93 -2.46 50.18
CA GLN H 123 56.59 -1.19 49.90
C GLN H 123 57.89 -1.45 49.17
N ILE H 124 58.23 -0.58 48.22
CA ILE H 124 59.48 -0.73 47.48
C ILE H 124 60.55 0.13 48.14
N THR H 125 61.48 -0.52 48.84
CA THR H 125 62.54 0.19 49.53
C THR H 125 63.39 0.95 48.52
N THR H 126 63.88 2.12 48.94
CA THR H 126 64.85 2.85 48.15
C THR H 126 66.25 2.64 48.73
N GLY H 127 67.21 3.41 48.22
CA GLY H 127 68.60 3.22 48.64
C GLY H 127 68.82 3.46 50.11
N SER H 128 68.18 4.50 50.65
CA SER H 128 68.42 4.91 52.03
C SER H 128 67.09 5.10 52.76
N LYS H 129 67.14 5.69 53.96
CA LYS H 129 65.95 6.10 54.68
C LYS H 129 65.56 7.54 54.45
N GLU H 130 66.42 8.34 53.80
CA GLU H 130 66.09 9.75 53.56
C GLU H 130 64.98 9.90 52.54
N LEU H 131 65.02 9.15 51.43
CA LEU H 131 63.92 9.18 50.49
C LEU H 131 62.66 8.54 51.04
N ASP H 132 62.78 7.66 52.04
CA ASP H 132 61.61 7.16 52.74
C ASP H 132 61.00 8.20 53.66
N LYS H 133 61.84 9.06 54.25
CA LYS H 133 61.31 10.21 54.99
C LYS H 133 60.67 11.22 54.04
N LEU H 134 61.26 11.39 52.85
CA LEU H 134 60.68 12.28 51.84
C LEU H 134 59.32 11.79 51.39
N LEU H 135 59.22 10.49 51.11
CA LEU H 135 57.97 9.89 50.63
C LEU H 135 57.15 9.44 51.84
N GLN H 136 56.12 8.61 51.61
CA GLN H 136 55.18 8.27 52.67
C GLN H 136 55.87 7.57 53.83
N GLY H 137 56.71 6.58 53.53
CA GLY H 137 57.35 5.78 54.55
C GLY H 137 56.69 4.45 54.82
N GLY H 138 55.43 4.27 54.42
CA GLY H 138 54.77 2.99 54.60
C GLY H 138 54.26 2.39 53.30
N ILE H 139 53.97 3.24 52.33
CA ILE H 139 53.35 2.80 51.06
C ILE H 139 54.16 3.36 49.90
N GLU H 140 54.43 2.52 48.91
CA GLU H 140 54.91 3.03 47.62
C GLU H 140 54.29 2.26 46.44
N THR H 141 53.31 1.40 46.69
CA THR H 141 52.68 0.60 45.65
C THR H 141 51.19 0.91 45.58
N GLY H 142 50.68 1.10 44.37
CA GLY H 142 49.29 1.45 44.17
C GLY H 142 49.10 2.68 43.30
N SER H 143 50.12 3.03 42.53
CA SER H 143 50.10 4.20 41.66
C SER H 143 51.19 4.06 40.62
N ILE H 144 51.45 5.16 39.92
CA ILE H 144 52.60 5.24 39.01
C ILE H 144 53.51 6.35 39.52
N THR H 145 54.80 6.05 39.66
CA THR H 145 55.74 7.02 40.20
C THR H 145 56.63 7.58 39.11
N GLU H 146 56.62 8.90 38.98
CA GLU H 146 57.41 9.62 37.98
C GLU H 146 58.72 10.07 38.60
N MET H 147 59.63 10.54 37.73
CA MET H 147 60.93 11.02 38.18
C MET H 147 61.48 11.99 37.15
N PHE H 148 62.07 13.09 37.62
CA PHE H 148 62.72 14.07 36.78
C PHE H 148 64.08 14.39 37.36
N GLY H 149 65.04 14.68 36.48
CA GLY H 149 66.38 15.06 36.91
C GLY H 149 67.11 15.84 35.84
N GLU H 150 68.44 15.77 35.84
CA GLU H 150 69.23 16.44 34.81
C GLU H 150 70.57 15.71 34.69
N PHE H 151 71.40 16.17 33.75
CA PHE H 151 72.58 15.43 33.33
C PHE H 151 73.57 15.24 34.47
N ARG H 152 74.10 14.01 34.57
CA ARG H 152 75.11 13.64 35.57
C ARG H 152 74.60 13.91 36.99
N THR H 153 73.47 13.31 37.34
CA THR H 153 72.99 13.42 38.71
C THR H 153 72.35 12.11 39.17
N GLY H 154 72.63 11.00 38.48
CA GLY H 154 72.17 9.70 38.92
C GLY H 154 70.67 9.48 38.81
N LYS H 155 70.10 9.83 37.66
CA LYS H 155 68.72 9.48 37.39
C LYS H 155 68.53 7.96 37.34
N THR H 156 69.51 7.24 36.80
CA THR H 156 69.41 5.80 36.63
C THR H 156 69.88 5.01 37.85
N GLN H 157 70.78 5.58 38.65
CA GLN H 157 71.30 4.85 39.81
C GLN H 157 70.21 4.56 40.83
N ILE H 158 69.28 5.51 41.04
CA ILE H 158 68.20 5.29 42.00
C ILE H 158 67.36 4.09 41.57
N CYS H 159 67.01 4.02 40.29
CA CYS H 159 66.24 2.90 39.78
C CYS H 159 67.02 1.60 39.88
N HIS H 160 68.33 1.67 39.62
CA HIS H 160 69.16 0.47 39.74
C HIS H 160 69.11 -0.10 41.15
N THR H 161 69.31 0.74 42.16
CA THR H 161 69.23 0.24 43.54
C THR H 161 67.80 -0.18 43.90
N LEU H 162 66.80 0.48 43.32
CA LEU H 162 65.43 0.08 43.56
C LEU H 162 65.16 -1.33 43.04
N ALA H 163 65.81 -1.71 41.95
CA ALA H 163 65.61 -3.04 41.37
C ALA H 163 65.94 -4.13 42.39
N VAL H 164 67.02 -3.94 43.14
CA VAL H 164 67.45 -4.93 44.12
C VAL H 164 66.75 -4.78 45.47
N THR H 165 66.45 -3.54 45.90
CA THR H 165 65.89 -3.34 47.24
C THR H 165 64.56 -4.05 47.42
N CYS H 166 63.68 -4.00 46.43
CA CYS H 166 62.39 -4.68 46.50
C CYS H 166 62.51 -6.19 46.56
N GLN H 167 63.60 -6.77 46.07
CA GLN H 167 63.76 -8.22 46.05
C GLN H 167 64.17 -8.77 47.40
N LEU H 168 63.95 -8.00 48.47
CA LEU H 168 64.22 -8.43 49.84
C LEU H 168 63.12 -9.39 50.27
N PRO H 169 63.18 -9.90 51.50
CA PRO H 169 61.99 -10.50 52.10
C PRO H 169 60.95 -9.43 52.39
N ILE H 170 59.70 -9.89 52.58
CA ILE H 170 58.59 -8.94 52.70
C ILE H 170 58.76 -8.03 53.90
N ASP H 171 59.14 -8.59 55.05
CA ASP H 171 59.25 -7.78 56.26
C ASP H 171 60.45 -6.86 56.27
N ARG H 172 61.39 -7.04 55.34
CA ARG H 172 62.54 -6.14 55.20
C ARG H 172 62.28 -5.04 54.19
N GLY H 173 61.08 -4.99 53.62
CA GLY H 173 60.69 -3.98 52.66
C GLY H 173 60.75 -4.49 51.24
N GLY H 174 59.59 -4.94 50.72
CA GLY H 174 59.55 -5.52 49.39
C GLY H 174 59.83 -7.00 49.45
N GLY H 175 58.84 -7.84 49.12
CA GLY H 175 59.06 -9.27 49.14
C GLY H 175 58.79 -9.93 47.81
N GLU H 176 59.86 -10.42 47.15
CA GLU H 176 59.76 -11.01 45.82
C GLU H 176 61.13 -11.52 45.41
N GLY H 177 61.13 -12.37 44.39
CA GLY H 177 62.38 -12.85 43.79
C GLY H 177 62.47 -12.59 42.31
N LYS H 178 61.42 -12.03 41.72
CA LYS H 178 61.31 -11.83 40.28
C LYS H 178 60.91 -10.39 39.99
N ALA H 179 61.76 -9.67 39.26
CA ALA H 179 61.55 -8.24 39.07
C ALA H 179 61.70 -7.86 37.61
N MET H 180 60.86 -6.93 37.17
CA MET H 180 61.05 -6.21 35.90
C MET H 180 61.74 -4.89 36.22
N TYR H 181 63.00 -4.80 35.84
CA TYR H 181 63.71 -3.53 35.83
C TYR H 181 64.28 -3.28 34.44
N ILE H 182 63.90 -2.15 33.85
CA ILE H 182 64.26 -1.85 32.48
C ILE H 182 65.14 -0.61 32.45
N ASP H 183 66.35 -0.78 31.92
CA ASP H 183 67.24 0.33 31.61
C ASP H 183 67.26 0.50 30.09
N THR H 184 66.74 1.62 29.61
CA THR H 184 66.41 1.79 28.20
C THR H 184 67.02 3.08 27.65
N GLU H 185 68.31 3.29 27.92
CA GLU H 185 69.05 4.35 27.25
C GLU H 185 70.40 3.87 26.75
N GLY H 186 70.64 2.57 26.73
CA GLY H 186 71.91 2.02 26.29
C GLY H 186 73.00 1.95 27.33
N THR H 187 72.69 2.27 28.60
CA THR H 187 73.68 2.33 29.65
C THR H 187 73.40 1.26 30.70
N PHE H 188 74.47 0.83 31.38
CA PHE H 188 74.37 -0.15 32.45
C PHE H 188 75.64 -0.10 33.28
N ARG H 189 75.54 -0.59 34.52
CA ARG H 189 76.69 -0.71 35.41
C ARG H 189 76.39 -1.81 36.42
N PRO H 190 77.01 -2.99 36.26
CA PRO H 190 76.72 -4.10 37.18
C PRO H 190 77.18 -3.85 38.61
N GLU H 191 78.21 -3.03 38.80
CA GLU H 191 78.76 -2.81 40.14
C GLU H 191 77.71 -2.27 41.09
N ARG H 192 76.78 -1.46 40.56
CA ARG H 192 75.78 -0.83 41.42
C ARG H 192 74.86 -1.86 42.07
N LEU H 193 74.14 -2.64 41.26
CA LEU H 193 73.19 -3.58 41.83
C LEU H 193 73.93 -4.73 42.53
N LEU H 194 75.15 -5.04 42.09
CA LEU H 194 75.95 -6.00 42.85
C LEU H 194 76.24 -5.48 44.24
N ALA H 195 76.61 -4.20 44.36
CA ALA H 195 76.87 -3.61 45.67
C ALA H 195 75.62 -3.58 46.52
N VAL H 196 74.47 -3.28 45.91
CA VAL H 196 73.23 -3.29 46.67
C VAL H 196 72.92 -4.69 47.18
N ALA H 197 73.14 -5.71 46.34
CA ALA H 197 72.93 -7.09 46.77
C ALA H 197 73.86 -7.44 47.93
N GLU H 198 75.11 -6.98 47.86
CA GLU H 198 76.02 -7.18 48.99
C GLU H 198 75.51 -6.49 50.23
N ARG H 199 74.95 -5.29 50.07
CA ARG H 199 74.42 -4.55 51.22
C ARG H 199 73.28 -5.31 51.89
N TYR H 200 72.36 -5.87 51.10
CA TYR H 200 71.17 -6.49 51.64
C TYR H 200 71.22 -8.02 51.58
N GLY H 201 72.42 -8.59 51.48
CA GLY H 201 72.60 -10.02 51.58
C GLY H 201 71.83 -10.85 50.56
N LEU H 202 71.83 -10.42 49.30
CA LEU H 202 71.12 -11.12 48.24
C LEU H 202 72.11 -11.94 47.41
N SER H 203 71.60 -12.58 46.36
CA SER H 203 72.42 -13.41 45.49
C SER H 203 73.34 -12.53 44.64
N GLY H 204 74.15 -13.18 43.81
CA GLY H 204 75.11 -12.47 42.97
C GLY H 204 74.74 -12.45 41.50
N SER H 205 75.35 -13.35 40.73
CA SER H 205 75.11 -13.39 39.29
C SER H 205 73.64 -13.72 38.98
N ASP H 206 72.96 -14.36 39.93
CA ASP H 206 71.54 -14.67 39.75
C ASP H 206 70.74 -13.39 39.56
N VAL H 207 70.94 -12.41 40.45
CA VAL H 207 70.24 -11.14 40.32
C VAL H 207 70.96 -10.23 39.33
N LEU H 208 72.19 -10.58 38.97
CA LEU H 208 72.87 -9.87 37.88
C LEU H 208 72.13 -10.05 36.56
N ASP H 209 71.32 -11.11 36.43
CA ASP H 209 70.48 -11.31 35.26
C ASP H 209 69.00 -11.33 35.56
N ASN H 210 68.60 -11.34 36.84
CA ASN H 210 67.19 -11.23 37.18
C ASN H 210 66.61 -9.87 36.81
N VAL H 211 67.46 -8.86 36.62
CA VAL H 211 67.02 -7.59 36.08
C VAL H 211 66.71 -7.76 34.60
N ALA H 212 65.53 -7.29 34.18
CA ALA H 212 65.07 -7.45 32.80
C ALA H 212 65.46 -6.29 31.92
N TYR H 213 66.75 -6.12 31.60
CA TYR H 213 67.20 -5.06 30.72
C TYR H 213 66.51 -5.14 29.37
N ALA H 214 66.02 -4.01 28.88
CA ALA H 214 65.28 -3.96 27.62
C ALA H 214 65.52 -2.59 26.98
N ARG H 215 66.37 -2.55 25.96
CA ARG H 215 66.65 -1.33 25.22
C ARG H 215 65.69 -1.23 24.04
N GLY H 216 65.14 -0.04 23.82
CA GLY H 216 64.15 0.17 22.79
C GLY H 216 64.74 0.88 21.57
N PHE H 217 64.26 0.47 20.39
CA PHE H 217 64.70 1.10 19.15
C PHE H 217 63.76 2.23 18.75
N ASN H 218 62.48 1.91 18.60
CA ASN H 218 61.45 2.90 18.30
C ASN H 218 60.30 2.74 19.30
N THR H 219 59.28 3.56 19.13
CA THR H 219 58.14 3.55 20.05
C THR H 219 57.41 2.21 20.02
N ASP H 220 57.20 1.66 18.83
CA ASP H 220 56.53 0.37 18.71
C ASP H 220 57.34 -0.73 19.37
N HIS H 221 58.67 -0.59 19.39
CA HIS H 221 59.48 -1.57 20.11
C HIS H 221 59.21 -1.50 21.61
N GLN H 222 59.03 -0.28 22.15
CA GLN H 222 58.69 -0.16 23.57
C GLN H 222 57.30 -0.73 23.85
N THR H 223 56.35 -0.52 22.93
CA THR H 223 55.03 -1.10 23.14
C THR H 223 55.07 -2.62 23.09
N GLN H 224 55.86 -3.20 22.18
CA GLN H 224 56.01 -4.65 22.16
C GLN H 224 56.75 -5.15 23.38
N LEU H 225 57.67 -4.36 23.92
CA LEU H 225 58.30 -4.70 25.20
C LEU H 225 57.26 -4.74 26.31
N LEU H 226 56.34 -3.78 26.32
CA LEU H 226 55.27 -3.80 27.31
C LEU H 226 54.38 -5.01 27.11
N TYR H 227 54.11 -5.39 25.86
CA TYR H 227 53.28 -6.55 25.57
C TYR H 227 53.94 -7.83 26.07
N GLN H 228 55.24 -7.99 25.81
CA GLN H 228 55.94 -9.17 26.30
C GLN H 228 56.07 -9.15 27.82
N ALA H 229 56.15 -7.96 28.42
CA ALA H 229 56.10 -7.86 29.88
C ALA H 229 54.77 -8.37 30.41
N GLU H 230 53.67 -8.01 29.73
CA GLU H 230 52.37 -8.54 30.08
C GLU H 230 52.35 -10.05 29.92
N ASP H 231 53.06 -10.57 28.93
CA ASP H 231 53.18 -12.02 28.77
C ASP H 231 53.87 -12.66 29.97
N MET H 232 55.01 -12.10 30.39
CA MET H 232 55.85 -12.70 31.42
C MET H 232 55.58 -12.15 32.81
N MET H 233 54.45 -11.48 33.01
CA MET H 233 54.10 -11.00 34.35
C MET H 233 53.07 -11.89 35.04
N VAL H 234 52.19 -12.54 34.28
CA VAL H 234 51.18 -13.41 34.87
C VAL H 234 51.78 -14.69 35.44
N GLU H 235 52.99 -15.05 35.02
CA GLU H 235 53.54 -16.35 35.40
C GLU H 235 54.04 -16.37 36.84
N SER H 236 54.47 -15.24 37.38
CA SER H 236 54.93 -15.17 38.77
C SER H 236 54.74 -13.75 39.27
N ARG H 237 54.86 -13.58 40.59
CA ARG H 237 54.57 -12.29 41.24
C ARG H 237 55.70 -11.31 40.98
N TYR H 238 55.51 -10.50 39.93
CA TYR H 238 56.45 -9.44 39.60
C TYR H 238 56.00 -8.10 40.15
N ALA H 239 56.13 -7.89 41.46
CA ALA H 239 55.76 -6.62 42.06
C ALA H 239 56.88 -5.60 41.92
N LEU H 240 57.42 -5.46 40.72
CA LEU H 240 58.47 -4.48 40.44
C LEU H 240 58.50 -4.24 38.94
N LEU H 241 58.12 -3.04 38.52
CA LEU H 241 58.29 -2.59 37.16
C LEU H 241 58.96 -1.22 37.20
N ILE H 242 60.06 -1.08 36.47
CA ILE H 242 60.81 0.16 36.46
C ILE H 242 61.24 0.47 35.03
N VAL H 243 61.04 1.72 34.61
CA VAL H 243 61.56 2.21 33.33
C VAL H 243 62.67 3.20 33.63
N ASP H 244 63.44 3.54 32.60
CA ASP H 244 64.61 4.40 32.77
C ASP H 244 64.53 5.68 31.96
N SER H 245 64.10 5.62 30.70
CA SER H 245 64.12 6.81 29.85
C SER H 245 62.98 6.69 28.85
N ALA H 246 61.90 7.44 29.09
CA ALA H 246 60.75 7.40 28.20
C ALA H 246 60.84 8.46 27.11
N THR H 247 60.86 9.73 27.50
CA THR H 247 60.94 10.83 26.55
C THR H 247 62.31 10.92 25.87
N ALA H 248 63.30 10.17 26.34
CA ALA H 248 64.61 10.19 25.69
C ALA H 248 64.51 9.83 24.22
N LEU H 249 63.74 8.80 23.89
CA LEU H 249 63.46 8.46 22.51
C LEU H 249 62.29 9.26 21.94
N TYR H 250 61.34 9.64 22.78
CA TYR H 250 60.17 10.38 22.28
C TYR H 250 60.55 11.75 21.75
N ARG H 251 61.35 12.52 22.49
CA ARG H 251 61.72 13.86 22.03
C ARG H 251 62.57 13.79 20.76
N THR H 252 63.50 12.85 20.68
CA THR H 252 64.34 12.75 19.50
C THR H 252 63.53 12.30 18.28
N ASP H 253 62.70 11.26 18.45
CA ASP H 253 61.88 10.78 17.34
C ASP H 253 60.85 11.82 16.93
N TYR H 254 60.26 12.52 17.90
CA TYR H 254 59.23 13.52 17.63
C TYR H 254 59.88 14.90 17.73
N SER H 255 60.52 15.30 16.64
CA SER H 255 61.24 16.57 16.58
C SER H 255 60.29 17.69 16.19
N GLY H 256 60.59 18.88 16.68
CA GLY H 256 59.75 20.04 16.44
C GLY H 256 58.44 19.97 17.22
N ARG H 257 57.63 21.00 17.03
CA ARG H 257 56.32 21.05 17.67
C ARG H 257 55.24 20.34 16.86
N GLY H 258 55.52 19.99 15.61
CA GLY H 258 54.48 19.48 14.73
C GLY H 258 53.94 18.12 15.19
N GLU H 259 54.83 17.21 15.57
CA GLU H 259 54.45 15.86 15.94
C GLU H 259 54.10 15.73 17.42
N LEU H 260 53.67 16.84 18.03
CA LEU H 260 53.37 16.85 19.46
C LEU H 260 52.27 15.85 19.81
N SER H 261 51.21 15.84 19.01
CA SER H 261 50.04 15.02 19.34
C SER H 261 50.41 13.54 19.43
N ALA H 262 51.29 13.07 18.54
CA ALA H 262 51.70 11.67 18.59
C ALA H 262 52.39 11.36 19.92
N ARG H 263 53.28 12.25 20.37
CA ARG H 263 53.94 12.06 21.66
C ARG H 263 52.91 12.03 22.79
N GLN H 264 51.93 12.94 22.74
CA GLN H 264 50.98 13.02 23.83
C GLN H 264 50.08 11.80 23.92
N MET H 265 49.53 11.33 22.80
CA MET H 265 48.73 10.12 22.82
C MET H 265 49.56 8.88 23.15
N HIS H 266 50.81 8.81 22.67
CA HIS H 266 51.67 7.71 23.07
C HIS H 266 51.95 7.70 24.56
N LEU H 267 52.20 8.87 25.16
CA LEU H 267 52.40 8.93 26.61
C LEU H 267 51.13 8.55 27.36
N ALA H 268 49.97 8.99 26.85
CA ALA H 268 48.71 8.65 27.49
C ALA H 268 48.50 7.14 27.48
N ARG H 269 48.75 6.49 26.35
CA ARG H 269 48.59 5.03 26.29
C ARG H 269 49.64 4.33 27.14
N PHE H 270 50.87 4.83 27.19
CA PHE H 270 51.90 4.22 28.01
C PHE H 270 51.54 4.28 29.49
N LEU H 271 51.07 5.44 29.95
CA LEU H 271 50.65 5.56 31.33
C LEU H 271 49.42 4.73 31.62
N ARG H 272 48.51 4.61 30.65
CA ARG H 272 47.37 3.72 30.82
C ARG H 272 47.81 2.28 30.98
N MET H 273 48.81 1.86 30.18
CA MET H 273 49.36 0.52 30.31
C MET H 273 49.99 0.31 31.68
N LEU H 274 50.75 1.30 32.15
CA LEU H 274 51.34 1.19 33.48
C LEU H 274 50.28 1.12 34.56
N LEU H 275 49.17 1.85 34.38
CA LEU H 275 48.09 1.81 35.34
C LEU H 275 47.40 0.45 35.38
N ARG H 276 47.13 -0.14 34.21
CA ARG H 276 46.49 -1.45 34.20
C ARG H 276 47.43 -2.52 34.77
N LEU H 277 48.72 -2.42 34.46
CA LEU H 277 49.67 -3.34 35.08
C LEU H 277 49.68 -3.15 36.60
N ALA H 278 49.63 -1.91 37.06
CA ALA H 278 49.67 -1.63 38.50
C ALA H 278 48.45 -2.19 39.21
N ASP H 279 47.26 -2.02 38.65
CA ASP H 279 46.06 -2.50 39.31
C ASP H 279 45.76 -3.96 39.00
N GLU H 280 46.55 -4.60 38.13
CA GLU H 280 46.41 -6.03 37.91
C GLU H 280 47.07 -6.85 39.02
N PHE H 281 48.38 -6.67 39.21
CA PHE H 281 49.16 -7.49 40.14
C PHE H 281 49.58 -6.73 41.39
N GLY H 282 49.07 -5.53 41.60
CA GLY H 282 49.49 -4.74 42.74
C GLY H 282 50.95 -4.38 42.70
N VAL H 283 51.42 -3.90 41.54
CA VAL H 283 52.82 -3.58 41.33
C VAL H 283 52.98 -2.06 41.24
N ALA H 284 54.02 -1.55 41.90
CA ALA H 284 54.41 -0.16 41.77
C ALA H 284 55.33 0.00 40.56
N VAL H 285 55.19 1.16 39.89
CA VAL H 285 55.98 1.48 38.72
C VAL H 285 56.78 2.73 39.01
N VAL H 286 58.02 2.79 38.51
CA VAL H 286 58.88 3.94 38.64
C VAL H 286 59.46 4.26 37.27
N ILE H 287 59.25 5.48 36.80
CA ILE H 287 59.66 5.90 35.46
C ILE H 287 60.49 7.18 35.57
N THR H 288 61.46 7.32 34.67
CA THR H 288 62.32 8.48 34.60
C THR H 288 62.37 8.97 33.16
N ASN H 289 62.38 10.29 32.96
CA ASN H 289 62.36 10.87 31.63
C ASN H 289 63.47 11.90 31.49
N GLN H 290 63.49 12.56 30.32
CA GLN H 290 64.54 13.50 29.97
C GLN H 290 64.41 14.80 30.76
N VAL H 291 65.23 15.78 30.40
CA VAL H 291 65.26 17.08 31.05
C VAL H 291 65.19 18.17 29.98
N VAL H 292 64.47 19.25 30.28
CA VAL H 292 64.43 20.44 29.44
C VAL H 292 64.66 21.67 30.31
N ALA H 293 65.07 22.75 29.67
CA ALA H 293 65.36 24.00 30.38
C ALA H 293 64.27 25.03 30.12
N GLN H 294 63.80 25.66 31.20
CA GLN H 294 62.73 26.66 31.14
C GLN H 294 63.29 27.93 30.52
N VAL H 295 62.74 28.33 29.37
CA VAL H 295 63.13 29.56 28.70
C VAL H 295 61.95 30.53 28.78
N ASP H 296 62.04 31.51 29.67
CA ASP H 296 60.99 32.51 29.83
C ASP H 296 61.50 33.94 29.91
N GLY H 297 62.75 34.18 30.26
CA GLY H 297 63.27 35.53 30.38
C GLY H 297 63.50 35.96 31.83
N PRO H 305 65.49 28.37 34.27
CA PRO H 305 65.25 27.40 35.34
C PRO H 305 65.17 25.96 34.80
N LYS H 306 64.91 25.01 35.70
CA LYS H 306 64.78 23.61 35.31
C LYS H 306 63.31 23.30 35.12
N LYS H 307 62.89 23.20 33.86
CA LYS H 307 61.50 22.93 33.54
C LYS H 307 61.27 21.43 33.45
N PRO H 308 60.38 20.85 34.26
CA PRO H 308 60.01 19.44 34.07
C PRO H 308 59.37 19.22 32.71
N ILE H 309 59.13 17.95 32.40
CA ILE H 309 58.53 17.56 31.13
C ILE H 309 57.43 16.54 31.38
N GLY H 310 56.60 16.33 30.36
CA GLY H 310 55.55 15.36 30.37
C GLY H 310 54.14 15.93 30.22
N GLY H 311 53.86 17.05 30.88
CA GLY H 311 52.56 17.68 30.72
C GLY H 311 51.52 17.16 31.69
N ASN H 312 50.25 17.34 31.31
CA ASN H 312 49.11 17.01 32.15
C ASN H 312 48.72 15.54 32.08
N ILE H 313 48.92 14.90 30.93
CA ILE H 313 48.66 13.47 30.82
C ILE H 313 49.55 12.68 31.77
N ILE H 314 50.74 13.18 32.05
CA ILE H 314 51.62 12.52 33.01
C ILE H 314 51.42 13.04 34.42
N ALA H 315 51.15 14.33 34.59
CA ALA H 315 51.10 14.90 35.92
C ALA H 315 49.83 14.52 36.66
N HIS H 316 48.75 14.29 35.93
CA HIS H 316 47.47 13.98 36.56
C HIS H 316 47.29 12.50 36.86
N ALA H 317 48.06 11.63 36.20
CA ALA H 317 48.05 10.20 36.48
C ALA H 317 49.22 9.76 37.35
N SER H 318 50.41 10.32 37.15
CA SER H 318 51.56 10.01 37.98
C SER H 318 51.39 10.67 39.34
N THR H 319 50.84 9.92 40.28
CA THR H 319 50.52 10.42 41.61
C THR H 319 51.75 10.85 42.41
N THR H 320 52.95 10.40 42.04
CA THR H 320 54.14 10.58 42.86
C THR H 320 55.32 11.03 42.02
N ARG H 321 55.16 12.11 41.26
CA ARG H 321 56.29 12.72 40.56
C ARG H 321 57.41 13.05 41.53
N LEU H 322 58.63 12.64 41.18
CA LEU H 322 59.78 12.68 42.07
C LEU H 322 60.91 13.54 41.52
N TYR H 323 60.59 14.75 41.09
CA TYR H 323 61.59 15.67 40.55
C TYR H 323 62.82 15.76 41.48
N LEU H 324 63.98 15.98 40.87
CA LEU H 324 65.26 15.87 41.56
C LEU H 324 66.22 16.93 41.06
N ARG H 325 67.12 17.35 41.93
CA ARG H 325 68.13 18.35 41.61
C ARG H 325 69.49 17.92 42.15
N LYS H 326 70.56 18.43 41.52
CA LYS H 326 71.92 18.09 41.91
C LYS H 326 72.27 18.69 43.27
N GLY H 327 72.97 17.91 44.08
CA GLY H 327 73.51 18.36 45.35
C GLY H 327 74.91 18.91 45.21
N ARG H 328 75.74 18.62 46.20
CA ARG H 328 77.15 19.03 46.22
C ARG H 328 78.03 17.81 46.39
N GLY H 329 78.66 17.36 45.31
CA GLY H 329 79.53 16.21 45.35
C GLY H 329 78.84 14.95 45.82
N GLU H 330 79.14 14.50 47.03
CA GLU H 330 78.48 13.35 47.62
C GLU H 330 77.04 13.65 48.01
N THR H 331 76.77 14.87 48.46
CA THR H 331 75.44 15.23 48.93
C THR H 331 74.48 15.41 47.77
N ARG H 332 73.20 15.18 48.03
CA ARG H 332 72.13 15.37 47.07
C ARG H 332 70.88 15.86 47.78
N ILE H 333 70.05 16.60 47.04
CA ILE H 333 68.78 17.11 47.56
C ILE H 333 67.68 16.78 46.56
N CYS H 334 66.47 16.54 47.07
CA CYS H 334 65.35 16.09 46.27
C CYS H 334 64.05 16.51 46.94
N LYS H 335 62.98 16.56 46.17
CA LYS H 335 61.66 16.90 46.68
C LYS H 335 60.60 16.18 45.88
N ILE H 336 59.42 16.01 46.48
CA ILE H 336 58.33 15.35 45.80
C ILE H 336 57.43 16.39 45.13
N TYR H 337 57.59 16.53 43.82
CA TYR H 337 56.96 17.57 43.01
C TYR H 337 55.44 17.47 43.01
N ASP H 338 54.89 16.26 42.90
CA ASP H 338 53.45 16.03 42.84
C ASP H 338 53.13 14.86 43.75
N SER H 339 52.19 15.07 44.68
CA SER H 339 51.82 14.03 45.63
C SER H 339 50.46 14.29 46.24
N PRO H 340 49.38 13.83 45.60
CA PRO H 340 48.05 13.89 46.24
C PRO H 340 47.95 13.11 47.54
N CYS H 341 49.04 12.48 47.99
CA CYS H 341 49.08 11.79 49.27
C CYS H 341 50.00 12.45 50.28
N LEU H 342 51.10 13.07 49.84
CA LEU H 342 52.12 13.55 50.75
C LEU H 342 52.28 15.06 50.66
N PRO H 343 52.51 15.73 51.78
CA PRO H 343 52.82 17.16 51.76
C PRO H 343 54.19 17.39 51.13
N GLU H 344 54.54 18.67 51.04
CA GLU H 344 55.84 19.06 50.48
C GLU H 344 56.90 18.85 51.55
N ALA H 345 57.83 17.94 51.26
CA ALA H 345 58.95 17.66 52.15
C ALA H 345 60.26 17.92 51.40
N GLU H 346 61.37 17.64 52.06
CA GLU H 346 62.69 17.82 51.48
C GLU H 346 63.54 16.58 51.76
N ALA H 347 64.51 16.35 50.89
CA ALA H 347 65.33 15.15 50.97
C ALA H 347 66.80 15.55 50.95
N MET H 348 67.62 14.72 51.59
CA MET H 348 69.06 14.92 51.66
C MET H 348 69.73 13.55 51.72
N PHE H 349 70.14 13.05 50.56
CA PHE H 349 70.71 11.70 50.45
C PHE H 349 72.10 11.79 49.85
N ALA H 350 72.98 10.88 50.26
CA ALA H 350 74.38 10.89 49.84
C ALA H 350 74.71 9.63 49.04
N ILE H 351 75.98 9.45 48.70
CA ILE H 351 76.46 8.32 47.92
C ILE H 351 77.54 7.59 48.71
N ASN H 352 77.44 6.26 48.70
CA ASN H 352 78.51 5.41 49.21
C ASN H 352 78.76 4.32 48.18
N ALA H 353 79.98 3.76 48.21
CA ALA H 353 80.31 2.69 47.27
C ALA H 353 79.40 1.48 47.48
N ASP H 354 78.85 1.33 48.68
CA ASP H 354 77.94 0.22 48.94
C ASP H 354 76.57 0.46 48.32
N GLY H 355 76.15 1.73 48.26
CA GLY H 355 74.84 2.06 47.73
C GLY H 355 74.46 3.51 47.94
N VAL H 356 73.18 3.76 48.20
CA VAL H 356 72.68 5.11 48.45
C VAL H 356 72.46 5.26 49.95
N GLY H 357 73.05 6.30 50.53
CA GLY H 357 72.96 6.52 51.96
C GLY H 357 72.33 7.85 52.27
N ASP H 358 72.43 8.22 53.55
CA ASP H 358 71.90 9.50 54.02
C ASP H 358 72.65 10.66 53.40
N PRO I 44 12.56 11.04 45.97
CA PRO I 44 12.61 9.77 45.24
C PRO I 44 11.22 9.26 44.83
N GLN I 45 10.83 9.53 43.59
CA GLN I 45 9.56 9.07 43.05
C GLN I 45 9.85 8.10 41.91
N PRO I 46 10.21 6.86 42.21
CA PRO I 46 10.74 5.96 41.19
C PRO I 46 9.67 5.23 40.39
N ILE I 47 10.12 4.37 39.47
CA ILE I 47 9.21 3.56 38.66
C ILE I 47 8.46 2.51 39.47
N SER I 48 8.91 2.23 40.70
CA SER I 48 8.19 1.30 41.56
C SER I 48 6.91 1.94 42.11
N ARG I 49 6.99 3.21 42.48
CA ARG I 49 5.78 3.93 42.86
C ARG I 49 4.88 4.17 41.65
N LEU I 50 5.46 4.08 40.45
CA LEU I 50 4.67 4.21 39.22
C LEU I 50 3.75 3.01 39.04
N GLU I 51 4.06 1.89 39.69
CA GLU I 51 3.20 0.71 39.61
C GLU I 51 1.82 1.03 40.17
N GLN I 52 1.76 1.64 41.35
CA GLN I 52 0.48 1.95 41.99
C GLN I 52 -0.38 2.87 41.13
N CYS I 53 0.21 3.61 40.19
CA CYS I 53 -0.56 4.48 39.31
C CYS I 53 -1.42 3.69 38.32
N GLY I 54 -1.20 2.39 38.18
CA GLY I 54 -1.90 1.59 37.20
C GLY I 54 -1.06 1.15 36.03
N ILE I 55 0.26 1.27 36.10
CA ILE I 55 1.15 0.92 35.01
C ILE I 55 1.48 -0.57 35.09
N ASN I 56 1.59 -1.21 33.93
CA ASN I 56 1.92 -2.63 33.85
C ASN I 56 3.22 -2.93 34.59
N ALA I 57 3.17 -3.94 35.46
CA ALA I 57 4.37 -4.31 36.22
C ALA I 57 5.48 -4.79 35.30
N ASN I 58 5.13 -5.59 34.29
CA ASN I 58 6.14 -6.12 33.38
C ASN I 58 6.89 -5.00 32.69
N ASP I 59 6.17 -3.99 32.23
CA ASP I 59 6.82 -2.85 31.59
C ASP I 59 7.63 -2.04 32.60
N VAL I 60 7.17 -1.99 33.85
CA VAL I 60 7.93 -1.30 34.89
C VAL I 60 9.30 -1.95 35.08
N LYS I 61 9.32 -3.28 35.20
CA LYS I 61 10.60 -3.97 35.34
C LYS I 61 11.43 -3.90 34.06
N LYS I 62 10.78 -3.93 32.89
CA LYS I 62 11.52 -3.84 31.64
C LYS I 62 12.01 -2.42 31.36
N LEU I 63 11.55 -1.44 32.11
CA LEU I 63 12.17 -0.12 32.07
C LEU I 63 13.28 0.00 33.11
N GLU I 64 13.06 -0.57 34.30
CA GLU I 64 14.13 -0.61 35.30
C GLU I 64 15.36 -1.36 34.83
N GLU I 65 15.18 -2.40 34.00
CA GLU I 65 16.33 -3.13 33.48
C GLU I 65 17.13 -2.27 32.51
N ALA I 66 16.50 -1.23 31.96
CA ALA I 66 17.23 -0.24 31.17
C ALA I 66 17.89 0.75 32.13
N GLY I 67 18.42 1.85 31.58
CA GLY I 67 19.06 2.84 32.43
C GLY I 67 18.09 3.52 33.38
N TYR I 68 16.88 3.81 32.90
CA TYR I 68 15.94 4.63 33.64
C TYR I 68 15.54 3.96 34.94
N HIS I 69 15.32 4.77 35.98
CA HIS I 69 14.96 4.23 37.29
C HIS I 69 13.86 5.00 38.00
N THR I 70 13.34 6.08 37.43
CA THR I 70 12.38 6.90 38.16
C THR I 70 11.43 7.57 37.17
N VAL I 71 10.28 8.01 37.69
CA VAL I 71 9.31 8.74 36.88
C VAL I 71 9.95 9.99 36.29
N GLU I 72 10.80 10.65 37.06
CA GLU I 72 11.50 11.82 36.54
C GLU I 72 12.42 11.44 35.38
N ALA I 73 13.04 10.26 35.44
CA ALA I 73 13.93 9.84 34.37
C ALA I 73 13.19 9.76 33.04
N VAL I 74 12.05 9.06 33.03
CA VAL I 74 11.29 8.93 31.79
C VAL I 74 10.66 10.26 31.40
N ALA I 75 10.18 11.04 32.36
CA ALA I 75 9.65 12.35 32.07
C ALA I 75 10.72 13.29 31.52
N TYR I 76 12.00 12.94 31.69
CA TYR I 76 13.11 13.71 31.14
C TYR I 76 13.57 13.18 29.79
N ALA I 77 13.03 12.04 29.35
CA ALA I 77 13.43 11.43 28.09
C ALA I 77 12.28 11.53 27.10
N PRO I 78 12.54 11.65 25.80
CA PRO I 78 11.45 11.82 24.84
C PRO I 78 10.68 10.52 24.63
N LYS I 79 9.72 10.58 23.70
CA LYS I 79 9.16 9.35 23.17
C LYS I 79 10.18 8.61 22.33
N LYS I 80 11.14 9.33 21.75
CA LYS I 80 12.16 8.71 20.91
C LYS I 80 13.04 7.76 21.72
N GLU I 81 13.40 8.14 22.94
CA GLU I 81 14.22 7.27 23.77
C GLU I 81 13.41 6.11 24.33
N LEU I 82 12.12 6.33 24.58
CA LEU I 82 11.29 5.26 25.11
C LEU I 82 10.89 4.27 24.02
N ILE I 83 11.00 4.67 22.75
CA ILE I 83 10.58 3.83 21.64
C ILE I 83 11.59 2.72 21.42
N ASN I 84 12.81 2.90 21.92
CA ASN I 84 13.88 1.95 21.67
C ASN I 84 14.09 0.96 22.80
N ILE I 85 13.30 1.03 23.87
CA ILE I 85 13.36 0.02 24.90
C ILE I 85 12.55 -1.19 24.44
N LYS I 86 13.20 -2.34 24.36
CA LYS I 86 12.53 -3.57 23.93
C LYS I 86 11.40 -3.92 24.89
N GLY I 87 10.25 -4.27 24.32
CA GLY I 87 9.05 -4.49 25.10
C GLY I 87 8.19 -3.26 25.28
N ILE I 88 8.69 -2.08 24.91
CA ILE I 88 7.93 -0.85 24.89
C ILE I 88 7.73 -0.49 23.41
N SER I 89 6.49 -0.51 22.94
CA SER I 89 6.21 -0.35 21.51
C SER I 89 5.11 0.69 21.27
N GLU I 90 5.52 1.96 21.28
CA GLU I 90 4.79 3.07 20.66
C GLU I 90 3.44 3.39 21.29
N ALA I 91 2.98 2.58 22.24
CA ALA I 91 1.75 2.85 22.97
C ALA I 91 1.98 2.90 24.46
N LYS I 92 2.65 1.89 25.01
CA LYS I 92 3.03 1.95 26.42
C LYS I 92 3.94 3.12 26.69
N ALA I 93 4.84 3.43 25.75
CA ALA I 93 5.70 4.60 25.90
C ALA I 93 4.86 5.87 26.02
N ASP I 94 3.88 6.04 25.15
CA ASP I 94 3.07 7.25 25.18
C ASP I 94 2.22 7.33 26.44
N LYS I 95 1.63 6.21 26.86
CA LYS I 95 0.79 6.27 28.06
C LYS I 95 1.64 6.48 29.31
N ILE I 96 2.85 5.93 29.34
CA ILE I 96 3.77 6.23 30.44
C ILE I 96 4.15 7.70 30.40
N LEU I 97 4.31 8.26 29.20
CA LEU I 97 4.62 9.69 29.09
C LEU I 97 3.50 10.53 29.69
N THR I 98 2.25 10.18 29.38
CA THR I 98 1.12 10.94 29.91
C THR I 98 1.01 10.77 31.43
N GLU I 99 1.22 9.55 31.93
CA GLU I 99 1.16 9.33 33.37
C GLU I 99 2.27 10.09 34.10
N ALA I 100 3.47 10.09 33.54
CA ALA I 100 4.58 10.85 34.13
C ALA I 100 4.31 12.34 34.10
N ALA I 101 3.76 12.84 32.98
CA ALA I 101 3.45 14.26 32.89
C ALA I 101 2.41 14.67 33.93
N LYS I 102 1.39 13.84 34.13
CA LYS I 102 0.38 14.17 35.13
C LYS I 102 0.87 13.96 36.55
N LEU I 103 1.86 13.08 36.76
CA LEU I 103 2.26 12.74 38.12
C LEU I 103 3.04 13.87 38.78
N VAL I 104 3.84 14.61 38.01
CA VAL I 104 4.68 15.66 38.57
C VAL I 104 4.19 17.03 38.09
N PRO I 105 4.32 18.08 38.91
CA PRO I 105 3.94 19.44 38.48
C PRO I 105 5.02 20.08 37.60
N MET I 106 5.21 19.50 36.42
CA MET I 106 6.25 19.94 35.48
C MET I 106 5.72 20.99 34.50
N GLY I 107 5.05 22.00 35.05
CA GLY I 107 4.47 23.07 34.26
C GLY I 107 4.92 24.46 34.68
N PHE I 108 4.29 25.48 34.11
CA PHE I 108 4.68 26.87 34.36
C PHE I 108 4.38 27.26 35.80
N THR I 109 5.43 27.48 36.58
CA THR I 109 5.31 28.01 37.93
C THR I 109 5.64 29.50 37.92
N THR I 110 5.77 30.10 39.10
CA THR I 110 6.11 31.50 39.22
C THR I 110 7.49 31.72 39.88
N ALA I 111 8.18 30.65 40.26
CA ALA I 111 9.54 30.65 40.83
C ALA I 111 9.58 31.06 42.29
N THR I 112 8.44 31.43 42.86
CA THR I 112 8.43 31.60 44.31
C THR I 112 8.84 30.30 44.99
N GLU I 113 8.20 29.20 44.61
CA GLU I 113 8.59 27.89 45.10
C GLU I 113 10.04 27.56 44.76
N PHE I 114 10.58 28.13 43.69
CA PHE I 114 11.95 27.80 43.33
C PHE I 114 12.93 28.48 44.30
N HIS I 115 12.67 29.74 44.67
CA HIS I 115 13.45 30.33 45.74
C HIS I 115 13.26 29.59 47.06
N GLN I 116 12.03 29.16 47.36
CA GLN I 116 11.86 28.38 48.59
C GLN I 116 12.62 27.07 48.53
N ARG I 117 12.77 26.48 47.34
CA ARG I 117 13.54 25.24 47.20
C ARG I 117 15.03 25.51 47.30
N ARG I 118 15.44 26.77 47.07
CA ARG I 118 16.83 27.16 47.31
C ARG I 118 17.26 26.88 48.74
N SER I 119 16.30 26.82 49.66
CA SER I 119 16.62 26.61 51.07
C SER I 119 17.20 25.23 51.34
N GLU I 120 16.84 24.23 50.53
CA GLU I 120 17.44 22.90 50.70
C GLU I 120 18.89 22.90 50.25
N ILE I 121 19.33 24.01 49.66
CA ILE I 121 20.65 24.09 49.04
C ILE I 121 21.60 24.95 49.86
N ILE I 122 22.74 24.35 50.23
CA ILE I 122 23.68 24.97 51.15
C ILE I 122 25.05 24.98 50.49
N GLN I 123 25.77 26.09 50.61
CA GLN I 123 27.16 26.18 50.19
C GLN I 123 28.03 26.20 51.44
N ILE I 124 28.57 25.03 51.80
CA ILE I 124 29.30 24.89 53.06
C ILE I 124 30.75 24.51 52.75
N THR I 125 31.25 24.96 51.60
CA THR I 125 32.64 24.73 51.21
C THR I 125 33.53 25.67 52.03
N THR I 126 33.92 25.22 53.22
CA THR I 126 34.72 26.08 54.09
C THR I 126 36.16 26.21 53.60
N GLY I 127 36.77 25.08 53.22
CA GLY I 127 38.16 25.08 52.82
C GLY I 127 39.07 25.56 53.94
N SER I 128 40.12 26.30 53.55
CA SER I 128 41.01 26.89 54.53
C SER I 128 40.62 28.35 54.83
N LYS I 129 40.67 29.22 53.82
CA LYS I 129 40.39 30.63 53.99
C LYS I 129 39.80 31.18 52.71
N GLU I 130 38.85 32.10 52.86
CA GLU I 130 38.22 32.83 51.76
C GLU I 130 37.46 31.92 50.80
N LEU I 131 37.09 30.74 51.26
CA LEU I 131 36.11 29.90 50.58
C LEU I 131 34.79 30.03 51.32
N ASP I 132 33.70 30.07 50.57
CA ASP I 132 32.34 30.33 51.05
C ASP I 132 32.16 31.80 51.42
N LYS I 133 33.17 32.66 51.24
CA LYS I 133 33.03 34.06 51.53
C LYS I 133 33.16 34.83 50.22
N LEU I 134 34.28 34.73 49.51
CA LEU I 134 34.40 35.35 48.21
C LEU I 134 33.84 34.44 47.13
N LEU I 135 34.29 33.19 47.13
CA LEU I 135 33.62 32.11 46.40
C LEU I 135 32.38 31.75 47.21
N GLN I 136 31.33 32.55 47.03
CA GLN I 136 30.12 32.37 47.81
C GLN I 136 29.51 31.00 47.58
N GLY I 137 29.47 30.58 46.31
CA GLY I 137 28.97 29.27 45.98
C GLY I 137 30.08 28.25 45.79
N GLY I 138 30.29 27.41 46.80
CA GLY I 138 31.22 26.31 46.69
C GLY I 138 30.52 25.06 46.23
N ILE I 139 29.41 24.75 46.88
CA ILE I 139 28.53 23.67 46.43
C ILE I 139 27.14 24.24 46.18
N GLU I 140 26.87 24.61 44.93
CA GLU I 140 25.51 24.97 44.53
C GLU I 140 24.78 23.71 44.09
N THR I 141 24.13 23.05 45.04
CA THR I 141 23.44 21.80 44.76
C THR I 141 22.40 21.98 43.67
N GLY I 142 22.41 21.09 42.70
CA GLY I 142 21.62 21.24 41.50
C GLY I 142 22.37 21.82 40.34
N SER I 143 23.64 22.16 40.53
CA SER I 143 24.45 22.80 39.51
C SER I 143 25.74 22.02 39.35
N ILE I 144 26.32 22.06 38.15
CA ILE I 144 27.52 21.29 37.84
C ILE I 144 28.76 22.13 38.12
N THR I 145 29.25 22.08 39.35
CA THR I 145 30.51 22.74 39.71
C THR I 145 31.64 22.02 38.98
N GLU I 146 32.57 22.78 38.43
CA GLU I 146 33.57 22.26 37.51
C GLU I 146 34.92 22.87 37.87
N MET I 147 35.75 22.13 38.62
CA MET I 147 37.08 22.63 38.99
C MET I 147 38.06 22.33 37.87
N PHE I 148 37.94 23.10 36.80
CA PHE I 148 38.81 22.94 35.65
C PHE I 148 40.17 23.57 35.95
N GLY I 149 41.07 22.75 36.47
CA GLY I 149 42.30 23.28 37.03
C GLY I 149 43.51 22.54 36.50
N GLU I 150 44.65 22.85 37.13
CA GLU I 150 45.97 22.39 36.75
C GLU I 150 46.54 21.43 37.79
N PHE I 151 47.45 20.57 37.35
CA PHE I 151 48.11 19.65 38.27
C PHE I 151 48.89 20.41 39.33
N ARG I 152 49.08 19.75 40.48
CA ARG I 152 49.80 20.29 41.62
C ARG I 152 49.01 21.40 42.32
N THR I 153 47.85 21.80 41.77
CA THR I 153 47.02 22.84 42.36
C THR I 153 45.88 22.26 43.21
N GLY I 154 46.02 21.03 43.68
CA GLY I 154 45.09 20.48 44.64
C GLY I 154 43.65 20.29 44.22
N LYS I 155 43.41 19.71 43.03
CA LYS I 155 42.05 19.34 42.66
C LYS I 155 41.54 18.12 43.41
N THR I 156 42.36 17.06 43.53
CA THR I 156 41.92 15.89 44.30
C THR I 156 41.85 16.20 45.78
N GLN I 157 42.77 17.01 46.29
CA GLN I 157 42.74 17.40 47.70
C GLN I 157 41.46 18.16 48.03
N ILE I 158 41.12 19.15 47.19
CA ILE I 158 39.86 19.86 47.40
C ILE I 158 38.66 18.96 47.15
N CYS I 159 38.81 17.94 46.29
CA CYS I 159 37.72 16.98 46.11
C CYS I 159 37.47 16.19 47.38
N HIS I 160 38.55 15.78 48.06
CA HIS I 160 38.41 15.12 49.36
C HIS I 160 37.77 16.08 50.37
N THR I 161 38.21 17.33 50.38
CA THR I 161 37.62 18.32 51.26
C THR I 161 36.12 18.45 51.00
N LEU I 162 35.75 18.51 49.72
CA LEU I 162 34.35 18.64 49.34
C LEU I 162 33.56 17.42 49.77
N ALA I 163 34.13 16.23 49.61
CA ALA I 163 33.45 15.02 50.01
C ALA I 163 33.20 14.99 51.51
N VAL I 164 34.17 15.49 52.29
CA VAL I 164 33.99 15.53 53.74
C VAL I 164 32.96 16.58 54.12
N THR I 165 33.03 17.76 53.50
CA THR I 165 32.09 18.84 53.82
C THR I 165 30.68 18.49 53.43
N CYS I 166 30.49 17.71 52.36
CA CYS I 166 29.16 17.24 52.03
C CYS I 166 28.65 16.24 53.05
N GLN I 167 29.53 15.76 53.94
CA GLN I 167 29.12 14.94 55.07
C GLN I 167 29.09 15.74 56.38
N LEU I 168 29.33 17.05 56.32
CA LEU I 168 29.33 17.89 57.51
C LEU I 168 27.95 17.85 58.17
N PRO I 169 27.88 17.67 59.49
CA PRO I 169 26.57 17.51 60.15
C PRO I 169 25.75 18.79 60.17
N ILE I 170 24.57 18.72 60.79
CA ILE I 170 23.65 19.85 60.79
C ILE I 170 24.25 21.03 61.56
N ASP I 171 25.10 20.74 62.54
CA ASP I 171 25.67 21.83 63.35
C ASP I 171 26.62 22.69 62.51
N ARG I 172 27.29 22.10 61.53
CA ARG I 172 28.23 22.84 60.68
C ARG I 172 27.47 23.43 59.51
N GLY I 173 26.49 24.29 59.80
CA GLY I 173 25.75 25.00 58.78
C GLY I 173 24.99 24.11 57.83
N GLY I 174 24.38 23.05 58.34
CA GLY I 174 23.61 22.17 57.49
C GLY I 174 24.22 20.79 57.36
N GLY I 175 23.38 19.77 57.53
CA GLY I 175 23.81 18.39 57.41
C GLY I 175 23.43 17.80 56.07
N GLU I 176 24.37 17.13 55.41
CA GLU I 176 24.17 16.63 54.06
C GLU I 176 24.68 15.20 53.95
N GLY I 177 24.13 14.46 52.99
CA GLY I 177 24.50 13.10 52.73
C GLY I 177 25.55 12.97 51.64
N LYS I 178 25.75 11.74 51.17
CA LYS I 178 26.81 11.46 50.22
C LYS I 178 26.41 10.21 49.44
N ALA I 179 26.61 10.26 48.12
CA ALA I 179 26.19 9.15 47.27
C ALA I 179 27.27 8.56 46.38
N MET I 180 28.27 9.31 45.91
CA MET I 180 29.10 8.78 44.84
C MET I 180 30.47 9.46 44.69
N TYR I 181 31.47 8.71 44.23
CA TYR I 181 32.80 9.19 43.89
C TYR I 181 33.36 8.36 42.75
N ILE I 182 33.72 9.02 41.66
CA ILE I 182 34.36 8.37 40.52
C ILE I 182 35.86 8.68 40.57
N ASP I 183 36.67 7.67 40.29
CA ASP I 183 38.12 7.73 40.44
C ASP I 183 38.82 7.34 39.15
N THR I 184 38.45 7.97 38.04
CA THR I 184 39.00 7.60 36.73
C THR I 184 40.52 7.56 36.73
N GLU I 185 41.16 8.60 37.28
CA GLU I 185 42.62 8.65 37.22
C GLU I 185 43.27 7.84 38.32
N GLY I 186 42.48 7.19 39.17
CA GLY I 186 43.01 6.32 40.19
C GLY I 186 43.80 7.05 41.26
N THR I 187 43.28 8.18 41.72
CA THR I 187 43.92 8.97 42.78
C THR I 187 42.87 9.28 43.83
N PHE I 188 42.73 8.39 44.81
CA PHE I 188 41.77 8.56 45.90
C PHE I 188 42.41 7.91 47.13
N ARG I 189 42.91 8.76 48.03
CA ARG I 189 43.55 8.31 49.26
C ARG I 189 42.69 8.71 50.43
N PRO I 190 41.87 7.81 50.98
CA PRO I 190 41.05 8.18 52.15
C PRO I 190 41.84 8.60 53.37
N GLU I 191 43.17 8.45 53.36
CA GLU I 191 43.98 9.08 54.41
C GLU I 191 43.82 10.59 54.36
N ARG I 192 43.76 11.16 53.15
CA ARG I 192 43.43 12.57 53.01
C ARG I 192 42.05 12.88 53.58
N LEU I 193 41.09 11.97 53.37
CA LEU I 193 39.77 12.16 53.94
C LEU I 193 39.84 12.22 55.46
N LEU I 194 40.63 11.34 56.06
CA LEU I 194 40.79 11.38 57.52
C LEU I 194 41.47 12.67 57.97
N ALA I 195 42.51 13.10 57.25
CA ALA I 195 43.24 14.30 57.64
C ALA I 195 42.35 15.53 57.58
N VAL I 196 41.55 15.65 56.51
CA VAL I 196 40.63 16.78 56.41
C VAL I 196 39.44 16.61 57.35
N ALA I 197 39.12 15.38 57.74
CA ALA I 197 38.11 15.17 58.77
C ALA I 197 38.57 15.76 60.10
N GLU I 198 39.82 15.53 60.46
CA GLU I 198 40.35 16.13 61.69
C GLU I 198 40.36 17.64 61.60
N ARG I 199 40.47 18.19 60.38
CA ARG I 199 40.42 19.63 60.19
C ARG I 199 39.06 20.20 60.55
N TYR I 200 37.99 19.51 60.19
CA TYR I 200 36.64 20.02 60.37
C TYR I 200 36.01 19.59 61.69
N GLY I 201 36.78 18.95 62.57
CA GLY I 201 36.22 18.51 63.84
C GLY I 201 35.53 17.17 63.79
N LEU I 202 35.86 16.33 62.82
CA LEU I 202 35.31 14.98 62.69
C LEU I 202 36.33 14.00 63.22
N SER I 203 36.00 13.34 64.33
CA SER I 203 36.91 12.34 64.89
C SER I 203 36.96 11.09 64.03
N GLY I 204 35.81 10.58 63.62
CA GLY I 204 35.78 9.37 62.82
C GLY I 204 35.61 9.66 61.35
N SER I 205 36.50 9.06 60.55
CA SER I 205 36.49 9.28 59.11
C SER I 205 35.89 8.09 58.38
N ASP I 206 35.78 6.96 59.07
CA ASP I 206 35.13 5.79 58.46
C ASP I 206 33.65 6.04 58.22
N VAL I 207 33.01 6.83 59.11
CA VAL I 207 31.64 7.25 58.85
C VAL I 207 31.59 8.17 57.64
N LEU I 208 32.62 8.99 57.45
CA LEU I 208 32.69 9.90 56.32
C LEU I 208 33.30 9.24 55.09
N ASP I 209 33.57 7.94 55.14
CA ASP I 209 34.09 7.26 53.97
C ASP I 209 33.04 7.26 52.86
N ASN I 210 33.42 7.80 51.71
CA ASN I 210 32.49 8.06 50.64
C ASN I 210 31.88 6.74 50.14
N VAL I 211 30.57 6.76 49.91
CA VAL I 211 29.78 5.55 49.69
C VAL I 211 30.18 4.80 48.42
N ALA I 212 30.86 5.46 47.48
CA ALA I 212 31.22 4.77 46.23
C ALA I 212 32.66 5.16 45.85
N TYR I 213 33.54 4.17 45.86
CA TYR I 213 34.91 4.29 45.36
C TYR I 213 35.05 3.66 43.97
N ALA I 214 34.06 3.87 43.11
CA ALA I 214 34.07 3.27 41.78
C ALA I 214 35.17 3.89 40.92
N ARG I 215 35.58 3.14 39.90
CA ARG I 215 36.61 3.57 38.96
C ARG I 215 36.17 3.26 37.54
N GLY I 216 36.75 3.97 36.59
CA GLY I 216 36.32 3.86 35.21
C GLY I 216 37.08 2.86 34.36
N PHE I 217 38.41 2.99 34.35
CA PHE I 217 39.33 2.15 33.58
C PHE I 217 39.24 2.41 32.08
N ASN I 218 38.26 3.19 31.63
CA ASN I 218 38.05 3.44 30.22
C ASN I 218 36.92 4.44 30.03
N THR I 219 36.66 4.75 28.75
CA THR I 219 35.75 5.83 28.40
C THR I 219 34.29 5.55 28.74
N ASP I 220 33.94 4.32 29.14
CA ASP I 220 32.54 4.04 29.38
C ASP I 220 32.00 4.76 30.60
N HIS I 221 32.79 5.66 31.19
CA HIS I 221 32.35 6.59 32.22
C HIS I 221 31.66 5.88 33.38
N GLN I 222 31.91 4.59 33.53
CA GLN I 222 31.19 3.78 34.52
C GLN I 222 29.68 3.87 34.23
N THR I 223 29.26 3.26 33.12
CA THR I 223 27.88 3.37 32.67
C THR I 223 26.89 3.01 33.77
N GLN I 224 27.16 1.93 34.51
CA GLN I 224 26.11 1.29 35.28
C GLN I 224 25.84 2.01 36.59
N LEU I 225 26.84 2.69 37.15
CA LEU I 225 26.65 3.27 38.49
C LEU I 225 25.71 4.47 38.44
N LEU I 226 25.71 5.22 37.35
CA LEU I 226 24.70 6.27 37.20
C LEU I 226 23.31 5.65 37.24
N TYR I 227 23.21 4.37 36.91
CA TYR I 227 21.91 3.73 36.74
C TYR I 227 21.45 3.09 38.03
N GLN I 228 22.32 2.32 38.69
CA GLN I 228 21.95 1.75 39.98
C GLN I 228 21.88 2.83 41.06
N ALA I 229 22.91 3.68 41.12
CA ALA I 229 22.96 4.76 42.09
C ALA I 229 22.15 5.96 41.58
N GLU I 230 20.87 5.71 41.35
CA GLU I 230 19.92 6.81 41.13
C GLU I 230 19.48 7.44 42.44
N ASP I 231 20.03 7.00 43.56
CA ASP I 231 19.87 7.65 44.86
C ASP I 231 18.41 7.67 45.29
N MET I 232 17.71 6.56 45.05
CA MET I 232 16.30 6.47 45.36
C MET I 232 16.04 5.95 46.77
N MET I 233 17.08 5.71 47.55
CA MET I 233 16.91 5.28 48.93
C MET I 233 16.57 6.49 49.81
N VAL I 234 16.57 6.26 51.13
CA VAL I 234 16.28 7.33 52.06
C VAL I 234 17.50 8.17 52.38
N GLU I 235 18.70 7.67 52.09
CA GLU I 235 19.93 8.41 52.29
C GLU I 235 20.37 9.03 50.96
N SER I 236 21.55 9.64 50.96
CA SER I 236 22.17 10.21 49.76
C SER I 236 21.39 11.37 49.18
N ARG I 237 20.45 11.92 49.95
CA ARG I 237 19.74 13.15 49.60
C ARG I 237 20.65 14.33 49.85
N TYR I 238 20.53 15.36 49.00
CA TYR I 238 21.47 16.50 48.96
C TYR I 238 22.91 16.05 49.18
N ALA I 239 23.36 15.18 48.28
CA ALA I 239 24.66 14.52 48.36
C ALA I 239 25.65 15.18 47.41
N LEU I 240 26.81 14.55 47.31
CA LEU I 240 27.86 14.96 46.39
C LEU I 240 28.12 13.87 45.38
N LEU I 241 28.19 14.25 44.10
CA LEU I 241 28.51 13.32 43.04
C LEU I 241 29.82 13.78 42.40
N ILE I 242 30.93 13.23 42.91
CA ILE I 242 32.24 13.66 42.46
C ILE I 242 32.66 12.83 41.25
N VAL I 243 33.15 13.50 40.22
CA VAL I 243 33.75 12.82 39.08
C VAL I 243 35.18 13.32 38.94
N ASP I 244 36.11 12.62 39.58
CA ASP I 244 37.50 13.05 39.58
C ASP I 244 38.13 12.84 38.22
N SER I 245 38.45 13.94 37.55
CA SER I 245 38.94 13.95 36.17
C SER I 245 37.96 13.22 35.24
N ALA I 246 36.78 13.83 35.12
CA ALA I 246 35.68 13.24 34.35
C ALA I 246 36.10 12.95 32.92
N THR I 247 36.77 13.91 32.28
CA THR I 247 37.14 13.74 30.88
C THR I 247 38.60 13.39 30.68
N ALA I 248 39.30 12.93 31.73
CA ALA I 248 40.63 12.41 31.54
C ALA I 248 40.61 11.16 30.66
N LEU I 249 39.71 10.22 30.97
CA LEU I 249 39.67 8.97 30.22
C LEU I 249 39.27 9.20 28.77
N TYR I 250 38.42 10.20 28.53
CA TYR I 250 38.11 10.56 27.15
C TYR I 250 39.34 11.01 26.38
N ARG I 251 40.39 11.46 27.08
CA ARG I 251 41.65 11.81 26.46
C ARG I 251 42.56 10.59 26.24
N THR I 252 42.54 9.64 27.17
CA THR I 252 43.38 8.46 27.04
C THR I 252 42.82 7.51 25.98
N ASP I 253 41.61 7.01 26.21
CA ASP I 253 40.98 6.07 25.27
C ASP I 253 40.74 6.72 23.93
N TYR I 254 39.87 7.71 23.88
CA TYR I 254 39.57 8.36 22.61
C TYR I 254 40.77 9.18 22.17
N SER I 255 41.07 9.12 20.88
CA SER I 255 42.37 9.53 20.36
C SER I 255 42.21 10.20 19.01
N GLY I 256 42.82 11.37 18.85
CA GLY I 256 42.88 12.04 17.57
C GLY I 256 41.53 12.56 17.12
N ARG I 257 41.54 13.10 15.89
CA ARG I 257 40.30 13.59 15.32
C ARG I 257 39.37 12.46 14.89
N GLY I 258 39.91 11.29 14.58
CA GLY I 258 39.09 10.18 14.14
C GLY I 258 38.09 9.69 15.16
N GLU I 259 38.29 10.03 16.43
CA GLU I 259 37.39 9.60 17.49
C GLU I 259 36.81 10.76 18.27
N LEU I 260 36.96 11.99 17.78
CA LEU I 260 36.42 13.16 18.47
C LEU I 260 34.90 13.14 18.52
N SER I 261 34.25 12.87 17.40
CA SER I 261 32.78 12.87 17.37
C SER I 261 32.22 11.90 18.39
N ALA I 262 32.68 10.65 18.34
CA ALA I 262 32.23 9.65 19.31
C ALA I 262 32.62 10.02 20.73
N ARG I 263 33.84 10.53 20.92
CA ARG I 263 34.31 10.92 22.25
C ARG I 263 33.38 11.93 22.87
N GLN I 264 33.11 13.01 22.16
CA GLN I 264 32.33 14.10 22.71
C GLN I 264 30.85 13.79 22.75
N MET I 265 30.34 12.96 21.84
CA MET I 265 28.94 12.56 21.96
C MET I 265 28.74 11.66 23.17
N HIS I 266 29.69 10.75 23.43
CA HIS I 266 29.68 10.00 24.67
C HIS I 266 29.78 10.91 25.87
N LEU I 267 30.67 11.91 25.79
CA LEU I 267 30.81 12.88 26.87
C LEU I 267 29.51 13.65 27.11
N ALA I 268 28.85 14.08 26.03
CA ALA I 268 27.63 14.86 26.15
C ALA I 268 26.50 14.03 26.72
N ARG I 269 26.39 12.76 26.31
CA ARG I 269 25.40 11.89 26.94
C ARG I 269 25.71 11.71 28.41
N PHE I 270 26.99 11.54 28.76
CA PHE I 270 27.37 11.40 30.16
C PHE I 270 27.02 12.64 30.96
N LEU I 271 27.31 13.82 30.42
CA LEU I 271 27.01 15.06 31.11
C LEU I 271 25.51 15.27 31.24
N ARG I 272 24.75 14.89 30.22
CA ARG I 272 23.30 14.93 30.34
C ARG I 272 22.83 14.03 31.47
N MET I 273 23.43 12.85 31.60
CA MET I 273 23.10 11.98 32.72
C MET I 273 23.41 12.65 34.05
N LEU I 274 24.55 13.33 34.13
CA LEU I 274 24.88 14.08 35.34
C LEU I 274 23.82 15.15 35.63
N LEU I 275 23.42 15.89 34.60
CA LEU I 275 22.45 16.96 34.78
C LEU I 275 21.11 16.40 35.21
N ARG I 276 20.70 15.28 34.61
CA ARG I 276 19.45 14.62 35.01
C ARG I 276 19.52 14.16 36.45
N LEU I 277 20.68 13.64 36.86
CA LEU I 277 20.84 13.23 38.26
C LEU I 277 20.71 14.42 39.19
N ALA I 278 21.31 15.55 38.80
CA ALA I 278 21.19 16.76 39.61
C ALA I 278 19.74 17.22 39.71
N ASP I 279 19.03 17.20 38.58
CA ASP I 279 17.62 17.58 38.58
C ASP I 279 16.81 16.66 39.47
N GLU I 280 17.10 15.36 39.43
CA GLU I 280 16.50 14.43 40.38
C GLU I 280 16.85 14.87 41.79
N PHE I 281 15.82 15.01 42.63
CA PHE I 281 15.89 15.73 43.90
C PHE I 281 16.86 16.90 43.81
N GLY I 282 17.82 16.99 44.73
CA GLY I 282 18.91 17.93 44.62
C GLY I 282 20.24 17.30 44.98
N VAL I 283 21.21 17.34 44.06
CA VAL I 283 22.54 16.80 44.33
C VAL I 283 23.55 17.73 43.69
N ALA I 284 24.70 17.88 44.35
CA ALA I 284 25.77 18.73 43.87
C ALA I 284 26.70 17.90 42.98
N VAL I 285 26.73 18.24 41.69
CA VAL I 285 27.57 17.54 40.72
C VAL I 285 28.89 18.28 40.65
N VAL I 286 29.87 17.82 41.39
CA VAL I 286 31.19 18.46 41.47
C VAL I 286 32.18 17.60 40.68
N ILE I 287 32.68 18.13 39.57
CA ILE I 287 33.60 17.38 38.73
C ILE I 287 34.89 18.17 38.69
N THR I 288 35.99 17.51 38.31
CA THR I 288 37.24 18.20 38.05
C THR I 288 37.56 18.08 36.57
N ASN I 289 38.74 18.54 36.18
CA ASN I 289 39.20 18.51 34.81
C ASN I 289 40.61 19.09 34.76
N GLN I 290 41.36 18.67 33.74
CA GLN I 290 42.72 19.13 33.59
C GLN I 290 42.82 20.14 32.45
N VAL I 291 43.97 20.76 32.31
CA VAL I 291 44.19 21.80 31.31
C VAL I 291 44.95 21.21 30.14
N VAL I 292 44.95 21.95 29.03
CA VAL I 292 45.77 21.62 27.87
C VAL I 292 46.67 22.82 27.64
N ALA I 293 47.64 22.66 26.75
CA ALA I 293 48.63 23.71 26.49
C ALA I 293 48.44 24.25 25.08
N GLN I 294 48.20 25.56 24.99
CA GLN I 294 47.85 26.21 23.73
C GLN I 294 49.13 26.50 22.98
N VAL I 295 49.59 25.51 22.22
CA VAL I 295 50.82 25.65 21.45
C VAL I 295 50.65 26.64 20.30
N ASP I 296 49.41 26.99 19.97
CA ASP I 296 49.14 27.92 18.88
C ASP I 296 49.66 29.33 19.16
N GLY I 297 49.80 29.71 20.42
CA GLY I 297 50.25 31.04 20.77
C GLY I 297 49.22 32.11 20.48
N PRO I 305 47.88 30.10 31.38
CA PRO I 305 47.76 29.53 30.03
C PRO I 305 47.05 28.18 30.02
N LYS I 306 45.76 28.19 30.33
CA LYS I 306 44.95 26.98 30.38
C LYS I 306 43.82 27.09 29.37
N LYS I 307 43.43 25.95 28.79
CA LYS I 307 42.38 25.88 27.80
C LYS I 307 41.50 24.67 28.11
N PRO I 308 40.21 24.75 27.86
CA PRO I 308 39.30 23.65 28.21
C PRO I 308 39.61 22.34 27.49
N ILE I 309 39.43 21.24 28.21
CA ILE I 309 39.42 19.88 27.66
C ILE I 309 38.00 19.35 27.76
N GLY I 310 37.50 18.82 26.66
CA GLY I 310 36.10 18.58 26.48
C GLY I 310 35.42 19.70 25.72
N GLY I 311 36.05 20.87 25.67
CA GLY I 311 35.57 21.97 24.85
C GLY I 311 34.18 22.41 25.24
N ASN I 312 33.46 22.91 24.23
CA ASN I 312 32.20 23.60 24.44
C ASN I 312 31.11 22.71 25.01
N ILE I 313 31.25 21.39 24.91
CA ILE I 313 30.29 20.51 25.56
C ILE I 313 30.33 20.73 27.07
N ILE I 314 31.53 20.76 27.66
CA ILE I 314 31.61 20.99 29.10
C ILE I 314 31.48 22.46 29.43
N ALA I 315 31.80 23.34 28.48
CA ALA I 315 31.63 24.77 28.72
C ALA I 315 30.18 25.12 28.99
N HIS I 316 29.28 24.71 28.09
CA HIS I 316 27.86 24.98 28.25
C HIS I 316 27.17 24.07 29.25
N ALA I 317 27.58 22.80 29.34
CA ALA I 317 26.90 21.89 30.26
C ALA I 317 27.07 22.32 31.70
N SER I 318 28.31 22.54 32.13
CA SER I 318 28.57 22.85 33.52
C SER I 318 28.00 24.21 33.88
N THR I 319 27.45 24.31 35.09
CA THR I 319 26.83 25.56 35.53
C THR I 319 27.88 26.54 36.02
N THR I 320 28.59 26.18 37.08
CA THR I 320 29.58 27.06 37.72
C THR I 320 30.98 26.47 37.50
N ARG I 321 31.57 26.84 36.37
CA ARG I 321 32.91 26.39 36.02
C ARG I 321 33.97 27.25 36.72
N LEU I 322 35.11 26.64 37.04
CA LEU I 322 36.06 27.17 38.00
C LEU I 322 37.50 26.92 37.53
N TYR I 323 38.43 27.69 38.07
CA TYR I 323 39.82 27.74 37.61
C TYR I 323 40.75 27.68 38.82
N LEU I 324 41.91 27.07 38.63
CA LEU I 324 42.87 26.92 39.72
C LEU I 324 44.29 27.16 39.21
N ARG I 325 45.07 27.86 40.02
CA ARG I 325 46.41 28.31 39.67
C ARG I 325 47.33 28.10 40.86
N LYS I 326 48.62 27.92 40.57
CA LYS I 326 49.60 27.73 41.64
C LYS I 326 50.23 29.06 42.06
N GLY I 327 50.79 29.79 41.11
CA GLY I 327 51.40 31.06 41.44
C GLY I 327 52.75 30.88 42.13
N ARG I 328 52.96 31.67 43.18
CA ARG I 328 54.19 31.65 43.96
C ARG I 328 53.95 31.10 45.35
N GLY I 329 55.02 30.61 45.97
CA GLY I 329 54.94 30.03 47.28
C GLY I 329 54.19 28.70 47.25
N GLU I 330 53.96 28.18 48.45
CA GLU I 330 53.13 26.98 48.58
C GLU I 330 51.67 27.29 48.26
N THR I 331 51.20 28.47 48.63
CA THR I 331 49.79 28.80 48.49
C THR I 331 49.41 29.00 47.02
N ARG I 332 48.15 28.72 46.72
CA ARG I 332 47.64 28.73 45.36
C ARG I 332 46.40 29.61 45.26
N ILE I 333 46.15 30.07 44.05
CA ILE I 333 45.04 30.96 43.73
C ILE I 333 43.99 30.18 42.97
N CYS I 334 42.73 30.63 43.05
CA CYS I 334 41.67 30.13 42.18
C CYS I 334 40.97 31.30 41.51
N LYS I 335 39.87 31.00 40.85
CA LYS I 335 39.02 32.01 40.26
C LYS I 335 37.59 31.64 40.62
N ILE I 336 36.64 32.52 40.28
CA ILE I 336 35.24 32.15 40.47
C ILE I 336 34.53 32.00 39.14
N TYR I 337 35.12 32.55 38.07
CA TYR I 337 34.93 32.11 36.69
C TYR I 337 33.43 32.05 36.35
N ASP I 338 32.96 31.00 35.69
CA ASP I 338 31.56 30.94 35.27
C ASP I 338 30.64 30.74 36.45
N SER I 339 29.59 31.54 36.50
CA SER I 339 28.40 31.29 37.30
C SER I 339 27.38 32.32 36.90
N PRO I 340 26.12 31.94 36.67
CA PRO I 340 25.09 32.94 36.35
C PRO I 340 24.82 33.90 37.49
N CYS I 341 25.23 33.58 38.72
CA CYS I 341 24.97 34.45 39.85
C CYS I 341 26.21 35.14 40.40
N LEU I 342 27.42 34.46 40.38
CA LEU I 342 28.57 35.03 41.06
C LEU I 342 29.46 35.81 40.10
N PRO I 343 30.08 36.88 40.60
CA PRO I 343 30.98 37.67 39.77
C PRO I 343 32.41 37.16 39.80
N GLU I 344 33.13 37.48 38.72
CA GLU I 344 34.52 37.05 38.58
C GLU I 344 35.38 37.61 39.70
N ALA I 345 36.23 36.76 40.28
CA ALA I 345 37.08 37.14 41.40
C ALA I 345 38.16 36.07 41.57
N GLU I 346 39.01 36.27 42.58
CA GLU I 346 40.09 35.35 42.93
C GLU I 346 40.02 35.02 44.42
N ALA I 347 40.84 34.07 44.84
CA ALA I 347 40.87 33.66 46.24
C ALA I 347 42.28 33.21 46.63
N MET I 348 42.39 32.69 47.85
CA MET I 348 43.66 32.50 48.53
C MET I 348 43.51 31.34 49.51
N PHE I 349 44.33 30.30 49.34
CA PHE I 349 44.18 29.08 50.14
C PHE I 349 45.48 28.28 50.13
N ALA I 350 45.62 27.39 51.11
CA ALA I 350 46.80 26.55 51.27
C ALA I 350 46.43 25.23 51.95
N ILE I 351 47.10 24.15 51.55
CA ILE I 351 46.88 22.84 52.15
C ILE I 351 47.72 22.74 53.42
N ASN I 352 47.22 21.97 54.39
CA ASN I 352 48.00 21.52 55.53
C ASN I 352 48.06 20.00 55.52
N ALA I 353 48.93 19.45 56.36
CA ALA I 353 49.01 18.00 56.49
C ALA I 353 47.87 17.42 57.31
N ASP I 354 47.43 18.11 58.36
CA ASP I 354 46.31 17.67 59.19
C ASP I 354 45.04 18.36 58.73
N GLY I 355 44.74 18.20 57.45
CA GLY I 355 43.59 18.83 56.84
C GLY I 355 43.96 19.73 55.69
N VAL I 356 43.04 19.81 54.72
CA VAL I 356 43.30 20.49 53.46
C VAL I 356 42.18 21.50 53.20
N GLY I 357 42.56 22.63 52.61
CA GLY I 357 41.59 23.59 52.12
C GLY I 357 41.33 23.35 50.65
N ASP I 358 41.82 24.21 49.79
CA ASP I 358 41.62 24.06 48.35
C ASP I 358 42.89 23.62 47.64
N PRO J 44 -5.43 38.05 19.97
CA PRO J 44 -6.03 38.59 21.19
C PRO J 44 -7.51 38.27 21.31
N GLN J 45 -8.01 37.42 20.40
CA GLN J 45 -9.40 36.99 20.41
C GLN J 45 -9.45 35.52 20.81
N PRO J 46 -10.00 35.17 21.98
CA PRO J 46 -10.01 33.77 22.41
C PRO J 46 -10.79 32.89 21.47
N ILE J 47 -10.34 31.63 21.36
CA ILE J 47 -10.88 30.70 20.37
C ILE J 47 -12.36 30.45 20.59
N SER J 48 -12.83 30.54 21.83
CA SER J 48 -14.23 30.24 22.12
C SER J 48 -15.17 31.24 21.47
N ARG J 49 -14.65 32.37 21.02
CA ARG J 49 -15.50 33.37 20.36
C ARG J 49 -16.02 32.87 19.03
N LEU J 50 -15.32 31.93 18.40
CA LEU J 50 -15.83 31.32 17.17
C LEU J 50 -17.05 30.46 17.46
N GLU J 51 -17.09 29.83 18.65
CA GLU J 51 -18.29 29.13 19.07
C GLU J 51 -19.45 30.11 19.26
N GLN J 52 -19.17 31.30 19.79
CA GLN J 52 -20.19 32.33 19.90
C GLN J 52 -20.69 32.76 18.52
N CYS J 53 -19.85 32.62 17.49
CA CYS J 53 -20.32 32.88 16.13
C CYS J 53 -21.34 31.85 15.69
N GLY J 54 -21.20 30.61 16.14
CA GLY J 54 -22.15 29.57 15.78
C GLY J 54 -21.51 28.21 15.59
N ILE J 55 -20.18 28.15 15.60
CA ILE J 55 -19.49 26.87 15.46
C ILE J 55 -19.85 25.97 16.63
N ASN J 56 -19.95 24.67 16.35
CA ASN J 56 -20.39 23.70 17.36
C ASN J 56 -19.48 23.75 18.58
N ALA J 57 -20.11 23.71 19.76
CA ALA J 57 -19.35 23.81 21.01
C ALA J 57 -18.41 22.63 21.17
N ASN J 58 -18.86 21.43 20.83
CA ASN J 58 -17.99 20.26 20.93
C ASN J 58 -16.77 20.41 20.04
N ASP J 59 -16.97 20.95 18.83
CA ASP J 59 -15.85 21.16 17.93
C ASP J 59 -14.86 22.18 18.50
N VAL J 60 -15.38 23.27 19.07
CA VAL J 60 -14.48 24.31 19.57
C VAL J 60 -13.70 23.81 20.78
N LYS J 61 -14.33 23.02 21.65
CA LYS J 61 -13.61 22.53 22.81
C LYS J 61 -12.60 21.45 22.41
N LYS J 62 -12.97 20.59 21.46
CA LYS J 62 -12.03 19.56 21.02
C LYS J 62 -10.84 20.19 20.28
N LEU J 63 -11.07 21.32 19.61
CA LEU J 63 -9.94 22.08 19.06
C LEU J 63 -9.13 22.75 20.17
N GLU J 64 -9.80 23.17 21.25
CA GLU J 64 -9.09 23.76 22.38
C GLU J 64 -8.11 22.77 23.00
N GLU J 65 -8.53 21.50 23.15
CA GLU J 65 -7.56 20.51 23.60
C GLU J 65 -6.76 19.93 22.45
N ALA J 66 -6.97 20.41 21.22
CA ALA J 66 -6.17 19.97 20.08
C ALA J 66 -4.91 20.80 19.91
N GLY J 67 -4.73 21.84 20.72
CA GLY J 67 -3.56 22.68 20.61
C GLY J 67 -3.84 24.04 20.02
N TYR J 68 -5.11 24.36 19.81
CA TYR J 68 -5.53 25.64 19.29
C TYR J 68 -6.30 26.38 20.38
N HIS J 69 -5.76 27.49 20.85
CA HIS J 69 -6.35 28.22 21.95
C HIS J 69 -6.71 29.67 21.60
N THR J 70 -6.59 30.06 20.34
CA THR J 70 -6.99 31.38 19.89
C THR J 70 -7.67 31.24 18.53
N VAL J 71 -8.46 32.26 18.17
CA VAL J 71 -9.07 32.27 16.85
C VAL J 71 -8.00 32.29 15.77
N GLU J 72 -6.82 32.78 16.12
CA GLU J 72 -5.67 32.73 15.23
C GLU J 72 -5.00 31.36 15.21
N ALA J 73 -5.05 30.60 16.31
CA ALA J 73 -4.43 29.29 16.30
C ALA J 73 -5.07 28.38 15.27
N VAL J 74 -6.40 28.39 15.17
CA VAL J 74 -7.08 27.62 14.15
C VAL J 74 -6.83 28.19 12.77
N ALA J 75 -6.78 29.52 12.66
CA ALA J 75 -6.60 30.14 11.35
C ALA J 75 -5.16 30.00 10.86
N TYR J 76 -4.21 29.91 11.79
CA TYR J 76 -2.80 29.96 11.41
C TYR J 76 -2.36 28.66 10.76
N ALA J 77 -2.81 27.53 11.29
CA ALA J 77 -2.43 26.20 10.86
C ALA J 77 -3.11 25.86 9.53
N PRO J 78 -2.56 24.91 8.79
CA PRO J 78 -3.23 24.44 7.57
C PRO J 78 -4.28 23.39 7.89
N LYS J 79 -5.03 23.01 6.86
CA LYS J 79 -6.11 22.05 7.03
C LYS J 79 -5.61 20.68 7.48
N LYS J 80 -4.36 20.34 7.17
CA LYS J 80 -3.86 19.01 7.45
C LYS J 80 -3.82 18.72 8.94
N GLU J 81 -3.30 19.66 9.73
CA GLU J 81 -3.25 19.46 11.17
C GLU J 81 -4.64 19.37 11.79
N LEU J 82 -5.58 20.20 11.32
CA LEU J 82 -6.95 20.13 11.81
C LEU J 82 -7.57 18.78 11.47
N ILE J 83 -7.31 18.27 10.27
CA ILE J 83 -7.82 16.96 9.87
C ILE J 83 -7.22 15.88 10.77
N ASN J 84 -5.94 15.99 11.11
CA ASN J 84 -5.31 15.01 11.96
C ASN J 84 -5.94 14.93 13.33
N ILE J 85 -6.68 15.95 13.74
CA ILE J 85 -7.36 15.95 15.03
C ILE J 85 -8.51 14.95 14.98
N LYS J 86 -8.70 14.22 16.08
CA LYS J 86 -9.76 13.22 16.13
C LYS J 86 -11.12 13.89 16.15
N GLY J 87 -12.09 13.28 15.46
CA GLY J 87 -13.44 13.79 15.40
C GLY J 87 -13.68 14.89 14.40
N ILE J 88 -12.72 15.19 13.53
CA ILE J 88 -12.86 16.22 12.52
C ILE J 88 -12.66 15.58 11.15
N SER J 89 -13.62 15.79 10.26
CA SER J 89 -13.54 15.30 8.90
C SER J 89 -13.02 16.42 7.99
N GLU J 90 -13.03 16.18 6.67
CA GLU J 90 -12.62 17.21 5.73
C GLU J 90 -13.58 18.40 5.73
N ALA J 91 -14.89 18.11 5.75
CA ALA J 91 -15.88 19.19 5.69
C ALA J 91 -15.84 20.07 6.93
N LYS J 92 -15.71 19.45 8.11
CA LYS J 92 -15.63 20.24 9.34
C LYS J 92 -14.39 21.12 9.33
N ALA J 93 -13.25 20.57 8.89
CA ALA J 93 -12.04 21.38 8.81
C ALA J 93 -12.20 22.52 7.82
N ASP J 94 -12.83 22.26 6.68
CA ASP J 94 -13.00 23.31 5.67
C ASP J 94 -13.89 24.43 6.19
N LYS J 95 -15.01 24.09 6.84
CA LYS J 95 -15.86 25.13 7.39
C LYS J 95 -15.17 25.88 8.52
N ILE J 96 -14.35 25.18 9.32
CA ILE J 96 -13.58 25.85 10.36
C ILE J 96 -12.60 26.85 9.74
N LEU J 97 -11.91 26.46 8.67
CA LEU J 97 -11.01 27.38 8.01
C LEU J 97 -11.73 28.58 7.42
N THR J 98 -12.89 28.37 6.80
CA THR J 98 -13.63 29.49 6.23
C THR J 98 -14.10 30.46 7.31
N GLU J 99 -14.67 29.93 8.40
CA GLU J 99 -15.13 30.82 9.47
C GLU J 99 -13.96 31.51 10.15
N ALA J 100 -12.79 30.86 10.23
CA ALA J 100 -11.62 31.51 10.82
C ALA J 100 -11.14 32.65 9.93
N ALA J 101 -10.98 32.38 8.63
CA ALA J 101 -10.54 33.40 7.70
C ALA J 101 -11.53 34.56 7.60
N LYS J 102 -12.79 34.33 7.94
CA LYS J 102 -13.76 35.41 7.94
C LYS J 102 -13.37 36.51 8.92
N LEU J 103 -12.90 36.13 10.11
CA LEU J 103 -12.67 37.12 11.16
C LEU J 103 -11.37 37.88 10.96
N VAL J 104 -10.24 37.18 10.99
CA VAL J 104 -8.92 37.80 11.05
C VAL J 104 -8.48 38.23 9.65
N PRO J 105 -7.92 39.43 9.49
CA PRO J 105 -7.56 39.88 8.15
C PRO J 105 -6.36 39.17 7.57
N MET J 106 -6.61 38.16 6.74
CA MET J 106 -5.54 37.53 5.95
C MET J 106 -5.53 38.12 4.54
N GLY J 107 -5.21 39.42 4.49
CA GLY J 107 -5.27 40.12 3.22
C GLY J 107 -4.00 40.86 2.89
N PHE J 108 -4.11 41.81 1.96
CA PHE J 108 -2.96 42.52 1.42
C PHE J 108 -3.07 43.99 1.84
N THR J 109 -2.57 44.27 3.05
CA THR J 109 -2.48 45.64 3.52
C THR J 109 -1.22 46.28 2.96
N THR J 110 -1.36 47.51 2.48
CA THR J 110 -0.20 48.21 1.94
C THR J 110 0.86 48.38 3.03
N ALA J 111 2.11 48.55 2.58
CA ALA J 111 3.22 48.63 3.52
C ALA J 111 3.13 49.83 4.44
N THR J 112 2.41 50.88 4.05
CA THR J 112 2.21 52.01 4.95
C THR J 112 1.26 51.66 6.08
N GLU J 113 0.26 50.81 5.83
CA GLU J 113 -0.55 50.31 6.93
C GLU J 113 0.29 49.52 7.91
N PHE J 114 1.16 48.66 7.41
CA PHE J 114 2.07 47.94 8.31
C PHE J 114 3.04 48.89 8.99
N HIS J 115 3.39 50.00 8.33
CA HIS J 115 4.29 50.96 8.96
C HIS J 115 3.62 51.68 10.12
N GLN J 116 2.36 52.07 9.94
CA GLN J 116 1.62 52.65 11.06
C GLN J 116 1.41 51.61 12.15
N ARG J 117 1.33 50.33 11.79
CA ARG J 117 1.33 49.28 12.79
C ARG J 117 2.69 49.16 13.47
N ARG J 118 3.75 49.58 12.76
CA ARG J 118 5.12 49.51 13.25
C ARG J 118 5.49 50.70 14.12
N SER J 119 4.60 51.68 14.27
CA SER J 119 4.88 52.77 15.20
C SER J 119 5.00 52.26 16.62
N GLU J 120 4.12 51.35 17.03
CA GLU J 120 4.18 50.71 18.33
C GLU J 120 4.89 49.38 18.15
N ILE J 121 6.09 49.28 18.71
CA ILE J 121 6.89 48.06 18.58
C ILE J 121 7.43 47.70 19.96
N ILE J 122 7.34 48.64 20.89
CA ILE J 122 7.69 48.46 22.30
C ILE J 122 9.20 48.43 22.49
N GLN J 123 9.86 47.51 21.80
CA GLN J 123 11.33 47.44 21.76
C GLN J 123 11.91 47.47 23.18
N ILE J 124 11.64 46.39 23.91
CA ILE J 124 12.09 46.27 25.29
C ILE J 124 13.56 46.62 25.38
N THR J 125 13.90 47.50 26.31
CA THR J 125 15.26 47.97 26.44
C THR J 125 16.14 46.88 27.06
N THR J 126 17.45 47.07 26.92
CA THR J 126 18.42 46.11 27.40
C THR J 126 18.98 46.44 28.77
N GLY J 127 18.98 47.71 29.15
CA GLY J 127 19.59 48.15 30.40
C GLY J 127 20.94 48.80 30.23
N SER J 128 21.60 48.61 29.10
CA SER J 128 22.87 49.25 28.81
C SER J 128 22.67 50.30 27.72
N LYS J 129 23.19 51.50 27.97
CA LYS J 129 22.98 52.60 27.04
C LYS J 129 23.52 52.27 25.65
N GLU J 130 24.69 51.62 25.60
CA GLU J 130 25.25 51.23 24.30
C GLU J 130 24.53 50.02 23.73
N LEU J 131 24.10 49.09 24.58
CA LEU J 131 23.44 47.89 24.08
C LEU J 131 22.12 48.23 23.40
N ASP J 132 21.30 49.07 24.03
CA ASP J 132 20.07 49.54 23.40
C ASP J 132 20.31 50.70 22.46
N LYS J 133 21.56 50.92 22.07
CA LYS J 133 21.91 51.81 20.96
C LYS J 133 22.40 51.05 19.75
N LEU J 134 23.17 49.98 19.98
CA LEU J 134 23.49 49.03 18.93
C LEU J 134 22.21 48.42 18.35
N LEU J 135 21.18 48.26 19.19
CA LEU J 135 19.92 47.65 18.81
C LEU J 135 18.88 48.68 18.38
N GLN J 136 19.30 49.83 17.85
CA GLN J 136 18.43 50.98 17.66
C GLN J 136 17.71 51.31 18.96
N GLY J 137 16.48 50.82 19.14
CA GLY J 137 15.80 51.07 20.40
C GLY J 137 15.77 49.88 21.34
N GLY J 138 16.20 48.73 20.87
CA GLY J 138 16.10 47.48 21.61
C GLY J 138 15.78 46.34 20.66
N ILE J 139 14.99 45.39 21.14
CA ILE J 139 14.59 44.26 20.32
C ILE J 139 13.12 44.35 20.03
N GLU J 140 12.77 44.25 18.75
CA GLU J 140 11.38 44.34 18.33
C GLU J 140 10.54 43.24 18.99
N THR J 141 9.32 43.60 19.38
CA THR J 141 8.33 42.61 19.76
C THR J 141 7.57 42.16 18.52
N GLY J 142 7.33 40.86 18.43
CA GLY J 142 6.75 40.28 17.24
C GLY J 142 7.74 39.63 16.31
N SER J 143 8.99 39.48 16.74
CA SER J 143 9.97 38.72 15.97
C SER J 143 10.93 38.05 16.95
N ILE J 144 11.58 37.01 16.47
CA ILE J 144 12.33 36.07 17.31
C ILE J 144 13.80 36.43 17.25
N THR J 145 14.40 36.66 18.42
CA THR J 145 15.80 37.05 18.51
C THR J 145 16.60 35.95 19.21
N GLU J 146 17.85 35.80 18.78
CA GLU J 146 18.70 34.73 19.26
C GLU J 146 20.03 35.32 19.71
N MET J 147 20.52 34.85 20.86
CA MET J 147 21.81 35.23 21.39
C MET J 147 22.67 33.99 21.58
N PHE J 148 23.89 34.00 21.06
CA PHE J 148 24.76 32.85 21.20
C PHE J 148 26.18 33.30 21.49
N GLY J 149 26.93 32.40 22.12
CA GLY J 149 28.32 32.66 22.38
C GLY J 149 28.92 31.54 23.22
N GLU J 150 30.22 31.67 23.45
CA GLU J 150 30.93 30.72 24.29
C GLU J 150 30.44 30.84 25.73
N PHE J 151 31.04 30.08 26.63
CA PHE J 151 30.71 30.20 28.04
C PHE J 151 31.07 31.59 28.56
N ARG J 152 30.49 31.92 29.72
CA ARG J 152 30.73 33.19 30.42
C ARG J 152 30.58 34.40 29.48
N THR J 153 29.48 34.42 28.73
CA THR J 153 29.20 35.54 27.83
C THR J 153 27.92 36.27 28.15
N GLY J 154 27.23 35.93 29.23
CA GLY J 154 26.06 36.71 29.61
C GLY J 154 24.90 36.64 28.66
N LYS J 155 24.58 35.46 28.13
CA LYS J 155 23.29 35.26 27.47
C LYS J 155 22.16 35.21 28.48
N THR J 156 22.32 34.40 29.53
CA THR J 156 21.31 34.42 30.58
C THR J 156 21.31 35.74 31.31
N GLN J 157 22.44 36.46 31.31
CA GLN J 157 22.47 37.77 31.94
C GLN J 157 21.63 38.77 31.14
N ILE J 158 21.78 38.77 29.83
CA ILE J 158 20.94 39.63 29.00
C ILE J 158 19.47 39.25 29.17
N CYS J 159 19.17 37.96 29.18
CA CYS J 159 17.78 37.55 29.39
C CYS J 159 17.27 38.01 30.75
N HIS J 160 18.08 37.87 31.80
CA HIS J 160 17.65 38.21 33.15
C HIS J 160 17.41 39.70 33.30
N THR J 161 18.28 40.53 32.71
CA THR J 161 18.14 41.97 32.81
C THR J 161 17.34 42.57 31.67
N LEU J 162 16.79 41.75 30.79
CA LEU J 162 15.94 42.21 29.71
C LEU J 162 14.51 41.72 29.83
N ALA J 163 14.26 40.70 30.65
CA ALA J 163 12.89 40.35 31.02
C ALA J 163 12.35 41.30 32.07
N VAL J 164 13.19 41.77 32.99
CA VAL J 164 12.72 42.73 33.99
C VAL J 164 12.37 44.04 33.32
N THR J 165 13.10 44.44 32.27
CA THR J 165 12.83 45.68 31.58
C THR J 165 11.54 45.63 30.76
N CYS J 166 10.81 44.52 30.80
CA CYS J 166 9.52 44.47 30.13
C CYS J 166 8.38 44.82 31.08
N GLN J 167 8.49 44.49 32.36
CA GLN J 167 7.46 44.90 33.31
C GLN J 167 7.74 46.32 33.79
N LEU J 168 7.98 47.22 32.85
CA LEU J 168 8.37 48.58 33.12
C LEU J 168 7.47 49.52 32.31
N PRO J 169 7.27 50.74 32.80
CA PRO J 169 6.65 51.75 31.94
C PRO J 169 7.55 52.02 30.74
N ILE J 170 6.93 52.44 29.65
CA ILE J 170 7.63 52.62 28.39
C ILE J 170 8.60 53.79 28.51
N ASP J 171 8.56 54.49 29.65
CA ASP J 171 9.46 55.61 29.88
C ASP J 171 10.92 55.18 29.84
N ARG J 172 11.21 53.96 30.34
CA ARG J 172 12.53 53.37 30.20
C ARG J 172 12.53 52.24 29.17
N GLY J 173 11.75 52.38 28.11
CA GLY J 173 11.68 51.33 27.11
C GLY J 173 11.09 50.04 27.64
N GLY J 174 10.08 50.13 28.50
CA GLY J 174 9.44 48.96 29.05
C GLY J 174 8.51 48.31 28.05
N GLY J 175 7.67 47.41 28.56
CA GLY J 175 6.74 46.71 27.71
C GLY J 175 5.32 46.65 28.25
N GLU J 176 5.15 47.04 29.51
CA GLU J 176 3.84 46.98 30.18
C GLU J 176 3.26 45.58 30.14
N GLY J 177 4.12 44.58 30.30
CA GLY J 177 3.72 43.20 30.30
C GLY J 177 4.43 42.43 31.39
N LYS J 178 4.49 41.10 31.21
CA LYS J 178 5.18 40.24 32.15
C LYS J 178 6.19 39.37 31.41
N ALA J 179 6.79 38.41 32.10
CA ALA J 179 7.71 37.47 31.50
C ALA J 179 7.22 36.05 31.74
N MET J 180 7.59 35.13 30.86
CA MET J 180 7.36 33.71 31.05
C MET J 180 8.60 32.92 30.68
N TYR J 181 9.73 33.37 31.24
CA TYR J 181 11.02 32.71 31.09
C TYR J 181 10.89 31.19 31.18
N ILE J 182 11.35 30.51 30.13
CA ILE J 182 11.40 29.06 30.10
C ILE J 182 12.87 28.67 29.97
N ASP J 183 13.32 27.73 30.81
CA ASP J 183 14.74 27.48 30.99
C ASP J 183 14.99 26.00 31.22
N THR J 184 15.87 25.43 30.40
CA THR J 184 16.08 23.98 30.40
C THR J 184 17.26 23.50 31.24
N GLU J 185 18.37 24.24 31.27
CA GLU J 185 19.53 23.77 32.03
C GLU J 185 19.46 24.12 33.51
N GLY J 186 18.45 24.86 33.94
CA GLY J 186 18.45 25.32 35.31
C GLY J 186 19.50 26.37 35.60
N THR J 187 19.95 27.09 34.57
CA THR J 187 20.84 28.23 34.80
C THR J 187 20.15 29.36 35.54
N PHE J 188 18.83 29.25 35.71
CA PHE J 188 18.00 30.22 36.43
C PHE J 188 18.27 30.07 37.93
N ARG J 189 19.38 30.66 38.38
CA ARG J 189 19.73 30.62 39.79
C ARG J 189 18.96 31.68 40.56
N PRO J 190 18.15 31.28 41.53
CA PRO J 190 17.22 32.23 42.17
C PRO J 190 17.88 33.39 42.91
N GLU J 191 19.16 33.25 43.27
CA GLU J 191 19.81 34.31 44.03
C GLU J 191 19.84 35.62 43.24
N ARG J 192 20.23 35.55 41.96
CA ARG J 192 20.03 36.69 41.08
C ARG J 192 18.55 37.00 40.88
N LEU J 193 17.71 35.96 40.83
CA LEU J 193 16.30 36.14 40.51
C LEU J 193 15.62 37.05 41.53
N LEU J 194 16.13 37.08 42.77
CA LEU J 194 15.66 38.01 43.79
C LEU J 194 16.69 39.06 44.21
N ALA J 195 17.87 39.09 43.60
CA ALA J 195 18.78 40.20 43.77
C ALA J 195 18.77 41.15 42.58
N VAL J 196 17.91 40.92 41.59
CA VAL J 196 17.83 41.82 40.45
C VAL J 196 17.34 43.21 40.88
N ALA J 197 16.24 43.27 41.63
CA ALA J 197 15.45 44.50 41.73
C ALA J 197 16.00 45.41 42.83
N GLU J 198 17.02 46.18 42.47
CA GLU J 198 17.45 47.29 43.31
C GLU J 198 17.71 48.52 42.46
N ARG J 199 17.88 48.34 41.15
CA ARG J 199 18.24 49.47 40.30
C ARG J 199 17.06 49.98 39.48
N TYR J 200 16.21 49.07 38.99
CA TYR J 200 15.21 49.42 37.99
C TYR J 200 14.17 50.40 38.50
N GLY J 201 14.06 50.58 39.82
CA GLY J 201 13.04 51.44 40.39
C GLY J 201 11.78 50.73 40.83
N LEU J 202 11.80 49.41 40.91
CA LEU J 202 10.62 48.63 41.25
C LEU J 202 10.85 47.83 42.53
N SER J 203 9.75 47.45 43.17
CA SER J 203 9.83 46.66 44.38
C SER J 203 10.23 45.21 44.06
N GLY J 204 10.74 44.52 45.08
CA GLY J 204 11.11 43.13 44.91
C GLY J 204 9.93 42.20 44.75
N SER J 205 8.73 42.62 45.16
CA SER J 205 7.56 41.76 45.02
C SER J 205 7.12 41.66 43.56
N ASP J 206 7.02 42.80 42.88
CA ASP J 206 6.46 42.83 41.52
C ASP J 206 7.54 42.71 40.45
N VAL J 207 8.42 41.72 40.62
CA VAL J 207 9.31 41.30 39.54
C VAL J 207 9.18 39.78 39.38
N LEU J 208 9.37 39.06 40.49
CA LEU J 208 9.10 37.63 40.51
C LEU J 208 7.63 37.30 40.27
N ASP J 209 6.71 38.10 40.79
CA ASP J 209 5.30 37.80 40.62
C ASP J 209 4.85 37.98 39.16
N ASN J 210 5.70 38.58 38.34
CA ASN J 210 5.40 38.83 36.94
C ASN J 210 6.27 38.00 35.99
N VAL J 211 6.78 36.85 36.45
CA VAL J 211 7.48 35.90 35.59
C VAL J 211 6.83 34.54 35.74
N ALA J 212 6.92 33.74 34.67
CA ALA J 212 6.36 32.39 34.65
C ALA J 212 7.48 31.44 34.24
N TYR J 213 8.02 30.70 35.20
CA TYR J 213 9.17 29.85 34.98
C TYR J 213 8.78 28.38 35.11
N ALA J 214 9.11 27.59 34.09
CA ALA J 214 9.07 26.14 34.18
C ALA J 214 10.41 25.60 33.71
N ARG J 215 10.54 24.27 33.65
CA ARG J 215 11.83 23.72 33.25
C ARG J 215 11.86 23.34 31.77
N GLY J 216 11.02 22.40 31.36
CA GLY J 216 11.12 21.90 30.01
C GLY J 216 12.37 21.08 29.77
N PHE J 217 12.52 19.98 30.50
CA PHE J 217 13.68 19.11 30.43
C PHE J 217 13.49 17.98 29.43
N ASN J 218 13.05 18.31 28.23
CA ASN J 218 12.92 17.35 27.15
C ASN J 218 12.88 18.10 25.83
N THR J 219 13.16 17.39 24.75
CA THR J 219 12.91 17.96 23.45
C THR J 219 11.41 18.04 23.17
N ASP J 220 10.66 17.02 23.59
CA ASP J 220 9.22 17.03 23.44
C ASP J 220 8.56 18.07 24.34
N HIS J 221 9.13 18.32 25.52
CA HIS J 221 8.52 19.24 26.45
C HIS J 221 8.64 20.69 26.00
N GLN J 222 9.46 20.99 25.01
CA GLN J 222 9.61 22.37 24.56
C GLN J 222 8.35 22.85 23.84
N THR J 223 7.88 22.10 22.84
CA THR J 223 6.64 22.44 22.16
C THR J 223 5.43 22.31 23.08
N GLN J 224 5.42 21.28 23.92
CA GLN J 224 4.35 21.16 24.89
C GLN J 224 4.25 22.41 25.76
N LEU J 225 5.39 22.86 26.28
CA LEU J 225 5.40 24.05 27.12
C LEU J 225 4.98 25.27 26.32
N LEU J 226 5.33 25.32 25.04
CA LEU J 226 4.82 26.40 24.19
C LEU J 226 3.29 26.39 24.16
N TYR J 227 2.69 25.21 24.02
CA TYR J 227 1.23 25.11 24.00
C TYR J 227 0.62 25.54 25.34
N GLN J 228 1.18 25.05 26.45
CA GLN J 228 0.62 25.45 27.75
C GLN J 228 0.77 26.95 27.95
N ALA J 229 1.89 27.52 27.52
CA ALA J 229 2.09 28.96 27.64
C ALA J 229 1.05 29.71 26.83
N GLU J 230 0.77 29.27 25.60
CA GLU J 230 -0.23 29.93 24.78
C GLU J 230 -1.60 29.90 25.44
N ASP J 231 -2.02 28.72 25.90
CA ASP J 231 -3.37 28.60 26.45
C ASP J 231 -3.49 29.29 27.81
N MET J 232 -2.39 29.42 28.56
CA MET J 232 -2.46 30.05 29.86
C MET J 232 -2.16 31.55 29.80
N MET J 233 -1.66 32.05 28.68
CA MET J 233 -1.33 33.47 28.56
C MET J 233 -2.18 34.20 27.54
N VAL J 234 -3.07 33.50 26.84
CA VAL J 234 -4.06 34.18 26.00
C VAL J 234 -4.87 35.17 26.84
N GLU J 235 -5.22 34.78 28.06
CA GLU J 235 -6.00 35.64 28.95
C GLU J 235 -5.09 36.51 29.81
N SER J 236 -4.13 37.19 29.19
CA SER J 236 -3.20 38.08 29.87
C SER J 236 -2.54 38.96 28.82
N ARG J 237 -1.62 39.81 29.27
CA ARG J 237 -0.92 40.74 28.38
C ARG J 237 0.58 40.63 28.68
N TYR J 238 1.24 39.69 28.01
CA TYR J 238 2.67 39.46 28.18
C TYR J 238 3.45 40.31 27.19
N ALA J 239 4.69 40.63 27.57
CA ALA J 239 5.57 41.39 26.70
C ALA J 239 6.82 40.63 26.28
N LEU J 240 7.19 39.57 27.01
CA LEU J 240 8.44 38.87 26.73
C LEU J 240 8.33 37.41 27.11
N LEU J 241 8.45 36.52 26.14
CA LEU J 241 8.62 35.10 26.36
C LEU J 241 10.07 34.75 26.05
N ILE J 242 10.75 34.15 27.01
CA ILE J 242 12.15 33.80 26.85
C ILE J 242 12.25 32.28 26.81
N VAL J 243 12.85 31.76 25.74
CA VAL J 243 13.25 30.36 25.71
C VAL J 243 14.77 30.35 25.80
N ASP J 244 15.30 30.15 27.01
CA ASP J 244 16.72 30.40 27.21
C ASP J 244 17.55 29.51 26.31
N SER J 245 17.57 28.21 26.56
CA SER J 245 18.38 27.31 25.76
C SER J 245 17.47 26.48 24.86
N ALA J 246 17.29 26.98 23.64
CA ALA J 246 16.48 26.25 22.68
C ALA J 246 17.15 24.95 22.28
N THR J 247 18.48 24.96 22.13
CA THR J 247 19.19 23.86 21.51
C THR J 247 20.18 23.19 22.47
N ALA J 248 20.10 23.48 23.76
CA ALA J 248 20.84 22.66 24.71
C ALA J 248 20.30 21.25 24.77
N LEU J 249 19.00 21.09 24.53
CA LEU J 249 18.31 19.82 24.62
C LEU J 249 18.24 19.10 23.29
N TYR J 250 18.78 19.70 22.23
CA TYR J 250 18.86 19.05 20.93
C TYR J 250 20.24 18.48 20.65
N ARG J 251 21.08 18.38 21.68
CA ARG J 251 22.37 17.73 21.60
C ARG J 251 22.43 16.51 22.49
N THR J 252 22.17 16.69 23.77
CA THR J 252 22.19 15.61 24.75
C THR J 252 21.12 14.57 24.51
N ASP J 253 20.08 14.89 23.73
CA ASP J 253 18.92 14.02 23.57
C ASP J 253 18.97 13.25 22.26
N TYR J 254 19.07 13.95 21.14
CA TYR J 254 19.14 13.32 19.82
C TYR J 254 20.60 13.16 19.44
N SER J 255 21.20 12.06 19.89
CA SER J 255 22.64 11.84 19.76
C SER J 255 22.96 11.12 18.46
N GLY J 256 23.94 11.65 17.73
CA GLY J 256 24.50 10.96 16.59
C GLY J 256 23.72 11.20 15.31
N ARG J 257 24.44 11.10 14.19
CA ARG J 257 23.78 11.22 12.91
C ARG J 257 22.92 9.98 12.64
N GLY J 258 22.01 10.12 11.70
CA GLY J 258 20.93 9.16 11.60
C GLY J 258 19.81 9.61 12.49
N GLU J 259 20.09 9.79 13.78
CA GLU J 259 19.15 10.42 14.68
C GLU J 259 19.11 11.93 14.51
N LEU J 260 19.93 12.48 13.61
CA LEU J 260 20.04 13.93 13.47
C LEU J 260 18.85 14.50 12.72
N SER J 261 18.32 13.79 11.72
CA SER J 261 17.23 14.34 10.94
C SER J 261 15.97 14.52 11.79
N ALA J 262 15.63 13.55 12.63
CA ALA J 262 14.50 13.72 13.52
C ALA J 262 14.75 14.86 14.51
N ARG J 263 16.00 15.02 14.93
CA ARG J 263 16.37 16.16 15.77
C ARG J 263 16.02 17.48 15.10
N GLN J 264 16.45 17.66 13.85
CA GLN J 264 16.20 18.92 13.19
C GLN J 264 14.74 19.10 12.81
N MET J 265 14.02 18.03 12.51
CA MET J 265 12.59 18.16 12.25
C MET J 265 11.85 18.60 13.51
N HIS J 266 12.20 18.04 14.66
CA HIS J 266 11.58 18.49 15.89
C HIS J 266 11.93 19.94 16.19
N LEU J 267 13.18 20.33 15.91
CA LEU J 267 13.57 21.72 16.09
C LEU J 267 12.78 22.65 15.18
N ALA J 268 12.55 22.24 13.94
CA ALA J 268 11.76 23.05 13.02
C ALA J 268 10.33 23.21 13.52
N ARG J 269 9.72 22.12 14.00
CA ARG J 269 8.38 22.22 14.56
C ARG J 269 8.34 23.21 15.70
N PHE J 270 9.30 23.08 16.63
CA PHE J 270 9.34 23.96 17.79
C PHE J 270 9.52 25.42 17.38
N LEU J 271 10.42 25.67 16.43
CA LEU J 271 10.70 27.03 16.02
C LEU J 271 9.53 27.65 15.26
N ARG J 272 8.79 26.86 14.49
CA ARG J 272 7.63 27.40 13.80
C ARG J 272 6.52 27.75 14.79
N MET J 273 6.25 26.87 15.76
CA MET J 273 5.26 27.25 16.75
C MET J 273 5.71 28.47 17.54
N LEU J 274 7.01 28.57 17.82
CA LEU J 274 7.56 29.76 18.44
C LEU J 274 7.23 31.00 17.63
N LEU J 275 7.52 30.98 16.32
CA LEU J 275 7.22 32.12 15.46
C LEU J 275 5.73 32.43 15.46
N ARG J 276 4.88 31.41 15.61
CA ARG J 276 3.44 31.65 15.66
C ARG J 276 3.06 32.51 16.85
N LEU J 277 3.76 32.37 17.97
CA LEU J 277 3.45 33.17 19.16
C LEU J 277 3.81 34.63 18.97
N ALA J 278 4.50 34.98 17.90
CA ALA J 278 4.86 36.37 17.66
C ALA J 278 3.75 37.13 16.97
N ASP J 279 3.22 36.58 15.87
CA ASP J 279 2.09 37.22 15.20
C ASP J 279 0.85 37.17 16.07
N GLU J 280 0.68 36.11 16.85
CA GLU J 280 -0.56 35.90 17.58
C GLU J 280 -0.69 36.89 18.74
N PHE J 281 0.40 37.12 19.47
CA PHE J 281 0.33 37.93 20.68
C PHE J 281 1.16 39.20 20.65
N GLY J 282 1.96 39.43 19.61
CA GLY J 282 2.81 40.60 19.57
C GLY J 282 3.75 40.69 20.74
N VAL J 283 4.65 39.71 20.86
CA VAL J 283 5.62 39.65 21.95
C VAL J 283 6.98 39.32 21.35
N ALA J 284 8.03 39.64 22.12
CA ALA J 284 9.38 39.22 21.78
C ALA J 284 9.67 37.87 22.42
N VAL J 285 10.30 36.98 21.66
CA VAL J 285 10.40 35.57 22.04
C VAL J 285 11.86 35.14 22.11
N VAL J 286 12.71 36.01 22.63
CA VAL J 286 14.17 35.83 22.69
C VAL J 286 14.57 34.43 23.12
N ILE J 287 15.49 33.83 22.35
CA ILE J 287 16.07 32.52 22.61
C ILE J 287 17.59 32.68 22.60
N THR J 288 18.28 31.75 23.28
CA THR J 288 19.74 31.75 23.29
C THR J 288 20.28 30.39 22.88
N ASN J 289 21.48 30.41 22.32
CA ASN J 289 22.10 29.27 21.64
C ASN J 289 23.44 28.92 22.30
N GLN J 290 24.15 27.99 21.68
CA GLN J 290 25.41 27.45 22.17
C GLN J 290 26.36 27.28 20.98
N VAL J 291 27.61 26.88 21.27
CA VAL J 291 28.63 26.76 20.23
C VAL J 291 29.31 25.41 20.31
N VAL J 292 29.97 25.05 19.20
CA VAL J 292 30.81 23.86 19.09
C VAL J 292 32.07 24.23 18.33
N ALA J 293 33.13 23.46 18.52
CA ALA J 293 34.38 23.73 17.86
C ALA J 293 34.33 23.19 16.45
N GLN J 294 34.26 24.08 15.45
CA GLN J 294 34.25 23.65 14.06
C GLN J 294 35.65 23.19 13.68
N VAL J 295 35.96 21.93 13.97
CA VAL J 295 37.31 21.41 13.85
C VAL J 295 37.69 21.38 12.39
N ASP J 296 38.62 22.25 11.99
CA ASP J 296 39.09 22.27 10.61
C ASP J 296 40.08 21.14 10.32
N GLY J 297 40.86 20.74 11.32
CA GLY J 297 41.85 19.69 11.13
C GLY J 297 43.03 20.12 10.28
N PRO J 305 36.44 27.83 15.52
CA PRO J 305 36.35 27.64 16.96
C PRO J 305 35.03 28.15 17.55
N LYS J 306 34.17 28.70 16.70
CA LYS J 306 32.93 29.32 17.17
C LYS J 306 31.89 29.28 16.08
N LYS J 307 30.95 28.33 16.19
CA LYS J 307 29.77 28.33 15.33
C LYS J 307 28.59 27.86 16.16
N PRO J 308 27.40 28.37 15.91
CA PRO J 308 26.26 28.00 16.74
C PRO J 308 25.71 26.63 16.39
N ILE J 309 25.18 25.95 17.39
CA ILE J 309 24.51 24.67 17.18
C ILE J 309 23.12 24.93 16.64
N GLY J 310 22.43 23.87 16.23
CA GLY J 310 21.16 23.98 15.56
C GLY J 310 21.28 24.01 14.06
N GLY J 311 22.49 24.15 13.53
CA GLY J 311 22.68 24.06 12.10
C GLY J 311 21.95 25.15 11.36
N ASN J 312 21.31 24.76 10.27
CA ASN J 312 20.62 25.69 9.39
C ASN J 312 19.13 25.75 9.65
N ILE J 313 18.66 25.18 10.75
CA ILE J 313 17.26 25.30 11.15
C ILE J 313 17.08 26.46 12.12
N ILE J 314 17.92 26.54 13.15
CA ILE J 314 17.93 27.72 14.02
C ILE J 314 18.54 28.92 13.33
N ALA J 315 19.36 28.70 12.30
CA ALA J 315 20.01 29.80 11.62
C ALA J 315 19.00 30.67 10.89
N HIS J 316 17.94 30.06 10.36
CA HIS J 316 17.01 30.75 9.49
C HIS J 316 15.78 31.26 10.21
N ALA J 317 15.24 30.48 11.14
CA ALA J 317 14.02 30.91 11.82
C ALA J 317 14.25 32.18 12.63
N SER J 318 15.41 32.30 13.26
CA SER J 318 15.72 33.49 14.04
C SER J 318 15.75 34.71 13.14
N THR J 319 15.29 35.84 13.70
CA THR J 319 15.27 37.12 13.00
C THR J 319 16.53 37.94 13.28
N THR J 320 16.89 38.08 14.56
CA THR J 320 18.08 38.82 14.98
C THR J 320 19.01 37.88 15.74
N ARG J 321 20.29 37.91 15.40
CA ARG J 321 21.29 37.03 15.99
C ARG J 321 22.41 37.85 16.61
N LEU J 322 22.64 37.65 17.90
CA LEU J 322 23.62 38.40 18.66
C LEU J 322 24.70 37.46 19.15
N TYR J 323 25.96 37.75 18.82
CA TYR J 323 27.08 36.97 19.29
C TYR J 323 27.73 37.68 20.47
N LEU J 324 27.74 37.03 21.63
CA LEU J 324 28.38 37.57 22.82
C LEU J 324 29.72 36.87 23.03
N ARG J 325 30.77 37.65 23.25
CA ARG J 325 32.10 37.11 23.40
C ARG J 325 32.85 37.83 24.51
N LYS J 326 33.64 37.06 25.25
CA LYS J 326 34.49 37.62 26.29
C LYS J 326 35.45 38.64 25.69
N GLY J 327 35.61 39.76 26.39
CA GLY J 327 36.47 40.82 25.91
C GLY J 327 37.68 41.03 26.79
N ARG J 328 38.33 42.18 26.65
CA ARG J 328 39.50 42.51 27.47
C ARG J 328 39.01 42.79 28.89
N GLY J 329 39.15 41.80 29.77
CA GLY J 329 38.70 41.95 31.14
C GLY J 329 37.24 41.62 31.31
N GLU J 330 36.64 42.12 32.39
CA GLU J 330 35.24 41.84 32.71
C GLU J 330 34.27 42.38 31.64
N THR J 331 34.68 43.37 30.86
CA THR J 331 33.82 43.90 29.81
C THR J 331 33.55 42.85 28.74
N ARG J 332 32.31 42.88 28.23
CA ARG J 332 31.86 41.96 27.20
C ARG J 332 31.85 42.65 25.85
N ILE J 333 31.70 41.86 24.80
CA ILE J 333 31.55 42.36 23.44
C ILE J 333 30.35 41.66 22.82
N CYS J 334 29.43 42.44 22.25
CA CYS J 334 28.29 41.90 21.53
C CYS J 334 28.43 42.29 20.08
N LYS J 335 27.98 41.43 19.17
CA LYS J 335 28.03 41.72 17.76
C LYS J 335 26.67 41.47 17.13
N ILE J 336 26.39 42.21 16.06
CA ILE J 336 25.20 41.93 15.25
C ILE J 336 25.59 40.91 14.19
N TYR J 337 25.15 39.68 14.38
CA TYR J 337 25.47 38.58 13.49
C TYR J 337 24.52 38.50 12.30
N ASP J 338 23.21 38.48 12.57
CA ASP J 338 22.23 38.29 11.51
C ASP J 338 20.93 38.96 11.95
N SER J 339 20.69 40.18 11.46
CA SER J 339 19.49 40.94 11.79
C SER J 339 19.00 41.62 10.52
N PRO J 340 17.67 41.79 10.34
CA PRO J 340 17.14 42.30 9.06
C PRO J 340 17.27 43.80 8.89
N CYS J 341 17.09 44.55 9.97
CA CYS J 341 17.22 46.00 9.93
C CYS J 341 18.53 46.48 10.53
N LEU J 342 18.97 45.86 11.63
CA LEU J 342 20.13 46.33 12.35
C LEU J 342 21.39 46.15 11.50
N PRO J 343 22.29 47.13 11.51
CA PRO J 343 23.59 46.96 10.88
C PRO J 343 24.56 46.21 11.78
N GLU J 344 25.66 45.77 11.19
CA GLU J 344 26.67 45.03 11.92
C GLU J 344 27.56 46.01 12.69
N ALA J 345 27.62 45.84 14.01
CA ALA J 345 28.46 46.68 14.84
C ALA J 345 28.65 45.99 16.19
N GLU J 346 29.56 46.52 16.98
CA GLU J 346 29.95 45.91 18.25
C GLU J 346 29.58 46.81 19.42
N ALA J 347 29.08 46.19 20.49
CA ALA J 347 28.85 46.84 21.77
C ALA J 347 30.02 46.54 22.69
N MET J 348 29.94 47.08 23.90
CA MET J 348 31.01 46.89 24.88
C MET J 348 30.38 46.71 26.27
N PHE J 349 29.14 46.22 26.30
CA PHE J 349 28.37 46.18 27.53
C PHE J 349 29.09 45.37 28.59
N ALA J 350 28.89 45.75 29.85
CA ALA J 350 29.55 45.13 30.98
C ALA J 350 28.49 44.57 31.90
N ILE J 351 28.69 43.35 32.38
CA ILE J 351 27.72 42.71 33.25
C ILE J 351 27.94 43.20 34.68
N ASN J 352 27.09 44.10 35.14
CA ASN J 352 27.21 44.65 36.48
C ASN J 352 26.25 43.93 37.42
N ALA J 353 26.39 44.25 38.71
CA ALA J 353 25.62 43.53 39.72
C ALA J 353 24.13 43.85 39.64
N ASP J 354 23.80 45.08 39.25
CA ASP J 354 22.39 45.47 39.15
C ASP J 354 21.76 44.92 37.88
N GLY J 355 22.54 44.77 36.84
CA GLY J 355 22.07 44.31 35.55
C GLY J 355 23.09 44.65 34.48
N VAL J 356 22.84 44.26 33.24
CA VAL J 356 23.77 44.56 32.15
C VAL J 356 23.85 46.07 32.00
N GLY J 357 25.01 46.64 32.28
CA GLY J 357 25.24 48.05 32.09
C GLY J 357 26.30 48.30 31.03
N ASP J 358 27.06 49.37 31.19
CA ASP J 358 28.10 49.68 30.22
C ASP J 358 29.31 50.30 30.93
N PRO K 44 -3.24 41.32 -19.91
CA PRO K 44 -4.15 40.35 -19.31
C PRO K 44 -5.60 40.81 -19.35
N GLN K 45 -6.53 39.86 -19.26
CA GLN K 45 -7.96 40.16 -19.26
C GLN K 45 -8.60 39.44 -18.08
N PRO K 46 -9.53 40.08 -17.36
CA PRO K 46 -10.15 39.42 -16.22
C PRO K 46 -11.05 38.27 -16.66
N ILE K 47 -11.50 37.50 -15.66
CA ILE K 47 -12.28 36.29 -15.94
C ILE K 47 -13.60 36.64 -16.63
N SER K 48 -14.31 37.63 -16.09
CA SER K 48 -15.62 37.99 -16.62
C SER K 48 -15.47 39.06 -17.72
N ARG K 49 -14.84 38.65 -18.82
CA ARG K 49 -14.72 39.51 -20.00
C ARG K 49 -15.50 38.94 -21.17
N LEU K 50 -15.24 37.69 -21.57
CA LEU K 50 -16.03 37.11 -22.65
C LEU K 50 -17.37 36.60 -22.14
N GLU K 51 -17.51 36.45 -20.82
CA GLU K 51 -18.76 35.92 -20.26
C GLU K 51 -19.92 36.86 -20.54
N GLN K 52 -19.65 38.16 -20.66
CA GLN K 52 -20.72 39.14 -20.83
C GLN K 52 -21.48 38.92 -22.14
N CYS K 53 -20.84 38.29 -23.13
CA CYS K 53 -21.50 37.92 -24.37
C CYS K 53 -21.38 36.42 -24.65
N GLY K 54 -20.78 35.68 -23.72
CA GLY K 54 -20.54 34.26 -23.91
C GLY K 54 -21.24 33.38 -22.89
N ILE K 55 -20.47 32.83 -21.95
CA ILE K 55 -21.04 31.90 -20.98
C ILE K 55 -21.97 32.62 -20.01
N ASN K 56 -22.79 31.84 -19.32
CA ASN K 56 -23.77 32.38 -18.40
C ASN K 56 -23.04 32.89 -17.17
N ALA K 57 -23.36 34.12 -16.74
CA ALA K 57 -22.60 34.77 -15.68
C ALA K 57 -22.63 33.96 -14.39
N ASN K 58 -23.66 33.14 -14.20
CA ASN K 58 -23.79 32.36 -12.98
C ASN K 58 -22.63 31.39 -12.81
N ASP K 59 -22.26 30.67 -13.88
CA ASP K 59 -21.18 29.69 -13.73
C ASP K 59 -19.82 30.37 -13.70
N VAL K 60 -19.72 31.57 -14.29
CA VAL K 60 -18.49 32.36 -14.15
C VAL K 60 -18.29 32.76 -12.69
N LYS K 61 -19.37 33.20 -12.02
CA LYS K 61 -19.26 33.52 -10.61
C LYS K 61 -19.07 32.25 -9.78
N LYS K 62 -19.57 31.12 -10.26
CA LYS K 62 -19.36 29.85 -9.57
C LYS K 62 -17.90 29.42 -9.61
N LEU K 63 -17.24 29.59 -10.76
CA LEU K 63 -15.83 29.27 -10.91
C LEU K 63 -14.93 30.38 -10.39
N GLU K 64 -15.49 31.55 -10.09
CA GLU K 64 -14.76 32.61 -9.41
C GLU K 64 -14.25 32.21 -8.04
N GLU K 65 -15.00 31.38 -7.31
CA GLU K 65 -14.55 30.83 -6.04
C GLU K 65 -13.33 29.94 -6.21
N ALA K 66 -13.25 29.19 -7.31
CA ALA K 66 -12.15 28.27 -7.57
C ALA K 66 -10.84 28.99 -7.85
N GLY K 67 -10.79 30.31 -7.66
CA GLY K 67 -9.55 31.03 -7.85
C GLY K 67 -9.17 31.27 -9.29
N TYR K 68 -10.16 31.40 -10.18
CA TYR K 68 -9.89 31.63 -11.59
C TYR K 68 -10.35 33.05 -11.90
N HIS K 69 -9.47 34.02 -11.60
CA HIS K 69 -9.82 35.43 -11.69
C HIS K 69 -9.25 36.10 -12.93
N THR K 70 -8.89 35.33 -13.95
CA THR K 70 -8.48 35.89 -15.23
C THR K 70 -8.72 34.84 -16.30
N VAL K 71 -9.05 35.31 -17.51
CA VAL K 71 -9.33 34.38 -18.61
C VAL K 71 -8.07 33.63 -19.01
N GLU K 72 -6.90 34.20 -18.76
CA GLU K 72 -5.65 33.45 -18.94
C GLU K 72 -5.62 32.25 -18.01
N ALA K 73 -6.03 32.42 -16.76
CA ALA K 73 -6.06 31.31 -15.82
C ALA K 73 -6.97 30.19 -16.32
N VAL K 74 -8.15 30.56 -16.82
CA VAL K 74 -9.07 29.55 -17.35
C VAL K 74 -8.46 28.87 -18.58
N ALA K 75 -7.74 29.63 -19.40
CA ALA K 75 -7.05 29.02 -20.54
C ALA K 75 -6.04 27.97 -20.09
N TYR K 76 -5.27 28.27 -19.05
CA TYR K 76 -4.24 27.37 -18.55
C TYR K 76 -4.82 26.17 -17.80
N ALA K 77 -6.10 26.18 -17.53
CA ALA K 77 -6.78 25.20 -16.67
C ALA K 77 -6.91 23.86 -17.36
N PRO K 78 -6.55 22.76 -16.71
CA PRO K 78 -6.84 21.44 -17.26
C PRO K 78 -8.28 21.03 -17.01
N LYS K 79 -8.84 20.30 -17.98
CA LYS K 79 -10.21 19.84 -17.87
C LYS K 79 -10.39 18.94 -16.65
N LYS K 80 -9.36 18.16 -16.32
CA LYS K 80 -9.44 17.28 -15.15
C LYS K 80 -9.56 18.08 -13.87
N GLU K 81 -9.01 19.29 -13.83
CA GLU K 81 -9.12 20.17 -12.68
C GLU K 81 -10.36 21.05 -12.72
N LEU K 82 -11.15 20.98 -13.79
CA LEU K 82 -12.41 21.70 -13.86
C LEU K 82 -13.62 20.79 -13.76
N ILE K 83 -13.47 19.49 -13.98
CA ILE K 83 -14.58 18.58 -13.78
C ILE K 83 -14.87 18.44 -12.28
N ASN K 84 -13.85 18.55 -11.45
CA ASN K 84 -14.00 18.32 -10.02
C ASN K 84 -14.63 19.49 -9.27
N ILE K 85 -14.86 20.62 -9.94
CA ILE K 85 -15.52 21.76 -9.30
C ILE K 85 -17.02 21.69 -9.60
N LYS K 86 -17.81 22.21 -8.66
CA LYS K 86 -19.26 22.06 -8.73
C LYS K 86 -19.85 22.88 -9.87
N GLY K 87 -20.98 22.41 -10.37
CA GLY K 87 -21.74 23.13 -11.40
C GLY K 87 -21.35 22.86 -12.83
N ILE K 88 -20.06 22.95 -13.14
CA ILE K 88 -19.59 22.83 -14.52
C ILE K 88 -19.67 21.38 -14.96
N SER K 89 -20.25 21.15 -16.14
CA SER K 89 -20.40 19.82 -16.71
C SER K 89 -19.35 19.60 -17.78
N GLU K 90 -19.46 18.48 -18.50
CA GLU K 90 -18.52 18.18 -19.57
C GLU K 90 -18.64 19.19 -20.70
N ALA K 91 -19.87 19.42 -21.18
CA ALA K 91 -20.08 20.37 -22.26
C ALA K 91 -19.72 21.78 -21.83
N LYS K 92 -20.08 22.17 -20.61
CA LYS K 92 -19.74 23.49 -20.11
C LYS K 92 -18.23 23.68 -20.04
N ALA K 93 -17.52 22.68 -19.51
CA ALA K 93 -16.06 22.78 -19.44
C ALA K 93 -15.46 22.87 -20.83
N ASP K 94 -15.95 22.07 -21.77
CA ASP K 94 -15.40 22.11 -23.13
C ASP K 94 -15.64 23.46 -23.78
N LYS K 95 -16.83 24.03 -23.61
CA LYS K 95 -17.12 25.31 -24.26
C LYS K 95 -16.34 26.45 -23.61
N ILE K 96 -16.18 26.43 -22.28
CA ILE K 96 -15.40 27.49 -21.65
C ILE K 96 -13.94 27.38 -22.04
N LEU K 97 -13.42 26.15 -22.18
CA LEU K 97 -12.05 25.99 -22.62
C LEU K 97 -11.86 26.45 -24.06
N THR K 98 -12.83 26.16 -24.94
CA THR K 98 -12.72 26.63 -26.31
C THR K 98 -12.75 28.16 -26.38
N GLU K 99 -13.63 28.78 -25.58
CA GLU K 99 -13.66 30.24 -25.53
C GLU K 99 -12.34 30.82 -25.03
N ALA K 100 -11.81 30.25 -23.94
CA ALA K 100 -10.55 30.74 -23.38
C ALA K 100 -9.40 30.55 -24.36
N ALA K 101 -9.38 29.43 -25.08
CA ALA K 101 -8.33 29.21 -26.08
C ALA K 101 -8.48 30.15 -27.26
N LYS K 102 -9.72 30.55 -27.58
CA LYS K 102 -9.91 31.58 -28.58
C LYS K 102 -9.36 32.92 -28.11
N LEU K 103 -9.53 33.24 -26.83
CA LEU K 103 -9.04 34.51 -26.32
C LEU K 103 -7.53 34.51 -26.14
N VAL K 104 -6.96 33.40 -25.68
CA VAL K 104 -5.56 33.32 -25.29
C VAL K 104 -4.80 32.53 -26.34
N PRO K 105 -3.71 33.06 -26.90
CA PRO K 105 -2.87 32.25 -27.79
C PRO K 105 -2.30 31.06 -27.04
N MET K 106 -2.30 29.90 -27.72
CA MET K 106 -1.97 28.66 -27.04
C MET K 106 -0.98 27.77 -27.79
N GLY K 107 -0.88 27.86 -29.11
CA GLY K 107 -0.05 26.98 -29.90
C GLY K 107 1.40 27.41 -30.00
N PHE K 108 2.05 27.01 -31.08
CA PHE K 108 3.45 27.32 -31.29
C PHE K 108 3.63 28.77 -31.69
N THR K 109 4.86 29.24 -31.56
CA THR K 109 5.25 30.56 -32.06
C THR K 109 6.72 30.53 -32.40
N THR K 110 7.07 31.08 -33.56
CA THR K 110 8.47 31.17 -33.98
C THR K 110 9.27 31.90 -32.92
N ALA K 111 10.45 31.35 -32.59
CA ALA K 111 11.27 31.95 -31.56
C ALA K 111 11.75 33.35 -31.94
N THR K 112 11.66 33.73 -33.22
CA THR K 112 12.00 35.08 -33.62
C THR K 112 11.05 36.09 -33.00
N GLU K 113 9.74 35.85 -33.12
CA GLU K 113 8.78 36.77 -32.53
C GLU K 113 8.79 36.69 -31.02
N PHE K 114 9.04 35.51 -30.46
CA PHE K 114 9.21 35.42 -29.02
C PHE K 114 10.52 36.06 -28.56
N HIS K 115 11.48 36.21 -29.49
CA HIS K 115 12.64 37.03 -29.19
C HIS K 115 12.25 38.51 -29.13
N GLN K 116 11.28 38.92 -29.93
CA GLN K 116 10.77 40.28 -29.85
C GLN K 116 10.14 40.55 -28.49
N ARG K 117 9.39 39.58 -27.97
CA ARG K 117 8.86 39.72 -26.61
C ARG K 117 9.98 39.78 -25.60
N ARG K 118 10.98 38.90 -25.72
CA ARG K 118 12.02 38.80 -24.72
C ARG K 118 13.01 39.96 -24.78
N SER K 119 13.03 40.70 -25.89
CA SER K 119 13.91 41.86 -25.99
C SER K 119 13.34 43.10 -25.31
N GLU K 120 12.05 43.09 -24.97
CA GLU K 120 11.42 44.22 -24.30
C GLU K 120 10.92 43.86 -22.90
N ILE K 121 11.31 42.69 -22.37
CA ILE K 121 11.05 42.42 -20.97
C ILE K 121 11.96 43.28 -20.11
N ILE K 122 11.61 43.43 -18.84
CA ILE K 122 12.30 44.37 -17.97
C ILE K 122 13.04 43.59 -16.88
N GLN K 123 14.31 43.92 -16.68
CA GLN K 123 15.11 43.34 -15.62
C GLN K 123 15.27 44.36 -14.50
N ILE K 124 14.93 43.95 -13.28
CA ILE K 124 14.86 44.85 -12.15
C ILE K 124 16.24 45.02 -11.54
N THR K 125 16.61 46.25 -11.24
CA THR K 125 17.90 46.52 -10.62
C THR K 125 17.93 45.94 -9.22
N THR K 126 19.06 45.32 -8.86
CA THR K 126 19.21 44.63 -7.59
C THR K 126 19.58 45.56 -6.44
N GLY K 127 20.07 46.76 -6.73
CA GLY K 127 20.56 47.64 -5.70
C GLY K 127 22.07 47.66 -5.55
N SER K 128 22.78 46.74 -6.19
CA SER K 128 24.24 46.69 -6.16
C SER K 128 24.76 46.74 -7.58
N LYS K 129 25.84 47.50 -7.79
CA LYS K 129 26.39 47.63 -9.13
C LYS K 129 27.05 46.34 -9.60
N GLU K 130 27.72 45.63 -8.68
CA GLU K 130 28.40 44.40 -9.04
C GLU K 130 27.43 43.23 -9.21
N LEU K 131 26.36 43.17 -8.42
CA LEU K 131 25.32 42.19 -8.68
C LEU K 131 24.57 42.47 -9.98
N ASP K 132 24.61 43.71 -10.47
CA ASP K 132 23.89 44.05 -11.68
C ASP K 132 24.43 43.30 -12.88
N LYS K 133 25.74 43.36 -13.11
CA LYS K 133 26.32 42.67 -14.26
C LYS K 133 26.31 41.17 -14.06
N LEU K 134 26.43 40.72 -12.80
CA LEU K 134 26.44 39.29 -12.51
C LEU K 134 25.13 38.63 -12.93
N LEU K 135 24.01 39.29 -12.63
CA LEU K 135 22.70 38.78 -12.97
C LEU K 135 22.23 39.25 -14.34
N GLN K 136 23.13 39.83 -15.14
CA GLN K 136 22.82 40.27 -16.50
C GLN K 136 21.64 41.24 -16.51
N GLY K 137 21.82 42.33 -15.77
CA GLY K 137 20.77 43.32 -15.62
C GLY K 137 19.90 43.14 -14.40
N GLY K 138 20.27 42.27 -13.47
CA GLY K 138 19.49 42.11 -12.26
C GLY K 138 18.45 41.01 -12.36
N ILE K 139 17.43 41.13 -11.50
CA ILE K 139 16.39 40.11 -11.42
C ILE K 139 15.43 40.25 -12.58
N GLU K 140 15.32 39.20 -13.39
CA GLU K 140 14.49 39.19 -14.58
C GLU K 140 13.02 39.04 -14.20
N THR K 141 12.15 39.49 -15.11
CA THR K 141 10.72 39.48 -14.89
C THR K 141 10.04 38.41 -15.73
N GLY K 142 8.85 38.02 -15.31
CA GLY K 142 8.10 37.00 -16.01
C GLY K 142 8.64 35.60 -15.82
N SER K 143 9.40 35.37 -14.76
CA SER K 143 9.96 34.06 -14.51
C SER K 143 10.30 33.94 -13.02
N ILE K 144 10.45 32.71 -12.57
CA ILE K 144 10.78 32.44 -11.18
C ILE K 144 12.29 32.63 -11.00
N THR K 145 12.66 33.41 -9.99
CA THR K 145 14.03 33.55 -9.53
C THR K 145 14.08 33.07 -8.09
N GLU K 146 15.17 32.42 -7.71
CA GLU K 146 15.29 31.88 -6.37
C GLU K 146 16.72 32.07 -5.87
N MET K 147 16.87 32.80 -4.78
CA MET K 147 18.16 32.99 -4.12
C MET K 147 18.16 32.21 -2.83
N PHE K 148 19.09 31.28 -2.69
CA PHE K 148 19.23 30.53 -1.46
C PHE K 148 20.58 30.82 -0.83
N GLY K 149 20.68 30.50 0.45
CA GLY K 149 21.89 30.72 1.19
C GLY K 149 21.64 30.54 2.66
N GLU K 150 22.73 30.40 3.40
CA GLU K 150 22.65 30.35 4.85
C GLU K 150 22.17 31.71 5.37
N PHE K 151 22.03 31.79 6.69
CA PHE K 151 21.63 33.05 7.30
C PHE K 151 22.66 34.14 7.02
N ARG K 152 22.28 35.38 7.36
CA ARG K 152 23.15 36.56 7.28
C ARG K 152 23.75 36.75 5.89
N THR K 153 23.13 36.20 4.86
CA THR K 153 23.63 36.39 3.50
C THR K 153 22.88 37.48 2.73
N GLY K 154 21.92 38.15 3.35
CA GLY K 154 21.22 39.21 2.69
C GLY K 154 20.16 38.79 1.69
N LYS K 155 19.50 37.66 1.91
CA LYS K 155 18.40 37.27 1.03
C LYS K 155 17.19 38.16 1.24
N THR K 156 16.83 38.42 2.50
CA THR K 156 15.77 39.38 2.80
C THR K 156 16.17 40.79 2.37
N GLN K 157 17.42 41.17 2.61
CA GLN K 157 17.86 42.53 2.30
C GLN K 157 17.74 42.82 0.81
N ILE K 158 18.11 41.86 -0.03
CA ILE K 158 17.98 42.10 -1.47
C ILE K 158 16.51 42.20 -1.86
N CYS K 159 15.64 41.42 -1.23
CA CYS K 159 14.21 41.53 -1.54
C CYS K 159 13.66 42.89 -1.12
N HIS K 160 14.09 43.39 0.05
CA HIS K 160 13.64 44.70 0.50
C HIS K 160 14.06 45.80 -0.48
N THR K 161 15.31 45.79 -0.90
CA THR K 161 15.75 46.78 -1.89
C THR K 161 15.07 46.55 -3.23
N LEU K 162 14.77 45.30 -3.57
CA LEU K 162 14.00 44.99 -4.76
C LEU K 162 12.58 45.53 -4.69
N ALA K 163 11.97 45.51 -3.50
CA ALA K 163 10.64 46.07 -3.31
C ALA K 163 10.57 47.56 -3.58
N VAL K 164 11.64 48.31 -3.29
CA VAL K 164 11.66 49.72 -3.62
C VAL K 164 12.11 49.98 -5.05
N THR K 165 13.10 49.23 -5.55
CA THR K 165 13.54 49.36 -6.92
C THR K 165 12.49 48.85 -7.90
N CYS K 166 11.46 48.17 -7.40
CA CYS K 166 10.29 47.84 -8.19
C CYS K 166 9.54 49.06 -8.70
N GLN K 167 9.68 50.22 -8.04
CA GLN K 167 8.92 51.41 -8.37
C GLN K 167 9.75 52.46 -9.11
N LEU K 168 11.05 52.25 -9.26
CA LEU K 168 11.87 53.26 -9.91
C LEU K 168 11.46 53.40 -11.37
N PRO K 169 11.72 54.56 -12.00
CA PRO K 169 11.28 54.79 -13.39
C PRO K 169 11.84 53.79 -14.38
N ILE K 170 11.34 53.83 -15.62
CA ILE K 170 11.75 52.84 -16.62
C ILE K 170 13.19 53.03 -17.03
N ASP K 171 13.69 54.28 -16.99
CA ASP K 171 15.04 54.54 -17.46
C ASP K 171 16.10 54.07 -16.48
N ARG K 172 15.74 53.82 -15.23
CA ARG K 172 16.73 53.46 -14.21
C ARG K 172 16.35 52.24 -13.40
N GLY K 173 15.06 51.93 -13.23
CA GLY K 173 14.65 50.95 -12.26
C GLY K 173 13.69 49.92 -12.82
N GLY K 174 13.30 49.01 -11.94
CA GLY K 174 12.61 47.78 -12.27
C GLY K 174 11.10 47.75 -12.32
N GLY K 175 10.50 48.27 -13.40
CA GLY K 175 9.13 47.94 -13.71
C GLY K 175 8.09 48.98 -13.33
N GLU K 176 8.45 49.95 -12.50
CA GLU K 176 7.59 51.11 -12.23
C GLU K 176 6.22 50.69 -11.71
N GLY K 177 6.16 49.65 -10.88
CA GLY K 177 4.90 49.10 -10.47
C GLY K 177 4.86 48.85 -8.97
N LYS K 178 3.65 48.66 -8.48
CA LYS K 178 3.43 48.28 -7.09
C LYS K 178 4.06 46.92 -6.83
N ALA K 179 4.67 46.77 -5.66
CA ALA K 179 5.41 45.56 -5.32
C ALA K 179 4.64 44.77 -4.28
N MET K 180 4.33 43.52 -4.60
CA MET K 180 3.68 42.65 -3.65
C MET K 180 4.71 41.84 -2.88
N TYR K 181 4.43 41.60 -1.62
CA TYR K 181 5.41 41.05 -0.70
C TYR K 181 4.78 39.95 0.16
N ILE K 182 4.23 38.92 -0.48
CA ILE K 182 3.82 37.74 0.27
C ILE K 182 4.99 37.33 1.13
N ASP K 183 4.79 37.34 2.45
CA ASP K 183 5.86 37.15 3.41
C ASP K 183 5.46 36.03 4.36
N THR K 184 6.41 35.15 4.65
CA THR K 184 6.11 33.96 5.42
C THR K 184 6.91 33.82 6.69
N GLU K 185 7.88 34.72 6.92
CA GLU K 185 8.72 34.62 8.11
C GLU K 185 8.52 35.77 9.08
N GLY K 186 7.81 36.82 8.68
CA GLY K 186 7.64 37.98 9.53
C GLY K 186 8.81 38.93 9.52
N THR K 187 9.74 38.75 8.59
CA THR K 187 10.93 39.58 8.50
C THR K 187 10.70 40.73 7.51
N PHE K 188 9.47 41.23 7.42
CA PHE K 188 9.21 42.45 6.67
C PHE K 188 9.62 43.64 7.53
N ARG K 189 10.52 44.46 7.01
CA ARG K 189 10.90 45.69 7.69
C ARG K 189 10.58 46.87 6.79
N PRO K 190 9.47 47.58 7.04
CA PRO K 190 9.22 48.82 6.29
C PRO K 190 10.28 49.88 6.51
N GLU K 191 10.98 49.84 7.64
CA GLU K 191 12.05 50.80 7.88
C GLU K 191 13.17 50.66 6.87
N ARG K 192 13.57 49.41 6.58
CA ARG K 192 14.63 49.20 5.59
C ARG K 192 14.16 49.56 4.19
N LEU K 193 12.85 49.52 3.95
CA LEU K 193 12.33 50.02 2.70
C LEU K 193 12.64 51.50 2.53
N LEU K 194 12.46 52.27 3.61
CA LEU K 194 12.68 53.71 3.53
C LEU K 194 14.12 54.04 3.18
N ALA K 195 15.09 53.38 3.82
CA ALA K 195 16.49 53.72 3.59
C ALA K 195 16.86 53.56 2.12
N VAL K 196 16.21 52.63 1.42
CA VAL K 196 16.39 52.53 -0.03
C VAL K 196 15.77 53.73 -0.72
N ALA K 197 14.64 54.23 -0.23
CA ALA K 197 13.96 55.35 -0.85
C ALA K 197 14.79 56.63 -0.80
N GLU K 198 15.51 56.88 0.30
CA GLU K 198 16.46 58.00 0.32
C GLU K 198 17.42 57.93 -0.87
N ARG K 199 17.95 56.75 -1.17
CA ARG K 199 18.73 56.61 -2.38
C ARG K 199 17.78 56.58 -3.57
N TYR K 200 18.29 56.98 -4.74
CA TYR K 200 17.54 57.09 -5.99
C TYR K 200 16.53 58.24 -5.97
N GLY K 201 16.36 58.91 -4.84
CA GLY K 201 15.49 60.07 -4.79
C GLY K 201 14.01 59.76 -4.96
N LEU K 202 13.55 58.65 -4.38
CA LEU K 202 12.14 58.34 -4.28
C LEU K 202 11.72 58.22 -2.83
N SER K 203 12.16 59.18 -2.02
CA SER K 203 11.89 59.13 -0.59
C SER K 203 10.40 59.26 -0.31
N GLY K 204 10.05 59.04 0.95
CA GLY K 204 8.68 59.22 1.42
C GLY K 204 7.96 57.90 1.61
N SER K 205 6.78 58.01 2.22
CA SER K 205 5.89 56.88 2.40
C SER K 205 5.07 56.59 1.16
N ASP K 206 5.32 57.30 0.06
CA ASP K 206 4.66 56.99 -1.21
C ASP K 206 5.15 55.67 -1.78
N VAL K 207 6.26 55.14 -1.24
CA VAL K 207 6.72 53.82 -1.67
C VAL K 207 6.12 52.74 -0.79
N LEU K 208 5.73 53.10 0.43
CA LEU K 208 5.06 52.13 1.30
C LEU K 208 3.58 52.01 0.93
N ASP K 209 3.03 53.01 0.26
CA ASP K 209 1.66 52.92 -0.23
C ASP K 209 1.57 52.01 -1.44
N ASN K 210 2.55 52.11 -2.34
CA ASN K 210 2.56 51.24 -3.52
C ASN K 210 2.74 49.78 -3.12
N VAL K 211 3.64 49.52 -2.18
CA VAL K 211 3.92 48.14 -1.79
C VAL K 211 2.70 47.54 -1.12
N ALA K 212 2.29 46.36 -1.58
CA ALA K 212 1.23 45.59 -0.96
C ALA K 212 1.84 44.40 -0.23
N TYR K 213 1.46 44.21 1.03
CA TYR K 213 2.09 43.23 1.88
C TYR K 213 1.07 42.23 2.38
N ALA K 214 1.23 40.96 1.98
CA ALA K 214 0.49 39.87 2.56
C ALA K 214 1.36 39.17 3.59
N ARG K 215 0.77 38.25 4.33
CA ARG K 215 1.51 37.47 5.33
C ARG K 215 0.95 36.05 5.36
N GLY K 216 1.55 35.17 4.57
CA GLY K 216 1.17 33.77 4.60
C GLY K 216 1.48 33.17 5.96
N PHE K 217 0.56 32.38 6.48
CA PHE K 217 0.74 31.81 7.81
C PHE K 217 0.87 30.30 7.79
N ASN K 218 0.52 29.64 6.69
CA ASN K 218 0.80 28.23 6.52
C ASN K 218 0.90 27.96 5.03
N THR K 219 0.85 26.67 4.65
CA THR K 219 1.06 26.30 3.26
C THR K 219 -0.21 26.42 2.45
N ASP K 220 -1.34 25.94 2.98
CA ASP K 220 -2.62 26.14 2.31
C ASP K 220 -2.94 27.61 2.19
N HIS K 221 -2.67 28.39 3.25
CA HIS K 221 -2.94 29.81 3.21
C HIS K 221 -1.98 30.55 2.28
N GLN K 222 -0.72 30.14 2.25
CA GLN K 222 0.21 30.75 1.31
C GLN K 222 -0.18 30.43 -0.12
N THR K 223 -0.80 29.28 -0.35
CA THR K 223 -1.39 28.96 -1.64
C THR K 223 -2.68 29.73 -1.89
N GLN K 224 -3.54 29.84 -0.89
CA GLN K 224 -4.77 30.61 -1.02
C GLN K 224 -4.49 32.08 -1.27
N LEU K 225 -3.43 32.61 -0.68
CA LEU K 225 -3.12 34.03 -0.85
C LEU K 225 -2.77 34.36 -2.28
N LEU K 226 -2.49 33.33 -3.09
CA LEU K 226 -2.25 33.60 -4.50
C LEU K 226 -3.54 33.63 -5.29
N TYR K 227 -4.62 33.08 -4.75
CA TYR K 227 -5.93 33.33 -5.34
C TYR K 227 -6.37 34.76 -5.05
N GLN K 228 -6.22 35.21 -3.80
CA GLN K 228 -6.52 36.60 -3.49
C GLN K 228 -5.60 37.54 -4.25
N ALA K 229 -4.31 37.22 -4.32
CA ALA K 229 -3.38 38.00 -5.11
C ALA K 229 -3.60 37.85 -6.60
N GLU K 230 -4.44 36.92 -7.02
CA GLU K 230 -4.69 36.73 -8.45
C GLU K 230 -5.54 37.87 -9.01
N ASP K 231 -6.51 38.36 -8.24
CA ASP K 231 -7.38 39.42 -8.74
C ASP K 231 -6.83 40.82 -8.53
N MET K 232 -5.87 41.00 -7.63
CA MET K 232 -5.30 42.32 -7.39
C MET K 232 -4.27 42.71 -8.45
N MET K 233 -3.90 41.82 -9.35
CA MET K 233 -2.99 42.19 -10.43
C MET K 233 -3.68 42.33 -11.77
N VAL K 234 -4.91 41.84 -11.92
CA VAL K 234 -5.66 42.13 -13.14
C VAL K 234 -6.32 43.50 -13.08
N GLU K 235 -6.42 44.09 -11.89
CA GLU K 235 -7.00 45.42 -11.74
C GLU K 235 -5.96 46.53 -11.60
N SER K 236 -4.75 46.20 -11.16
CA SER K 236 -3.70 47.20 -10.98
C SER K 236 -2.37 46.60 -11.40
N ARG K 237 -1.39 47.46 -11.66
CA ARG K 237 -0.09 47.02 -12.16
C ARG K 237 0.80 46.60 -10.98
N TYR K 238 1.25 45.35 -11.01
CA TYR K 238 2.19 44.82 -10.04
C TYR K 238 3.42 44.33 -10.79
N ALA K 239 4.60 44.59 -10.23
CA ALA K 239 5.84 44.23 -10.89
C ALA K 239 6.79 43.44 -10.00
N LEU K 240 6.30 42.84 -8.93
CA LEU K 240 7.14 42.01 -8.09
C LEU K 240 6.27 41.12 -7.22
N LEU K 241 6.65 39.85 -7.13
CA LEU K 241 5.90 38.80 -6.46
C LEU K 241 6.78 38.14 -5.42
N ILE K 242 7.41 38.97 -4.59
CA ILE K 242 8.35 38.44 -3.61
C ILE K 242 7.60 37.51 -2.68
N VAL K 243 7.97 36.24 -2.68
CA VAL K 243 7.57 35.29 -1.66
C VAL K 243 8.77 35.16 -0.73
N ASP K 244 8.69 35.80 0.44
CA ASP K 244 9.88 36.01 1.25
C ASP K 244 10.49 34.70 1.70
N SER K 245 9.73 33.61 1.67
CA SER K 245 10.32 32.28 1.81
C SER K 245 9.33 31.29 1.20
N ALA K 246 9.68 30.77 0.03
CA ALA K 246 8.81 29.83 -0.65
C ALA K 246 8.65 28.52 0.11
N THR K 247 9.65 28.12 0.89
CA THR K 247 9.71 26.77 1.41
C THR K 247 9.84 26.66 2.92
N ALA K 248 9.89 27.78 3.64
CA ALA K 248 10.05 27.70 5.09
C ALA K 248 8.90 26.94 5.73
N LEU K 249 7.68 27.21 5.28
CA LEU K 249 6.51 26.56 5.86
C LEU K 249 6.35 25.14 5.35
N TYR K 250 6.84 24.84 4.15
CA TYR K 250 6.86 23.44 3.72
C TYR K 250 7.83 22.64 4.57
N ARG K 251 8.98 23.25 4.90
CA ARG K 251 9.94 22.60 5.78
C ARG K 251 9.34 22.34 7.16
N THR K 252 8.60 23.31 7.69
CA THR K 252 8.12 23.20 9.06
C THR K 252 6.73 22.56 9.18
N ASP K 253 6.02 22.33 8.07
CA ASP K 253 4.67 21.79 8.12
C ASP K 253 4.64 20.28 7.96
N TYR K 254 5.27 19.77 6.90
CA TYR K 254 5.32 18.34 6.62
C TYR K 254 6.55 17.77 7.31
N SER K 255 6.33 16.90 8.30
CA SER K 255 7.37 16.56 9.24
C SER K 255 8.34 15.52 8.70
N GLY K 256 7.86 14.32 8.41
CA GLY K 256 8.71 13.18 8.16
C GLY K 256 8.89 12.81 6.71
N ARG K 257 9.08 11.52 6.47
CA ARG K 257 9.15 10.94 5.14
C ARG K 257 7.79 10.44 4.67
N GLY K 258 6.89 10.10 5.60
CA GLY K 258 5.54 9.78 5.20
C GLY K 258 4.84 10.96 4.54
N GLU K 259 5.21 12.17 4.92
CA GLU K 259 4.69 13.39 4.30
C GLU K 259 5.57 13.89 3.17
N LEU K 260 6.64 13.18 2.84
CA LEU K 260 7.56 13.68 1.83
C LEU K 260 6.93 13.68 0.45
N SER K 261 6.15 12.64 0.13
CA SER K 261 5.47 12.63 -1.17
C SER K 261 4.39 13.69 -1.21
N ALA K 262 3.67 13.89 -0.10
CA ALA K 262 2.61 14.89 -0.06
C ALA K 262 3.17 16.30 -0.20
N ARG K 263 4.24 16.61 0.53
CA ARG K 263 4.73 17.99 0.53
C ARG K 263 5.36 18.36 -0.81
N GLN K 264 6.04 17.42 -1.44
CA GLN K 264 6.63 17.74 -2.73
C GLN K 264 5.55 17.95 -3.77
N MET K 265 4.43 17.22 -3.65
CA MET K 265 3.29 17.43 -4.53
C MET K 265 2.69 18.81 -4.31
N HIS K 266 2.46 19.19 -3.06
CA HIS K 266 1.89 20.50 -2.77
C HIS K 266 2.82 21.62 -3.19
N LEU K 267 4.11 21.45 -2.95
CA LEU K 267 5.09 22.44 -3.38
C LEU K 267 5.13 22.54 -4.90
N ALA K 268 4.97 21.42 -5.60
CA ALA K 268 4.88 21.47 -7.04
C ALA K 268 3.67 22.26 -7.48
N ARG K 269 2.54 22.08 -6.79
CA ARG K 269 1.34 22.86 -7.10
C ARG K 269 1.56 24.34 -6.85
N PHE K 270 2.21 24.68 -5.74
CA PHE K 270 2.49 26.08 -5.42
C PHE K 270 3.41 26.71 -6.44
N LEU K 271 4.46 26.00 -6.83
CA LEU K 271 5.36 26.54 -7.86
C LEU K 271 4.67 26.58 -9.22
N ARG K 272 3.69 25.70 -9.44
CA ARG K 272 2.91 25.78 -10.67
C ARG K 272 2.08 27.05 -10.72
N MET K 273 1.40 27.38 -9.63
CA MET K 273 0.63 28.62 -9.62
C MET K 273 1.55 29.84 -9.64
N LEU K 274 2.72 29.72 -9.01
CA LEU K 274 3.73 30.77 -9.15
C LEU K 274 4.09 30.99 -10.61
N LEU K 275 4.34 29.92 -11.34
CA LEU K 275 4.70 30.05 -12.75
C LEU K 275 3.53 30.61 -13.54
N ARG K 276 2.30 30.25 -13.16
CA ARG K 276 1.13 30.81 -13.82
C ARG K 276 1.08 32.32 -13.62
N LEU K 277 1.32 32.78 -12.39
CA LEU K 277 1.35 34.20 -12.13
C LEU K 277 2.47 34.88 -12.92
N ALA K 278 3.64 34.25 -12.97
CA ALA K 278 4.77 34.86 -13.63
C ALA K 278 4.55 34.98 -15.13
N ASP K 279 3.87 34.01 -15.72
CA ASP K 279 3.71 34.00 -17.18
C ASP K 279 2.36 34.53 -17.65
N GLU K 280 1.47 34.92 -16.75
CA GLU K 280 0.25 35.62 -17.16
C GLU K 280 0.24 37.08 -16.79
N PHE K 281 0.89 37.47 -15.69
CA PHE K 281 1.03 38.86 -15.30
C PHE K 281 2.34 39.48 -15.78
N GLY K 282 3.35 38.66 -16.03
CA GLY K 282 4.68 39.18 -16.28
C GLY K 282 5.28 39.84 -15.06
N VAL K 283 5.01 39.32 -13.87
CA VAL K 283 5.63 39.77 -12.65
C VAL K 283 6.93 39.00 -12.46
N ALA K 284 7.86 39.58 -11.72
CA ALA K 284 9.12 38.91 -11.42
C ALA K 284 8.98 38.20 -10.08
N VAL K 285 8.61 36.92 -10.13
CA VAL K 285 8.55 36.14 -8.91
C VAL K 285 9.97 35.96 -8.37
N VAL K 286 10.16 36.30 -7.12
CA VAL K 286 11.45 36.18 -6.45
C VAL K 286 11.20 35.37 -5.18
N ILE K 287 11.31 34.05 -5.27
CA ILE K 287 11.14 33.21 -4.10
C ILE K 287 12.48 33.12 -3.40
N THR K 288 12.46 32.61 -2.17
CA THR K 288 13.65 32.52 -1.35
C THR K 288 13.72 31.14 -0.73
N ASN K 289 14.90 30.53 -0.78
CA ASN K 289 15.09 29.17 -0.30
C ASN K 289 16.14 29.18 0.81
N GLN K 290 16.00 28.22 1.71
CA GLN K 290 16.95 28.00 2.79
C GLN K 290 17.98 26.97 2.33
N VAL K 291 18.76 26.43 3.27
CA VAL K 291 19.73 25.40 2.96
C VAL K 291 19.65 24.27 3.98
N VAL K 292 20.17 23.11 3.57
CA VAL K 292 20.29 21.93 4.40
C VAL K 292 21.74 21.45 4.27
N ALA K 293 22.18 20.66 5.25
CA ALA K 293 23.58 20.25 5.34
C ALA K 293 23.73 18.76 5.02
N GLN K 294 24.63 18.45 4.11
CA GLN K 294 24.90 17.06 3.72
C GLN K 294 25.68 16.39 4.82
N VAL K 295 25.17 15.26 5.33
CA VAL K 295 25.80 14.59 6.44
C VAL K 295 26.66 13.40 6.00
N ASP K 296 26.45 12.90 4.77
CA ASP K 296 27.15 11.70 4.32
C ASP K 296 28.65 11.89 4.24
N GLY K 297 29.13 13.01 3.71
CA GLY K 297 30.56 13.24 3.57
C GLY K 297 31.25 13.54 4.88
N PRO K 305 29.50 22.36 1.92
CA PRO K 305 28.57 21.24 2.12
C PRO K 305 27.18 21.70 2.56
N LYS K 306 26.56 22.57 1.77
CA LYS K 306 25.23 23.08 2.06
C LYS K 306 24.42 23.10 0.77
N LYS K 307 23.47 22.19 0.66
CA LYS K 307 22.57 22.12 -0.48
C LYS K 307 21.20 22.65 -0.12
N PRO K 308 20.48 23.27 -1.05
CA PRO K 308 19.19 23.86 -0.72
C PRO K 308 18.14 22.80 -0.43
N ILE K 309 17.14 23.18 0.36
CA ILE K 309 16.02 22.29 0.65
C ILE K 309 15.05 22.30 -0.53
N GLY K 310 14.11 21.37 -0.52
CA GLY K 310 13.13 21.22 -1.56
C GLY K 310 13.35 20.04 -2.48
N GLY K 311 14.59 19.57 -2.60
CA GLY K 311 14.82 18.41 -3.42
C GLY K 311 14.67 18.68 -4.91
N ASN K 312 14.43 17.60 -5.66
CA ASN K 312 14.38 17.63 -7.11
C ASN K 312 13.16 18.36 -7.66
N ILE K 313 12.21 18.72 -6.80
CA ILE K 313 11.05 19.48 -7.25
C ILE K 313 11.44 20.94 -7.44
N ILE K 314 11.82 21.62 -6.37
CA ILE K 314 12.17 23.03 -6.48
C ILE K 314 13.51 23.22 -7.16
N ALA K 315 14.38 22.22 -7.13
CA ALA K 315 15.66 22.33 -7.82
C ALA K 315 15.44 22.48 -9.32
N HIS K 316 14.54 21.69 -9.89
CA HIS K 316 14.23 21.81 -11.31
C HIS K 316 13.34 23.01 -11.60
N ALA K 317 12.39 23.29 -10.71
CA ALA K 317 11.36 24.31 -10.95
C ALA K 317 11.69 25.66 -10.29
N SER K 318 12.88 26.20 -10.56
CA SER K 318 13.21 27.57 -10.16
C SER K 318 14.26 28.07 -11.13
N THR K 319 13.82 28.82 -12.15
CA THR K 319 14.62 28.96 -13.36
C THR K 319 16.05 29.40 -13.05
N THR K 320 16.20 30.40 -12.20
CA THR K 320 17.50 30.93 -11.82
C THR K 320 17.72 30.70 -10.34
N ARG K 321 18.87 30.14 -10.00
CA ARG K 321 19.23 29.90 -8.62
C ARG K 321 20.53 30.64 -8.31
N LEU K 322 20.58 31.27 -7.15
CA LEU K 322 21.78 31.94 -6.67
C LEU K 322 22.16 31.36 -5.33
N TYR K 323 23.45 31.17 -5.09
CA TYR K 323 23.94 30.77 -3.78
C TYR K 323 24.67 31.98 -3.18
N LEU K 324 23.94 32.75 -2.37
CA LEU K 324 24.56 33.83 -1.61
C LEU K 324 25.35 33.21 -0.47
N ARG K 325 26.61 33.60 -0.35
CA ARG K 325 27.47 33.12 0.70
C ARG K 325 28.17 34.30 1.36
N LYS K 326 28.33 34.22 2.67
CA LYS K 326 29.08 35.25 3.38
C LYS K 326 30.53 35.23 2.93
N GLY K 327 31.07 36.41 2.64
CA GLY K 327 32.46 36.52 2.24
C GLY K 327 33.35 36.84 3.43
N ARG K 328 33.90 38.05 3.46
CA ARG K 328 34.73 38.49 4.57
C ARG K 328 34.21 39.82 5.09
N GLY K 329 34.41 40.05 6.39
CA GLY K 329 33.98 41.31 6.99
C GLY K 329 32.49 41.51 6.88
N GLU K 330 32.09 42.68 6.39
CA GLU K 330 30.69 42.98 6.10
C GLU K 330 30.30 42.64 4.68
N THR K 331 31.25 42.13 3.89
CA THR K 331 31.06 41.91 2.46
C THR K 331 30.79 40.44 2.16
N ARG K 332 29.76 40.19 1.35
CA ARG K 332 29.32 38.85 1.01
C ARG K 332 29.47 38.60 -0.49
N ILE K 333 29.36 37.33 -0.87
CA ILE K 333 29.60 36.87 -2.22
C ILE K 333 28.33 36.20 -2.75
N CYS K 334 28.08 36.38 -4.05
CA CYS K 334 26.92 35.78 -4.71
C CYS K 334 27.40 34.96 -5.91
N LYS K 335 27.29 33.64 -5.83
CA LYS K 335 27.66 32.76 -6.92
C LYS K 335 26.42 32.20 -7.59
N ILE K 336 26.49 32.04 -8.92
CA ILE K 336 25.38 31.45 -9.66
C ILE K 336 25.37 29.95 -9.44
N TYR K 337 24.18 29.38 -9.34
CA TYR K 337 24.00 27.94 -9.18
C TYR K 337 23.38 27.29 -10.40
N ASP K 338 22.21 27.75 -10.83
CA ASP K 338 21.46 27.03 -11.86
C ASP K 338 20.62 28.04 -12.63
N SER K 339 21.10 28.44 -13.81
CA SER K 339 20.37 29.37 -14.63
C SER K 339 20.60 29.02 -16.09
N PRO K 340 19.53 28.85 -16.87
CA PRO K 340 19.68 28.36 -18.25
C PRO K 340 20.31 29.35 -19.21
N CYS K 341 20.68 30.56 -18.78
CA CYS K 341 21.16 31.54 -19.73
C CYS K 341 22.32 32.41 -19.27
N LEU K 342 22.94 32.13 -18.12
CA LEU K 342 24.07 32.93 -17.68
C LEU K 342 25.09 32.05 -16.97
N PRO K 343 26.37 32.45 -16.98
CA PRO K 343 27.43 31.54 -16.50
C PRO K 343 27.39 31.25 -15.00
N GLU K 344 28.25 30.33 -14.56
CA GLU K 344 28.30 29.86 -13.18
C GLU K 344 29.40 30.54 -12.38
N ALA K 345 29.65 31.82 -12.65
CA ALA K 345 30.69 32.55 -11.97
C ALA K 345 30.24 32.93 -10.55
N GLU K 346 31.06 33.75 -9.88
CA GLU K 346 30.70 34.31 -8.59
C GLU K 346 31.13 35.77 -8.56
N ALA K 347 30.41 36.56 -7.77
CA ALA K 347 30.67 37.99 -7.69
C ALA K 347 30.64 38.46 -6.24
N MET K 348 30.63 39.78 -6.05
CA MET K 348 30.77 40.38 -4.73
C MET K 348 29.57 41.29 -4.47
N PHE K 349 29.38 41.66 -3.21
CA PHE K 349 28.47 42.74 -2.81
C PHE K 349 28.58 42.89 -1.31
N ALA K 350 27.89 43.89 -0.77
CA ALA K 350 27.92 44.13 0.66
C ALA K 350 26.63 44.82 1.09
N ILE K 351 26.34 44.73 2.39
CA ILE K 351 25.14 45.30 2.97
C ILE K 351 25.54 46.50 3.81
N ASN K 352 25.03 47.68 3.46
CA ASN K 352 25.29 48.91 4.19
C ASN K 352 24.00 49.40 4.84
N ALA K 353 24.12 50.51 5.58
CA ALA K 353 22.94 51.11 6.19
C ALA K 353 21.97 51.65 5.14
N ASP K 354 22.42 51.83 3.91
CA ASP K 354 21.59 52.27 2.81
C ASP K 354 20.90 51.09 2.12
N GLY K 355 21.65 50.04 1.85
CA GLY K 355 21.08 48.87 1.21
C GLY K 355 22.17 47.92 0.76
N VAL K 356 21.78 46.97 -0.08
CA VAL K 356 22.70 45.97 -0.59
C VAL K 356 23.36 46.51 -1.85
N GLY K 357 24.42 47.27 -1.67
CA GLY K 357 25.18 47.84 -2.78
C GLY K 357 26.59 47.33 -2.76
N ASP K 358 27.55 48.23 -2.95
CA ASP K 358 28.95 47.85 -2.86
C ASP K 358 29.31 47.51 -1.41
PG ANP L . 15.98 22.16 -16.63
O1G ANP L . 15.61 23.54 -17.17
O2G ANP L . 15.76 21.97 -15.14
O3G ANP L . 15.45 21.01 -17.50
PB ANP L . 18.78 21.49 -15.56
O1B ANP L . 18.34 21.91 -14.18
O2B ANP L . 19.16 20.07 -15.81
N3B ANP L . 17.76 22.07 -16.74
PA ANP L . 20.38 23.70 -16.74
O1A ANP L . 20.12 23.46 -18.19
O2A ANP L . 19.73 24.85 -16.02
O3A ANP L . 20.21 22.36 -15.84
O5' ANP L . 22.01 23.88 -16.64
C5' ANP L . 22.58 24.54 -15.53
C4' ANP L . 23.81 25.36 -15.82
O4' ANP L . 23.93 25.75 -17.18
C3' ANP L . 23.89 26.71 -15.10
O3' ANP L . 24.19 26.62 -13.75
C2' ANP L . 24.89 27.51 -15.92
O2' ANP L . 26.14 27.43 -15.30
C1' ANP L . 24.90 26.73 -17.26
N9 ANP L . 24.69 27.62 -18.38
C8 ANP L . 23.55 27.83 -19.12
N7 ANP L . 23.73 28.72 -20.07
C5 ANP L . 25.03 29.10 -19.94
C6 ANP L . 25.83 30.01 -20.65
N6 ANP L . 25.37 30.73 -21.68
N1 ANP L . 27.10 30.16 -20.28
C2 ANP L . 27.56 29.44 -19.25
N3 ANP L . 26.91 28.56 -18.52
C4 ANP L . 25.65 28.43 -18.90
MG MG M . 16.66 22.97 -18.65
PG ANP N . 13.51 -3.55 -24.46
O1G ANP N . 13.07 -4.31 -23.20
O2G ANP N . 13.00 -4.17 -25.76
O3G ANP N . 13.34 -2.03 -24.38
PB ANP N . 16.47 -2.76 -24.99
O1B ANP N . 16.64 -1.75 -23.89
O2B ANP N . 16.39 -2.29 -26.42
N3B ANP N . 15.28 -3.85 -24.59
PA ANP N . 18.63 -4.23 -23.60
O1A ANP N . 19.75 -3.33 -23.24
O2A ANP N . 17.59 -4.63 -22.56
O3A ANP N . 17.86 -3.72 -24.93
O5' ANP N . 19.32 -5.58 -24.25
C5' ANP N . 20.67 -5.91 -24.01
C4' ANP N . 21.64 -5.29 -25.01
O4' ANP N . 22.69 -4.57 -24.36
C3' ANP N . 22.37 -6.27 -25.94
O3' ANP N . 21.73 -6.47 -27.15
C2' ANP N . 23.82 -5.81 -26.03
O2' ANP N . 24.15 -5.56 -27.37
C1' ANP N . 23.79 -4.50 -25.21
N9 ANP N . 25.00 -4.31 -24.44
C8 ANP N . 25.26 -4.66 -23.15
N7 ANP N . 26.46 -4.33 -22.77
C5 ANP N . 27.01 -3.72 -23.87
C6 ANP N . 28.26 -3.15 -24.13
N6 ANP N . 29.23 -3.09 -23.21
N1 ANP N . 28.48 -2.63 -25.34
C2 ANP N . 27.51 -2.68 -26.25
N3 ANP N . 26.31 -3.19 -26.13
C4 ANP N . 26.12 -3.70 -24.92
MG MG O . 15.23 -6.50 -25.00
PG ANP P . 0.61 -22.66 -16.52
O1G ANP P . 1.22 -21.36 -16.02
O2G ANP P . -0.85 -22.88 -16.13
O3G ANP P . 0.96 -23.01 -17.97
PB ANP P . 0.63 -24.66 -14.20
O1B ANP P . -0.17 -23.67 -13.42
O2B ANP P . 0.09 -26.03 -14.50
N3B ANP P . 1.33 -23.97 -15.54
PA ANP P . 3.11 -26.04 -13.58
O1A ANP P . 2.81 -27.33 -12.93
O2A ANP P . 3.44 -25.98 -15.07
O3A ANP P . 2.01 -24.93 -13.25
O5' ANP P . 4.38 -25.41 -12.74
C5' ANP P . 4.92 -26.07 -11.62
C4' ANP P . 6.21 -25.44 -11.15
O4' ANP P . 6.97 -26.35 -10.34
C3' ANP P . 7.21 -25.10 -12.23
O3' ANP P . 6.83 -24.06 -13.05
C2' ANP P . 8.47 -24.89 -11.44
O2' ANP P . 8.38 -23.66 -10.77
C1' ANP P . 8.33 -26.06 -10.45
N9 ANP P . 9.09 -27.25 -10.87
C8 ANP P . 8.89 -28.08 -11.94
N7 ANP P . 9.75 -29.04 -12.03
C5 ANP P . 10.57 -28.84 -10.95
C6 ANP P . 11.70 -29.53 -10.46
N6 ANP P . 12.21 -30.62 -11.04
N1 ANP P . 12.28 -29.07 -9.34
C2 ANP P . 11.79 -27.98 -8.75
N3 ANP P . 10.74 -27.26 -9.11
C4 ANP P . 10.18 -27.73 -10.22
MG MG Q . 1.31 -26.24 -12.15
PG ANP R . -21.87 -27.57 -6.64
O1G ANP R . -22.21 -26.16 -7.11
O2G ANP R . -22.88 -28.64 -7.05
O3G ANP R . -20.42 -27.96 -6.87
PB ANP R . -23.49 -27.01 -4.10
O1B ANP R . -23.86 -25.65 -4.60
O2B ANP R . -24.54 -28.09 -3.99
N3B ANP R . -22.12 -27.55 -4.87
PA ANP R . -22.63 -27.82 -1.41
O1A ANP R . -23.78 -28.14 -0.52
O2A ANP R . -21.83 -28.93 -2.06
O3A ANP R . -22.95 -26.71 -2.52
O5' ANP R . -21.61 -26.93 -0.46
C5' ANP R . -20.24 -26.86 -0.77
C4' ANP R . -19.42 -26.25 0.36
O4' ANP R . -19.69 -26.88 1.61
C3' ANP R . -17.90 -26.36 0.24
O3' ANP R . -17.33 -25.56 -0.73
C2' ANP R . -17.47 -26.05 1.66
O2' ANP R . -17.38 -24.66 1.79
C1' ANP R . -18.64 -26.62 2.48
N9 ANP R . -18.25 -27.85 3.18
C8 ANP R . -18.30 -29.13 2.74
N7 ANP R . -17.85 -29.99 3.62
C5 ANP R . -17.51 -29.22 4.70
C6 ANP R . -16.96 -29.53 5.95
N6 ANP R . -16.69 -30.79 6.33
N1 ANP R . -16.74 -28.52 6.80
C2 ANP R . -17.01 -27.27 6.42
N3 ANP R . -17.51 -26.87 5.27
C4 ANP R . -17.74 -27.88 4.44
MG MG S . -27.91 -27.79 0.85
PG ANP T . -47.12 -17.01 -6.47
O1G ANP T . -45.90 -17.80 -6.96
O2G ANP T . -47.95 -16.37 -7.57
O3G ANP T . -47.95 -17.74 -5.41
PB ANP T . -47.30 -14.24 -5.08
O1B ANP T . -47.54 -13.24 -6.18
O2B ANP T . -48.42 -14.62 -4.15
N3B ANP T . -46.45 -15.57 -5.64
PA ANP T . -45.66 -14.08 -2.65
O1A ANP T . -46.83 -14.44 -1.80
O2A ANP T . -44.52 -15.07 -2.83
O3A ANP T . -46.12 -13.52 -4.10
O5' ANP T . -45.09 -12.65 -2.04
C5' ANP T . -45.64 -12.09 -0.87
C4' ANP T . -44.94 -10.83 -0.41
O4' ANP T . -45.78 -10.09 0.48
C3' ANP T . -43.64 -11.04 0.38
O3' ANP T . -42.53 -11.28 -0.41
C2' ANP T . -43.57 -9.79 1.24
O2' ANP T . -43.05 -8.74 0.47
C1' ANP T . -45.06 -9.57 1.55
N9 ANP T . -45.50 -10.26 2.77
C8 ANP T . -46.37 -11.31 2.88
N7 ANP T . -46.56 -11.71 4.10
C5 ANP T . -45.77 -10.87 4.85
C6 ANP T . -45.53 -10.77 6.23
N6 ANP T . -46.11 -11.57 7.13
N1 ANP T . -44.68 -9.82 6.65
C2 ANP T . -44.10 -9.02 5.75
N3 ANP T . -44.26 -9.02 4.45
C4 ANP T . -45.10 -9.97 4.04
MG MG U . -45.28 -15.68 -1.10
PG ANP V . 74.37 9.14 44.14
O1G ANP V . 74.09 7.94 45.03
O2G ANP V . 73.41 9.29 42.96
O3G ANP V . 74.60 10.43 44.92
PB ANP V . 77.04 9.95 42.81
O1B ANP V . 76.50 11.34 42.88
O2B ANP V . 78.43 9.66 43.35
N3B ANP V . 75.90 8.83 43.28
PA ANP V . 76.21 10.40 40.05
O1A ANP V . 74.79 10.44 40.49
O2A ANP V . 76.91 11.64 39.53
O3A ANP V . 77.14 9.66 41.15
O5' ANP V . 76.27 9.22 38.89
C5' ANP V . 76.98 9.43 37.68
C4' ANP V . 76.09 9.15 36.47
O4' ANP V . 76.68 9.64 35.27
C3' ANP V . 75.82 7.68 36.18
O3' ANP V . 74.92 7.08 37.05
C2' ANP V . 75.36 7.72 34.73
O2' ANP V . 74.01 8.03 34.70
C1' ANP V . 76.21 8.89 34.18
N9 ANP V . 77.36 8.44 33.39
C8 ANP V . 78.69 8.57 33.67
N7 ANP V . 79.45 8.07 32.74
C5 ANP V . 78.58 7.60 31.79
C6 ANP V . 78.75 6.97 30.56
N6 ANP V . 79.96 6.68 30.06
N1 ANP V . 77.67 6.63 29.85
C2 ANP V . 76.46 6.91 30.35
N3 ANP V . 76.17 7.51 31.50
C4 ANP V . 77.27 7.83 32.18
MG MG W . 71.27 9.76 34.80
PG ANP X . 44.09 15.41 39.41
O1G ANP X . 42.80 15.06 40.13
O2G ANP X . 44.42 14.50 38.23
O3G ANP X . 44.26 16.89 39.12
PB ANP X . 46.99 15.66 40.38
O1B ANP X . 47.02 16.80 39.40
O2B ANP X . 48.04 14.57 40.32
N3B ANP X . 45.45 15.03 40.52
PA ANP X . 46.43 17.75 42.37
O1A ANP X . 46.07 18.63 41.23
O2A ANP X . 45.41 17.41 43.44
O3A ANP X . 47.20 16.42 41.89
O5' ANP X . 47.72 18.51 43.09
C5' ANP X . 48.02 18.32 44.45
C4' ANP X . 49.22 19.12 44.94
O4' ANP X . 48.96 19.69 46.22
C3' ANP X . 50.54 18.36 45.10
O3' ANP X . 51.26 18.25 43.93
C2' ANP X . 51.24 19.07 46.23
O2' ANP X . 51.92 20.18 45.71
C1' ANP X . 50.05 19.55 47.08
N9 ANP X . 49.63 18.64 48.13
C8 ANP X . 48.98 17.44 48.01
N7 ANP X . 48.72 16.88 49.15
C5 ANP X . 49.21 17.75 50.08
C6 ANP X . 49.23 17.74 51.47
N6 ANP X . 48.72 16.74 52.20
N1 ANP X . 49.80 18.78 52.11
C2 ANP X . 50.30 19.77 51.38
N3 ANP X . 50.34 19.90 50.06
C4 ANP X . 49.77 18.85 49.46
MG MG Y . 47.70 18.20 40.47
PG ANP Z . 26.78 29.92 29.18
O1G ANP Z . 28.06 29.11 29.14
O2G ANP Z . 26.84 31.27 28.45
O3G ANP Z . 25.54 29.10 28.92
PB ANP Z . 25.41 31.52 31.37
O1B ANP Z . 25.14 32.54 30.31
O2B ANP Z . 24.28 30.76 32.03
N3B ANP Z . 26.63 30.52 30.86
PA ANP Z . 27.59 33.11 32.35
O1A ANP Z . 28.71 32.23 32.81
O2A ANP Z . 27.59 33.73 30.96
O3A ANP Z . 26.15 32.46 32.58
O5' ANP Z . 27.59 34.36 33.42
C5' ANP Z . 27.94 35.62 32.90
C4' ANP Z . 28.91 36.42 33.73
O4' ANP Z . 28.20 37.44 34.43
C3' ANP Z . 29.67 35.73 34.85
O3' ANP Z . 30.71 34.93 34.42
C2' ANP Z . 30.15 36.92 35.65
O2' ANP Z . 31.36 37.34 35.12
C1' ANP Z . 29.03 37.95 35.42
N9 ANP Z . 28.28 38.24 36.63
C8 ANP Z . 27.29 37.53 37.24
N7 ANP Z . 26.86 38.10 38.34
C5 ANP Z . 27.62 39.22 38.45
C6 ANP Z . 27.68 40.27 39.39
N6 ANP Z . 26.89 40.34 40.47
N1 ANP Z . 28.56 41.25 39.19
C2 ANP Z . 29.36 41.21 38.12
N3 ANP Z . 29.39 40.29 37.18
C4 ANP Z . 28.51 39.33 37.39
MG MG AA . 26.69 33.12 29.39
PG ANP BA . 17.11 34.59 8.48
O1G ANP BA . 17.97 34.20 9.68
O2G ANP BA . 17.16 33.63 7.31
O3G ANP BA . 15.71 35.06 8.86
PB ANP BA . 18.40 35.99 6.09
O1B ANP BA . 19.21 34.78 5.81
O2B ANP BA . 17.34 36.43 5.13
N3B ANP BA . 17.89 35.99 7.67
PA ANP BA . 19.11 38.81 5.91
O1A ANP BA . 18.68 39.10 4.51
O2A ANP BA . 18.26 39.23 7.09
O3A ANP BA . 19.53 37.27 6.08
O5' ANP BA . 20.55 39.57 6.05
C5' ANP BA . 20.90 40.10 7.31
C4' ANP BA . 22.23 40.84 7.30
O4' ANP BA . 22.11 42.09 6.62
C3' ANP BA . 22.77 41.22 8.69
O3' ANP BA . 23.39 40.18 9.34
C2' ANP BA . 23.69 42.38 8.38
O2' ANP BA . 24.93 41.86 8.03
C1' ANP BA . 22.99 43.02 7.16
N9 ANP BA . 22.29 44.24 7.53
C8 ANP BA . 21.03 44.41 8.01
N7 ANP BA . 20.72 45.65 8.23
C5 ANP BA . 21.84 46.35 7.86
C6 ANP BA . 22.17 47.71 7.85
N6 ANP BA . 21.33 48.68 8.25
N1 ANP BA . 23.38 48.06 7.42
C2 ANP BA . 24.23 47.10 7.04
N3 ANP BA . 24.04 45.80 7.00
C4 ANP BA . 22.83 45.48 7.43
MG MG CA . 15.35 36.54 5.03
#